data_7YCY
#
_entry.id   7YCY
#
loop_
_entity.id
_entity.type
_entity.pdbx_description
1 polymer 'Spike glycoprotein'
2 polymer XG005-VH
3 polymer XG005-VL
#
loop_
_entity_poly.entity_id
_entity_poly.type
_entity_poly.pdbx_seq_one_letter_code
_entity_poly.pdbx_strand_id
1 'polypeptide(L)'
;MFVFLVLLPLVSSQCVNLTTRTQLPPAYTNSFTRGVYYPDKVFRSSVLHSTQDLFLPFFSNVTWFHVISGTNGTKRFDNP
VLPFNDGVYFASIEKSNIIRGWIFGTTLDSKTQSLLIVNNATNVVIKVCEFQFCNDPFLDHKNNKSWMESEFRVYSSANN
CTFEYVSQPFLMDLEGKQGNFKNLREFVFKNIDGYFKIYSKHTPIIVREPEDLPQGFSALEPLVDLPIGINITRFQTLLA
LHRSYLTPGDSSSGWTAGAAAYYVGYLQPRTFLLKYNENGTITDAVDCALDPLSETKCTLKSFTVEKGIYQTSNFRVQPT
ESIVRFPNITNLCPFDEVFNATRFASVYAWNRKRISNCVADYSVLYNLAPFFTFKCYGVSPTKLNDLCFTNVYADSFVIR
GDEVRQIAPGQTGNIADYNYKLPDDFTGCVIAWNSNKLDSKVSGNYNYLYRLFRKSNLKPFERDISTEIYQAGNKPCNGV
AGFNCYFPLRSYSFRPTYGVGHQPYRVVVLSFELLHAPATVCGPKKSTNLVKNKCVNFNFNGLKGTGVLTESNKKFLPFQ
QFGRDIADTTDAVRDPQTLEILDITPCSFGGVSVITPGTNTSNQVAVLYQGVNCTEVPVAIHADQLTPTWRVYSTGSNVF
QTRAGCLIGAEYVNNSYECDIPIGAGICASYQTQTKSHGSASSVASQSIIAYTMSLGAENSVAYSNNSIAIPTNFTISVT
TEILPVSMTKTSVDCTMYICGDSTECSNLLLQYGSFCTQLKRALTGIAVEQDKNTQEVFAQVKQIYKTPPIKYFGGFNFS
QILPDPSKPSKRSPIEDLLFNKVTLADAGFIKQYGDCLGDIAARDLICAQKFKGLTVLPPLLTDEMIAQYTSALLAGTIT
SGWTFGAGPALQIPFPMQMAYRFNGIGVTQNVLYENQKLIANQFNSAIGKIQDSLSSTPSALGKLQDVVNHNAQALNTLV
KQLSSKFGAISSVLNDIFSRLDPPEAEVQIDRLITGRLQSLQTYVTQQLIRAAEIRASANLAATKMSECVLGQSKRVDFC
GKGYHLMSFPQSAPHGVVFLHVTYVPAQEKNFTTAPAICHDGKAHFPREGVFVSNGTHWFVTQRNFYEPQIITTDNTFVS
GNCDVVIGIVNNTVYDPLQPELDSFKEELDKYFKNHTSPDVDLGDISGINASVVNIQKEIDRLNEVAKNLNESLIDLQEL
GKYEQGSGYIPEAPRDGQAYVRKDGEWVFLSTFLSGLEVLFQGPGGWSHPQFEKGGGSGGGSGGSAWSHPQFEKGGSHHH
HHHHH
;
A,B,C
2 'polypeptide(L)'
;QVTLRESGPTLVKPKQTLTLTCTFSGFSLSTPGGGVGWIRQPPGKALEWLALIYWDDDKRYSPSLKSSLTITKDTSKNQV
VLTMTNMDPVDTATYYCARLTAADTIFDCWGQGTLVTVSS
;
D,F,H
3 'polypeptide(L)'
;QSALTQPASVSGSPGLSITISCTATSSDVGAYNYVSWYQQHPGQAPKLMIYDVSKRPSGVSNRFSGSKSANTASLTISGL
QAEDEADYYCSSYTTTSVVFGGGTKLTVLG
;
E,G,I
#
# COMPACT_ATOMS: atom_id res chain seq x y z
N PRO A 26 -8.35 57.95 0.66
CA PRO A 26 -7.33 56.94 0.97
C PRO A 26 -5.94 57.35 0.47
N ALA A 27 -4.98 56.43 0.58
CA ALA A 27 -3.62 56.68 0.13
C ALA A 27 -2.99 55.34 -0.24
N TYR A 28 -1.68 55.32 -0.42
CA TYR A 28 -0.98 54.11 -0.82
C TYR A 28 0.49 54.22 -0.41
N THR A 29 1.00 53.16 0.21
CA THR A 29 2.41 53.06 0.57
C THR A 29 2.87 51.64 0.27
N ASN A 30 4.06 51.30 0.74
CA ASN A 30 4.66 49.99 0.45
C ASN A 30 4.94 49.24 1.74
N SER A 31 5.16 47.93 1.58
CA SER A 31 5.38 47.02 2.70
C SER A 31 6.66 46.22 2.48
N PHE A 32 7.76 46.92 2.21
CA PHE A 32 9.01 46.32 1.72
C PHE A 32 9.35 45.00 2.40
N THR A 33 9.58 45.04 3.72
CA THR A 33 9.88 43.82 4.47
C THR A 33 9.37 44.02 5.91
N ARG A 34 8.14 43.58 6.14
CA ARG A 34 7.50 43.72 7.46
C ARG A 34 6.27 42.84 7.48
N GLY A 35 5.74 42.62 8.68
CA GLY A 35 4.57 41.79 8.85
C GLY A 35 4.85 40.32 9.03
N VAL A 36 5.98 39.96 9.63
CA VAL A 36 6.37 38.57 9.82
C VAL A 36 6.30 38.29 11.32
N TYR A 37 5.31 37.51 11.73
CA TYR A 37 5.12 37.16 13.13
C TYR A 37 5.74 35.79 13.41
N TYR A 38 5.76 35.43 14.70
CA TYR A 38 6.29 34.15 15.09
C TYR A 38 5.26 33.04 14.84
N PRO A 39 5.64 31.91 14.29
CA PRO A 39 4.71 30.78 14.15
C PRO A 39 4.42 30.13 15.50
N ASP A 40 3.83 28.93 15.47
CA ASP A 40 3.61 28.16 16.69
C ASP A 40 4.85 28.14 17.57
N LYS A 41 4.64 28.15 18.88
CA LYS A 41 5.73 28.39 19.82
C LYS A 41 6.68 27.20 19.91
N VAL A 42 7.76 27.25 19.12
CA VAL A 42 8.81 26.24 19.14
C VAL A 42 10.15 26.97 19.05
N PHE A 43 10.95 26.87 20.10
CA PHE A 43 12.25 27.54 20.10
C PHE A 43 13.21 26.83 19.16
N ARG A 44 13.74 27.58 18.19
CA ARG A 44 14.69 27.07 17.22
C ARG A 44 15.86 28.03 17.12
N SER A 45 17.08 27.50 17.15
CA SER A 45 18.29 28.31 17.10
C SER A 45 19.09 27.94 15.86
N SER A 46 19.33 28.94 15.00
CA SER A 46 20.16 28.80 13.80
C SER A 46 19.64 27.67 12.91
N VAL A 47 18.38 27.79 12.51
CA VAL A 47 17.73 26.83 11.62
C VAL A 47 17.15 27.59 10.44
N LEU A 48 16.63 26.83 9.47
CA LEU A 48 15.96 27.38 8.29
C LEU A 48 14.64 26.65 8.14
N HIS A 49 13.60 27.16 8.78
CA HIS A 49 12.28 26.54 8.78
C HIS A 49 11.37 27.22 7.75
N SER A 50 10.56 26.40 7.08
CA SER A 50 9.63 26.88 6.07
C SER A 50 8.24 26.40 6.45
N THR A 51 7.39 27.34 6.87
CA THR A 51 6.03 27.03 7.30
C THR A 51 5.01 27.70 6.39
N GLN A 52 3.81 27.11 6.34
CA GLN A 52 2.71 27.64 5.56
C GLN A 52 1.66 28.18 6.53
N ASP A 53 1.54 29.50 6.60
CA ASP A 53 0.59 30.14 7.50
C ASP A 53 0.07 31.41 6.83
N LEU A 54 -0.71 32.19 7.58
CA LEU A 54 -1.33 33.41 7.06
C LEU A 54 -0.42 34.58 7.40
N PHE A 55 0.53 34.87 6.51
CA PHE A 55 1.47 35.97 6.67
C PHE A 55 1.09 37.11 5.75
N LEU A 56 1.93 38.16 5.76
CA LEU A 56 1.72 39.32 4.91
C LEU A 56 2.63 39.23 3.70
N PRO A 57 2.09 39.27 2.48
CA PRO A 57 2.96 39.18 1.30
C PRO A 57 3.87 40.39 1.19
N PHE A 58 5.15 40.14 0.89
CA PHE A 58 6.10 41.22 0.71
C PHE A 58 5.79 42.01 -0.56
N PHE A 59 6.11 43.31 -0.53
CA PHE A 59 5.85 44.22 -1.64
C PHE A 59 4.37 44.22 -2.02
N SER A 60 3.54 44.54 -1.04
CA SER A 60 2.09 44.56 -1.21
C SER A 60 1.58 45.99 -1.12
N ASN A 61 0.27 46.14 -1.29
CA ASN A 61 -0.39 47.43 -1.26
C ASN A 61 -1.06 47.63 0.09
N VAL A 62 -0.92 48.83 0.64
CA VAL A 62 -1.50 49.18 1.94
C VAL A 62 -2.61 50.21 1.71
N THR A 63 -3.33 50.52 2.79
CA THR A 63 -4.47 51.43 2.76
C THR A 63 -4.27 52.55 3.77
N TRP A 64 -3.10 53.19 3.72
CA TRP A 64 -2.74 54.31 4.58
C TRP A 64 -3.87 55.33 4.66
N PHE A 65 -4.33 55.61 5.88
CA PHE A 65 -5.38 56.58 6.13
C PHE A 65 -4.84 57.65 7.07
N HIS A 66 -5.10 58.91 6.75
CA HIS A 66 -4.61 60.04 7.53
C HIS A 66 -5.74 60.46 8.47
N VAL A 67 -5.62 60.07 9.74
CA VAL A 67 -6.66 60.33 10.73
C VAL A 67 -6.28 61.57 11.54
N ILE A 68 -5.38 62.39 11.00
CA ILE A 68 -5.01 63.63 11.69
C ILE A 68 -6.22 64.55 11.79
N PHE A 77 -9.69 63.71 9.99
CA PHE A 77 -10.83 62.81 10.10
C PHE A 77 -10.71 61.66 9.12
N ASP A 78 -10.57 60.43 9.63
CA ASP A 78 -10.57 59.24 8.77
C ASP A 78 -10.94 58.04 9.62
N ASN A 79 -12.20 57.60 9.52
CA ASN A 79 -12.70 56.45 10.28
C ASN A 79 -13.61 55.61 9.40
N PRO A 80 -13.04 54.83 8.49
CA PRO A 80 -13.84 53.96 7.63
C PRO A 80 -14.01 52.57 8.22
N VAL A 81 -15.05 51.89 7.75
CA VAL A 81 -15.35 50.52 8.14
C VAL A 81 -14.76 49.61 7.07
N LEU A 82 -13.60 49.03 7.36
CA LEU A 82 -12.94 48.19 6.36
C LEU A 82 -13.39 46.73 6.49
N PRO A 83 -13.51 46.03 5.37
CA PRO A 83 -13.91 44.62 5.42
C PRO A 83 -12.76 43.73 5.86
N PHE A 84 -13.01 42.93 6.90
CA PHE A 84 -12.00 42.01 7.42
C PHE A 84 -12.06 40.70 6.66
N ASN A 85 -10.91 40.25 6.16
CA ASN A 85 -10.80 39.06 5.33
C ASN A 85 -9.77 38.10 5.90
N ASP A 86 -9.88 37.83 7.20
CA ASP A 86 -8.99 36.91 7.91
C ASP A 86 -7.54 37.38 7.86
N GLY A 87 -7.32 38.57 8.36
CA GLY A 87 -6.00 39.16 8.44
C GLY A 87 -6.06 40.67 8.43
N VAL A 88 -5.11 41.29 9.15
CA VAL A 88 -5.00 42.74 9.22
C VAL A 88 -3.57 43.08 9.59
N TYR A 89 -3.16 44.31 9.29
CA TYR A 89 -1.81 44.79 9.53
C TYR A 89 -1.86 46.17 10.19
N PHE A 90 -2.65 46.30 11.24
CA PHE A 90 -2.75 47.57 11.96
C PHE A 90 -1.39 47.95 12.52
N ALA A 91 -0.83 49.04 11.99
CA ALA A 91 0.52 49.52 12.31
C ALA A 91 0.51 51.01 12.61
N SER A 92 -0.39 51.42 13.50
CA SER A 92 -0.53 52.83 13.85
C SER A 92 0.79 53.43 14.31
N ILE A 93 0.96 54.72 14.06
CA ILE A 93 2.12 55.48 14.51
C ILE A 93 1.58 56.73 15.20
N GLU A 94 1.47 56.69 16.52
CA GLU A 94 0.97 57.80 17.31
C GLU A 94 2.12 58.39 18.13
N LYS A 95 1.81 59.40 18.94
CA LYS A 95 2.79 60.02 19.81
C LYS A 95 2.51 59.72 21.28
N SER A 96 1.33 60.09 21.79
CA SER A 96 0.95 59.73 23.15
C SER A 96 -0.31 58.88 23.20
N ASN A 97 -1.44 59.37 22.68
CA ASN A 97 -2.69 58.63 22.76
C ASN A 97 -3.58 58.81 21.53
N ILE A 98 -3.01 58.99 20.34
CA ILE A 98 -3.81 59.35 19.17
C ILE A 98 -4.79 58.22 18.83
N ILE A 99 -4.26 57.04 18.52
CA ILE A 99 -5.07 55.90 18.11
C ILE A 99 -5.13 54.92 19.27
N ARG A 100 -6.34 54.54 19.66
CA ARG A 100 -6.54 53.61 20.77
C ARG A 100 -7.88 52.91 20.57
N GLY A 101 -7.82 51.66 20.12
CA GLY A 101 -9.04 50.88 19.91
C GLY A 101 -9.00 50.02 18.66
N TRP A 102 -9.39 48.75 18.80
CA TRP A 102 -9.38 47.80 17.70
C TRP A 102 -10.69 46.99 17.69
N ILE A 103 -11.81 47.68 17.75
CA ILE A 103 -13.11 47.02 17.77
C ILE A 103 -13.37 46.31 16.45
N PHE A 104 -13.71 45.04 16.52
CA PHE A 104 -14.03 44.22 15.35
C PHE A 104 -15.52 43.91 15.32
N GLY A 105 -15.93 43.10 14.36
CA GLY A 105 -17.32 42.69 14.22
C GLY A 105 -17.79 42.90 12.79
N THR A 106 -18.88 42.21 12.44
CA THR A 106 -19.44 42.28 11.10
C THR A 106 -20.59 43.29 11.01
N THR A 107 -21.65 43.10 11.78
CA THR A 107 -22.82 43.97 11.75
C THR A 107 -22.87 44.73 13.07
N LEU A 108 -22.36 45.95 13.07
CA LEU A 108 -22.20 46.72 14.30
C LEU A 108 -23.41 47.61 14.58
N ASP A 109 -24.62 47.06 14.52
CA ASP A 109 -25.80 47.83 14.91
C ASP A 109 -26.52 47.24 16.12
N SER A 110 -27.06 46.02 16.02
CA SER A 110 -27.72 45.43 17.18
C SER A 110 -27.57 43.91 17.27
N LYS A 111 -26.85 43.25 16.37
CA LYS A 111 -26.95 41.80 16.24
C LYS A 111 -25.62 41.07 16.26
N THR A 112 -24.52 41.72 16.63
CA THR A 112 -23.21 41.07 16.63
C THR A 112 -22.46 41.48 17.89
N GLN A 113 -21.73 40.52 18.45
CA GLN A 113 -20.89 40.79 19.60
C GLN A 113 -19.78 41.76 19.24
N SER A 114 -19.22 42.42 20.25
CA SER A 114 -18.18 43.41 20.07
C SER A 114 -16.83 42.82 20.45
N LEU A 115 -15.77 43.49 20.04
CA LEU A 115 -14.41 43.05 20.31
C LEU A 115 -13.55 44.24 20.74
N LEU A 116 -14.03 44.98 21.74
CA LEU A 116 -13.26 46.10 22.29
C LEU A 116 -11.91 45.62 22.80
N ILE A 117 -10.84 46.27 22.33
CA ILE A 117 -9.49 45.98 22.80
C ILE A 117 -8.89 47.25 23.37
N VAL A 118 -9.75 48.10 23.94
CA VAL A 118 -9.31 49.38 24.48
C VAL A 118 -8.20 49.17 25.50
N ASN A 119 -7.23 50.08 25.50
CA ASN A 119 -6.02 49.98 26.33
C ASN A 119 -5.77 51.27 27.08
N ASN A 120 -6.75 51.73 27.84
CA ASN A 120 -6.60 52.96 28.62
C ASN A 120 -5.55 52.78 29.70
N ALA A 121 -5.28 53.85 30.46
CA ALA A 121 -4.18 53.83 31.41
C ALA A 121 -4.38 52.78 32.51
N THR A 122 -5.64 52.45 32.81
CA THR A 122 -5.93 51.49 33.86
C THR A 122 -5.39 50.10 33.51
N ASN A 123 -5.98 49.46 32.51
CA ASN A 123 -5.59 48.13 32.06
C ASN A 123 -6.31 47.86 30.74
N VAL A 124 -6.14 46.65 30.21
CA VAL A 124 -6.80 46.31 28.96
C VAL A 124 -8.29 46.10 29.22
N VAL A 125 -9.11 46.48 28.22
CA VAL A 125 -10.55 46.42 28.35
C VAL A 125 -11.11 45.41 27.36
N ILE A 126 -10.34 44.36 27.09
CA ILE A 126 -10.77 43.27 26.21
C ILE A 126 -12.10 42.74 26.70
N LYS A 127 -13.11 42.79 25.83
CA LYS A 127 -14.47 42.41 26.22
C LYS A 127 -15.24 42.01 24.97
N VAL A 128 -15.77 40.79 24.95
CA VAL A 128 -16.59 40.31 23.86
C VAL A 128 -18.07 40.36 24.21
N CYS A 129 -18.45 41.18 25.17
CA CYS A 129 -19.83 41.25 25.65
C CYS A 129 -20.79 41.61 24.52
N GLU A 130 -21.86 40.83 24.41
CA GLU A 130 -22.91 41.11 23.43
C GLU A 130 -23.81 42.23 23.97
N PHE A 131 -23.91 43.32 23.22
CA PHE A 131 -24.70 44.46 23.65
C PHE A 131 -25.11 45.26 22.41
N GLN A 132 -25.79 46.38 22.64
CA GLN A 132 -26.16 47.28 21.57
C GLN A 132 -24.91 47.90 20.98
N PHE A 133 -24.55 47.47 19.77
CA PHE A 133 -23.31 47.92 19.15
C PHE A 133 -23.42 49.39 18.75
N CYS A 134 -22.51 50.21 19.27
CA CYS A 134 -22.55 51.64 19.01
C CYS A 134 -22.01 51.94 17.62
N ASN A 135 -22.40 53.11 17.09
CA ASN A 135 -21.95 53.57 15.79
C ASN A 135 -21.10 54.83 15.87
N ASP A 136 -20.70 55.25 17.06
CA ASP A 136 -19.90 56.46 17.21
C ASP A 136 -18.42 56.10 17.21
N PRO A 137 -17.65 56.52 16.20
CA PRO A 137 -16.22 56.18 16.18
C PRO A 137 -15.37 56.99 17.13
N PHE A 138 -15.87 58.11 17.65
CA PHE A 138 -15.11 58.95 18.55
C PHE A 138 -15.31 58.52 20.00
N LEU A 139 -14.25 58.65 20.79
CA LEU A 139 -14.32 58.32 22.22
C LEU A 139 -14.74 59.55 23.04
N GLU A 151 -14.03 60.07 28.04
CA GLU A 151 -14.46 58.95 28.87
C GLU A 151 -15.11 57.85 28.03
N PHE A 152 -15.84 56.95 28.68
CA PHE A 152 -16.49 55.83 28.00
C PHE A 152 -17.73 56.30 27.25
N ARG A 153 -17.50 57.10 26.21
CA ARG A 153 -18.59 57.68 25.44
C ARG A 153 -19.18 56.71 24.44
N VAL A 154 -18.42 55.72 23.97
CA VAL A 154 -18.95 54.75 23.01
C VAL A 154 -19.91 53.79 23.71
N TYR A 155 -19.83 53.69 25.03
CA TYR A 155 -20.74 52.84 25.78
C TYR A 155 -22.17 53.37 25.70
N SER A 156 -23.09 52.53 25.23
CA SER A 156 -24.49 52.91 25.08
C SER A 156 -25.40 52.12 26.02
N SER A 157 -25.37 50.79 25.93
CA SER A 157 -26.22 49.96 26.78
C SER A 157 -25.61 48.56 26.82
N ALA A 158 -25.23 48.12 28.01
CA ALA A 158 -24.59 46.82 28.17
C ALA A 158 -25.65 45.73 28.36
N ASN A 159 -25.64 44.74 27.48
CA ASN A 159 -26.54 43.60 27.56
C ASN A 159 -25.79 42.39 28.13
N ASN A 160 -26.43 41.22 28.09
CA ASN A 160 -25.82 40.01 28.62
C ASN A 160 -24.51 39.70 27.90
N CYS A 161 -23.48 39.42 28.68
CA CYS A 161 -22.15 39.18 28.14
C CYS A 161 -21.91 37.69 27.91
N THR A 162 -20.77 37.36 27.31
CA THR A 162 -20.41 35.98 27.05
C THR A 162 -19.04 35.66 27.62
N PHE A 163 -18.11 36.61 27.54
CA PHE A 163 -16.75 36.40 28.01
C PHE A 163 -16.08 37.76 28.16
N GLU A 164 -15.09 37.82 29.05
CA GLU A 164 -14.33 39.04 29.29
C GLU A 164 -12.90 38.64 29.63
N TYR A 165 -12.01 39.63 29.59
CA TYR A 165 -10.60 39.40 29.88
C TYR A 165 -10.03 40.70 30.45
N VAL A 166 -9.81 40.72 31.77
CA VAL A 166 -9.22 41.87 32.44
C VAL A 166 -7.73 41.60 32.55
N SER A 167 -6.97 42.09 31.57
CA SER A 167 -5.54 41.85 31.51
C SER A 167 -4.79 43.03 32.12
N GLN A 168 -3.86 42.73 33.03
CA GLN A 168 -3.04 43.75 33.68
C GLN A 168 -1.90 44.22 32.77
N PRO A 169 -1.19 43.33 32.04
CA PRO A 169 -0.13 43.81 31.14
C PRO A 169 -0.70 44.54 29.93
N PHE A 170 -1.00 45.83 30.10
CA PHE A 170 -1.56 46.64 29.03
C PHE A 170 -0.70 46.56 27.77
N LEU A 171 -1.36 46.52 26.62
CA LEU A 171 -0.65 46.35 25.35
C LEU A 171 0.11 47.63 24.97
N MET A 172 -0.51 48.79 25.15
CA MET A 172 0.13 50.05 24.79
C MET A 172 1.18 50.42 25.82
N GLN A 178 11.46 59.48 25.25
CA GLN A 178 12.67 59.98 24.61
C GLN A 178 12.59 61.51 24.45
N GLY A 179 11.53 61.99 23.81
CA GLY A 179 11.30 63.41 23.68
C GLY A 179 10.83 63.86 22.32
N ASN A 180 11.31 63.21 21.25
CA ASN A 180 10.84 63.53 19.91
C ASN A 180 10.53 62.33 19.04
N PHE A 181 10.94 61.13 19.42
CA PHE A 181 10.68 59.94 18.61
C PHE A 181 9.32 59.35 18.97
N LYS A 182 8.58 58.93 17.94
CA LYS A 182 7.28 58.33 18.12
C LYS A 182 7.43 56.84 18.44
N ASN A 183 6.32 56.10 18.43
CA ASN A 183 6.34 54.67 18.72
C ASN A 183 5.49 53.93 17.72
N LEU A 184 5.93 52.72 17.36
CA LEU A 184 5.20 51.88 16.42
C LEU A 184 4.23 50.98 17.17
N ARG A 185 3.14 50.61 16.50
CA ARG A 185 2.03 49.89 17.11
C ARG A 185 1.61 48.70 16.25
N GLU A 186 2.59 47.88 15.86
CA GLU A 186 2.32 46.69 15.08
C GLU A 186 1.43 45.73 15.86
N PHE A 187 0.18 45.57 15.43
CA PHE A 187 -0.80 44.78 16.15
C PHE A 187 -1.57 43.88 15.20
N VAL A 188 -0.84 43.12 14.38
CA VAL A 188 -1.46 42.17 13.45
C VAL A 188 -2.44 41.28 14.20
N PHE A 189 -3.68 41.22 13.70
CA PHE A 189 -4.75 40.44 14.31
C PHE A 189 -5.28 39.44 13.29
N LYS A 190 -5.33 38.17 13.69
CA LYS A 190 -5.89 37.12 12.86
C LYS A 190 -6.78 36.22 13.70
N ASN A 191 -7.81 35.66 13.07
CA ASN A 191 -8.77 34.78 13.73
C ASN A 191 -8.69 33.40 13.10
N ILE A 192 -8.54 32.37 13.94
CA ILE A 192 -8.46 30.99 13.48
C ILE A 192 -9.64 30.24 14.07
N ASP A 193 -9.75 28.94 13.75
CA ASP A 193 -10.85 28.13 14.28
C ASP A 193 -10.81 28.01 15.79
N GLY A 194 -9.67 28.34 16.42
CA GLY A 194 -9.57 28.28 17.87
C GLY A 194 -9.69 29.62 18.53
N TYR A 195 -8.55 30.19 18.93
CA TYR A 195 -8.55 31.48 19.62
C TYR A 195 -8.47 32.62 18.62
N PHE A 196 -8.22 33.82 19.14
CA PHE A 196 -8.02 35.04 18.33
C PHE A 196 -6.59 35.50 18.58
N LYS A 197 -5.70 35.19 17.65
CA LYS A 197 -4.29 35.52 17.82
C LYS A 197 -4.08 37.02 17.82
N ILE A 198 -3.22 37.49 18.71
CA ILE A 198 -2.90 38.90 18.84
C ILE A 198 -1.39 39.03 19.04
N TYR A 199 -0.73 39.75 18.14
CA TYR A 199 0.71 39.95 18.19
C TYR A 199 1.02 41.43 18.39
N SER A 200 2.22 41.69 18.91
CA SER A 200 2.64 43.07 19.16
C SER A 200 4.16 43.11 19.26
N LYS A 201 4.73 44.25 18.89
CA LYS A 201 6.17 44.46 18.95
C LYS A 201 6.47 45.94 18.86
N HIS A 202 7.26 46.45 19.80
CA HIS A 202 7.70 47.85 19.78
C HIS A 202 9.14 47.91 19.27
N THR A 203 9.38 48.78 18.29
CA THR A 203 10.68 48.91 17.66
C THR A 203 10.97 50.39 17.46
N PRO A 204 12.23 50.80 17.52
CA PRO A 204 12.57 52.22 17.29
C PRO A 204 12.15 52.66 15.90
N ILE A 205 11.33 53.71 15.87
CA ILE A 205 10.79 54.25 14.62
C ILE A 205 11.29 55.68 14.47
N ILE A 206 12.58 55.89 14.78
CA ILE A 206 13.23 57.20 14.76
C ILE A 206 12.91 57.95 13.47
N VAL A 207 12.82 59.27 13.57
CA VAL A 207 12.33 60.15 12.50
C VAL A 207 12.96 59.82 11.16
N ARG A 208 12.17 59.88 10.10
CA ARG A 208 12.60 59.52 8.76
C ARG A 208 11.81 60.38 7.77
N GLU A 209 11.79 59.96 6.50
CA GLU A 209 11.06 60.61 5.42
C GLU A 209 9.57 60.70 5.77
N PRO A 210 8.77 61.47 4.99
CA PRO A 210 7.32 61.54 5.24
C PRO A 210 6.66 60.19 5.51
N GLU A 211 5.58 60.21 6.28
CA GLU A 211 4.94 59.03 6.85
C GLU A 211 4.80 57.89 5.83
N ASP A 212 5.41 56.76 6.16
CA ASP A 212 5.37 55.55 5.35
C ASP A 212 5.93 54.41 6.18
N LEU A 213 5.63 53.18 5.76
CA LEU A 213 6.13 52.01 6.47
C LEU A 213 7.64 51.92 6.31
N PRO A 214 8.41 51.99 7.38
CA PRO A 214 9.87 52.00 7.25
C PRO A 214 10.42 50.67 6.77
N GLN A 215 11.64 50.71 6.25
CA GLN A 215 12.33 49.53 5.75
C GLN A 215 13.14 48.92 6.88
N GLY A 216 12.62 47.83 7.46
CA GLY A 216 13.30 47.16 8.54
C GLY A 216 12.53 45.96 9.05
N PHE A 217 13.24 44.84 9.28
CA PHE A 217 12.59 43.63 9.73
C PHE A 217 12.39 43.65 11.25
N SER A 218 11.23 43.18 11.68
CA SER A 218 10.90 43.11 13.10
C SER A 218 9.86 42.03 13.31
N ALA A 219 10.24 40.97 14.03
CA ALA A 219 9.32 39.88 14.30
C ALA A 219 8.23 40.33 15.27
N LEU A 220 7.11 39.59 15.24
CA LEU A 220 5.95 39.91 16.06
C LEU A 220 5.66 38.74 16.97
N GLU A 221 5.79 38.97 18.28
CA GLU A 221 5.51 37.90 19.25
C GLU A 221 4.10 38.03 19.81
N PRO A 222 3.44 36.92 20.08
CA PRO A 222 2.07 36.98 20.62
C PRO A 222 2.07 37.34 22.10
N LEU A 223 1.04 38.10 22.51
CA LEU A 223 0.88 38.51 23.89
C LEU A 223 -0.29 37.80 24.56
N VAL A 224 -1.47 37.84 23.94
CA VAL A 224 -2.66 37.22 24.48
C VAL A 224 -3.18 36.18 23.48
N ASP A 225 -3.89 35.20 24.00
CA ASP A 225 -4.43 34.09 23.21
C ASP A 225 -5.88 33.83 23.60
N LEU A 226 -6.67 34.90 23.65
CA LEU A 226 -8.05 34.78 24.10
C LEU A 226 -8.87 33.97 23.10
N PRO A 227 -9.67 33.02 23.58
CA PRO A 227 -10.53 32.26 22.66
C PRO A 227 -11.69 33.09 22.15
N ILE A 228 -12.23 32.69 21.00
CA ILE A 228 -13.34 33.39 20.37
C ILE A 228 -13.99 32.44 19.37
N GLY A 229 -15.25 32.70 19.04
CA GLY A 229 -15.97 31.90 18.08
C GLY A 229 -16.89 32.71 17.19
N ILE A 230 -16.62 34.01 17.09
CA ILE A 230 -17.48 34.89 16.31
C ILE A 230 -17.15 34.78 14.83
N ASN A 231 -18.12 35.17 14.00
CA ASN A 231 -17.96 35.19 12.54
C ASN A 231 -17.64 36.63 12.15
N ILE A 232 -16.36 36.96 12.12
CA ILE A 232 -15.90 38.32 11.90
C ILE A 232 -15.58 38.52 10.43
N THR A 233 -16.15 39.57 9.84
CA THR A 233 -15.88 39.91 8.45
C THR A 233 -15.62 41.39 8.20
N ARG A 234 -15.67 42.24 9.23
CA ARG A 234 -15.44 43.67 9.07
C ARG A 234 -14.66 44.19 10.27
N PHE A 235 -14.25 45.45 10.19
CA PHE A 235 -13.44 46.07 11.23
C PHE A 235 -13.60 47.57 11.18
N GLN A 236 -13.73 48.19 12.35
CA GLN A 236 -13.87 49.64 12.48
C GLN A 236 -12.95 50.13 13.59
N THR A 237 -12.12 51.12 13.28
CA THR A 237 -11.19 51.69 14.24
C THR A 237 -11.88 52.79 15.05
N LEU A 238 -11.16 53.33 16.02
CA LEU A 238 -11.69 54.38 16.89
C LEU A 238 -10.54 55.09 17.57
N LEU A 239 -10.65 56.40 17.71
CA LEU A 239 -9.64 57.23 18.34
C LEU A 239 -10.25 58.01 19.51
N ALA A 240 -9.38 58.62 20.30
CA ALA A 240 -9.81 59.40 21.45
C ALA A 240 -10.37 60.74 21.01
N ALA A 259 -1.17 63.50 13.95
CA ALA A 259 -0.16 62.81 13.16
C ALA A 259 -0.37 61.30 13.20
N ALA A 260 -1.47 60.85 12.63
CA ALA A 260 -1.78 59.43 12.60
C ALA A 260 -1.25 58.78 11.33
N ALA A 261 -0.95 57.48 11.43
CA ALA A 261 -0.44 56.68 10.33
C ALA A 261 -1.19 55.37 10.23
N TYR A 262 -2.52 55.46 10.25
CA TYR A 262 -3.41 54.30 10.15
C TYR A 262 -3.03 53.43 8.96
N TYR A 263 -2.62 52.20 9.24
CA TYR A 263 -2.21 51.25 8.21
C TYR A 263 -3.04 49.98 8.35
N VAL A 264 -3.51 49.46 7.22
CA VAL A 264 -4.25 48.20 7.18
C VAL A 264 -3.76 47.40 5.98
N GLY A 265 -3.33 46.17 6.24
CA GLY A 265 -2.87 45.29 5.18
C GLY A 265 -3.42 43.88 5.30
N TYR A 266 -4.12 43.42 4.26
CA TYR A 266 -4.75 42.11 4.32
C TYR A 266 -3.71 41.01 4.14
N LEU A 267 -3.95 39.87 4.80
CA LEU A 267 -3.06 38.72 4.75
C LEU A 267 -3.47 37.79 3.61
N GLN A 268 -2.60 36.82 3.33
CA GLN A 268 -2.82 35.87 2.25
C GLN A 268 -2.01 34.62 2.55
N PRO A 269 -2.57 33.42 2.34
CA PRO A 269 -1.82 32.20 2.67
C PRO A 269 -0.63 31.97 1.75
N ARG A 270 0.58 32.13 2.28
CA ARG A 270 1.81 31.91 1.54
C ARG A 270 2.81 31.20 2.45
N THR A 271 3.87 30.69 1.84
CA THR A 271 4.94 30.01 2.55
C THR A 271 6.09 30.98 2.78
N PHE A 272 6.72 30.89 3.96
CA PHE A 272 7.82 31.78 4.31
C PHE A 272 8.95 30.98 4.93
N LEU A 273 10.17 31.36 4.57
CA LEU A 273 11.40 30.75 5.10
C LEU A 273 11.94 31.68 6.18
N LEU A 274 11.66 31.36 7.44
CA LEU A 274 12.02 32.19 8.57
C LEU A 274 13.36 31.72 9.14
N LYS A 275 14.39 32.55 8.98
CA LYS A 275 15.69 32.22 9.55
C LYS A 275 15.77 32.69 10.99
N TYR A 276 16.23 31.80 11.87
CA TYR A 276 16.35 32.08 13.29
C TYR A 276 17.81 32.35 13.64
N ASN A 277 18.00 33.26 14.59
CA ASN A 277 19.33 33.62 15.06
C ASN A 277 19.70 32.78 16.28
N GLU A 278 20.96 32.92 16.71
CA GLU A 278 21.42 32.18 17.88
C GLU A 278 20.74 32.64 19.16
N ASN A 279 20.19 33.85 19.18
CA ASN A 279 19.43 34.36 20.32
C ASN A 279 17.95 34.02 20.24
N GLY A 280 17.55 33.14 19.31
CA GLY A 280 16.16 32.76 19.16
C GLY A 280 15.28 33.89 18.68
N THR A 281 15.60 34.44 17.50
CA THR A 281 14.83 35.52 16.93
C THR A 281 14.93 35.46 15.41
N ILE A 282 13.89 35.96 14.75
CA ILE A 282 13.84 35.95 13.29
C ILE A 282 14.49 37.22 12.77
N THR A 283 15.36 37.08 11.78
CA THR A 283 16.09 38.21 11.21
C THR A 283 15.57 38.62 9.83
N ASP A 284 15.12 37.66 9.02
CA ASP A 284 14.60 37.97 7.69
C ASP A 284 13.64 36.84 7.28
N ALA A 285 13.13 36.94 6.05
CA ALA A 285 12.18 35.97 5.55
C ALA A 285 12.19 36.00 4.03
N VAL A 286 11.61 34.96 3.44
CA VAL A 286 11.49 34.84 1.99
C VAL A 286 10.01 34.63 1.66
N ASP A 287 9.52 35.35 0.65
CA ASP A 287 8.10 35.28 0.32
C ASP A 287 7.73 33.95 -0.33
N CYS A 288 8.67 33.32 -1.03
CA CYS A 288 8.50 32.01 -1.65
C CYS A 288 7.45 32.05 -2.76
N ALA A 289 6.85 33.22 -3.00
CA ALA A 289 5.91 33.42 -4.08
C ALA A 289 6.14 34.76 -4.77
N LEU A 290 7.24 35.43 -4.43
CA LEU A 290 7.61 36.71 -5.02
C LEU A 290 8.37 36.46 -6.32
N ASP A 291 9.07 37.49 -6.81
CA ASP A 291 9.91 37.37 -8.01
C ASP A 291 10.76 36.10 -7.96
N PRO A 292 11.08 35.53 -9.12
CA PRO A 292 11.68 34.18 -9.13
C PRO A 292 12.92 34.01 -8.27
N LEU A 293 13.57 35.09 -7.84
CA LEU A 293 14.69 34.95 -6.92
C LEU A 293 14.24 34.40 -5.57
N SER A 294 13.12 34.88 -5.05
CA SER A 294 12.60 34.37 -3.78
C SER A 294 12.15 32.92 -3.92
N GLU A 295 11.45 32.60 -5.02
CA GLU A 295 11.00 31.24 -5.24
C GLU A 295 12.16 30.28 -5.50
N THR A 296 13.29 30.78 -5.96
CA THR A 296 14.50 29.98 -6.09
C THR A 296 15.22 29.79 -4.76
N LYS A 297 15.32 30.83 -3.94
CA LYS A 297 15.85 30.71 -2.59
C LYS A 297 14.96 29.87 -1.67
N CYS A 298 13.69 29.69 -2.02
CA CYS A 298 12.77 28.93 -1.18
C CYS A 298 12.93 27.42 -1.35
N THR A 299 13.36 26.97 -2.53
CA THR A 299 13.51 25.55 -2.80
C THR A 299 14.91 25.02 -2.54
N LEU A 300 15.91 25.88 -2.39
CA LEU A 300 17.26 25.48 -2.06
C LEU A 300 17.55 25.54 -0.57
N LYS A 301 16.61 26.05 0.23
CA LYS A 301 16.74 26.16 1.68
C LYS A 301 17.99 26.96 2.05
N SER A 302 18.05 28.19 1.53
CA SER A 302 19.17 29.07 1.77
C SER A 302 18.73 30.50 1.53
N PHE A 303 19.67 31.43 1.67
CA PHE A 303 19.41 32.85 1.44
C PHE A 303 20.36 33.51 0.44
N THR A 304 21.49 32.87 0.12
CA THR A 304 22.45 33.40 -0.85
C THR A 304 22.66 32.33 -1.91
N VAL A 305 21.84 32.38 -2.96
CA VAL A 305 21.94 31.40 -4.04
C VAL A 305 23.18 31.68 -4.88
N GLU A 306 23.77 30.62 -5.42
CA GLU A 306 24.97 30.71 -6.24
C GLU A 306 24.58 30.87 -7.70
N LYS A 307 25.58 30.92 -8.57
CA LYS A 307 25.35 31.10 -10.00
C LYS A 307 25.02 29.78 -10.66
N GLY A 308 24.02 29.79 -11.53
CA GLY A 308 23.63 28.61 -12.26
C GLY A 308 22.12 28.56 -12.45
N ILE A 309 21.69 27.55 -13.19
CA ILE A 309 20.28 27.33 -13.46
C ILE A 309 19.74 26.32 -12.44
N TYR A 310 18.63 26.67 -11.79
CA TYR A 310 18.04 25.84 -10.74
C TYR A 310 16.58 25.56 -11.09
N GLN A 311 16.25 24.28 -11.25
CA GLN A 311 14.85 23.89 -11.42
C GLN A 311 14.10 24.05 -10.11
N THR A 312 13.15 24.99 -10.09
CA THR A 312 12.46 25.33 -8.85
C THR A 312 11.12 24.63 -8.74
N SER A 313 10.23 24.85 -9.71
CA SER A 313 8.89 24.31 -9.70
C SER A 313 8.40 24.10 -11.13
N ASN A 314 7.13 23.78 -11.30
CA ASN A 314 6.54 23.53 -12.61
C ASN A 314 5.23 24.29 -12.72
N PHE A 315 4.93 24.77 -13.93
CA PHE A 315 3.69 25.49 -14.19
C PHE A 315 2.70 24.57 -14.89
N ARG A 316 1.41 24.79 -14.61
CA ARG A 316 0.36 23.94 -15.18
C ARG A 316 -0.93 24.77 -15.20
N VAL A 317 -1.41 25.08 -16.42
CA VAL A 317 -2.61 25.89 -16.55
C VAL A 317 -3.81 25.08 -16.09
N GLN A 318 -4.66 25.71 -15.28
CA GLN A 318 -5.86 25.10 -14.74
C GLN A 318 -7.03 25.30 -15.68
N PRO A 319 -8.01 24.39 -15.65
CA PRO A 319 -9.17 24.54 -16.53
C PRO A 319 -9.98 25.79 -16.20
N THR A 320 -10.76 26.24 -17.18
CA THR A 320 -11.60 27.42 -17.04
C THR A 320 -13.02 27.09 -16.60
N GLU A 321 -13.66 26.12 -17.24
CA GLU A 321 -15.00 25.68 -16.85
C GLU A 321 -15.05 24.16 -16.97
N SER A 322 -16.25 23.60 -16.88
CA SER A 322 -16.46 22.17 -16.95
C SER A 322 -17.52 21.86 -18.00
N ILE A 323 -17.23 20.91 -18.87
CA ILE A 323 -18.13 20.49 -19.94
C ILE A 323 -18.53 19.05 -19.67
N VAL A 324 -19.84 18.83 -19.47
CA VAL A 324 -20.38 17.51 -19.17
C VAL A 324 -21.46 17.23 -20.21
N ARG A 325 -21.16 16.33 -21.15
CA ARG A 325 -22.11 15.94 -22.19
C ARG A 325 -22.45 14.46 -22.03
N PHE A 326 -23.72 14.18 -21.77
CA PHE A 326 -24.23 12.82 -21.65
C PHE A 326 -25.18 12.55 -22.82
N PRO A 327 -25.49 11.28 -23.12
CA PRO A 327 -26.40 11.00 -24.24
C PRO A 327 -27.79 11.60 -24.06
N ASN A 328 -28.60 11.55 -25.13
CA ASN A 328 -29.90 12.21 -25.13
C ASN A 328 -30.96 11.39 -24.39
N ILE A 329 -32.21 11.83 -24.50
CA ILE A 329 -33.32 11.15 -23.81
C ILE A 329 -34.35 10.58 -24.78
N THR A 330 -33.96 10.06 -25.94
CA THR A 330 -34.89 9.55 -26.94
C THR A 330 -35.80 8.47 -26.38
N ASN A 331 -35.25 7.57 -25.56
CA ASN A 331 -36.00 6.44 -25.01
C ASN A 331 -36.42 6.80 -23.58
N LEU A 332 -37.57 7.44 -23.45
CA LEU A 332 -38.09 7.82 -22.14
C LEU A 332 -39.08 6.77 -21.64
N CYS A 333 -39.08 6.55 -20.32
CA CYS A 333 -40.01 5.59 -19.74
C CYS A 333 -41.45 6.04 -19.95
N PRO A 334 -42.35 5.13 -20.29
CA PRO A 334 -43.74 5.52 -20.54
C PRO A 334 -44.51 5.82 -19.27
N PHE A 335 -44.26 6.99 -18.66
CA PHE A 335 -45.00 7.40 -17.48
C PHE A 335 -46.43 7.81 -17.80
N ASP A 336 -46.75 8.06 -19.06
CA ASP A 336 -48.10 8.47 -19.45
C ASP A 336 -49.11 7.34 -19.36
N GLU A 337 -48.67 6.10 -19.23
CA GLU A 337 -49.56 4.95 -19.11
C GLU A 337 -50.06 4.73 -17.69
N VAL A 338 -49.38 5.29 -16.68
CA VAL A 338 -49.81 5.19 -15.29
C VAL A 338 -50.17 6.54 -14.69
N PHE A 339 -49.85 7.65 -15.36
CA PHE A 339 -50.21 8.98 -14.89
C PHE A 339 -51.25 9.67 -15.75
N ASN A 340 -51.44 9.24 -17.00
CA ASN A 340 -52.38 9.88 -17.92
C ASN A 340 -53.19 8.82 -18.65
N ALA A 341 -53.67 7.82 -17.91
CA ALA A 341 -54.45 6.74 -18.48
C ALA A 341 -55.94 7.03 -18.32
N THR A 342 -56.73 6.57 -19.29
CA THR A 342 -58.18 6.76 -19.23
C THR A 342 -58.78 6.03 -18.02
N ARG A 343 -58.63 4.71 -17.98
CA ARG A 343 -59.04 3.91 -16.84
C ARG A 343 -57.82 3.71 -15.95
N PHE A 344 -57.88 4.23 -14.73
CA PHE A 344 -56.69 4.26 -13.88
C PHE A 344 -56.43 2.92 -13.22
N ALA A 345 -57.33 2.49 -12.33
CA ALA A 345 -57.18 1.24 -11.60
C ALA A 345 -58.38 0.94 -10.72
N SER A 346 -58.35 -0.19 -10.02
CA SER A 346 -59.33 -0.56 -9.01
C SER A 346 -58.65 -0.72 -7.66
N VAL A 347 -59.46 -0.83 -6.61
CA VAL A 347 -58.91 -0.98 -5.27
C VAL A 347 -58.36 -2.38 -5.06
N TYR A 348 -59.24 -3.38 -5.16
CA TYR A 348 -58.82 -4.78 -5.01
C TYR A 348 -58.13 -5.34 -6.24
N ALA A 349 -58.21 -4.63 -7.37
CA ALA A 349 -57.58 -5.08 -8.60
C ALA A 349 -56.55 -4.08 -9.08
N TRP A 350 -55.70 -3.61 -8.15
CA TRP A 350 -54.67 -2.63 -8.48
C TRP A 350 -53.74 -3.19 -9.56
N ASN A 351 -53.48 -2.37 -10.58
CA ASN A 351 -52.67 -2.80 -11.70
C ASN A 351 -51.19 -2.73 -11.34
N ARG A 352 -50.37 -3.35 -12.19
CA ARG A 352 -48.92 -3.36 -12.02
C ARG A 352 -48.27 -3.45 -13.39
N LYS A 353 -47.74 -2.33 -13.86
CA LYS A 353 -47.08 -2.26 -15.17
C LYS A 353 -45.61 -1.96 -14.92
N ARG A 354 -44.80 -3.01 -14.84
CA ARG A 354 -43.38 -2.86 -14.58
C ARG A 354 -42.66 -2.34 -15.82
N ILE A 355 -41.85 -1.30 -15.64
CA ILE A 355 -41.08 -0.71 -16.72
C ILE A 355 -39.61 -1.02 -16.51
N SER A 356 -38.88 -1.21 -17.60
CA SER A 356 -37.46 -1.52 -17.53
C SER A 356 -36.79 -1.11 -18.83
N ASN A 357 -35.49 -0.87 -18.75
CA ASN A 357 -34.66 -0.48 -19.90
C ASN A 357 -35.20 0.79 -20.55
N CYS A 358 -35.21 1.87 -19.77
CA CYS A 358 -35.68 3.16 -20.24
C CYS A 358 -35.12 4.24 -19.34
N VAL A 359 -35.18 5.48 -19.82
CA VAL A 359 -34.72 6.64 -19.09
C VAL A 359 -35.92 7.28 -18.38
N ALA A 360 -35.80 7.48 -17.07
CA ALA A 360 -36.87 8.01 -16.24
C ALA A 360 -36.49 9.40 -15.76
N ASP A 361 -37.19 10.42 -16.25
CA ASP A 361 -36.98 11.80 -15.84
C ASP A 361 -38.14 12.20 -14.94
N TYR A 362 -37.91 12.16 -13.62
CA TYR A 362 -38.95 12.47 -12.66
C TYR A 362 -39.32 13.94 -12.62
N SER A 363 -38.56 14.80 -13.31
CA SER A 363 -38.90 16.22 -13.35
C SER A 363 -40.16 16.50 -14.15
N VAL A 364 -40.58 15.57 -15.01
CA VAL A 364 -41.79 15.77 -15.79
C VAL A 364 -43.03 15.76 -14.89
N LEU A 365 -42.98 15.01 -13.79
CA LEU A 365 -44.13 14.91 -12.89
C LEU A 365 -44.41 16.22 -12.15
N TYR A 366 -43.43 17.14 -12.11
CA TYR A 366 -43.63 18.39 -11.38
C TYR A 366 -44.56 19.34 -12.15
N ASN A 367 -44.41 19.40 -13.48
CA ASN A 367 -45.21 20.30 -14.30
C ASN A 367 -46.58 19.74 -14.62
N LEU A 368 -46.93 18.56 -14.09
CA LEU A 368 -48.25 17.98 -14.30
C LEU A 368 -49.26 18.56 -13.32
N ALA A 369 -50.40 17.88 -13.17
CA ALA A 369 -51.43 18.27 -12.21
C ALA A 369 -50.84 18.33 -10.81
N PRO A 370 -51.37 19.19 -9.92
CA PRO A 370 -50.81 19.31 -8.58
C PRO A 370 -50.80 18.00 -7.80
N PHE A 371 -49.62 17.49 -7.49
CA PHE A 371 -49.44 16.26 -6.71
C PHE A 371 -49.04 16.58 -5.28
N PHE A 372 -50.02 16.98 -4.45
CA PHE A 372 -49.75 17.32 -3.06
C PHE A 372 -49.74 16.07 -2.18
N THR A 373 -49.07 15.02 -2.64
CA THR A 373 -48.88 13.82 -1.84
C THR A 373 -47.47 13.25 -2.01
N PHE A 374 -46.54 14.06 -2.53
CA PHE A 374 -45.20 13.58 -2.88
C PHE A 374 -44.37 13.40 -1.60
N LYS A 375 -44.65 12.30 -0.90
CA LYS A 375 -43.92 11.92 0.30
C LYS A 375 -43.06 10.70 -0.04
N CYS A 376 -41.86 10.95 -0.53
CA CYS A 376 -40.94 9.90 -0.93
C CYS A 376 -40.36 9.23 0.30
N TYR A 377 -40.95 8.10 0.69
CA TYR A 377 -40.40 7.29 1.78
C TYR A 377 -39.21 6.51 1.24
N GLY A 378 -38.07 7.19 1.21
CA GLY A 378 -36.87 6.60 0.65
C GLY A 378 -35.63 7.47 0.79
N VAL A 379 -34.85 7.57 -0.29
CA VAL A 379 -33.58 8.29 -0.24
C VAL A 379 -33.81 9.80 -0.28
N SER A 380 -34.40 10.29 -1.36
CA SER A 380 -34.61 11.72 -1.52
C SER A 380 -35.64 12.00 -2.62
N PRO A 381 -36.64 12.85 -2.35
CA PRO A 381 -37.61 13.19 -3.40
C PRO A 381 -36.99 14.04 -4.51
N THR A 382 -36.27 15.10 -4.12
CA THR A 382 -35.68 15.99 -5.11
C THR A 382 -34.51 15.32 -5.83
N LYS A 383 -33.51 14.88 -5.07
CA LYS A 383 -32.32 14.24 -5.63
C LYS A 383 -32.68 12.80 -6.03
N LEU A 384 -33.41 12.70 -7.15
CA LEU A 384 -33.86 11.42 -7.67
C LEU A 384 -33.49 11.18 -9.13
N ASN A 385 -33.27 12.23 -9.92
CA ASN A 385 -32.95 12.04 -11.34
C ASN A 385 -31.58 11.40 -11.51
N ASP A 386 -30.63 11.73 -10.65
CA ASP A 386 -29.27 11.19 -10.74
C ASP A 386 -29.17 9.93 -9.87
N LEU A 387 -29.96 8.93 -10.25
CA LEU A 387 -30.00 7.67 -9.51
C LEU A 387 -30.51 6.59 -10.45
N CYS A 388 -29.65 5.62 -10.77
CA CYS A 388 -30.02 4.49 -11.60
C CYS A 388 -30.84 3.48 -10.80
N PHE A 389 -31.83 2.89 -11.46
CA PHE A 389 -32.68 1.89 -10.85
C PHE A 389 -32.58 0.57 -11.60
N THR A 390 -32.82 -0.52 -10.88
CA THR A 390 -32.76 -1.87 -11.46
C THR A 390 -34.13 -2.40 -11.83
N ASN A 391 -35.04 -2.46 -10.86
CA ASN A 391 -36.40 -2.96 -11.07
C ASN A 391 -37.38 -1.99 -10.41
N VAL A 392 -38.12 -1.25 -11.23
CA VAL A 392 -39.12 -0.29 -10.76
C VAL A 392 -40.50 -0.86 -11.09
N TYR A 393 -41.32 -1.02 -10.07
CA TYR A 393 -42.68 -1.54 -10.22
C TYR A 393 -43.66 -0.42 -9.92
N ALA A 394 -44.46 -0.06 -10.92
CA ALA A 394 -45.44 1.02 -10.81
C ALA A 394 -46.82 0.44 -10.58
N ASP A 395 -47.40 0.72 -9.41
CA ASP A 395 -48.75 0.31 -9.07
C ASP A 395 -49.69 1.51 -9.15
N SER A 396 -50.98 1.21 -9.10
CA SER A 396 -52.00 2.25 -9.20
C SER A 396 -53.29 1.78 -8.55
N PHE A 397 -54.01 2.71 -7.93
CA PHE A 397 -55.30 2.44 -7.32
C PHE A 397 -55.94 3.77 -6.95
N VAL A 398 -57.26 3.74 -6.73
CA VAL A 398 -58.04 4.94 -6.43
C VAL A 398 -58.69 4.73 -5.06
N ILE A 399 -58.48 5.68 -4.15
CA ILE A 399 -59.04 5.64 -2.82
C ILE A 399 -59.66 7.00 -2.51
N ARG A 400 -60.16 7.15 -1.29
CA ARG A 400 -60.76 8.40 -0.85
C ARG A 400 -59.66 9.38 -0.42
N GLY A 401 -60.06 10.48 0.23
CA GLY A 401 -59.12 11.49 0.65
C GLY A 401 -58.52 11.23 2.01
N ASP A 402 -59.34 10.84 2.98
CA ASP A 402 -58.85 10.59 4.33
C ASP A 402 -58.14 9.25 4.46
N GLU A 403 -58.00 8.49 3.38
CA GLU A 403 -57.35 7.19 3.41
C GLU A 403 -56.00 7.18 2.71
N VAL A 404 -55.51 8.33 2.25
CA VAL A 404 -54.22 8.37 1.56
C VAL A 404 -53.08 8.23 2.56
N ARG A 405 -53.31 8.59 3.83
CA ARG A 405 -52.28 8.48 4.85
C ARG A 405 -51.96 7.04 5.24
N GLN A 406 -52.70 6.06 4.73
CA GLN A 406 -52.46 4.66 5.01
C GLN A 406 -51.60 3.97 3.96
N ILE A 407 -51.10 4.72 2.97
CA ILE A 407 -50.28 4.15 1.91
C ILE A 407 -48.82 4.17 2.35
N ALA A 408 -48.55 4.87 3.45
CA ALA A 408 -47.20 4.89 3.99
C ALA A 408 -46.80 3.50 4.48
N PRO A 409 -45.50 3.19 4.48
CA PRO A 409 -45.07 1.84 4.91
C PRO A 409 -45.32 1.63 6.39
N GLY A 410 -46.38 0.89 6.70
CA GLY A 410 -46.74 0.62 8.09
C GLY A 410 -47.86 1.52 8.56
N GLN A 411 -49.09 0.98 8.60
CA GLN A 411 -50.27 1.74 9.01
C GLN A 411 -51.42 0.77 9.23
N THR A 412 -52.38 1.20 10.04
CA THR A 412 -53.59 0.43 10.28
C THR A 412 -54.69 0.96 9.35
N GLY A 413 -55.92 0.47 9.56
CA GLY A 413 -57.04 0.92 8.75
C GLY A 413 -57.81 -0.22 8.11
N ASN A 414 -58.36 0.02 6.92
CA ASN A 414 -59.13 -1.00 6.23
C ASN A 414 -58.49 -1.35 4.89
N ILE A 415 -57.99 -0.33 4.17
CA ILE A 415 -57.32 -0.56 2.89
C ILE A 415 -55.84 -0.88 3.04
N ALA A 416 -55.23 -0.57 4.18
CA ALA A 416 -53.83 -0.88 4.44
C ALA A 416 -53.66 -2.22 5.14
N ASP A 417 -54.74 -2.96 5.34
CA ASP A 417 -54.68 -4.27 5.98
C ASP A 417 -55.39 -5.38 5.20
N TYR A 418 -56.32 -5.05 4.32
CA TYR A 418 -57.04 -6.06 3.57
C TYR A 418 -57.16 -5.76 2.07
N ASN A 419 -56.75 -4.57 1.62
CA ASN A 419 -56.82 -4.20 0.21
C ASN A 419 -55.44 -4.04 -0.42
N TYR A 420 -54.57 -3.23 0.18
CA TYR A 420 -53.22 -3.02 -0.35
C TYR A 420 -52.33 -2.60 0.79
N LYS A 421 -51.43 -3.49 1.21
CA LYS A 421 -50.52 -3.23 2.32
C LYS A 421 -49.09 -3.19 1.82
N LEU A 422 -48.33 -2.22 2.32
CA LEU A 422 -46.93 -2.06 1.95
C LEU A 422 -46.02 -2.55 3.07
N PRO A 423 -44.92 -3.21 2.73
CA PRO A 423 -43.99 -3.66 3.77
C PRO A 423 -43.26 -2.49 4.40
N ASP A 424 -42.64 -2.75 5.54
CA ASP A 424 -41.81 -1.73 6.20
C ASP A 424 -40.38 -1.78 5.68
N ASP A 425 -40.25 -1.84 4.36
CA ASP A 425 -38.97 -1.72 3.68
C ASP A 425 -39.06 -0.90 2.40
N PHE A 426 -40.23 -0.33 2.11
CA PHE A 426 -40.47 0.34 0.83
C PHE A 426 -39.63 1.59 0.69
N THR A 427 -38.60 1.52 -0.16
CA THR A 427 -37.74 2.66 -0.46
C THR A 427 -38.14 3.27 -1.81
N GLY A 428 -39.22 4.05 -1.77
CA GLY A 428 -39.72 4.65 -2.98
C GLY A 428 -40.52 5.93 -2.77
N CYS A 429 -41.47 6.19 -3.64
CA CYS A 429 -42.29 7.40 -3.57
C CYS A 429 -43.75 7.04 -3.78
N VAL A 430 -44.64 7.80 -3.15
CA VAL A 430 -46.08 7.67 -3.33
C VAL A 430 -46.60 8.97 -3.93
N ILE A 431 -47.38 8.85 -5.00
CA ILE A 431 -47.89 10.01 -5.73
C ILE A 431 -49.40 9.89 -5.80
N ALA A 432 -50.11 10.90 -5.30
CA ALA A 432 -51.56 10.95 -5.34
C ALA A 432 -52.03 12.38 -5.61
N TRP A 433 -53.22 12.50 -6.18
CA TRP A 433 -53.80 13.79 -6.49
C TRP A 433 -55.31 13.67 -6.50
N ASN A 434 -55.98 14.81 -6.30
CA ASN A 434 -57.44 14.83 -6.31
C ASN A 434 -57.95 14.53 -7.71
N SER A 435 -58.77 13.49 -7.83
CA SER A 435 -59.35 13.07 -9.10
C SER A 435 -60.86 13.22 -9.08
N ASN A 436 -61.37 14.17 -8.29
CA ASN A 436 -62.79 14.43 -8.22
C ASN A 436 -63.31 15.17 -9.44
N LYS A 437 -62.43 15.55 -10.38
CA LYS A 437 -62.86 16.26 -11.58
C LYS A 437 -63.38 15.31 -12.65
N LEU A 438 -62.90 14.07 -12.68
CA LEU A 438 -63.30 13.11 -13.69
C LEU A 438 -63.68 11.75 -13.13
N ASP A 439 -63.56 11.54 -11.83
CA ASP A 439 -63.92 10.27 -11.19
C ASP A 439 -64.99 10.47 -10.13
N SER A 440 -65.87 11.45 -10.35
CA SER A 440 -66.96 11.72 -9.42
C SER A 440 -68.17 12.18 -10.23
N LYS A 441 -69.23 11.37 -10.22
CA LYS A 441 -70.42 11.63 -11.01
C LYS A 441 -71.64 11.78 -10.09
N VAL A 442 -72.76 12.16 -10.71
CA VAL A 442 -74.00 12.34 -9.95
C VAL A 442 -74.50 10.99 -9.45
N SER A 443 -75.07 10.99 -8.26
CA SER A 443 -75.65 9.82 -7.60
C SER A 443 -74.61 8.75 -7.26
N GLY A 444 -73.32 9.08 -7.34
CA GLY A 444 -72.28 8.15 -6.95
C GLY A 444 -71.67 7.37 -8.09
N ASN A 445 -70.34 7.27 -8.10
CA ASN A 445 -69.61 6.49 -9.10
C ASN A 445 -69.37 5.11 -8.51
N TYR A 446 -70.14 4.13 -8.97
CA TYR A 446 -70.07 2.76 -8.46
C TYR A 446 -69.11 1.89 -9.26
N ASN A 447 -68.12 2.49 -9.91
CA ASN A 447 -67.14 1.76 -10.70
C ASN A 447 -65.86 1.45 -9.93
N TYR A 448 -65.86 1.69 -8.62
CA TYR A 448 -64.71 1.40 -7.77
C TYR A 448 -65.19 0.58 -6.58
N LEU A 449 -64.70 -0.65 -6.47
CA LEU A 449 -65.06 -1.55 -5.39
C LEU A 449 -63.86 -1.79 -4.50
N TYR A 450 -64.08 -1.73 -3.19
CA TYR A 450 -63.03 -1.93 -2.21
C TYR A 450 -63.44 -3.05 -1.25
N ARG A 451 -62.47 -3.89 -0.88
CA ARG A 451 -62.74 -5.00 0.01
C ARG A 451 -62.93 -4.51 1.44
N LEU A 452 -63.94 -5.06 2.12
CA LEU A 452 -64.27 -4.67 3.48
C LEU A 452 -64.15 -5.81 4.48
N PHE A 453 -64.55 -7.02 4.10
CA PHE A 453 -64.54 -8.18 4.99
C PHE A 453 -63.49 -9.17 4.50
N ARG A 454 -62.45 -9.38 5.30
CA ARG A 454 -61.39 -10.33 4.99
C ARG A 454 -60.94 -10.99 6.27
N LYS A 455 -60.74 -12.31 6.22
CA LYS A 455 -60.43 -13.08 7.42
C LYS A 455 -59.11 -12.63 8.04
N SER A 456 -58.01 -12.81 7.31
CA SER A 456 -56.69 -12.48 7.81
C SER A 456 -56.17 -11.20 7.18
N ASN A 457 -55.14 -10.62 7.79
CA ASN A 457 -54.53 -9.42 7.26
C ASN A 457 -53.80 -9.71 5.97
N LEU A 458 -53.87 -8.77 5.03
CA LEU A 458 -53.21 -8.94 3.73
C LEU A 458 -51.70 -8.93 3.91
N LYS A 459 -51.03 -9.89 3.27
CA LYS A 459 -49.59 -9.96 3.36
C LYS A 459 -48.94 -8.96 2.41
N PRO A 460 -47.67 -8.60 2.66
CA PRO A 460 -46.97 -7.68 1.77
C PRO A 460 -47.07 -8.09 0.30
N PHE A 461 -47.55 -7.16 -0.53
CA PHE A 461 -47.63 -7.33 -1.98
C PHE A 461 -48.47 -8.55 -2.35
N GLU A 462 -49.76 -8.48 -2.00
CA GLU A 462 -50.72 -9.51 -2.36
C GLU A 462 -51.94 -8.86 -2.99
N ARG A 463 -52.41 -9.44 -4.09
CA ARG A 463 -53.57 -8.96 -4.81
C ARG A 463 -54.66 -10.01 -4.76
N ASP A 464 -55.78 -9.69 -4.12
CA ASP A 464 -56.89 -10.62 -3.96
C ASP A 464 -57.94 -10.30 -5.03
N ILE A 465 -57.77 -10.92 -6.19
CA ILE A 465 -58.70 -10.72 -7.30
C ILE A 465 -59.97 -11.56 -7.16
N SER A 466 -59.94 -12.61 -6.34
CA SER A 466 -61.11 -13.45 -6.15
C SER A 466 -62.11 -12.77 -5.21
N THR A 467 -63.38 -13.15 -5.36
CA THR A 467 -64.47 -12.56 -4.57
C THR A 467 -65.35 -13.70 -4.04
N GLU A 468 -65.03 -14.15 -2.84
CA GLU A 468 -65.80 -15.19 -2.16
C GLU A 468 -66.52 -14.60 -0.96
N ILE A 469 -67.75 -15.06 -0.75
CA ILE A 469 -68.55 -14.56 0.37
C ILE A 469 -67.88 -14.91 1.68
N TYR A 470 -67.94 -13.97 2.63
CA TYR A 470 -67.31 -14.17 3.92
C TYR A 470 -67.98 -15.33 4.67
N GLN A 471 -67.28 -15.83 5.69
CA GLN A 471 -67.74 -17.01 6.41
C GLN A 471 -68.37 -16.63 7.75
N ALA A 472 -68.90 -17.61 8.47
CA ALA A 472 -69.61 -17.35 9.72
C ALA A 472 -69.44 -18.53 10.68
N GLY A 473 -70.33 -18.62 11.67
CA GLY A 473 -70.22 -19.65 12.69
C GLY A 473 -70.74 -21.00 12.26
N ASN A 474 -71.56 -21.62 13.11
CA ASN A 474 -72.03 -22.98 12.85
C ASN A 474 -73.10 -23.01 11.76
N LYS A 475 -72.71 -22.67 10.53
CA LYS A 475 -73.60 -22.70 9.38
C LYS A 475 -72.80 -22.57 8.09
N PRO A 476 -73.07 -23.42 7.10
CA PRO A 476 -72.34 -23.30 5.82
C PRO A 476 -73.02 -22.37 4.83
N CYS A 477 -72.86 -21.06 5.03
CA CYS A 477 -73.45 -20.08 4.12
C CYS A 477 -72.78 -20.09 2.75
N ASN A 478 -73.54 -20.42 1.71
CA ASN A 478 -72.99 -20.36 0.35
C ASN A 478 -72.80 -18.92 -0.11
N GLY A 479 -73.73 -18.04 0.26
CA GLY A 479 -73.58 -16.62 -0.02
C GLY A 479 -74.60 -16.03 -0.95
N VAL A 480 -75.83 -16.53 -0.92
CA VAL A 480 -76.89 -16.01 -1.79
C VAL A 480 -77.45 -14.71 -1.22
N ALA A 481 -78.08 -14.79 -0.06
CA ALA A 481 -78.72 -13.61 0.54
C ALA A 481 -78.52 -13.59 2.05
N GLY A 482 -77.66 -14.47 2.56
CA GLY A 482 -77.44 -14.61 3.99
C GLY A 482 -77.06 -13.32 4.70
N PHE A 483 -77.67 -13.09 5.87
CA PHE A 483 -77.37 -11.92 6.69
C PHE A 483 -76.09 -12.14 7.49
N ASN A 484 -75.93 -13.35 8.03
CA ASN A 484 -74.75 -13.71 8.82
C ASN A 484 -73.48 -13.55 8.01
N CYS A 485 -73.55 -13.85 6.71
CA CYS A 485 -72.45 -13.69 5.78
C CYS A 485 -72.61 -12.37 5.02
N TYR A 486 -71.54 -11.93 4.36
CA TYR A 486 -71.58 -10.67 3.64
C TYR A 486 -70.60 -10.73 2.48
N PHE A 487 -70.82 -9.85 1.51
CA PHE A 487 -69.97 -9.76 0.33
C PHE A 487 -68.62 -9.17 0.72
N PRO A 488 -67.50 -9.69 0.21
CA PRO A 488 -66.19 -9.17 0.61
C PRO A 488 -65.96 -7.74 0.13
N LEU A 489 -66.38 -7.44 -1.09
CA LEU A 489 -66.17 -6.13 -1.68
C LEU A 489 -67.34 -5.20 -1.34
N ARG A 490 -67.05 -3.91 -1.32
CA ARG A 490 -68.04 -2.87 -1.07
C ARG A 490 -68.10 -1.95 -2.30
N SER A 491 -68.86 -0.87 -2.18
CA SER A 491 -69.06 0.06 -3.29
C SER A 491 -68.81 1.48 -2.81
N TYR A 492 -67.83 2.15 -3.42
CA TYR A 492 -67.56 3.54 -3.10
C TYR A 492 -68.60 4.46 -3.73
N SER A 493 -68.99 5.49 -2.99
CA SER A 493 -69.95 6.49 -3.45
C SER A 493 -69.19 7.79 -3.65
N PHE A 494 -68.64 7.98 -4.85
CA PHE A 494 -67.86 9.17 -5.16
C PHE A 494 -68.79 10.22 -5.75
N ARG A 495 -69.34 11.07 -4.89
CA ARG A 495 -70.20 12.16 -5.32
C ARG A 495 -69.48 13.50 -5.15
N PRO A 496 -69.72 14.44 -6.07
CA PRO A 496 -69.12 15.78 -5.93
C PRO A 496 -69.68 16.58 -4.76
N THR A 497 -70.62 16.02 -3.98
CA THR A 497 -71.22 16.69 -2.84
C THR A 497 -70.38 16.53 -1.58
N TYR A 498 -69.18 15.96 -1.69
CA TYR A 498 -68.31 15.71 -0.56
C TYR A 498 -67.09 16.61 -0.61
N GLY A 499 -66.65 17.07 0.56
CA GLY A 499 -65.47 17.90 0.64
C GLY A 499 -64.19 17.10 0.57
N VAL A 500 -63.10 17.75 0.98
CA VAL A 500 -61.78 17.12 0.98
C VAL A 500 -61.76 15.99 2.00
N GLY A 501 -61.59 14.76 1.52
CA GLY A 501 -61.55 13.60 2.40
C GLY A 501 -62.36 12.43 1.87
N HIS A 502 -63.45 12.71 1.19
CA HIS A 502 -64.31 11.67 0.61
C HIS A 502 -64.26 11.66 -0.92
N GLN A 503 -63.41 12.51 -1.52
CA GLN A 503 -63.24 12.59 -2.96
C GLN A 503 -62.25 11.54 -3.45
N PRO A 504 -62.36 11.09 -4.70
CA PRO A 504 -61.43 10.10 -5.21
C PRO A 504 -60.03 10.66 -5.39
N TYR A 505 -59.04 9.83 -5.09
CA TYR A 505 -57.63 10.21 -5.21
C TYR A 505 -56.89 9.07 -5.89
N ARG A 506 -56.45 9.30 -7.13
CA ARG A 506 -55.68 8.32 -7.87
C ARG A 506 -54.27 8.25 -7.29
N VAL A 507 -53.95 7.13 -6.64
CA VAL A 507 -52.66 6.94 -6.00
C VAL A 507 -51.82 6.02 -6.88
N VAL A 508 -50.57 6.42 -7.14
CA VAL A 508 -49.64 5.65 -7.95
C VAL A 508 -48.30 5.65 -7.23
N VAL A 509 -47.78 4.45 -6.95
CA VAL A 509 -46.51 4.30 -6.25
C VAL A 509 -45.52 3.64 -7.19
N LEU A 510 -44.23 3.78 -6.85
CA LEU A 510 -43.14 3.21 -7.63
C LEU A 510 -42.27 2.38 -6.69
N SER A 511 -42.26 1.07 -6.90
CA SER A 511 -41.52 0.15 -6.04
C SER A 511 -40.08 0.07 -6.53
N PHE A 512 -39.20 0.84 -5.89
CA PHE A 512 -37.78 0.83 -6.23
C PHE A 512 -37.09 -0.28 -5.44
N GLU A 513 -36.68 -1.35 -6.13
CA GLU A 513 -36.01 -2.46 -5.46
C GLU A 513 -34.62 -2.08 -4.99
N LEU A 514 -33.84 -1.45 -5.88
CA LEU A 514 -32.48 -0.99 -5.57
C LEU A 514 -31.58 -2.15 -5.14
N LEU A 515 -31.81 -3.34 -5.68
CA LEU A 515 -30.98 -4.49 -5.36
C LEU A 515 -29.67 -4.44 -6.16
N HIS A 516 -28.66 -5.13 -5.65
CA HIS A 516 -27.34 -5.14 -6.27
C HIS A 516 -27.41 -5.95 -7.56
N ALA A 517 -27.49 -5.25 -8.70
CA ALA A 517 -27.60 -5.88 -10.01
C ALA A 517 -27.38 -4.83 -11.09
N PRO A 518 -27.04 -5.22 -12.32
CA PRO A 518 -26.92 -4.23 -13.41
C PRO A 518 -28.18 -3.42 -13.60
N ALA A 519 -28.09 -2.11 -13.39
CA ALA A 519 -29.25 -1.25 -13.47
C ALA A 519 -29.75 -1.14 -14.90
N THR A 520 -31.06 -0.89 -15.03
CA THR A 520 -31.70 -0.75 -16.33
C THR A 520 -32.42 0.58 -16.51
N VAL A 521 -32.93 1.18 -15.44
CA VAL A 521 -33.67 2.44 -15.52
C VAL A 521 -32.85 3.51 -14.82
N CYS A 522 -32.02 4.23 -15.58
CA CYS A 522 -31.25 5.34 -15.05
C CYS A 522 -31.99 6.65 -15.25
N GLY A 523 -31.31 7.78 -15.03
CA GLY A 523 -31.89 9.08 -15.22
C GLY A 523 -30.89 10.08 -15.75
N PRO A 524 -31.36 11.16 -16.36
CA PRO A 524 -30.46 12.17 -16.91
C PRO A 524 -29.77 12.97 -15.82
N LYS A 525 -28.57 13.47 -16.16
CA LYS A 525 -27.82 14.30 -15.23
C LYS A 525 -27.67 15.73 -15.71
N LYS A 526 -27.11 15.94 -16.91
CA LYS A 526 -26.90 17.29 -17.44
C LYS A 526 -26.53 17.24 -18.91
N SER A 527 -26.43 18.41 -19.54
CA SER A 527 -26.02 18.51 -20.94
C SER A 527 -25.48 19.91 -21.19
N THR A 528 -24.19 20.01 -21.45
CA THR A 528 -23.54 21.29 -21.67
C THR A 528 -23.14 21.45 -23.13
N ASN A 529 -22.49 22.56 -23.44
CA ASN A 529 -22.04 22.85 -24.80
C ASN A 529 -20.56 22.52 -24.95
N LEU A 530 -20.21 21.94 -26.09
CA LEU A 530 -18.82 21.57 -26.35
C LEU A 530 -17.97 22.82 -26.56
N VAL A 531 -17.01 23.03 -25.67
CA VAL A 531 -16.07 24.15 -25.76
C VAL A 531 -14.79 23.62 -26.40
N LYS A 532 -14.50 24.09 -27.62
CA LYS A 532 -13.37 23.61 -28.39
C LYS A 532 -12.18 24.58 -28.27
N ASN A 533 -10.99 24.01 -28.31
CA ASN A 533 -9.73 24.77 -28.28
C ASN A 533 -9.64 25.63 -27.03
N LYS A 534 -9.69 24.98 -25.87
CA LYS A 534 -9.60 25.69 -24.59
C LYS A 534 -9.23 24.70 -23.50
N CYS A 535 -8.33 25.12 -22.60
CA CYS A 535 -7.96 24.29 -21.46
C CYS A 535 -9.13 24.15 -20.51
N VAL A 536 -9.77 22.97 -20.52
CA VAL A 536 -10.98 22.73 -19.76
C VAL A 536 -10.92 21.33 -19.15
N ASN A 537 -11.97 21.00 -18.40
CA ASN A 537 -12.10 19.69 -17.76
C ASN A 537 -13.32 18.99 -18.35
N PHE A 538 -13.07 17.90 -19.07
CA PHE A 538 -14.16 17.18 -19.73
C PHE A 538 -14.69 16.06 -18.83
N ASN A 539 -15.96 15.70 -19.08
CA ASN A 539 -16.58 14.62 -18.32
C ASN A 539 -17.46 13.72 -19.20
N PHE A 540 -17.08 13.50 -20.45
CA PHE A 540 -17.90 12.75 -21.39
C PHE A 540 -18.09 11.30 -20.96
N ASN A 541 -19.34 10.94 -20.67
CA ASN A 541 -19.73 9.56 -20.34
C ASN A 541 -18.87 8.97 -19.22
N GLY A 542 -18.78 9.68 -18.10
CA GLY A 542 -18.01 9.18 -16.96
C GLY A 542 -16.52 9.40 -17.04
N LEU A 543 -15.94 9.19 -18.22
CA LEU A 543 -14.52 9.43 -18.43
C LEU A 543 -14.21 10.91 -18.23
N LYS A 544 -13.51 11.24 -17.15
CA LYS A 544 -13.23 12.61 -16.77
C LYS A 544 -11.74 12.90 -16.88
N GLY A 545 -11.39 14.15 -16.60
CA GLY A 545 -10.02 14.61 -16.72
C GLY A 545 -9.93 15.98 -17.37
N THR A 546 -8.73 16.55 -17.42
CA THR A 546 -8.51 17.86 -18.01
C THR A 546 -7.82 17.71 -19.36
N GLY A 547 -7.85 18.78 -20.13
CA GLY A 547 -7.23 18.79 -21.44
C GLY A 547 -7.83 19.88 -22.31
N VAL A 548 -7.40 19.87 -23.57
CA VAL A 548 -7.84 20.83 -24.57
C VAL A 548 -8.57 20.04 -25.66
N LEU A 549 -9.90 20.09 -25.64
CA LEU A 549 -10.70 19.40 -26.64
C LEU A 549 -10.57 20.11 -27.98
N THR A 550 -9.96 19.43 -28.95
CA THR A 550 -9.72 20.00 -30.27
C THR A 550 -10.27 19.03 -31.33
N GLU A 551 -10.35 19.52 -32.56
CA GLU A 551 -10.77 18.69 -33.68
C GLU A 551 -9.64 17.77 -34.12
N SER A 552 -10.02 16.65 -34.73
CA SER A 552 -9.07 15.64 -35.18
C SER A 552 -9.55 15.05 -36.49
N ASN A 553 -8.84 14.01 -36.95
CA ASN A 553 -9.20 13.33 -38.19
C ASN A 553 -9.10 11.81 -38.03
N LYS A 554 -9.24 11.29 -36.81
CA LYS A 554 -9.13 9.85 -36.58
C LYS A 554 -10.37 9.16 -37.12
N LYS A 555 -10.15 8.09 -37.89
CA LYS A 555 -11.25 7.32 -38.48
C LYS A 555 -11.65 6.22 -37.51
N PHE A 556 -12.59 6.55 -36.63
CA PHE A 556 -13.07 5.61 -35.64
C PHE A 556 -13.95 4.54 -36.30
N LEU A 557 -14.42 3.59 -35.49
CA LEU A 557 -15.32 2.54 -35.92
C LEU A 557 -16.68 2.74 -35.26
N PRO A 558 -17.76 2.21 -35.87
CA PRO A 558 -19.11 2.43 -35.31
C PRO A 558 -19.24 1.98 -33.86
N PHE A 559 -18.65 0.84 -33.51
CA PHE A 559 -18.78 0.35 -32.13
C PHE A 559 -17.81 1.05 -31.18
N GLN A 560 -16.74 1.65 -31.69
CA GLN A 560 -15.77 2.30 -30.83
C GLN A 560 -16.31 3.63 -30.32
N GLN A 561 -16.12 3.88 -29.02
CA GLN A 561 -16.56 5.13 -28.41
C GLN A 561 -15.38 5.90 -27.84
N PHE A 562 -14.52 5.21 -27.08
CA PHE A 562 -13.38 5.86 -26.45
C PHE A 562 -12.14 5.77 -27.34
N GLY A 563 -10.99 6.13 -26.79
CA GLY A 563 -9.73 6.05 -27.53
C GLY A 563 -8.58 5.94 -26.55
N ARG A 564 -7.43 5.54 -27.09
CA ARG A 564 -6.24 5.36 -26.28
C ARG A 564 -5.02 5.56 -27.16
N ASP A 565 -3.95 6.03 -26.53
CA ASP A 565 -2.69 6.34 -27.20
C ASP A 565 -1.80 5.09 -27.17
N ILE A 566 -0.50 5.18 -27.45
CA ILE A 566 0.36 4.01 -27.42
C ILE A 566 0.40 3.37 -26.04
N ALA A 567 0.41 4.16 -24.97
CA ALA A 567 0.56 3.63 -23.60
C ALA A 567 -0.47 4.26 -22.68
N ASP A 568 -1.66 3.65 -22.63
CA ASP A 568 -2.67 3.90 -21.60
C ASP A 568 -2.94 5.38 -21.34
N THR A 569 -3.45 6.10 -22.34
CA THR A 569 -3.87 7.49 -22.15
C THR A 569 -4.92 7.81 -23.20
N THR A 570 -6.09 8.27 -22.75
CA THR A 570 -7.17 8.61 -23.66
C THR A 570 -6.77 9.77 -24.57
N ASP A 571 -6.77 9.52 -25.88
CA ASP A 571 -6.38 10.52 -26.85
C ASP A 571 -7.56 11.13 -27.60
N ALA A 572 -8.71 10.48 -27.65
CA ALA A 572 -9.86 10.99 -28.38
C ALA A 572 -11.11 10.25 -27.91
N VAL A 573 -12.23 10.98 -27.88
CA VAL A 573 -13.52 10.40 -27.51
C VAL A 573 -14.59 10.90 -28.47
N ARG A 574 -15.49 10.02 -28.87
CA ARG A 574 -16.62 10.42 -29.71
C ARG A 574 -17.66 11.15 -28.86
N ASP A 575 -18.17 12.26 -29.37
CA ASP A 575 -19.15 13.03 -28.63
C ASP A 575 -20.47 12.27 -28.54
N PRO A 576 -21.10 12.21 -27.36
CA PRO A 576 -22.34 11.42 -27.25
C PRO A 576 -23.50 11.96 -28.05
N GLN A 577 -23.79 13.25 -27.94
CA GLN A 577 -24.97 13.83 -28.59
C GLN A 577 -24.77 13.95 -30.09
N THR A 578 -23.80 14.75 -30.51
CA THR A 578 -23.50 14.90 -31.92
C THR A 578 -22.24 14.12 -32.29
N LEU A 579 -22.42 13.02 -33.00
CA LEU A 579 -21.30 12.14 -33.35
C LEU A 579 -20.23 12.89 -34.13
N GLU A 580 -19.04 13.01 -33.54
CA GLU A 580 -17.93 13.71 -34.16
C GLU A 580 -16.63 13.25 -33.50
N ILE A 581 -15.55 13.26 -34.27
CA ILE A 581 -14.25 12.81 -33.77
C ILE A 581 -13.50 14.01 -33.19
N LEU A 582 -13.19 13.94 -31.91
CA LEU A 582 -12.46 14.99 -31.20
C LEU A 582 -11.03 14.53 -30.94
N ASP A 583 -10.28 15.35 -30.19
CA ASP A 583 -8.90 15.02 -29.84
C ASP A 583 -8.65 15.52 -28.42
N ILE A 584 -8.24 14.61 -27.54
CA ILE A 584 -7.96 14.96 -26.15
C ILE A 584 -6.44 15.09 -25.99
N THR A 585 -5.98 16.32 -25.86
CA THR A 585 -4.58 16.59 -25.54
C THR A 585 -4.52 17.27 -24.18
N PRO A 586 -3.68 16.80 -23.25
CA PRO A 586 -3.64 17.40 -21.91
C PRO A 586 -3.29 18.88 -21.97
N CYS A 587 -3.86 19.64 -21.03
CA CYS A 587 -3.63 21.07 -20.99
C CYS A 587 -2.14 21.36 -20.75
N SER A 588 -1.74 22.57 -21.12
CA SER A 588 -0.33 22.92 -21.20
C SER A 588 0.33 22.90 -19.82
N PHE A 589 1.40 22.14 -19.68
CA PHE A 589 2.25 22.11 -18.50
C PHE A 589 3.71 22.26 -18.92
N GLY A 590 4.61 22.10 -17.96
CA GLY A 590 6.03 22.20 -18.21
C GLY A 590 6.79 22.63 -16.97
N GLY A 591 8.11 22.51 -17.02
CA GLY A 591 8.97 22.86 -15.92
C GLY A 591 9.48 24.29 -16.01
N VAL A 592 9.74 24.88 -14.85
CA VAL A 592 10.23 26.24 -14.74
C VAL A 592 11.62 26.22 -14.13
N SER A 593 12.56 26.91 -14.77
CA SER A 593 13.94 26.98 -14.30
C SER A 593 14.38 28.43 -14.26
N VAL A 594 14.89 28.87 -13.11
CA VAL A 594 15.30 30.25 -12.90
C VAL A 594 16.81 30.34 -13.01
N ILE A 595 17.29 31.31 -13.77
CA ILE A 595 18.73 31.55 -13.95
C ILE A 595 19.12 32.76 -13.14
N THR A 596 20.01 32.57 -12.16
CA THR A 596 20.47 33.63 -11.30
C THR A 596 21.99 33.75 -11.35
N PRO A 597 22.52 34.93 -11.59
CA PRO A 597 23.98 35.13 -11.64
C PRO A 597 24.65 35.26 -10.28
N GLY A 598 23.97 34.94 -9.19
CA GLY A 598 24.56 35.04 -7.87
C GLY A 598 23.99 36.19 -7.06
N THR A 599 23.62 35.92 -5.81
CA THR A 599 23.07 36.96 -4.95
C THR A 599 24.11 38.03 -4.65
N ASN A 600 25.38 37.63 -4.51
CA ASN A 600 26.42 38.60 -4.23
C ASN A 600 26.66 39.54 -5.42
N THR A 601 26.33 39.08 -6.62
CA THR A 601 26.53 39.88 -7.82
C THR A 601 25.35 40.82 -8.07
N SER A 602 24.14 40.27 -8.20
CA SER A 602 22.96 41.07 -8.47
C SER A 602 21.73 40.31 -8.00
N ASN A 603 20.55 40.82 -8.36
CA ASN A 603 19.29 40.20 -7.98
C ASN A 603 18.37 39.99 -9.18
N GLN A 604 18.82 40.27 -10.40
CA GLN A 604 18.03 40.05 -11.60
C GLN A 604 18.02 38.58 -11.97
N VAL A 605 16.84 38.09 -12.34
CA VAL A 605 16.68 36.67 -12.66
C VAL A 605 16.21 36.52 -14.10
N ALA A 606 16.10 35.27 -14.56
CA ALA A 606 15.63 34.98 -15.92
C ALA A 606 15.07 33.56 -15.91
N VAL A 607 13.77 33.42 -16.17
CA VAL A 607 13.09 32.14 -16.11
C VAL A 607 13.10 31.51 -17.50
N LEU A 608 13.13 30.19 -17.54
CA LEU A 608 13.08 29.42 -18.78
C LEU A 608 11.97 28.39 -18.67
N TYR A 609 10.87 28.61 -19.40
CA TYR A 609 9.73 27.70 -19.40
C TYR A 609 10.03 26.57 -20.38
N GLN A 610 10.44 25.41 -19.85
CA GLN A 610 10.80 24.27 -20.67
C GLN A 610 9.55 23.69 -21.32
N GLY A 611 9.58 23.54 -22.64
CA GLY A 611 8.47 22.95 -23.37
C GLY A 611 7.34 23.91 -23.65
N VAL A 612 7.65 25.00 -24.36
CA VAL A 612 6.65 26.00 -24.76
C VAL A 612 7.21 26.77 -25.94
N ASN A 613 6.31 27.34 -26.75
CA ASN A 613 6.69 28.07 -27.95
C ASN A 613 6.49 29.57 -27.81
N CYS A 614 6.66 30.11 -26.60
CA CYS A 614 6.52 31.54 -26.30
C CYS A 614 5.13 32.07 -26.65
N THR A 615 4.15 31.19 -26.86
CA THR A 615 2.80 31.63 -27.22
C THR A 615 1.73 30.98 -26.36
N GLU A 616 2.10 30.27 -25.28
CA GLU A 616 1.11 29.61 -24.45
C GLU A 616 1.26 29.91 -22.96
N VAL A 617 2.33 30.59 -22.55
CA VAL A 617 2.52 30.92 -21.14
C VAL A 617 1.54 31.98 -20.69
N ASN A 638 13.66 40.37 -22.88
CA ASN A 638 12.53 40.24 -23.78
C ASN A 638 12.10 38.78 -23.92
N VAL A 639 11.90 38.33 -25.16
CA VAL A 639 11.44 36.98 -25.44
C VAL A 639 12.29 36.40 -26.57
N PHE A 640 12.80 35.19 -26.34
CA PHE A 640 13.61 34.51 -27.35
C PHE A 640 13.32 33.01 -27.25
N GLN A 641 12.70 32.46 -28.29
CA GLN A 641 12.36 31.05 -28.33
C GLN A 641 13.60 30.22 -28.65
N THR A 642 14.01 29.36 -27.72
CA THR A 642 15.13 28.47 -27.93
C THR A 642 14.62 27.09 -28.33
N ARG A 643 15.53 26.12 -28.46
CA ARG A 643 15.11 24.76 -28.77
C ARG A 643 14.56 24.03 -27.56
N ALA A 644 14.85 24.52 -26.35
CA ALA A 644 14.34 23.91 -25.12
C ALA A 644 13.01 24.54 -24.70
N GLY A 645 12.98 25.86 -24.60
CA GLY A 645 11.76 26.56 -24.21
C GLY A 645 11.86 28.05 -24.41
N CYS A 646 11.00 28.80 -23.72
CA CYS A 646 10.98 30.26 -23.82
C CYS A 646 11.78 30.86 -22.67
N LEU A 647 12.76 31.68 -23.00
CA LEU A 647 13.61 32.35 -22.01
C LEU A 647 13.12 33.78 -21.86
N ILE A 648 12.21 33.99 -20.91
CA ILE A 648 11.62 35.31 -20.67
C ILE A 648 12.46 35.97 -19.58
N GLY A 649 13.23 36.98 -19.95
CA GLY A 649 14.03 37.71 -19.00
C GLY A 649 15.39 38.12 -19.52
N ALA A 650 15.85 37.46 -20.58
CA ALA A 650 17.15 37.73 -21.16
C ALA A 650 16.99 38.23 -22.60
N GLU A 651 18.10 38.72 -23.15
CA GLU A 651 18.15 39.21 -24.52
C GLU A 651 19.21 38.44 -25.29
N TYR A 652 18.97 38.21 -26.57
CA TYR A 652 19.87 37.42 -27.41
C TYR A 652 20.91 38.35 -28.04
N VAL A 653 22.17 38.14 -27.71
CA VAL A 653 23.28 38.89 -28.29
C VAL A 653 23.99 38.01 -29.31
N ASN A 654 24.31 38.60 -30.46
CA ASN A 654 24.96 37.86 -31.53
C ASN A 654 26.42 37.55 -31.24
N ASN A 655 27.06 38.28 -30.33
CA ASN A 655 28.45 38.01 -30.00
C ASN A 655 28.56 36.72 -29.19
N SER A 656 29.50 35.86 -29.59
CA SER A 656 29.70 34.57 -28.93
C SER A 656 30.72 34.70 -27.80
N TYR A 657 30.40 34.10 -26.66
CA TYR A 657 31.27 34.11 -25.50
C TYR A 657 31.38 32.71 -24.93
N GLU A 658 32.22 32.56 -23.92
CA GLU A 658 32.35 31.29 -23.22
C GLU A 658 31.11 31.02 -22.38
N CYS A 659 30.73 29.75 -22.31
CA CYS A 659 29.51 29.37 -21.59
C CYS A 659 29.74 29.44 -20.09
N ASP A 660 28.90 30.20 -19.41
CA ASP A 660 28.97 30.34 -17.95
C ASP A 660 27.79 29.63 -17.29
N ILE A 661 26.58 29.98 -17.73
CA ILE A 661 25.36 29.36 -17.23
C ILE A 661 24.74 28.56 -18.38
N PRO A 662 24.80 27.23 -18.35
CA PRO A 662 24.24 26.45 -19.46
C PRO A 662 22.72 26.54 -19.47
N ILE A 663 22.17 26.80 -20.66
CA ILE A 663 20.72 26.92 -20.85
C ILE A 663 20.18 25.72 -21.61
N GLY A 664 20.66 25.49 -22.83
CA GLY A 664 20.22 24.35 -23.62
C GLY A 664 20.35 24.58 -25.11
N ALA A 665 20.85 23.56 -25.81
CA ALA A 665 21.02 23.60 -27.26
C ALA A 665 21.88 24.80 -27.69
N GLY A 666 23.03 24.91 -27.06
CA GLY A 666 23.98 25.97 -27.39
C GLY A 666 23.78 27.29 -26.68
N ILE A 667 22.58 27.53 -26.17
CA ILE A 667 22.30 28.79 -25.49
C ILE A 667 23.02 28.81 -24.14
N CYS A 668 23.64 29.95 -23.84
CA CYS A 668 24.35 30.14 -22.58
C CYS A 668 24.07 31.55 -22.08
N ALA A 669 23.93 31.68 -20.76
CA ALA A 669 23.59 32.95 -20.13
C ALA A 669 24.76 33.47 -19.31
N SER A 670 24.79 34.79 -19.14
CA SER A 670 25.83 35.45 -18.35
C SER A 670 25.33 36.84 -17.99
N TYR A 671 25.96 37.44 -16.98
CA TYR A 671 25.62 38.77 -16.51
C TYR A 671 26.76 39.71 -16.91
N GLN A 672 26.65 40.27 -18.11
CA GLN A 672 27.68 41.16 -18.64
C GLN A 672 27.05 42.49 -19.04
N THR A 673 27.90 43.45 -19.40
CA THR A 673 27.46 44.77 -19.80
C THR A 673 26.86 44.74 -21.20
N SER A 686 23.76 49.75 -17.70
CA SER A 686 23.33 48.77 -16.71
C SER A 686 23.49 47.35 -17.24
N GLN A 687 24.17 46.50 -16.48
CA GLN A 687 24.37 45.12 -16.90
C GLN A 687 23.09 44.31 -16.72
N SER A 688 22.84 43.40 -17.65
CA SER A 688 21.64 42.57 -17.63
C SER A 688 22.00 41.17 -18.09
N ILE A 689 21.13 40.21 -17.73
CA ILE A 689 21.35 38.83 -18.13
C ILE A 689 21.15 38.70 -19.63
N ILE A 690 22.14 38.15 -20.32
CA ILE A 690 22.08 38.02 -21.77
C ILE A 690 22.01 36.54 -22.14
N ALA A 691 21.80 36.26 -23.42
CA ALA A 691 21.76 34.88 -23.92
C ALA A 691 22.52 34.84 -25.24
N TYR A 692 23.57 34.02 -25.30
CA TYR A 692 24.44 33.97 -26.45
C TYR A 692 24.68 32.52 -26.85
N THR A 693 25.01 32.33 -28.14
CA THR A 693 25.37 31.02 -28.65
C THR A 693 26.75 30.63 -28.13
N MET A 694 26.85 29.42 -27.56
CA MET A 694 28.10 28.98 -26.98
C MET A 694 29.19 28.87 -28.03
N SER A 695 30.30 29.55 -27.80
CA SER A 695 31.44 29.54 -28.71
C SER A 695 32.33 28.34 -28.39
N LEU A 696 32.62 27.53 -29.41
CA LEU A 696 33.46 26.35 -29.22
C LEU A 696 34.94 26.68 -29.11
N GLY A 697 35.32 27.94 -29.29
CA GLY A 697 36.70 28.36 -29.21
C GLY A 697 37.01 29.34 -30.31
N ALA A 698 38.30 29.57 -30.52
CA ALA A 698 38.75 30.47 -31.58
C ALA A 698 38.75 29.75 -32.92
N GLU A 699 39.09 30.47 -34.00
CA GLU A 699 39.11 29.88 -35.34
C GLU A 699 40.52 30.02 -35.88
N ASN A 700 41.36 29.02 -35.60
CA ASN A 700 42.71 28.96 -36.11
C ASN A 700 42.76 28.08 -37.37
N SER A 701 43.68 28.43 -38.26
CA SER A 701 43.80 27.72 -39.53
C SER A 701 45.28 27.40 -39.76
N VAL A 702 45.64 26.12 -39.58
CA VAL A 702 47.00 25.71 -39.84
C VAL A 702 47.27 25.71 -41.34
N ALA A 703 48.40 26.31 -41.73
CA ALA A 703 48.78 26.44 -43.13
C ALA A 703 49.49 25.15 -43.54
N TYR A 704 48.74 24.21 -44.10
CA TYR A 704 49.29 22.95 -44.55
C TYR A 704 49.91 23.13 -45.93
N SER A 705 51.22 22.93 -46.02
CA SER A 705 51.95 22.99 -47.29
C SER A 705 52.76 21.72 -47.48
N ASN A 706 53.08 21.42 -48.73
CA ASN A 706 53.88 20.23 -49.03
C ASN A 706 55.27 20.31 -48.42
N ASN A 707 55.84 21.52 -48.30
CA ASN A 707 57.16 21.71 -47.70
C ASN A 707 57.05 22.83 -46.66
N SER A 708 56.69 22.45 -45.44
CA SER A 708 56.53 23.40 -44.34
C SER A 708 56.56 22.66 -43.02
N ILE A 709 57.40 23.11 -42.09
CA ILE A 709 57.51 22.52 -40.78
C ILE A 709 57.59 23.63 -39.75
N ALA A 710 57.01 23.37 -38.57
CA ALA A 710 56.98 24.33 -37.46
C ALA A 710 57.72 23.71 -36.28
N ILE A 711 59.03 23.93 -36.23
CA ILE A 711 59.87 23.40 -35.15
C ILE A 711 59.92 24.42 -34.02
N PRO A 712 59.60 24.04 -32.79
CA PRO A 712 59.64 25.00 -31.68
C PRO A 712 61.06 25.47 -31.40
N THR A 713 61.16 26.72 -30.94
CA THR A 713 62.44 27.32 -30.59
C THR A 713 62.60 27.58 -29.10
N ASN A 714 61.52 27.64 -28.33
CA ASN A 714 61.60 27.86 -26.90
C ASN A 714 60.58 26.94 -26.21
N PHE A 715 60.72 26.83 -24.90
CA PHE A 715 59.88 25.96 -24.09
C PHE A 715 59.32 26.74 -22.91
N THR A 716 58.19 26.26 -22.39
CA THR A 716 57.55 26.90 -21.23
C THR A 716 57.13 25.79 -20.26
N ILE A 717 57.98 25.55 -19.26
CA ILE A 717 57.67 24.55 -18.25
C ILE A 717 56.48 25.05 -17.42
N SER A 718 55.39 24.30 -17.45
CA SER A 718 54.17 24.67 -16.74
C SER A 718 53.78 23.56 -15.77
N VAL A 719 53.11 23.95 -14.70
CA VAL A 719 52.64 23.03 -13.67
C VAL A 719 51.13 23.15 -13.58
N THR A 720 50.44 22.04 -13.82
CA THR A 720 48.98 21.97 -13.72
C THR A 720 48.60 21.15 -12.50
N THR A 721 47.34 21.28 -12.10
CA THR A 721 46.83 20.60 -10.91
C THR A 721 45.55 19.86 -11.26
N GLU A 722 45.47 18.60 -10.85
CA GLU A 722 44.27 17.80 -10.98
C GLU A 722 43.78 17.38 -9.60
N ILE A 723 42.47 17.29 -9.43
CA ILE A 723 41.85 17.04 -8.13
C ILE A 723 41.01 15.76 -8.29
N LEU A 724 41.45 14.67 -7.66
CA LEU A 724 40.73 13.41 -7.76
C LEU A 724 40.33 12.93 -6.37
N PRO A 725 39.05 12.64 -6.13
CA PRO A 725 38.65 12.08 -4.84
C PRO A 725 39.21 10.68 -4.65
N VAL A 726 39.52 10.35 -3.40
CA VAL A 726 40.10 9.06 -3.04
C VAL A 726 39.22 8.31 -2.04
N SER A 727 38.92 8.94 -0.91
CA SER A 727 38.20 8.30 0.18
C SER A 727 36.84 8.97 0.37
N MET A 728 36.12 8.51 1.39
CA MET A 728 34.78 9.02 1.69
C MET A 728 34.53 8.83 3.18
N THR A 729 33.67 9.69 3.73
CA THR A 729 33.31 9.57 5.14
C THR A 729 32.64 8.23 5.41
N LYS A 730 33.27 7.43 6.27
CA LYS A 730 32.79 6.08 6.57
C LYS A 730 31.59 6.20 7.50
N THR A 731 30.41 6.35 6.91
CA THR A 731 29.18 6.46 7.68
C THR A 731 28.82 5.12 8.32
N SER A 732 28.24 5.18 9.51
CA SER A 732 27.80 4.00 10.24
C SER A 732 26.51 4.35 10.97
N VAL A 733 25.42 3.67 10.61
CA VAL A 733 24.12 3.94 11.18
C VAL A 733 23.82 2.90 12.25
N ASP A 734 22.82 3.19 13.07
CA ASP A 734 22.38 2.28 14.13
C ASP A 734 20.92 1.93 13.87
N CYS A 735 20.65 0.66 13.59
CA CYS A 735 19.30 0.22 13.27
C CYS A 735 18.36 0.41 14.44
N THR A 736 18.88 0.28 15.66
CA THR A 736 18.02 0.33 16.84
C THR A 736 17.53 1.74 17.12
N MET A 737 18.46 2.69 17.28
CA MET A 737 18.10 4.04 17.70
C MET A 737 17.49 4.87 16.58
N TYR A 738 17.93 4.69 15.33
CA TYR A 738 17.36 5.45 14.23
C TYR A 738 15.91 5.07 13.99
N ILE A 739 15.64 3.77 13.85
CA ILE A 739 14.27 3.31 13.62
C ILE A 739 13.43 3.53 14.89
N CYS A 740 13.98 3.16 16.04
CA CYS A 740 13.28 3.31 17.32
C CYS A 740 14.06 4.31 18.18
N GLY A 741 13.58 5.55 18.19
CA GLY A 741 14.23 6.59 18.95
C GLY A 741 13.75 6.61 20.37
N ASP A 742 14.53 6.04 21.29
CA ASP A 742 14.21 6.01 22.72
C ASP A 742 12.84 5.40 22.97
N SER A 743 12.71 4.12 22.62
CA SER A 743 11.45 3.39 22.76
C SER A 743 11.76 1.92 22.97
N THR A 744 11.12 1.32 23.98
CA THR A 744 11.39 -0.08 24.30
C THR A 744 10.51 -1.02 23.49
N GLU A 745 9.20 -0.76 23.44
CA GLU A 745 8.29 -1.64 22.71
C GLU A 745 8.59 -1.63 21.22
N CYS A 746 9.08 -0.49 20.71
CA CYS A 746 9.43 -0.40 19.30
C CYS A 746 10.54 -1.38 18.94
N SER A 747 11.49 -1.59 19.86
CA SER A 747 12.55 -2.56 19.62
C SER A 747 11.99 -3.98 19.54
N ASN A 748 11.06 -4.31 20.44
CA ASN A 748 10.44 -5.63 20.41
C ASN A 748 9.66 -5.82 19.11
N LEU A 749 8.97 -4.77 18.65
CA LEU A 749 8.22 -4.88 17.40
C LEU A 749 9.15 -5.01 16.19
N LEU A 750 10.29 -4.32 16.21
CA LEU A 750 11.26 -4.43 15.13
C LEU A 750 11.92 -5.80 15.12
N LEU A 751 12.04 -6.44 16.29
CA LEU A 751 12.59 -7.79 16.34
C LEU A 751 11.76 -8.77 15.52
N GLN A 752 10.44 -8.54 15.47
CA GLN A 752 9.58 -9.41 14.68
C GLN A 752 9.75 -9.16 13.18
N TYR A 753 10.24 -7.98 12.82
CA TYR A 753 10.46 -7.67 11.41
C TYR A 753 11.60 -8.51 10.86
N GLY A 754 11.73 -8.51 9.52
CA GLY A 754 12.77 -9.27 8.86
C GLY A 754 14.16 -8.82 9.23
N SER A 755 15.14 -9.69 9.00
CA SER A 755 16.52 -9.38 9.35
C SER A 755 17.13 -8.40 8.36
N PHE A 756 16.68 -7.14 8.39
CA PHE A 756 17.23 -6.11 7.54
C PHE A 756 18.30 -5.27 8.24
N CYS A 757 18.42 -5.36 9.55
CA CYS A 757 19.44 -4.65 10.30
C CYS A 757 20.82 -5.28 10.16
N THR A 758 20.90 -6.53 9.72
CA THR A 758 22.17 -7.23 9.58
C THR A 758 22.78 -7.10 8.19
N GLN A 759 21.97 -6.81 7.17
CA GLN A 759 22.52 -6.62 5.83
C GLN A 759 22.97 -5.19 5.61
N LEU A 760 22.26 -4.21 6.19
CA LEU A 760 22.64 -2.81 6.01
C LEU A 760 23.91 -2.50 6.78
N LYS A 761 24.03 -3.01 8.00
CA LYS A 761 25.27 -2.83 8.75
C LYS A 761 26.45 -3.48 8.05
N ARG A 762 26.23 -4.66 7.48
CA ARG A 762 27.31 -5.34 6.76
C ARG A 762 27.70 -4.57 5.49
N ALA A 763 26.72 -4.01 4.80
CA ALA A 763 27.02 -3.21 3.61
C ALA A 763 27.80 -1.95 3.99
N LEU A 764 27.39 -1.28 5.08
CA LEU A 764 28.13 -0.10 5.51
C LEU A 764 29.54 -0.44 5.96
N THR A 765 29.72 -1.57 6.66
CA THR A 765 31.05 -2.02 7.03
C THR A 765 31.91 -2.34 5.82
N GLY A 766 31.33 -2.98 4.79
CA GLY A 766 32.08 -3.21 3.56
C GLY A 766 32.47 -1.91 2.87
N ILE A 767 31.57 -0.94 2.87
CA ILE A 767 31.87 0.37 2.30
C ILE A 767 33.02 1.03 3.06
N ALA A 768 32.99 0.94 4.39
CA ALA A 768 34.03 1.54 5.21
C ALA A 768 35.38 0.87 4.96
N VAL A 769 35.38 -0.46 4.86
CA VAL A 769 36.62 -1.19 4.60
C VAL A 769 37.16 -0.83 3.22
N GLU A 770 36.26 -0.68 2.24
CA GLU A 770 36.70 -0.29 0.90
C GLU A 770 37.30 1.11 0.89
N GLN A 771 36.67 2.04 1.62
CA GLN A 771 37.21 3.39 1.71
C GLN A 771 38.55 3.42 2.43
N ASP A 772 38.74 2.58 3.44
CA ASP A 772 40.06 2.44 4.07
C ASP A 772 41.07 1.75 3.17
N LYS A 773 40.60 0.93 2.22
CA LYS A 773 41.49 0.28 1.27
C LYS A 773 41.91 1.24 0.16
N ASN A 774 41.06 2.20 -0.18
CA ASN A 774 41.41 3.16 -1.23
C ASN A 774 42.58 4.02 -0.82
N THR A 775 42.75 4.29 0.47
CA THR A 775 43.89 5.06 0.95
C THR A 775 45.16 4.24 1.02
N GLN A 776 45.06 2.92 1.13
CA GLN A 776 46.21 2.04 1.19
C GLN A 776 46.75 1.68 -0.19
N GLU A 777 46.02 2.01 -1.26
CA GLU A 777 46.46 1.71 -2.61
C GLU A 777 46.94 2.92 -3.39
N VAL A 778 46.57 4.13 -2.94
CA VAL A 778 46.99 5.35 -3.63
C VAL A 778 48.24 5.90 -2.98
N PHE A 779 48.20 6.09 -1.66
CA PHE A 779 49.34 6.64 -0.93
C PHE A 779 50.32 5.56 -0.48
N ALA A 780 49.82 4.48 0.11
CA ALA A 780 50.67 3.42 0.64
C ALA A 780 51.13 2.51 -0.50
N GLN A 781 52.05 3.04 -1.29
CA GLN A 781 52.65 2.29 -2.39
C GLN A 781 54.13 1.99 -2.20
N VAL A 782 54.79 2.66 -1.27
CA VAL A 782 56.20 2.42 -0.97
C VAL A 782 56.30 1.70 0.36
N LYS A 783 57.35 0.90 0.51
CA LYS A 783 57.57 0.13 1.72
C LYS A 783 58.44 0.85 2.75
N GLN A 784 59.35 1.71 2.30
CA GLN A 784 60.26 2.44 3.19
C GLN A 784 59.92 3.92 3.14
N ILE A 785 59.80 4.54 4.31
CA ILE A 785 59.51 5.97 4.39
C ILE A 785 60.83 6.73 4.25
N TYR A 786 60.99 7.44 3.15
CA TYR A 786 62.21 8.19 2.88
C TYR A 786 62.10 9.60 3.44
N LYS A 787 63.27 10.21 3.66
CA LYS A 787 63.36 11.56 4.19
C LYS A 787 64.26 12.41 3.30
N THR A 788 64.05 13.71 3.33
CA THR A 788 64.85 14.63 2.54
C THR A 788 66.16 14.95 3.25
N PRO A 789 67.22 15.20 2.49
CA PRO A 789 68.51 15.55 3.10
C PRO A 789 68.43 16.89 3.81
N PRO A 790 69.32 17.13 4.78
CA PRO A 790 69.28 18.42 5.50
C PRO A 790 69.56 19.61 4.59
N ILE A 791 70.65 19.54 3.83
CA ILE A 791 70.99 20.59 2.88
C ILE A 791 70.08 20.44 1.66
N LYS A 792 69.03 21.26 1.61
CA LYS A 792 68.03 21.18 0.53
C LYS A 792 68.49 22.03 -0.66
N TYR A 793 69.61 21.60 -1.25
CA TYR A 793 70.14 22.22 -2.45
C TYR A 793 70.00 21.24 -3.60
N PHE A 794 68.85 21.28 -4.26
CA PHE A 794 68.53 20.38 -5.37
C PHE A 794 68.93 20.98 -6.71
N GLY A 795 70.19 21.40 -6.81
CA GLY A 795 70.72 21.95 -8.04
C GLY A 795 70.38 23.40 -8.26
N GLY A 796 69.15 23.67 -8.70
CA GLY A 796 68.71 25.03 -8.89
C GLY A 796 67.23 25.22 -8.59
N PHE A 797 66.58 24.19 -8.06
CA PHE A 797 65.15 24.23 -7.81
C PHE A 797 64.87 24.47 -6.33
N ASN A 798 63.66 24.95 -6.05
CA ASN A 798 63.22 25.28 -4.71
C ASN A 798 61.88 24.59 -4.46
N PHE A 799 61.92 23.44 -3.79
CA PHE A 799 60.71 22.69 -3.44
C PHE A 799 60.21 23.01 -2.05
N SER A 800 60.49 24.21 -1.54
CA SER A 800 60.10 24.54 -0.18
C SER A 800 58.59 24.57 0.01
N GLN A 801 57.84 24.76 -1.10
CA GLN A 801 56.39 24.83 -1.00
C GLN A 801 55.73 23.45 -0.98
N ILE A 802 56.43 22.41 -1.45
CA ILE A 802 55.85 21.07 -1.45
C ILE A 802 56.44 20.17 -0.38
N LEU A 803 57.63 20.47 0.13
CA LEU A 803 58.25 19.69 1.19
C LEU A 803 57.60 20.01 2.53
N PRO A 804 57.60 19.06 3.46
CA PRO A 804 56.99 19.32 4.77
C PRO A 804 57.73 20.41 5.53
N ASP A 805 56.95 21.31 6.13
CA ASP A 805 57.53 22.43 6.86
C ASP A 805 57.71 22.05 8.32
N PRO A 806 58.94 22.08 8.85
CA PRO A 806 59.13 21.63 10.24
C PRO A 806 58.69 22.63 11.28
N SER A 807 58.33 23.85 10.88
CA SER A 807 57.93 24.88 11.84
C SER A 807 56.62 24.50 12.52
N LYS A 808 55.55 24.32 11.74
CA LYS A 808 54.27 23.97 12.32
C LYS A 808 54.29 22.50 12.76
N PRO A 809 53.56 22.15 13.83
CA PRO A 809 53.55 20.74 14.27
C PRO A 809 52.75 19.81 13.36
N SER A 810 52.04 20.34 12.36
CA SER A 810 51.27 19.50 11.45
C SER A 810 52.15 18.73 10.46
N LYS A 811 53.40 19.15 10.27
CA LYS A 811 54.34 18.48 9.39
C LYS A 811 53.79 18.36 7.97
N ARG A 812 53.23 19.46 7.48
CA ARG A 812 52.70 19.55 6.13
C ARG A 812 53.47 20.60 5.33
N SER A 813 53.07 20.78 4.08
CA SER A 813 53.70 21.75 3.18
C SER A 813 52.84 22.99 3.04
N PRO A 814 53.44 24.14 2.70
CA PRO A 814 52.65 25.37 2.53
C PRO A 814 51.53 25.22 1.51
N ILE A 815 51.76 24.45 0.46
CA ILE A 815 50.71 24.21 -0.53
C ILE A 815 49.59 23.38 0.07
N GLU A 816 49.94 22.35 0.83
CA GLU A 816 48.91 21.53 1.48
C GLU A 816 48.18 22.30 2.56
N ASP A 817 48.79 23.35 3.10
CA ASP A 817 48.13 24.15 4.13
C ASP A 817 46.89 24.84 3.57
N LEU A 818 47.01 25.40 2.36
CA LEU A 818 45.87 26.06 1.74
C LEU A 818 44.79 25.06 1.34
N LEU A 819 45.18 23.80 1.14
CA LEU A 819 44.22 22.77 0.75
C LEU A 819 43.29 22.39 1.89
N PHE A 820 43.82 22.28 3.11
CA PHE A 820 42.99 21.92 4.25
C PHE A 820 42.17 23.09 4.78
N ASN A 821 42.59 24.32 4.48
CA ASN A 821 41.84 25.48 4.97
C ASN A 821 40.58 25.71 4.15
N LYS A 822 40.66 25.53 2.83
CA LYS A 822 39.49 25.74 1.98
C LYS A 822 38.47 24.63 2.14
N VAL A 823 38.92 23.38 2.02
CA VAL A 823 38.03 22.23 2.15
C VAL A 823 37.57 22.13 3.60
N THR A 824 36.28 22.33 3.84
CA THR A 824 35.73 22.28 5.19
C THR A 824 35.57 20.84 5.65
N ARG A 844 23.00 23.87 18.87
CA ARG A 844 23.73 22.61 18.83
C ARG A 844 24.25 22.35 17.41
N ASP A 845 25.47 21.84 17.32
CA ASP A 845 26.09 21.57 16.03
C ASP A 845 25.35 20.44 15.31
N LEU A 846 25.50 20.43 13.98
CA LEU A 846 24.82 19.43 13.17
C LEU A 846 25.42 18.04 13.36
N ILE A 847 26.73 17.96 13.62
CA ILE A 847 27.38 16.67 13.78
C ILE A 847 26.83 15.93 15.00
N CYS A 848 26.76 16.62 16.14
CA CYS A 848 26.23 16.00 17.34
C CYS A 848 24.74 15.69 17.20
N ALA A 849 24.00 16.53 16.47
CA ALA A 849 22.58 16.27 16.25
C ALA A 849 22.39 15.00 15.41
N GLN A 850 23.20 14.81 14.38
CA GLN A 850 23.13 13.59 13.59
C GLN A 850 23.60 12.38 14.39
N LYS A 851 24.57 12.60 15.29
CA LYS A 851 25.03 11.50 16.15
C LYS A 851 23.93 11.04 17.09
N PHE A 852 23.17 11.99 17.65
CA PHE A 852 22.09 11.64 18.56
C PHE A 852 20.98 10.86 17.88
N LYS A 853 20.86 10.94 16.56
CA LYS A 853 19.83 10.24 15.83
C LYS A 853 20.25 8.86 15.34
N GLY A 854 21.53 8.50 15.50
CA GLY A 854 22.01 7.20 15.09
C GLY A 854 23.10 7.27 14.03
N LEU A 855 23.04 8.29 13.18
CA LEU A 855 24.01 8.44 12.10
C LEU A 855 25.35 8.85 12.69
N THR A 856 26.31 7.94 12.66
CA THR A 856 27.66 8.19 13.17
C THR A 856 28.66 8.19 12.02
N VAL A 857 29.85 8.71 12.29
CA VAL A 857 30.92 8.82 11.31
C VAL A 857 32.15 8.18 11.92
N LEU A 858 32.52 6.99 11.43
CA LEU A 858 33.71 6.32 11.93
C LEU A 858 34.97 7.04 11.45
N PRO A 859 35.96 7.19 12.32
CA PRO A 859 37.19 7.88 11.92
C PRO A 859 38.01 7.02 10.99
N PRO A 860 38.77 7.64 10.07
CA PRO A 860 39.60 6.84 9.14
C PRO A 860 40.73 6.13 9.85
N LEU A 861 41.39 5.21 9.14
CA LEU A 861 42.51 4.47 9.71
C LEU A 861 43.78 5.30 9.63
N LEU A 862 44.11 5.76 8.42
CA LEU A 862 45.30 6.60 8.23
C LEU A 862 44.94 8.04 8.55
N THR A 863 45.50 8.57 9.63
CA THR A 863 45.25 9.95 10.02
C THR A 863 45.91 10.91 9.03
N ASP A 864 45.62 12.20 9.21
CA ASP A 864 46.20 13.21 8.34
C ASP A 864 47.73 13.26 8.46
N GLU A 865 48.25 12.99 9.66
CA GLU A 865 49.71 12.97 9.83
C GLU A 865 50.34 11.83 9.06
N MET A 866 49.70 10.65 9.08
CA MET A 866 50.26 9.51 8.35
C MET A 866 50.16 9.72 6.85
N ILE A 867 49.07 10.34 6.37
CA ILE A 867 48.96 10.65 4.95
C ILE A 867 50.01 11.68 4.55
N ALA A 868 50.27 12.67 5.42
CA ALA A 868 51.30 13.64 5.14
C ALA A 868 52.68 12.99 5.08
N GLN A 869 52.96 12.06 5.98
CA GLN A 869 54.23 11.34 5.95
C GLN A 869 54.34 10.47 4.69
N TYR A 870 53.25 9.85 4.27
CA TYR A 870 53.26 9.07 3.03
C TYR A 870 53.55 9.96 1.82
N THR A 871 52.92 11.14 1.77
CA THR A 871 53.16 12.05 0.66
C THR A 871 54.58 12.58 0.67
N SER A 872 55.12 12.86 1.86
CA SER A 872 56.50 13.33 1.96
C SER A 872 57.48 12.24 1.55
N ALA A 873 57.14 10.97 1.82
CA ALA A 873 58.00 9.87 1.41
C ALA A 873 58.03 9.75 -0.11
N LEU A 874 56.90 9.99 -0.76
CA LEU A 874 56.85 9.95 -2.23
C LEU A 874 57.63 11.11 -2.82
N LEU A 875 57.54 12.29 -2.20
CA LEU A 875 58.29 13.44 -2.69
C LEU A 875 59.78 13.28 -2.45
N ALA A 876 60.17 12.63 -1.34
CA ALA A 876 61.58 12.41 -1.08
C ALA A 876 62.17 11.41 -2.08
N GLY A 877 61.38 10.42 -2.49
CA GLY A 877 61.86 9.48 -3.49
C GLY A 877 61.80 10.03 -4.90
N THR A 878 60.98 11.06 -5.12
CA THR A 878 60.90 11.67 -6.45
C THR A 878 62.03 12.66 -6.67
N ILE A 879 62.43 13.39 -5.62
CA ILE A 879 63.51 14.36 -5.76
C ILE A 879 64.88 13.67 -5.73
N THR A 880 65.12 12.88 -4.69
CA THR A 880 66.42 12.20 -4.57
C THR A 880 66.56 11.13 -5.64
N SER A 881 65.67 10.14 -5.64
CA SER A 881 65.69 9.09 -6.65
C SER A 881 64.83 9.47 -7.84
N GLY A 882 64.57 8.52 -8.73
CA GLY A 882 63.75 8.76 -9.89
C GLY A 882 62.67 7.70 -10.05
N TRP A 883 62.63 7.06 -11.21
CA TRP A 883 61.73 5.94 -11.46
C TRP A 883 62.26 4.62 -10.92
N THR A 884 63.25 4.67 -10.03
CA THR A 884 63.88 3.46 -9.51
C THR A 884 63.33 3.04 -8.15
N PHE A 885 62.83 3.97 -7.34
CA PHE A 885 62.31 3.63 -6.03
C PHE A 885 60.88 3.07 -6.07
N GLY A 886 60.28 3.03 -7.25
CA GLY A 886 58.96 2.45 -7.39
C GLY A 886 59.00 1.04 -7.93
N ALA A 887 60.10 0.70 -8.62
CA ALA A 887 60.27 -0.64 -9.16
C ALA A 887 61.03 -1.53 -8.19
N GLY A 888 62.19 -1.08 -7.72
CA GLY A 888 63.01 -1.85 -6.82
C GLY A 888 63.65 -1.00 -5.74
N PRO A 889 64.95 -1.19 -5.53
CA PRO A 889 65.65 -0.43 -4.48
C PRO A 889 65.80 1.03 -4.89
N ALA A 890 65.69 1.93 -3.91
CA ALA A 890 65.81 3.36 -4.16
C ALA A 890 67.27 3.72 -4.40
N LEU A 891 67.58 4.20 -5.60
CA LEU A 891 68.92 4.63 -5.95
C LEU A 891 69.06 6.13 -5.64
N GLN A 892 70.24 6.68 -5.93
CA GLN A 892 70.50 8.10 -5.73
C GLN A 892 70.99 8.70 -7.05
N ILE A 893 70.49 9.88 -7.39
CA ILE A 893 70.84 10.54 -8.63
C ILE A 893 70.63 12.05 -8.46
N PRO A 894 71.57 12.88 -8.89
CA PRO A 894 71.38 14.34 -8.77
C PRO A 894 70.18 14.80 -9.57
N PHE A 895 69.48 15.80 -9.03
CA PHE A 895 68.28 16.29 -9.69
C PHE A 895 68.57 16.94 -11.05
N PRO A 896 69.61 17.76 -11.22
CA PRO A 896 69.95 18.19 -12.59
C PRO A 896 70.28 17.04 -13.51
N MET A 897 70.86 15.96 -12.99
CA MET A 897 71.11 14.75 -13.76
C MET A 897 69.90 13.85 -13.83
N GLN A 898 68.80 14.20 -13.15
CA GLN A 898 67.59 13.39 -13.14
C GLN A 898 66.55 13.83 -14.15
N MET A 899 66.36 15.13 -14.34
CA MET A 899 65.41 15.61 -15.35
C MET A 899 65.93 15.45 -16.77
N ALA A 900 67.24 15.27 -16.95
CA ALA A 900 67.77 15.03 -18.29
C ALA A 900 67.26 13.72 -18.86
N TYR A 901 67.22 12.65 -18.05
CA TYR A 901 66.63 11.39 -18.46
C TYR A 901 65.12 11.49 -18.63
N ARG A 902 64.48 12.48 -18.00
CA ARG A 902 63.07 12.76 -18.24
C ARG A 902 62.86 13.62 -19.46
N PHE A 903 63.80 14.51 -19.77
CA PHE A 903 63.75 15.25 -21.03
C PHE A 903 64.01 14.34 -22.22
N ASN A 904 64.80 13.28 -22.04
CA ASN A 904 65.09 12.34 -23.10
C ASN A 904 63.99 11.29 -23.22
N GLY A 905 62.83 11.57 -22.61
CA GLY A 905 61.70 10.67 -22.70
C GLY A 905 60.58 11.25 -23.55
N ILE A 906 60.62 12.56 -23.77
CA ILE A 906 59.63 13.23 -24.61
C ILE A 906 60.12 13.48 -26.03
N GLY A 907 61.40 13.23 -26.30
CA GLY A 907 61.96 13.45 -27.62
C GLY A 907 62.96 14.59 -27.72
N VAL A 908 63.39 15.16 -26.59
CA VAL A 908 64.35 16.26 -26.57
C VAL A 908 65.67 15.73 -26.00
N THR A 909 66.77 16.03 -26.69
CA THR A 909 68.07 15.60 -26.21
C THR A 909 68.43 16.31 -24.90
N GLN A 910 69.38 15.73 -24.19
CA GLN A 910 69.77 16.20 -22.86
C GLN A 910 70.70 17.40 -22.90
N ASN A 911 71.04 17.91 -24.09
CA ASN A 911 71.85 19.11 -24.22
C ASN A 911 71.02 20.38 -24.15
N VAL A 912 69.81 20.31 -23.60
CA VAL A 912 68.94 21.45 -23.45
C VAL A 912 68.76 21.81 -21.97
N LEU A 913 68.61 20.80 -21.12
CA LEU A 913 68.46 21.06 -19.69
C LEU A 913 69.77 21.54 -19.08
N TYR A 914 70.89 20.92 -19.45
CA TYR A 914 72.18 21.31 -18.88
C TYR A 914 72.56 22.72 -19.30
N GLU A 915 72.25 23.10 -20.53
CA GLU A 915 72.56 24.45 -21.00
C GLU A 915 71.61 25.46 -20.37
N ASN A 916 70.31 25.28 -20.56
CA ASN A 916 69.29 26.18 -20.02
C ASN A 916 68.82 25.72 -18.64
N GLN A 917 69.76 25.54 -17.71
CA GLN A 917 69.40 25.05 -16.38
C GLN A 917 68.76 26.14 -15.54
N LYS A 918 69.37 27.33 -15.52
CA LYS A 918 68.84 28.43 -14.72
C LYS A 918 67.47 28.87 -15.22
N LEU A 919 67.28 28.88 -16.54
CA LEU A 919 66.00 29.29 -17.09
C LEU A 919 64.90 28.33 -16.69
N ILE A 920 65.15 27.02 -16.83
CA ILE A 920 64.15 26.03 -16.45
C ILE A 920 63.88 26.07 -14.95
N ALA A 921 64.94 26.30 -14.16
CA ALA A 921 64.76 26.40 -12.71
C ALA A 921 63.88 27.58 -12.34
N ASN A 922 64.13 28.74 -12.96
CA ASN A 922 63.32 29.92 -12.68
C ASN A 922 61.88 29.73 -13.14
N GLN A 923 61.69 29.08 -14.29
CA GLN A 923 60.33 28.82 -14.77
C GLN A 923 59.58 27.89 -13.82
N PHE A 924 60.26 26.84 -13.33
CA PHE A 924 59.63 25.93 -12.39
C PHE A 924 59.29 26.63 -11.08
N ASN A 925 60.20 27.47 -10.59
CA ASN A 925 59.93 28.22 -9.37
C ASN A 925 58.73 29.15 -9.54
N SER A 926 58.66 29.84 -10.68
CA SER A 926 57.53 30.73 -10.93
C SER A 926 56.22 29.95 -11.03
N ALA A 927 56.27 28.77 -11.66
CA ALA A 927 55.06 27.95 -11.77
C ALA A 927 54.60 27.47 -10.39
N ILE A 928 55.55 27.03 -9.56
CA ILE A 928 55.20 26.59 -8.21
C ILE A 928 54.63 27.75 -7.40
N GLY A 929 55.19 28.94 -7.58
CA GLY A 929 54.68 30.10 -6.88
C GLY A 929 53.27 30.47 -7.30
N LYS A 930 53.02 30.42 -8.62
CA LYS A 930 51.69 30.75 -9.12
C LYS A 930 50.66 29.69 -8.79
N ILE A 931 51.08 28.43 -8.61
CA ILE A 931 50.12 27.37 -8.27
C ILE A 931 49.47 27.65 -6.92
N GLN A 932 50.26 28.06 -5.93
CA GLN A 932 49.72 28.33 -4.61
C GLN A 932 48.75 29.50 -4.64
N ASP A 933 49.06 30.52 -5.46
CA ASP A 933 48.18 31.67 -5.59
C ASP A 933 46.87 31.28 -6.29
N SER A 934 46.97 30.43 -7.31
CA SER A 934 45.77 30.00 -8.03
C SER A 934 44.89 29.11 -7.16
N LEU A 935 45.51 28.34 -6.27
CA LEU A 935 44.75 27.46 -5.39
C LEU A 935 44.39 28.17 -4.09
N SER A 936 44.46 29.50 -4.08
CA SER A 936 44.13 30.28 -2.89
C SER A 936 42.93 31.18 -3.13
N SER A 937 42.99 31.97 -4.21
CA SER A 937 41.96 32.97 -4.45
C SER A 937 40.79 32.40 -5.25
N THR A 938 41.04 31.40 -6.08
CA THR A 938 40.01 30.84 -6.93
C THR A 938 38.98 30.11 -6.06
N PRO A 939 37.71 30.53 -6.08
CA PRO A 939 36.69 29.84 -5.28
C PRO A 939 36.42 28.43 -5.76
N SER A 940 36.21 28.27 -7.07
CA SER A 940 35.89 26.98 -7.66
C SER A 940 37.15 26.21 -8.07
N ALA A 941 38.07 26.03 -7.13
CA ALA A 941 39.28 25.26 -7.37
C ALA A 941 39.18 23.86 -6.79
N LEU A 942 38.86 23.76 -5.51
CA LEU A 942 38.66 22.46 -4.86
C LEU A 942 37.17 22.12 -4.86
N GLY A 943 36.65 21.87 -6.06
CA GLY A 943 35.25 21.64 -6.25
C GLY A 943 34.81 20.20 -6.00
N LYS A 944 35.54 19.24 -6.58
CA LYS A 944 35.17 17.84 -6.43
C LYS A 944 35.38 17.34 -5.01
N LEU A 945 36.48 17.74 -4.36
CA LEU A 945 36.72 17.39 -2.97
C LEU A 945 35.73 18.04 -2.03
N GLN A 946 35.12 19.15 -2.44
CA GLN A 946 33.99 19.72 -1.70
C GLN A 946 32.65 19.12 -2.12
N ASP A 947 32.51 18.70 -3.39
CA ASP A 947 31.27 18.07 -3.82
C ASP A 947 31.07 16.71 -3.16
N VAL A 948 32.15 15.96 -2.95
CA VAL A 948 32.02 14.65 -2.32
C VAL A 948 31.66 14.81 -0.84
N VAL A 949 32.04 15.93 -0.23
CA VAL A 949 31.66 16.19 1.15
C VAL A 949 30.23 16.69 1.23
N ASN A 950 29.83 17.54 0.28
CA ASN A 950 28.45 18.03 0.26
C ASN A 950 27.47 16.92 -0.04
N HIS A 951 27.84 15.96 -0.88
CA HIS A 951 26.98 14.82 -1.16
C HIS A 951 26.78 13.94 0.05
N ASN A 952 27.83 13.70 0.84
CA ASN A 952 27.69 12.97 2.09
C ASN A 952 26.98 13.79 3.17
N ALA A 953 27.07 15.11 3.09
CA ALA A 953 26.35 15.95 4.03
C ALA A 953 24.88 16.02 3.71
N GLN A 954 24.53 16.22 2.44
CA GLN A 954 23.13 16.27 2.05
C GLN A 954 22.45 14.91 2.15
N ALA A 955 23.21 13.82 2.10
CA ALA A 955 22.62 12.51 2.31
C ALA A 955 22.24 12.28 3.77
N LEU A 956 23.07 12.75 4.69
CA LEU A 956 22.74 12.64 6.11
C LEU A 956 21.66 13.65 6.51
N ASN A 957 21.69 14.84 5.92
CA ASN A 957 20.66 15.83 6.20
C ASN A 957 19.31 15.47 5.60
N THR A 958 19.29 14.69 4.53
CA THR A 958 18.02 14.21 3.98
C THR A 958 17.49 13.02 4.79
N LEU A 959 18.39 12.22 5.36
CA LEU A 959 17.96 11.06 6.12
C LEU A 959 17.37 11.46 7.47
N VAL A 960 17.85 12.57 8.04
CA VAL A 960 17.29 13.02 9.32
C VAL A 960 15.98 13.78 9.13
N LYS A 961 15.74 14.35 7.96
CA LYS A 961 14.46 14.99 7.67
C LYS A 961 13.36 13.98 7.42
N GLN A 962 13.68 12.83 6.83
CA GLN A 962 12.70 11.76 6.67
C GLN A 962 12.31 11.13 7.99
N LEU A 963 13.12 11.29 9.04
CA LEU A 963 12.79 10.81 10.36
C LEU A 963 11.61 11.56 10.98
N SER A 964 11.46 12.84 10.66
CA SER A 964 10.37 13.66 11.17
C SER A 964 9.29 13.88 10.13
N SER A 965 9.02 12.86 9.31
CA SER A 965 7.99 12.94 8.28
C SER A 965 7.12 11.70 8.39
N LYS A 966 5.85 11.89 8.69
CA LYS A 966 4.93 10.76 8.86
C LYS A 966 4.70 10.04 7.52
N PHE A 967 5.13 8.79 7.45
CA PHE A 967 4.91 7.98 6.26
C PHE A 967 3.53 7.32 6.33
N GLY A 968 2.48 8.13 6.32
CA GLY A 968 1.13 7.62 6.43
C GLY A 968 0.78 7.14 7.82
N ALA A 969 0.74 8.06 8.78
CA ALA A 969 0.40 7.70 10.15
C ALA A 969 -0.31 8.89 10.80
N ILE A 970 -0.49 8.83 12.12
CA ILE A 970 -1.16 9.90 12.86
C ILE A 970 -0.17 10.90 13.45
N SER A 971 1.11 10.56 13.57
CA SER A 971 2.10 11.46 14.12
C SER A 971 3.49 11.08 13.68
N SER A 972 4.51 11.74 14.24
CA SER A 972 5.90 11.43 13.90
C SER A 972 6.74 11.01 15.10
N VAL A 973 6.34 11.35 16.33
CA VAL A 973 7.09 10.95 17.51
C VAL A 973 6.64 9.54 17.91
N LEU A 974 7.56 8.59 17.88
CA LEU A 974 7.21 7.21 18.21
C LEU A 974 6.88 7.06 19.69
N ASN A 975 7.50 7.89 20.54
CA ASN A 975 7.24 7.85 21.97
C ASN A 975 5.88 8.43 22.34
N ASP A 976 5.20 9.07 21.39
CA ASP A 976 3.86 9.60 21.61
C ASP A 976 2.76 8.70 21.08
N ILE A 977 3.06 7.89 20.06
CA ILE A 977 2.05 6.98 19.52
C ILE A 977 1.70 5.90 20.53
N PHE A 978 2.69 5.43 21.29
CA PHE A 978 2.46 4.42 22.31
C PHE A 978 1.69 4.97 23.52
N SER A 979 1.42 6.26 23.56
CA SER A 979 0.66 6.88 24.64
C SER A 979 -0.62 7.50 24.12
N ARG A 980 -0.98 7.18 22.88
CA ARG A 980 -2.21 7.69 22.28
C ARG A 980 -2.94 6.60 21.51
N LEU A 981 -2.55 5.35 21.73
CA LEU A 981 -3.17 4.21 21.06
C LEU A 981 -3.07 2.98 21.94
N ASP A 982 -4.00 2.05 21.73
CA ASP A 982 -3.93 0.76 22.38
C ASP A 982 -2.98 -0.15 21.61
N PRO A 983 -2.42 -1.17 22.25
CA PRO A 983 -1.47 -2.07 21.58
C PRO A 983 -2.01 -2.64 20.27
N PRO A 984 -3.31 -3.02 20.18
CA PRO A 984 -3.84 -3.43 18.87
C PRO A 984 -3.65 -2.38 17.79
N GLU A 985 -4.08 -1.14 18.04
CA GLU A 985 -3.87 -0.08 17.06
C GLU A 985 -2.41 0.39 17.03
N ALA A 986 -1.67 0.21 18.12
CA ALA A 986 -0.27 0.61 18.13
C ALA A 986 0.55 -0.23 17.14
N GLU A 987 0.32 -1.54 17.15
CA GLU A 987 1.04 -2.43 16.22
C GLU A 987 0.67 -2.11 14.78
N VAL A 988 -0.54 -1.61 14.56
CA VAL A 988 -0.99 -1.31 13.20
C VAL A 988 -0.38 0.00 12.71
N GLN A 989 -0.43 1.04 13.55
CA GLN A 989 0.01 2.36 13.11
C GLN A 989 1.53 2.49 13.13
N ILE A 990 2.22 1.73 13.99
CA ILE A 990 3.67 1.84 14.07
C ILE A 990 4.35 1.13 12.90
N ASP A 991 3.70 0.14 12.28
CA ASP A 991 4.31 -0.56 11.16
C ASP A 991 4.42 0.34 9.94
N ARG A 992 3.45 1.24 9.75
CA ARG A 992 3.47 2.16 8.61
C ARG A 992 4.62 3.15 8.68
N LEU A 993 5.17 3.39 9.87
CA LEU A 993 6.37 4.21 10.01
C LEU A 993 7.65 3.41 9.97
N ILE A 994 7.66 2.22 10.58
CA ILE A 994 8.86 1.39 10.56
C ILE A 994 9.18 0.96 9.13
N THR A 995 8.15 0.58 8.37
CA THR A 995 8.37 0.18 6.98
C THR A 995 8.91 1.34 6.15
N GLY A 996 8.33 2.54 6.33
CA GLY A 996 8.79 3.70 5.59
C GLY A 996 10.24 4.06 5.93
N ARG A 997 10.58 4.03 7.21
CA ARG A 997 11.95 4.32 7.62
C ARG A 997 12.93 3.26 7.14
N LEU A 998 12.53 1.98 7.13
CA LEU A 998 13.41 0.94 6.60
C LEU A 998 13.62 1.11 5.09
N GLN A 999 12.56 1.49 4.37
CA GLN A 999 12.72 1.75 2.94
C GLN A 999 13.61 2.95 2.69
N SER A 1000 13.48 4.01 3.49
CA SER A 1000 14.37 5.16 3.35
C SER A 1000 15.81 4.80 3.66
N LEU A 1001 16.03 3.98 4.68
CA LEU A 1001 17.39 3.55 5.01
C LEU A 1001 17.97 2.67 3.92
N GLN A 1002 17.17 1.79 3.31
CA GLN A 1002 17.66 1.00 2.19
C GLN A 1002 17.98 1.88 0.97
N THR A 1003 17.16 2.90 0.73
CA THR A 1003 17.47 3.85 -0.35
C THR A 1003 18.78 4.58 -0.07
N TYR A 1004 19.00 4.98 1.18
CA TYR A 1004 20.26 5.62 1.54
C TYR A 1004 21.44 4.67 1.35
N VAL A 1005 21.25 3.39 1.70
CA VAL A 1005 22.32 2.41 1.54
C VAL A 1005 22.63 2.19 0.07
N THR A 1006 21.60 2.19 -0.78
CA THR A 1006 21.81 2.03 -2.21
C THR A 1006 22.55 3.23 -2.79
N GLN A 1007 22.15 4.45 -2.40
CA GLN A 1007 22.85 5.64 -2.85
C GLN A 1007 24.30 5.63 -2.38
N GLN A 1008 24.55 5.20 -1.15
CA GLN A 1008 25.91 5.08 -0.64
C GLN A 1008 26.72 4.03 -1.40
N LEU A 1009 26.10 2.92 -1.79
CA LEU A 1009 26.81 1.91 -2.58
C LEU A 1009 27.19 2.47 -3.94
N ILE A 1010 26.27 3.18 -4.60
CA ILE A 1010 26.59 3.76 -5.91
C ILE A 1010 27.70 4.80 -5.77
N ARG A 1011 27.61 5.66 -4.76
CA ARG A 1011 28.65 6.67 -4.54
C ARG A 1011 29.99 6.02 -4.20
N ALA A 1012 29.96 4.92 -3.44
CA ALA A 1012 31.21 4.23 -3.11
C ALA A 1012 31.82 3.57 -4.33
N ALA A 1013 30.98 3.07 -5.25
CA ALA A 1013 31.49 2.54 -6.50
C ALA A 1013 32.14 3.64 -7.34
N GLU A 1014 31.50 4.80 -7.41
CA GLU A 1014 32.06 5.92 -8.16
C GLU A 1014 33.39 6.36 -7.55
N ILE A 1015 33.45 6.48 -6.22
CA ILE A 1015 34.67 6.87 -5.55
C ILE A 1015 35.74 5.79 -5.65
N ARG A 1016 35.35 4.51 -5.73
CA ARG A 1016 36.33 3.45 -5.94
C ARG A 1016 36.94 3.54 -7.33
N ALA A 1017 36.11 3.83 -8.35
CA ALA A 1017 36.64 4.05 -9.68
C ALA A 1017 37.59 5.24 -9.70
N SER A 1018 37.21 6.34 -9.03
CA SER A 1018 38.08 7.51 -8.95
C SER A 1018 39.39 7.20 -8.23
N ALA A 1019 39.33 6.39 -7.17
CA ALA A 1019 40.54 6.05 -6.42
C ALA A 1019 41.44 5.12 -7.23
N ASN A 1020 40.85 4.20 -8.01
CA ASN A 1020 41.65 3.38 -8.90
C ASN A 1020 42.33 4.23 -9.97
N LEU A 1021 41.62 5.21 -10.52
CA LEU A 1021 42.26 6.12 -11.48
C LEU A 1021 43.37 6.92 -10.82
N ALA A 1022 43.16 7.38 -9.59
CA ALA A 1022 44.18 8.15 -8.90
C ALA A 1022 45.40 7.30 -8.57
N ALA A 1023 45.19 6.02 -8.25
CA ALA A 1023 46.31 5.12 -7.98
C ALA A 1023 47.06 4.78 -9.25
N THR A 1024 46.34 4.64 -10.37
CA THR A 1024 47.00 4.44 -11.65
C THR A 1024 47.83 5.65 -12.04
N LYS A 1025 47.32 6.85 -11.78
CA LYS A 1025 48.10 8.06 -12.05
C LYS A 1025 49.30 8.16 -11.11
N MET A 1026 49.13 7.76 -9.85
CA MET A 1026 50.23 7.80 -8.90
C MET A 1026 51.36 6.86 -9.31
N SER A 1027 51.03 5.70 -9.86
CA SER A 1027 52.05 4.72 -10.23
C SER A 1027 52.72 5.08 -11.56
N GLU A 1028 52.06 5.87 -12.41
CA GLU A 1028 52.58 6.21 -13.72
C GLU A 1028 53.15 7.62 -13.80
N CYS A 1029 52.48 8.60 -13.19
CA CYS A 1029 52.95 9.98 -13.26
C CYS A 1029 54.03 10.27 -12.21
N VAL A 1030 53.87 9.72 -11.01
CA VAL A 1030 54.82 10.02 -9.93
C VAL A 1030 55.98 9.03 -9.95
N LEU A 1031 55.68 7.75 -10.14
CA LEU A 1031 56.69 6.69 -10.11
C LEU A 1031 57.32 6.47 -11.48
N GLY A 1032 57.24 7.45 -12.37
CA GLY A 1032 57.83 7.31 -13.68
C GLY A 1032 57.37 8.43 -14.59
N GLN A 1033 57.81 8.33 -15.84
CA GLN A 1033 57.49 9.30 -16.88
C GLN A 1033 56.56 8.63 -17.89
N SER A 1034 55.26 8.79 -17.70
CA SER A 1034 54.29 8.18 -18.59
C SER A 1034 54.24 8.93 -19.93
N LYS A 1035 54.03 8.17 -21.00
CA LYS A 1035 53.94 8.72 -22.34
C LYS A 1035 52.50 8.79 -22.84
N ARG A 1036 51.53 8.56 -21.97
CA ARG A 1036 50.12 8.65 -22.34
C ARG A 1036 49.73 10.12 -22.40
N VAL A 1037 49.23 10.56 -23.55
CA VAL A 1037 48.87 11.97 -23.73
C VAL A 1037 47.66 12.31 -22.87
N ASP A 1038 47.71 13.49 -22.25
CA ASP A 1038 46.62 14.07 -21.46
C ASP A 1038 46.42 13.34 -20.13
N PHE A 1039 47.15 12.23 -19.94
CA PHE A 1039 47.02 11.47 -18.71
C PHE A 1039 47.67 12.19 -17.54
N CYS A 1040 48.97 12.46 -17.64
CA CYS A 1040 49.71 13.20 -16.61
C CYS A 1040 49.86 14.65 -17.05
N GLY A 1041 48.77 15.40 -16.92
CA GLY A 1041 48.76 16.80 -17.27
C GLY A 1041 48.51 17.03 -18.75
N LYS A 1042 48.36 18.31 -19.10
CA LYS A 1042 48.09 18.72 -20.47
C LYS A 1042 49.40 19.13 -21.12
N GLY A 1043 50.07 18.16 -21.74
CA GLY A 1043 51.33 18.41 -22.40
C GLY A 1043 52.24 17.20 -22.29
N TYR A 1044 53.50 17.41 -22.63
CA TYR A 1044 54.51 16.37 -22.54
C TYR A 1044 54.87 16.17 -21.06
N HIS A 1045 54.49 15.03 -20.50
CA HIS A 1045 54.70 14.77 -19.09
C HIS A 1045 56.19 14.69 -18.76
N LEU A 1046 56.60 15.41 -17.71
CA LEU A 1046 57.97 15.36 -17.22
C LEU A 1046 58.04 14.76 -15.83
N MET A 1047 57.29 15.31 -14.88
CA MET A 1047 57.31 14.82 -13.51
C MET A 1047 55.98 15.16 -12.84
N SER A 1048 55.78 14.62 -11.64
CA SER A 1048 54.57 14.86 -10.88
C SER A 1048 54.90 14.83 -9.40
N PHE A 1049 54.16 15.63 -8.64
CA PHE A 1049 54.36 15.75 -7.20
C PHE A 1049 53.02 15.59 -6.49
N PRO A 1050 52.78 14.49 -5.80
CA PRO A 1050 51.50 14.32 -5.09
C PRO A 1050 51.48 15.10 -3.78
N GLN A 1051 50.31 15.66 -3.48
CA GLN A 1051 50.09 16.42 -2.25
C GLN A 1051 48.85 15.91 -1.55
N SER A 1052 48.92 15.81 -0.23
CA SER A 1052 47.79 15.34 0.54
C SER A 1052 46.66 16.36 0.50
N ALA A 1053 45.43 15.87 0.66
CA ALA A 1053 44.25 16.70 0.60
C ALA A 1053 43.12 15.98 1.32
N PRO A 1054 42.13 16.72 1.84
CA PRO A 1054 41.01 16.05 2.53
C PRO A 1054 40.24 15.15 1.57
N HIS A 1055 40.28 13.85 1.86
CA HIS A 1055 39.59 12.83 1.08
C HIS A 1055 40.00 12.85 -0.39
N GLY A 1056 41.28 13.11 -0.66
CA GLY A 1056 41.77 13.14 -2.01
C GLY A 1056 43.25 13.41 -2.07
N VAL A 1057 43.75 13.58 -3.29
CA VAL A 1057 45.16 13.84 -3.53
C VAL A 1057 45.28 14.82 -4.70
N VAL A 1058 46.16 15.80 -4.57
CA VAL A 1058 46.35 16.84 -5.58
C VAL A 1058 47.70 16.59 -6.24
N PHE A 1059 47.66 16.25 -7.53
CA PHE A 1059 48.88 16.01 -8.30
C PHE A 1059 49.36 17.30 -8.93
N LEU A 1060 50.66 17.57 -8.81
CA LEU A 1060 51.28 18.74 -9.44
C LEU A 1060 52.06 18.23 -10.65
N HIS A 1061 51.40 18.19 -11.81
CA HIS A 1061 52.01 17.67 -13.02
C HIS A 1061 52.86 18.75 -13.69
N VAL A 1062 54.15 18.45 -13.86
CA VAL A 1062 55.06 19.32 -14.59
C VAL A 1062 55.09 18.87 -16.04
N THR A 1063 54.59 19.72 -16.93
CA THR A 1063 54.45 19.37 -18.34
C THR A 1063 55.37 20.24 -19.19
N TYR A 1064 55.76 19.70 -20.34
CA TYR A 1064 56.59 20.40 -21.30
C TYR A 1064 55.71 20.97 -22.41
N VAL A 1065 55.64 22.29 -22.49
CA VAL A 1065 54.78 22.98 -23.46
C VAL A 1065 55.67 23.85 -24.35
N PRO A 1066 55.80 23.54 -25.64
CA PRO A 1066 56.61 24.38 -26.52
C PRO A 1066 55.96 25.73 -26.76
N ALA A 1067 56.78 26.67 -27.23
CA ALA A 1067 56.31 28.03 -27.52
C ALA A 1067 57.28 28.68 -28.50
N GLN A 1068 56.89 29.87 -28.96
CA GLN A 1068 57.69 30.64 -29.91
C GLN A 1068 58.00 29.84 -31.16
N GLU A 1069 56.96 29.49 -31.93
CA GLU A 1069 57.12 28.68 -33.12
C GLU A 1069 57.66 29.51 -34.27
N LYS A 1070 58.16 28.81 -35.29
CA LYS A 1070 58.70 29.46 -36.48
C LYS A 1070 58.54 28.52 -37.65
N ASN A 1071 58.10 29.06 -38.80
CA ASN A 1071 57.84 28.25 -39.98
C ASN A 1071 59.13 28.07 -40.77
N PHE A 1072 59.40 26.84 -41.19
CA PHE A 1072 60.56 26.50 -42.01
C PHE A 1072 60.11 25.72 -43.24
N THR A 1073 61.09 25.25 -44.01
CA THR A 1073 60.87 24.44 -45.19
C THR A 1073 61.47 23.06 -44.96
N THR A 1074 60.66 22.02 -45.15
CA THR A 1074 61.08 20.66 -44.86
C THR A 1074 60.98 19.80 -46.12
N ALA A 1075 61.67 18.67 -46.08
CA ALA A 1075 61.69 17.70 -47.15
C ALA A 1075 61.73 16.29 -46.56
N PRO A 1076 61.13 15.31 -47.23
CA PRO A 1076 61.17 13.93 -46.72
C PRO A 1076 62.59 13.41 -46.58
N ALA A 1077 63.39 13.54 -47.63
CA ALA A 1077 64.77 13.08 -47.63
C ALA A 1077 65.60 13.97 -48.54
N ILE A 1078 66.91 13.74 -48.51
CA ILE A 1078 67.86 14.47 -49.35
C ILE A 1078 68.65 13.46 -50.17
N CYS A 1079 69.07 13.86 -51.36
CA CYS A 1079 69.82 12.99 -52.26
C CYS A 1079 71.26 13.49 -52.39
N HIS A 1080 72.19 12.54 -52.40
CA HIS A 1080 73.60 12.87 -52.54
C HIS A 1080 74.33 11.63 -53.06
N ASP A 1081 75.16 11.84 -54.09
CA ASP A 1081 75.92 10.76 -54.72
C ASP A 1081 75.00 9.67 -55.26
N GLY A 1082 73.81 10.06 -55.70
CA GLY A 1082 72.85 9.12 -56.25
C GLY A 1082 72.00 8.40 -55.23
N LYS A 1083 72.45 8.28 -53.99
CA LYS A 1083 71.73 7.58 -52.95
C LYS A 1083 70.99 8.57 -52.06
N ALA A 1084 69.85 8.13 -51.52
CA ALA A 1084 68.99 8.98 -50.70
C ALA A 1084 69.37 8.81 -49.24
N HIS A 1085 69.40 9.92 -48.50
CA HIS A 1085 69.72 9.91 -47.09
C HIS A 1085 68.49 10.36 -46.30
N PHE A 1086 68.06 9.55 -45.35
CA PHE A 1086 66.91 9.83 -44.51
C PHE A 1086 67.35 10.24 -43.12
N PRO A 1087 66.58 11.10 -42.45
CA PRO A 1087 66.91 11.49 -41.07
C PRO A 1087 66.86 10.29 -40.13
N ARG A 1088 67.73 10.34 -39.12
CA ARG A 1088 67.84 9.25 -38.15
C ARG A 1088 66.89 9.44 -36.99
N GLU A 1089 67.01 10.54 -36.26
CA GLU A 1089 66.13 10.86 -35.15
C GLU A 1089 65.78 12.35 -35.17
N GLY A 1090 65.48 12.85 -36.36
CA GLY A 1090 65.19 14.27 -36.49
C GLY A 1090 64.40 14.56 -37.75
N VAL A 1091 64.43 15.82 -38.17
CA VAL A 1091 63.70 16.30 -39.33
C VAL A 1091 64.60 17.23 -40.12
N PHE A 1092 64.54 17.12 -41.45
CA PHE A 1092 65.32 17.98 -42.34
C PHE A 1092 64.59 19.32 -42.48
N VAL A 1093 65.19 20.37 -41.93
CA VAL A 1093 64.62 21.71 -42.01
C VAL A 1093 65.52 22.58 -42.86
N SER A 1094 64.96 23.71 -43.31
CA SER A 1094 65.69 24.66 -44.14
C SER A 1094 65.22 26.07 -43.85
N ASN A 1095 66.18 26.99 -43.70
CA ASN A 1095 65.89 28.39 -43.45
C ASN A 1095 65.82 29.21 -44.73
N GLY A 1096 65.72 28.56 -45.88
CA GLY A 1096 65.63 29.26 -47.15
C GLY A 1096 66.85 29.10 -48.03
N THR A 1097 68.04 29.10 -47.42
CA THR A 1097 69.29 29.00 -48.16
C THR A 1097 70.04 27.71 -47.89
N HIS A 1098 70.06 27.24 -46.64
CA HIS A 1098 70.77 26.03 -46.26
C HIS A 1098 69.81 25.02 -45.65
N TRP A 1099 70.24 23.76 -45.64
CA TRP A 1099 69.47 22.67 -45.08
C TRP A 1099 70.18 22.12 -43.84
N PHE A 1100 69.41 21.89 -42.78
CA PHE A 1100 69.93 21.36 -41.53
C PHE A 1100 68.99 20.27 -41.02
N VAL A 1101 69.45 19.57 -39.98
CA VAL A 1101 68.67 18.54 -39.32
C VAL A 1101 68.55 18.91 -37.85
N THR A 1102 67.32 19.04 -37.37
CA THR A 1102 67.07 19.43 -35.99
C THR A 1102 66.24 18.38 -35.27
N GLN A 1103 65.87 18.66 -34.02
CA GLN A 1103 65.03 17.76 -33.25
C GLN A 1103 63.55 17.98 -33.61
N ARG A 1104 62.71 17.04 -33.17
CA ARG A 1104 61.29 17.09 -33.46
C ARG A 1104 60.51 17.96 -32.47
N ASN A 1105 61.15 18.42 -31.40
CA ASN A 1105 60.47 19.25 -30.41
C ASN A 1105 61.26 20.50 -30.02
N PHE A 1106 62.48 20.66 -30.51
CA PHE A 1106 63.29 21.83 -30.17
C PHE A 1106 64.25 22.11 -31.32
N TYR A 1107 64.38 23.38 -31.67
CA TYR A 1107 65.20 23.77 -32.81
C TYR A 1107 66.67 23.77 -32.41
N GLU A 1108 67.47 22.97 -33.10
CA GLU A 1108 68.92 22.91 -32.87
C GLU A 1108 69.60 22.61 -34.20
N PRO A 1109 70.02 23.64 -34.92
CA PRO A 1109 70.60 23.41 -36.25
C PRO A 1109 71.95 22.71 -36.17
N GLN A 1110 72.08 21.63 -36.93
CA GLN A 1110 73.32 20.86 -36.99
C GLN A 1110 73.61 20.50 -38.44
N ILE A 1111 74.89 20.43 -38.78
CA ILE A 1111 75.28 20.07 -40.14
C ILE A 1111 74.89 18.63 -40.43
N ILE A 1112 74.62 18.33 -41.69
CA ILE A 1112 74.17 17.01 -42.11
C ILE A 1112 75.43 16.18 -42.35
N THR A 1113 75.86 15.47 -41.31
CA THR A 1113 77.01 14.59 -41.42
C THR A 1113 76.57 13.17 -41.77
N THR A 1114 77.54 12.31 -42.04
CA THR A 1114 77.26 10.91 -42.33
C THR A 1114 77.28 10.06 -41.07
N ASP A 1115 76.55 10.51 -40.05
CA ASP A 1115 76.43 9.77 -38.80
C ASP A 1115 74.98 9.81 -38.32
N ASN A 1116 74.25 10.85 -38.75
CA ASN A 1116 72.85 11.01 -38.40
C ASN A 1116 71.92 10.80 -39.58
N THR A 1117 72.41 10.16 -40.66
CA THR A 1117 71.59 9.88 -41.83
C THR A 1117 71.94 8.49 -42.35
N PHE A 1118 70.91 7.66 -42.54
CA PHE A 1118 71.10 6.32 -43.09
C PHE A 1118 70.61 6.27 -44.53
N VAL A 1119 71.26 5.42 -45.32
CA VAL A 1119 70.98 5.30 -46.75
C VAL A 1119 70.05 4.12 -46.98
N SER A 1120 69.03 4.33 -47.81
CA SER A 1120 68.09 3.26 -48.14
C SER A 1120 67.44 3.58 -49.48
N GLY A 1121 67.81 2.84 -50.52
CA GLY A 1121 67.21 3.01 -51.83
C GLY A 1121 67.85 4.11 -52.66
N ASN A 1122 67.26 4.33 -53.82
CA ASN A 1122 67.71 5.33 -54.78
C ASN A 1122 66.75 6.53 -54.79
N CYS A 1123 67.16 7.58 -55.48
CA CYS A 1123 66.41 8.84 -55.50
C CYS A 1123 65.43 8.86 -56.69
N ASP A 1124 64.63 7.80 -56.77
CA ASP A 1124 63.60 7.74 -57.80
C ASP A 1124 62.34 7.03 -57.31
N VAL A 1125 62.20 6.93 -55.99
CA VAL A 1125 61.05 6.22 -55.40
C VAL A 1125 60.37 7.13 -54.38
N VAL A 1126 61.06 8.19 -53.95
CA VAL A 1126 60.54 9.11 -52.97
C VAL A 1126 60.06 10.38 -53.69
N ILE A 1127 58.82 10.77 -53.43
CA ILE A 1127 58.22 11.94 -54.08
C ILE A 1127 58.38 13.11 -53.12
N GLY A 1128 59.27 14.03 -53.46
CA GLY A 1128 59.48 15.21 -52.65
C GLY A 1128 60.92 15.37 -52.19
N ILE A 1129 61.79 14.47 -52.64
CA ILE A 1129 63.19 14.51 -52.23
C ILE A 1129 63.87 15.71 -52.88
N VAL A 1130 64.76 16.36 -52.11
CA VAL A 1130 65.50 17.51 -52.61
C VAL A 1130 66.96 17.13 -52.77
N ASN A 1131 67.75 18.00 -53.39
CA ASN A 1131 69.17 17.77 -53.62
C ASN A 1131 69.99 18.61 -52.65
N ASN A 1132 71.04 17.99 -52.12
CA ASN A 1132 71.93 18.66 -51.17
C ASN A 1132 73.28 17.96 -51.12
N THR A 1133 74.14 18.35 -50.19
CA THR A 1133 75.46 17.74 -50.04
C THR A 1133 75.58 17.21 -48.61
N VAL A 1134 75.72 15.89 -48.48
CA VAL A 1134 75.87 15.24 -47.19
C VAL A 1134 77.37 15.16 -46.90
N TYR A 1135 77.88 16.14 -46.16
CA TYR A 1135 79.29 16.18 -45.83
C TYR A 1135 79.67 15.05 -44.89
N ASP A 1136 80.81 14.41 -45.19
CA ASP A 1136 81.29 13.29 -44.38
C ASP A 1136 82.43 13.77 -43.49
N PRO A 1137 82.37 13.52 -42.17
CA PRO A 1137 83.44 14.03 -41.29
C PRO A 1137 84.75 13.29 -41.44
N LEU A 1138 84.75 12.13 -42.11
CA LEU A 1138 85.97 11.35 -42.24
C LEU A 1138 86.96 12.03 -43.18
N GLN A 1139 86.45 12.70 -44.21
CA GLN A 1139 87.32 13.33 -45.21
C GLN A 1139 88.21 14.43 -44.64
N PRO A 1140 87.71 15.39 -43.86
CA PRO A 1140 88.63 16.42 -43.33
C PRO A 1140 89.67 15.86 -42.37
N GLU A 1141 89.28 14.94 -41.49
CA GLU A 1141 90.20 14.36 -40.53
C GLU A 1141 91.14 13.33 -41.15
N LEU A 1142 90.86 12.87 -42.37
CA LEU A 1142 91.73 11.95 -43.08
C LEU A 1142 92.67 12.65 -44.05
N ASP A 1143 92.77 13.98 -43.97
CA ASP A 1143 93.64 14.72 -44.87
C ASP A 1143 95.10 14.52 -44.48
N SER A 1144 95.82 13.69 -45.23
CA SER A 1144 97.23 13.42 -44.96
C SER A 1144 98.10 13.91 -46.11
N LEU B 24 21.56 -24.90 57.50
CA LEU B 24 21.87 -25.44 56.18
C LEU B 24 22.39 -24.34 55.26
N PRO B 25 23.70 -24.17 55.21
CA PRO B 25 24.30 -23.13 54.36
C PRO B 25 24.25 -23.54 52.90
N PRO B 26 23.57 -22.77 52.05
CA PRO B 26 23.50 -23.11 50.62
C PRO B 26 24.80 -22.75 49.91
N ALA B 27 25.42 -23.74 49.27
CA ALA B 27 26.64 -23.54 48.52
C ALA B 27 26.30 -23.22 47.07
N TYR B 28 27.31 -23.22 46.20
CA TYR B 28 27.10 -22.93 44.79
C TYR B 28 28.14 -23.69 43.97
N THR B 29 27.75 -24.06 42.76
CA THR B 29 28.61 -24.79 41.82
C THR B 29 28.61 -24.07 40.48
N ASN B 30 29.20 -24.70 39.47
CA ASN B 30 29.29 -24.14 38.14
C ASN B 30 28.51 -24.98 37.15
N SER B 31 28.18 -24.37 36.02
CA SER B 31 27.34 -24.94 34.97
C SER B 31 27.97 -24.71 33.60
N PHE B 32 29.25 -25.08 33.47
CA PHE B 32 30.07 -24.75 32.32
C PHE B 32 29.36 -24.92 30.99
N THR B 33 28.97 -26.15 30.66
CA THR B 33 28.34 -26.44 29.38
C THR B 33 27.21 -27.46 29.55
N ARG B 34 26.40 -27.28 30.58
CA ARG B 34 25.28 -28.17 30.85
C ARG B 34 24.02 -27.35 31.06
N GLY B 35 22.91 -27.84 30.50
CA GLY B 35 21.63 -27.15 30.64
C GLY B 35 21.01 -26.73 29.33
N VAL B 36 21.34 -27.46 28.27
CA VAL B 36 20.83 -27.19 26.93
C VAL B 36 19.97 -28.35 26.48
N TYR B 37 18.76 -28.06 26.02
CA TYR B 37 17.82 -29.07 25.55
C TYR B 37 17.41 -28.75 24.11
N TYR B 38 16.55 -29.61 23.55
CA TYR B 38 16.02 -29.42 22.21
C TYR B 38 14.85 -28.45 22.27
N PRO B 39 14.98 -27.26 21.68
CA PRO B 39 13.90 -26.26 21.76
C PRO B 39 12.66 -26.69 20.99
N ASP B 40 12.83 -27.10 19.75
CA ASP B 40 11.73 -27.51 18.90
C ASP B 40 11.93 -28.95 18.45
N LYS B 41 10.82 -29.62 18.14
CA LYS B 41 10.85 -31.02 17.72
C LYS B 41 10.94 -31.10 16.19
N VAL B 42 12.05 -30.60 15.67
CA VAL B 42 12.32 -30.58 14.24
C VAL B 42 13.72 -31.14 14.01
N PHE B 43 13.83 -32.10 13.11
CA PHE B 43 15.12 -32.72 12.82
C PHE B 43 15.97 -31.78 11.96
N ARG B 44 17.22 -31.59 12.36
CA ARG B 44 18.17 -30.77 11.62
C ARG B 44 19.52 -31.47 11.59
N SER B 45 20.24 -31.31 10.47
CA SER B 45 21.52 -31.98 10.28
C SER B 45 22.51 -31.02 9.66
N SER B 46 23.70 -30.94 10.25
CA SER B 46 24.83 -30.15 9.77
C SER B 46 24.49 -28.67 9.62
N VAL B 47 23.59 -28.14 10.45
CA VAL B 47 23.23 -26.73 10.40
C VAL B 47 23.51 -26.12 11.77
N LEU B 48 23.60 -24.79 11.78
CA LEU B 48 23.83 -24.00 12.99
C LEU B 48 22.60 -23.11 13.20
N HIS B 49 21.61 -23.61 13.92
CA HIS B 49 20.37 -22.88 14.14
C HIS B 49 20.45 -22.06 15.42
N SER B 50 19.91 -20.85 15.35
CA SER B 50 19.87 -19.93 16.49
C SER B 50 18.44 -19.87 17.00
N THR B 51 18.26 -20.16 18.29
CA THR B 51 16.95 -20.20 18.91
C THR B 51 16.86 -19.19 20.05
N GLN B 52 15.63 -18.78 20.36
CA GLN B 52 15.36 -17.83 21.44
C GLN B 52 14.29 -18.45 22.34
N ASP B 53 14.73 -19.05 23.44
CA ASP B 53 13.82 -19.70 24.39
C ASP B 53 14.48 -19.69 25.76
N LEU B 54 13.76 -20.23 26.75
CA LEU B 54 14.27 -20.29 28.10
C LEU B 54 15.32 -21.38 28.22
N PHE B 55 16.53 -21.00 28.64
CA PHE B 55 17.62 -21.94 28.83
C PHE B 55 18.39 -21.56 30.10
N LEU B 56 19.34 -22.41 30.47
CA LEU B 56 20.19 -22.15 31.62
C LEU B 56 21.46 -21.44 31.17
N PRO B 57 21.74 -20.23 31.64
CA PRO B 57 22.95 -19.52 31.21
C PRO B 57 24.21 -20.27 31.64
N PHE B 58 25.19 -20.30 30.74
CA PHE B 58 26.45 -20.95 31.04
C PHE B 58 27.21 -20.18 32.12
N PHE B 59 27.96 -20.93 32.94
CA PHE B 59 28.75 -20.38 34.03
C PHE B 59 27.87 -19.58 34.99
N SER B 60 26.85 -20.25 35.51
CA SER B 60 25.90 -19.66 36.45
C SER B 60 26.11 -20.26 37.84
N ASN B 61 25.28 -19.82 38.78
CA ASN B 61 25.34 -20.28 40.16
C ASN B 61 24.17 -21.21 40.44
N VAL B 62 24.48 -22.45 40.79
CA VAL B 62 23.47 -23.48 41.08
C VAL B 62 23.70 -23.98 42.49
N THR B 63 22.61 -24.12 43.25
CA THR B 63 22.72 -24.54 44.64
C THR B 63 23.29 -25.95 44.74
N TRP B 64 23.99 -26.20 45.85
CA TRP B 64 24.68 -27.47 46.06
C TRP B 64 24.08 -28.21 47.25
N PHE B 65 22.75 -28.26 47.32
CA PHE B 65 22.08 -28.94 48.43
C PHE B 65 22.51 -30.40 48.49
N HIS B 66 23.01 -30.81 49.66
CA HIS B 66 23.47 -32.17 49.90
C HIS B 66 22.39 -32.94 50.65
N VAL B 67 22.10 -34.15 50.19
CA VAL B 67 20.99 -34.93 50.72
C VAL B 67 21.51 -35.98 51.69
N ILE B 68 22.68 -35.73 52.28
CA ILE B 68 23.28 -36.71 53.18
C ILE B 68 22.43 -36.88 54.44
N PHE B 77 19.68 -34.42 55.81
CA PHE B 77 18.29 -34.05 55.57
C PHE B 77 18.21 -32.67 54.92
N ASP B 78 17.44 -32.54 53.84
CA ASP B 78 17.21 -31.25 53.21
C ASP B 78 16.00 -31.29 52.28
N ASN B 79 15.08 -30.35 52.46
CA ASN B 79 13.92 -30.25 51.57
C ASN B 79 13.28 -28.87 51.66
N PRO B 80 13.98 -27.82 51.22
CA PRO B 80 13.38 -26.47 51.26
C PRO B 80 12.48 -26.24 50.06
N VAL B 81 11.63 -25.21 50.20
CA VAL B 81 10.67 -24.85 49.16
C VAL B 81 11.32 -23.75 48.33
N LEU B 82 11.98 -24.14 47.24
CA LEU B 82 12.63 -23.17 46.38
C LEU B 82 11.64 -22.60 45.36
N PRO B 83 11.86 -21.38 44.91
CA PRO B 83 10.93 -20.76 43.95
C PRO B 83 10.98 -21.44 42.59
N PHE B 84 9.95 -21.18 41.79
CA PHE B 84 9.76 -21.74 40.46
C PHE B 84 9.38 -20.64 39.48
N ASN B 85 10.16 -19.57 39.48
CA ASN B 85 9.85 -18.39 38.67
C ASN B 85 9.67 -18.76 37.20
N ASP B 86 10.73 -19.26 36.56
CA ASP B 86 10.63 -19.68 35.16
C ASP B 86 11.70 -20.75 34.92
N GLY B 87 11.28 -22.02 34.92
CA GLY B 87 12.17 -23.12 34.59
C GLY B 87 13.18 -23.46 35.68
N VAL B 88 13.57 -24.73 35.74
CA VAL B 88 14.58 -25.21 36.69
C VAL B 88 15.50 -26.19 35.96
N TYR B 89 16.56 -26.60 36.66
CA TYR B 89 17.53 -27.57 36.19
C TYR B 89 17.76 -28.64 37.26
N PHE B 90 16.66 -29.15 37.80
CA PHE B 90 16.72 -30.11 38.91
C PHE B 90 17.48 -31.37 38.51
N ALA B 91 18.66 -31.56 39.08
CA ALA B 91 19.42 -32.79 38.91
C ALA B 91 19.04 -33.80 39.98
N SER B 92 19.27 -35.08 39.66
CA SER B 92 18.88 -36.18 40.55
C SER B 92 20.04 -37.16 40.70
N ILE B 93 21.22 -36.63 41.03
CA ILE B 93 22.38 -37.49 41.26
C ILE B 93 22.12 -38.34 42.49
N GLU B 94 21.99 -39.65 42.27
CA GLU B 94 21.72 -40.60 43.35
C GLU B 94 22.55 -41.85 43.09
N LYS B 95 22.27 -42.91 43.84
CA LYS B 95 22.93 -44.20 43.63
C LYS B 95 21.96 -45.27 43.15
N SER B 96 20.90 -45.56 43.92
CA SER B 96 19.88 -46.51 43.47
C SER B 96 18.49 -45.89 43.41
N ASN B 97 17.97 -45.38 44.53
CA ASN B 97 16.59 -44.92 44.57
C ASN B 97 16.39 -43.69 45.45
N ILE B 98 17.42 -42.85 45.64
CA ILE B 98 17.33 -41.79 46.63
C ILE B 98 16.29 -40.74 46.21
N ILE B 99 16.37 -40.26 44.98
CA ILE B 99 15.47 -39.23 44.47
C ILE B 99 14.50 -39.91 43.50
N ARG B 100 13.24 -40.04 43.92
CA ARG B 100 12.22 -40.70 43.13
C ARG B 100 10.92 -39.90 43.12
N GLY B 101 11.03 -38.60 42.89
CA GLY B 101 9.83 -37.78 42.80
C GLY B 101 10.02 -36.30 43.01
N TRP B 102 9.12 -35.50 42.47
CA TRP B 102 9.13 -34.05 42.63
C TRP B 102 7.70 -33.57 42.88
N ILE B 103 7.59 -32.33 43.36
CA ILE B 103 6.29 -31.72 43.65
C ILE B 103 6.39 -30.23 43.35
N PHE B 104 5.30 -29.66 42.83
CA PHE B 104 5.27 -28.26 42.45
C PHE B 104 4.01 -27.64 43.06
N GLY B 105 3.76 -26.38 42.71
CA GLY B 105 2.60 -25.67 43.23
C GLY B 105 2.89 -24.22 43.55
N THR B 106 1.86 -23.44 43.81
CA THR B 106 2.01 -22.03 44.15
C THR B 106 1.48 -21.67 45.53
N THR B 107 0.49 -22.41 46.03
CA THR B 107 -0.07 -22.15 47.36
C THR B 107 0.33 -23.20 48.37
N LEU B 108 0.24 -24.49 48.00
CA LEU B 108 0.60 -25.61 48.86
C LEU B 108 -0.23 -25.62 50.14
N ASP B 109 -1.44 -25.07 50.09
CA ASP B 109 -2.34 -25.04 51.24
C ASP B 109 -3.75 -25.41 50.81
N SER B 110 -3.87 -26.45 49.97
CA SER B 110 -5.15 -26.94 49.46
C SER B 110 -5.94 -25.84 48.75
N LYS B 111 -5.23 -24.98 48.02
CA LYS B 111 -5.85 -23.90 47.27
C LYS B 111 -5.73 -24.08 45.76
N THR B 112 -4.58 -24.56 45.30
CA THR B 112 -4.34 -24.82 43.88
C THR B 112 -3.94 -26.27 43.67
N GLN B 113 -3.96 -26.69 42.41
CA GLN B 113 -3.61 -28.06 42.07
C GLN B 113 -2.11 -28.28 42.14
N SER B 114 -1.71 -29.47 42.58
CA SER B 114 -0.32 -29.84 42.71
C SER B 114 0.11 -30.71 41.53
N LEU B 115 1.37 -31.13 41.56
CA LEU B 115 1.93 -31.98 40.49
C LEU B 115 2.94 -32.91 41.13
N LEU B 116 2.52 -34.13 41.44
CA LEU B 116 3.40 -35.16 42.00
C LEU B 116 3.94 -36.03 40.87
N ILE B 117 5.26 -36.19 40.84
CA ILE B 117 5.94 -36.92 39.77
C ILE B 117 6.72 -38.08 40.38
N VAL B 118 6.14 -38.70 41.41
CA VAL B 118 6.80 -39.80 42.10
C VAL B 118 7.24 -40.87 41.10
N ASN B 119 8.36 -41.52 41.40
CA ASN B 119 8.98 -42.45 40.48
C ASN B 119 9.20 -43.82 41.12
N ASN B 120 8.15 -44.35 41.75
CA ASN B 120 8.23 -45.64 42.42
C ASN B 120 8.40 -46.76 41.39
N ALA B 121 8.45 -48.00 41.89
CA ALA B 121 8.69 -49.16 41.05
C ALA B 121 7.63 -49.28 39.97
N THR B 122 8.07 -49.20 38.71
CA THR B 122 7.23 -49.29 37.51
C THR B 122 5.87 -48.60 37.68
N ASN B 123 5.92 -47.38 38.21
CA ASN B 123 4.73 -46.53 38.26
C ASN B 123 5.18 -45.08 38.36
N VAL B 124 4.76 -44.26 37.41
CA VAL B 124 5.11 -42.85 37.36
C VAL B 124 3.83 -42.03 37.25
N VAL B 125 2.74 -42.59 37.77
CA VAL B 125 1.42 -41.97 37.64
C VAL B 125 1.46 -40.56 38.24
N ILE B 126 1.19 -39.57 37.41
CA ILE B 126 1.15 -38.17 37.83
C ILE B 126 -0.26 -37.81 38.23
N LYS B 127 -0.40 -37.06 39.32
CA LYS B 127 -1.69 -36.60 39.80
C LYS B 127 -1.68 -35.08 39.88
N VAL B 128 -2.75 -34.47 39.38
CA VAL B 128 -2.87 -33.02 39.34
C VAL B 128 -4.03 -32.59 40.24
N CYS B 129 -4.26 -33.34 41.32
CA CYS B 129 -5.35 -33.05 42.23
C CYS B 129 -4.99 -31.84 43.09
N GLU B 130 -5.88 -31.47 44.00
CA GLU B 130 -5.70 -30.32 44.88
C GLU B 130 -5.90 -30.77 46.32
N PHE B 131 -4.87 -30.59 47.15
CA PHE B 131 -4.92 -31.02 48.54
C PHE B 131 -3.74 -30.42 49.29
N GLN B 132 -3.90 -30.28 50.60
CA GLN B 132 -2.81 -29.88 51.49
C GLN B 132 -2.20 -31.16 52.05
N PHE B 133 -1.13 -31.63 51.40
CA PHE B 133 -0.53 -32.90 51.75
C PHE B 133 0.05 -32.90 53.16
N CYS B 134 1.13 -32.15 53.37
CA CYS B 134 1.80 -32.06 54.67
C CYS B 134 2.84 -30.95 54.57
N ASN B 135 3.63 -30.79 55.64
CA ASN B 135 4.71 -29.82 55.68
C ASN B 135 6.07 -30.46 55.45
N ASP B 136 6.12 -31.78 55.28
CA ASP B 136 7.38 -32.50 55.02
C ASP B 136 7.08 -33.79 54.27
N PRO B 137 6.97 -33.73 52.94
CA PRO B 137 6.62 -34.93 52.14
C PRO B 137 7.76 -35.95 52.07
N PHE B 138 7.87 -36.76 53.11
CA PHE B 138 8.87 -37.81 53.16
C PHE B 138 8.31 -39.10 52.56
N LEU B 139 9.17 -39.84 51.87
CA LEU B 139 8.76 -41.10 51.25
C LEU B 139 9.95 -42.03 51.04
N GLU B 151 4.11 -44.83 48.98
CA GLU B 151 2.96 -45.07 49.83
C GLU B 151 2.08 -43.81 49.92
N PHE B 152 1.00 -43.91 50.69
CA PHE B 152 0.05 -42.81 50.85
C PHE B 152 0.47 -41.81 51.91
N ARG B 153 1.72 -41.87 52.39
CA ARG B 153 2.21 -40.90 53.36
C ARG B 153 2.50 -39.54 52.75
N VAL B 154 2.44 -39.40 51.43
CA VAL B 154 2.69 -38.11 50.80
C VAL B 154 1.58 -37.13 51.14
N TYR B 155 0.34 -37.47 50.77
CA TYR B 155 -0.82 -36.62 51.01
C TYR B 155 -1.67 -37.22 52.13
N SER B 156 -2.74 -36.48 52.48
CA SER B 156 -3.65 -36.92 53.52
C SER B 156 -5.11 -36.74 53.16
N SER B 157 -5.42 -36.23 51.98
CA SER B 157 -6.82 -36.03 51.56
C SER B 157 -6.87 -36.04 50.04
N ALA B 158 -8.06 -35.85 49.49
CA ALA B 158 -8.27 -35.85 48.06
C ALA B 158 -9.37 -34.84 47.73
N ASN B 159 -9.54 -34.59 46.43
CA ASN B 159 -10.55 -33.66 45.94
C ASN B 159 -10.87 -34.01 44.50
N ASN B 160 -11.55 -33.11 43.80
CA ASN B 160 -11.90 -33.33 42.40
C ASN B 160 -10.69 -33.14 41.49
N CYS B 161 -9.97 -34.24 41.23
CA CYS B 161 -8.78 -34.17 40.38
C CYS B 161 -9.20 -33.92 38.94
N THR B 162 -8.59 -32.92 38.31
CA THR B 162 -8.95 -32.54 36.95
C THR B 162 -8.11 -33.25 35.89
N PHE B 163 -6.98 -33.86 36.27
CA PHE B 163 -6.13 -34.53 35.31
C PHE B 163 -5.26 -35.55 36.04
N GLU B 164 -4.98 -36.66 35.38
CA GLU B 164 -4.12 -37.71 35.94
C GLU B 164 -3.55 -38.52 34.80
N TYR B 165 -2.22 -38.58 34.72
CA TYR B 165 -1.55 -39.33 33.66
C TYR B 165 -1.16 -40.72 34.17
N VAL B 166 -1.32 -41.72 33.32
CA VAL B 166 -1.13 -43.11 33.72
C VAL B 166 -0.06 -43.77 32.85
N SER B 167 0.93 -42.99 32.43
CA SER B 167 2.01 -43.52 31.61
C SER B 167 2.73 -44.67 32.31
N GLN B 168 2.90 -45.77 31.59
CA GLN B 168 3.52 -46.96 32.19
C GLN B 168 5.02 -46.81 32.36
N PRO B 169 5.81 -46.42 31.35
CA PRO B 169 7.26 -46.33 31.56
C PRO B 169 7.61 -45.24 32.57
N PHE B 170 8.37 -45.61 33.59
CA PHE B 170 8.73 -44.67 34.64
C PHE B 170 9.67 -43.60 34.10
N LEU B 171 9.44 -42.36 34.54
CA LEU B 171 10.26 -41.22 34.10
C LEU B 171 11.47 -41.08 35.03
N MET B 172 12.43 -41.97 34.83
CA MET B 172 13.64 -41.98 35.64
C MET B 172 14.81 -42.61 34.88
N GLN B 178 29.51 -50.93 40.44
CA GLN B 178 30.65 -50.57 39.61
C GLN B 178 31.75 -49.93 40.44
N GLY B 179 32.91 -49.72 39.83
CA GLY B 179 34.03 -49.12 40.52
C GLY B 179 33.86 -47.63 40.77
N ASN B 180 33.74 -46.85 39.69
CA ASN B 180 33.56 -45.41 39.81
C ASN B 180 32.52 -44.85 38.86
N PHE B 181 31.70 -45.70 38.23
CA PHE B 181 30.69 -45.25 37.29
C PHE B 181 29.36 -45.09 38.04
N LYS B 182 29.04 -43.86 38.42
CA LYS B 182 27.79 -43.55 39.09
C LYS B 182 26.74 -43.21 38.04
N ASN B 183 25.60 -42.68 38.48
CA ASN B 183 24.49 -42.33 37.59
C ASN B 183 24.23 -40.83 37.68
N LEU B 184 24.37 -40.15 36.54
CA LEU B 184 24.06 -38.73 36.43
C LEU B 184 22.81 -38.54 35.61
N ARG B 185 21.93 -37.65 36.07
CA ARG B 185 20.66 -37.43 35.39
C ARG B 185 20.18 -36.02 35.70
N GLU B 186 19.63 -35.35 34.68
CA GLU B 186 19.10 -34.00 34.82
C GLU B 186 17.70 -33.95 34.22
N PHE B 187 16.88 -33.04 34.75
CA PHE B 187 15.49 -32.92 34.34
C PHE B 187 15.16 -31.43 34.20
N VAL B 188 15.13 -30.95 32.96
CA VAL B 188 14.80 -29.57 32.67
C VAL B 188 13.30 -29.42 32.59
N PHE B 189 12.75 -28.47 33.35
CA PHE B 189 11.32 -28.19 33.38
C PHE B 189 11.07 -26.76 32.92
N LYS B 190 9.83 -26.52 32.48
CA LYS B 190 9.41 -25.18 32.08
C LYS B 190 7.97 -24.97 32.56
N ASN B 191 7.54 -23.71 32.53
CA ASN B 191 6.21 -23.32 32.99
C ASN B 191 5.40 -22.75 31.82
N ILE B 192 5.50 -23.41 30.67
CA ILE B 192 4.75 -22.97 29.50
C ILE B 192 3.27 -23.25 29.71
N ASP B 193 2.41 -22.33 29.23
CA ASP B 193 0.97 -22.50 29.39
C ASP B 193 0.47 -23.72 28.62
N GLY B 194 1.15 -24.09 27.54
CA GLY B 194 0.75 -25.24 26.74
C GLY B 194 0.97 -26.55 27.46
N TYR B 195 2.22 -26.90 27.72
CA TYR B 195 2.58 -28.14 28.39
C TYR B 195 3.64 -27.86 29.45
N PHE B 196 4.01 -28.90 30.20
CA PHE B 196 5.02 -28.75 31.24
C PHE B 196 6.44 -28.86 30.69
N LYS B 197 6.62 -29.49 29.52
CA LYS B 197 7.90 -29.61 28.86
C LYS B 197 8.94 -30.30 29.75
N ILE B 198 8.66 -31.57 30.03
CA ILE B 198 9.55 -32.39 30.85
C ILE B 198 10.64 -32.98 29.96
N TYR B 199 11.88 -32.59 30.22
CA TYR B 199 13.04 -33.13 29.50
C TYR B 199 13.85 -34.03 30.43
N SER B 200 14.61 -34.93 29.83
CA SER B 200 15.39 -35.89 30.60
C SER B 200 16.56 -36.39 29.77
N LYS B 201 17.66 -36.69 30.45
CA LYS B 201 18.84 -37.29 29.81
C LYS B 201 19.69 -37.93 30.89
N HIS B 202 19.86 -39.24 30.83
CA HIS B 202 20.64 -39.99 31.79
C HIS B 202 21.95 -40.45 31.16
N THR B 203 23.04 -40.38 31.94
CA THR B 203 24.35 -40.80 31.48
C THR B 203 25.24 -41.07 32.68
N PRO B 204 26.12 -42.06 32.63
CA PRO B 204 27.01 -42.33 33.76
C PRO B 204 28.28 -41.49 33.72
N ILE B 205 28.77 -41.16 34.92
CA ILE B 205 30.01 -40.40 35.05
C ILE B 205 31.19 -41.35 34.91
N ILE B 206 32.39 -40.81 34.75
CA ILE B 206 33.59 -41.61 34.51
C ILE B 206 34.37 -41.78 35.80
N VAL B 207 34.80 -40.68 36.40
CA VAL B 207 35.67 -40.71 37.55
C VAL B 207 34.84 -40.54 38.82
N ARG B 208 35.45 -40.84 39.96
CA ARG B 208 34.80 -40.78 41.27
C ARG B 208 35.19 -39.53 42.04
N GLU B 209 35.36 -38.41 41.34
CA GLU B 209 35.68 -37.12 41.96
C GLU B 209 34.55 -36.69 42.90
N PRO B 210 34.78 -35.73 43.80
CA PRO B 210 33.68 -35.27 44.66
C PRO B 210 32.51 -34.75 43.83
N GLU B 211 31.33 -34.73 44.46
CA GLU B 211 30.10 -34.40 43.75
C GLU B 211 30.17 -32.99 43.15
N ASP B 212 30.05 -32.93 41.83
CA ASP B 212 30.09 -31.69 41.09
C ASP B 212 29.68 -31.97 39.65
N LEU B 213 29.08 -30.98 39.00
CA LEU B 213 28.66 -31.13 37.61
C LEU B 213 29.88 -31.34 36.73
N PRO B 214 29.97 -32.46 36.00
CA PRO B 214 31.17 -32.72 35.20
C PRO B 214 31.23 -31.83 33.97
N GLN B 215 32.37 -31.90 33.30
CA GLN B 215 32.61 -31.11 32.09
C GLN B 215 32.18 -31.92 30.88
N GLY B 216 31.19 -31.41 30.16
CA GLY B 216 30.69 -32.10 28.98
C GLY B 216 29.32 -31.58 28.59
N PHE B 217 28.94 -31.86 27.35
CA PHE B 217 27.67 -31.43 26.79
C PHE B 217 26.76 -32.63 26.58
N SER B 218 25.49 -32.46 26.92
CA SER B 218 24.50 -33.52 26.76
C SER B 218 23.12 -32.88 26.63
N ALA B 219 22.54 -32.95 25.44
CA ALA B 219 21.24 -32.38 25.20
C ALA B 219 20.15 -33.25 25.85
N LEU B 220 18.94 -32.71 25.91
CA LEU B 220 17.80 -33.40 26.48
C LEU B 220 16.65 -33.44 25.48
N GLU B 221 15.91 -34.54 25.49
CA GLU B 221 14.79 -34.74 24.59
C GLU B 221 13.49 -34.81 25.39
N PRO B 222 12.39 -34.30 24.84
CA PRO B 222 11.12 -34.34 25.57
C PRO B 222 10.60 -35.76 25.71
N LEU B 223 9.93 -36.03 26.84
CA LEU B 223 9.33 -37.32 27.12
C LEU B 223 7.81 -37.25 27.16
N VAL B 224 7.25 -36.39 28.00
CA VAL B 224 5.81 -36.23 28.14
C VAL B 224 5.48 -34.74 28.11
N ASP B 225 4.23 -34.45 27.73
CA ASP B 225 3.74 -33.08 27.64
C ASP B 225 2.36 -33.04 28.29
N LEU B 226 2.30 -32.54 29.53
CA LEU B 226 1.04 -32.48 30.26
C LEU B 226 0.29 -31.20 29.88
N PRO B 227 -0.85 -31.29 29.20
CA PRO B 227 -1.56 -30.09 28.77
C PRO B 227 -2.35 -29.39 29.88
N ILE B 228 -2.25 -29.86 31.12
CA ILE B 228 -2.98 -29.24 32.22
C ILE B 228 -2.30 -27.94 32.60
N GLY B 229 -3.08 -26.86 32.68
CA GLY B 229 -2.56 -25.56 33.04
C GLY B 229 -2.80 -25.24 34.51
N ILE B 230 -1.73 -24.83 35.19
CA ILE B 230 -1.81 -24.50 36.61
C ILE B 230 -0.65 -23.57 36.92
N ASN B 231 -0.94 -22.53 37.71
CA ASN B 231 0.09 -21.58 38.11
C ASN B 231 1.03 -22.22 39.12
N ILE B 232 2.33 -22.02 38.92
CA ILE B 232 3.36 -22.59 39.79
C ILE B 232 4.38 -21.50 40.09
N THR B 233 4.64 -21.27 41.37
CA THR B 233 5.63 -20.29 41.80
C THR B 233 6.77 -20.87 42.62
N ARG B 234 6.56 -22.03 43.24
CA ARG B 234 7.60 -22.70 44.02
C ARG B 234 7.57 -24.19 43.70
N PHE B 235 8.55 -24.91 44.23
CA PHE B 235 8.67 -26.34 44.03
C PHE B 235 9.23 -26.99 45.28
N GLN B 236 8.95 -28.29 45.43
CA GLN B 236 9.40 -29.07 46.59
C GLN B 236 9.77 -30.46 46.11
N THR B 237 11.02 -30.85 46.35
CA THR B 237 11.50 -32.16 45.93
C THR B 237 10.93 -33.26 46.83
N LEU B 238 10.86 -34.47 46.28
CA LEU B 238 10.36 -35.65 46.99
C LEU B 238 11.47 -36.69 47.01
N LEU B 239 12.17 -36.80 48.13
CA LEU B 239 13.26 -37.76 48.28
C LEU B 239 12.81 -38.96 49.11
N ALA B 240 13.43 -40.10 48.83
CA ALA B 240 13.15 -41.31 49.59
C ALA B 240 13.88 -41.25 50.92
N LEU B 241 13.12 -41.39 52.02
CA LEU B 241 13.69 -41.32 53.36
C LEU B 241 14.71 -42.44 53.58
N HIS B 242 14.22 -43.68 53.60
CA HIS B 242 15.06 -44.88 53.67
C HIS B 242 16.14 -44.77 54.73
N ARG B 243 15.73 -44.43 55.95
CA ARG B 243 16.68 -44.31 57.05
C ARG B 243 17.08 -45.69 57.58
N SER B 244 16.09 -46.50 57.93
CA SER B 244 16.32 -47.85 58.46
C SER B 244 17.23 -47.84 59.68
N GLY B 258 28.72 -37.74 50.50
CA GLY B 258 27.71 -38.38 51.33
C GLY B 258 26.92 -39.43 50.58
N ALA B 259 25.63 -39.17 50.39
CA ALA B 259 24.73 -40.08 49.70
C ALA B 259 24.23 -39.53 48.37
N ALA B 260 23.66 -38.33 48.37
CA ALA B 260 23.15 -37.72 47.15
C ALA B 260 23.23 -36.20 47.28
N ALA B 261 23.09 -35.53 46.15
CA ALA B 261 23.10 -34.07 46.11
C ALA B 261 22.39 -33.62 44.85
N TYR B 262 21.25 -32.96 45.02
CA TYR B 262 20.46 -32.48 43.89
C TYR B 262 20.80 -31.01 43.62
N TYR B 263 20.98 -30.67 42.35
CA TYR B 263 21.28 -29.31 41.96
C TYR B 263 20.02 -28.66 41.39
N VAL B 264 19.83 -27.37 41.70
CA VAL B 264 18.64 -26.63 41.32
C VAL B 264 19.09 -25.30 40.72
N GLY B 265 18.85 -25.12 39.42
CA GLY B 265 19.13 -23.88 38.74
C GLY B 265 17.87 -23.11 38.39
N TYR B 266 18.07 -22.03 37.65
CA TYR B 266 16.96 -21.18 37.20
C TYR B 266 17.23 -20.75 35.76
N LEU B 267 16.23 -20.92 34.90
CA LEU B 267 16.38 -20.57 33.50
C LEU B 267 16.18 -19.07 33.31
N GLN B 268 16.76 -18.56 32.22
CA GLN B 268 16.68 -17.16 31.87
C GLN B 268 16.56 -17.02 30.36
N PRO B 269 15.82 -16.02 29.88
CA PRO B 269 15.70 -15.81 28.42
C PRO B 269 17.05 -15.45 27.82
N ARG B 270 17.57 -16.34 26.99
CA ARG B 270 18.88 -16.15 26.37
C ARG B 270 18.80 -16.56 24.90
N THR B 271 19.91 -16.35 24.19
CA THR B 271 20.04 -16.71 22.78
C THR B 271 21.17 -17.72 22.66
N PHE B 272 20.91 -18.83 21.99
CA PHE B 272 21.89 -19.90 21.83
C PHE B 272 22.08 -20.24 20.36
N LEU B 273 23.29 -20.71 20.04
CA LEU B 273 23.64 -21.17 18.70
C LEU B 273 23.90 -22.67 18.79
N LEU B 274 22.94 -23.47 18.35
CA LEU B 274 22.99 -24.92 18.48
C LEU B 274 23.53 -25.54 17.19
N LYS B 275 24.59 -26.34 17.33
CA LYS B 275 25.19 -27.03 16.19
C LYS B 275 24.69 -28.48 16.18
N TYR B 276 23.94 -28.83 15.15
CA TYR B 276 23.44 -30.19 14.98
C TYR B 276 24.46 -31.03 14.22
N ASN B 277 24.57 -32.29 14.64
CA ASN B 277 25.51 -33.22 14.03
C ASN B 277 24.88 -33.85 12.79
N GLU B 278 25.65 -34.67 12.08
CA GLU B 278 25.13 -35.33 10.89
C GLU B 278 24.09 -36.38 11.24
N ASN B 279 24.17 -36.98 12.43
CA ASN B 279 23.17 -37.94 12.87
C ASN B 279 21.91 -37.27 13.40
N GLY B 280 22.01 -36.02 13.84
CA GLY B 280 20.86 -35.29 14.34
C GLY B 280 20.92 -34.89 15.81
N THR B 281 22.11 -34.86 16.42
CA THR B 281 22.28 -34.47 17.81
C THR B 281 23.09 -33.19 17.91
N ILE B 282 22.96 -32.52 19.05
CA ILE B 282 23.66 -31.27 19.32
C ILE B 282 24.94 -31.61 20.07
N THR B 283 26.09 -31.27 19.48
CA THR B 283 27.36 -31.57 20.12
C THR B 283 27.82 -30.43 21.03
N ASP B 284 27.74 -29.20 20.55
CA ASP B 284 28.16 -28.03 21.32
C ASP B 284 27.17 -26.90 21.11
N ALA B 285 27.34 -25.84 21.91
CA ALA B 285 26.45 -24.69 21.84
C ALA B 285 27.18 -23.48 22.43
N VAL B 286 26.73 -22.29 22.03
CA VAL B 286 27.29 -21.03 22.50
C VAL B 286 26.16 -20.14 22.98
N ASP B 287 26.31 -19.61 24.18
CA ASP B 287 25.33 -18.69 24.78
C ASP B 287 25.82 -17.27 24.58
N CYS B 288 24.99 -16.45 23.93
CA CYS B 288 25.39 -15.08 23.60
C CYS B 288 25.15 -14.14 24.78
N ALA B 289 25.67 -14.52 25.95
CA ALA B 289 25.59 -13.67 27.14
C ALA B 289 26.93 -13.66 27.86
N LEU B 290 27.83 -14.55 27.44
CA LEU B 290 29.17 -14.65 28.00
C LEU B 290 30.07 -13.56 27.44
N ASP B 291 31.38 -13.73 27.63
CA ASP B 291 32.38 -12.79 27.12
C ASP B 291 32.13 -12.49 25.64
N PRO B 292 32.55 -11.30 25.18
CA PRO B 292 32.20 -10.87 23.81
C PRO B 292 32.60 -11.84 22.71
N LEU B 293 33.47 -12.81 22.98
CA LEU B 293 33.76 -13.82 21.98
C LEU B 293 32.52 -14.64 21.65
N SER B 294 31.69 -14.93 22.65
CA SER B 294 30.44 -15.64 22.41
C SER B 294 29.50 -14.83 21.53
N GLU B 295 29.39 -13.52 21.79
CA GLU B 295 28.52 -12.68 20.97
C GLU B 295 29.06 -12.56 19.55
N THR B 296 30.38 -12.50 19.39
CA THR B 296 31.01 -12.51 18.08
C THR B 296 30.74 -13.80 17.32
N LYS B 297 30.80 -14.95 17.98
CA LYS B 297 30.42 -16.21 17.36
C LYS B 297 28.94 -16.32 17.07
N CYS B 298 28.08 -15.66 17.85
CA CYS B 298 26.65 -15.65 17.58
C CYS B 298 26.27 -14.77 16.41
N THR B 299 26.89 -13.60 16.27
CA THR B 299 26.54 -12.67 15.20
C THR B 299 27.09 -13.10 13.84
N LEU B 300 27.95 -14.10 13.79
CA LEU B 300 28.50 -14.61 12.54
C LEU B 300 28.04 -16.02 12.24
N LYS B 301 27.36 -16.68 13.16
CA LYS B 301 26.84 -18.04 12.99
C LYS B 301 27.97 -19.01 12.65
N SER B 302 28.93 -19.09 13.56
CA SER B 302 30.07 -19.97 13.40
C SER B 302 30.68 -20.24 14.79
N PHE B 303 31.63 -21.16 14.83
CA PHE B 303 32.32 -21.50 16.06
C PHE B 303 33.82 -21.21 16.02
N THR B 304 34.37 -20.91 14.86
CA THR B 304 35.80 -20.57 14.73
C THR B 304 35.88 -19.24 13.97
N VAL B 305 35.91 -18.13 14.72
CA VAL B 305 35.96 -16.80 14.13
C VAL B 305 37.37 -16.55 13.62
N GLU B 306 37.51 -15.71 12.61
CA GLU B 306 38.79 -15.36 12.03
C GLU B 306 39.38 -14.15 12.76
N LYS B 307 40.60 -13.79 12.40
CA LYS B 307 41.29 -12.67 13.03
C LYS B 307 40.82 -11.36 12.41
N GLY B 308 40.32 -10.47 13.24
CA GLY B 308 39.84 -9.18 12.78
C GLY B 308 38.86 -8.57 13.78
N ILE B 309 38.44 -7.36 13.48
CA ILE B 309 37.50 -6.62 14.33
C ILE B 309 36.09 -6.86 13.79
N TYR B 310 35.16 -7.20 14.67
CA TYR B 310 33.79 -7.50 14.31
C TYR B 310 32.85 -6.73 15.23
N GLN B 311 31.86 -6.05 14.64
CA GLN B 311 30.85 -5.37 15.42
C GLN B 311 29.69 -6.31 15.74
N THR B 312 29.31 -6.35 17.02
CA THR B 312 28.30 -7.29 17.47
C THR B 312 27.02 -6.60 17.92
N SER B 313 27.13 -5.67 18.85
CA SER B 313 25.99 -4.99 19.45
C SER B 313 26.29 -3.49 19.57
N ASN B 314 25.45 -2.77 20.30
CA ASN B 314 25.61 -1.33 20.49
C ASN B 314 25.45 -1.01 21.96
N PHE B 315 26.49 -0.41 22.56
CA PHE B 315 26.44 -0.04 23.96
C PHE B 315 25.43 1.08 24.18
N ARG B 316 24.59 0.92 25.20
CA ARG B 316 23.55 1.91 25.49
C ARG B 316 23.14 1.75 26.97
N VAL B 317 23.22 2.85 27.72
CA VAL B 317 22.82 2.81 29.12
C VAL B 317 21.32 2.97 29.24
N GLN B 318 20.70 2.14 30.08
CA GLN B 318 19.27 2.19 30.33
C GLN B 318 18.97 3.10 31.52
N PRO B 319 17.84 3.80 31.49
CA PRO B 319 17.48 4.67 32.61
C PRO B 319 17.21 3.86 33.87
N THR B 320 17.35 4.52 35.02
CA THR B 320 17.15 3.89 36.31
C THR B 320 16.03 4.51 37.14
N GLU B 321 15.73 5.80 36.92
CA GLU B 321 14.67 6.46 37.67
C GLU B 321 13.60 6.97 36.71
N SER B 322 12.50 7.50 37.26
CA SER B 322 11.39 7.95 36.43
C SER B 322 10.88 9.28 36.97
N ILE B 323 10.79 10.29 36.10
CA ILE B 323 10.35 11.62 36.48
C ILE B 323 9.06 11.94 35.72
N VAL B 324 8.02 12.29 36.48
CA VAL B 324 6.73 12.68 35.92
C VAL B 324 6.33 13.96 36.63
N ARG B 325 6.51 15.10 35.96
CA ARG B 325 6.23 16.41 36.55
C ARG B 325 5.09 17.06 35.78
N PHE B 326 3.86 16.83 36.25
CA PHE B 326 2.67 17.49 35.73
C PHE B 326 2.53 18.84 36.43
N PRO B 327 1.84 19.82 35.83
CA PRO B 327 1.80 21.16 36.44
C PRO B 327 0.91 21.20 37.68
N ASN B 328 1.29 22.06 38.63
CA ASN B 328 0.58 22.16 39.91
C ASN B 328 -0.63 23.07 39.73
N ILE B 329 -1.74 22.45 39.37
CA ILE B 329 -3.01 23.15 39.18
C ILE B 329 -3.89 23.05 40.42
N THR B 330 -4.09 21.84 40.94
CA THR B 330 -4.90 21.60 42.13
C THR B 330 -6.30 22.17 41.97
N ASN B 331 -6.95 21.82 40.86
CA ASN B 331 -8.30 22.29 40.58
C ASN B 331 -8.96 21.29 39.65
N LEU B 332 -9.99 20.60 40.14
CA LEU B 332 -10.72 19.63 39.33
C LEU B 332 -11.59 20.35 38.31
N CYS B 333 -11.62 19.81 37.10
CA CYS B 333 -12.43 20.40 36.05
C CYS B 333 -13.91 20.22 36.35
N PRO B 334 -14.73 21.25 36.11
CA PRO B 334 -16.17 21.16 36.40
C PRO B 334 -16.93 20.34 35.37
N PHE B 335 -16.72 19.02 35.40
CA PHE B 335 -17.43 18.12 34.51
C PHE B 335 -18.91 17.99 34.87
N ASP B 336 -19.32 18.45 36.04
CA ASP B 336 -20.71 18.39 36.45
C ASP B 336 -21.59 19.39 35.71
N GLU B 337 -21.00 20.31 34.95
CA GLU B 337 -21.76 21.28 34.16
C GLU B 337 -22.14 20.77 32.78
N VAL B 338 -21.44 19.76 32.27
CA VAL B 338 -21.77 19.16 30.98
C VAL B 338 -22.33 17.75 31.11
N PHE B 339 -22.19 17.11 32.27
CA PHE B 339 -22.75 15.78 32.49
C PHE B 339 -23.93 15.78 33.44
N ASN B 340 -24.08 16.79 34.29
CA ASN B 340 -25.16 16.85 35.27
C ASN B 340 -25.81 18.22 35.24
N ALA B 341 -26.14 18.70 34.04
CA ALA B 341 -26.79 19.99 33.86
C ALA B 341 -28.30 19.80 33.76
N THR B 342 -29.05 20.79 34.24
CA THR B 342 -30.50 20.75 34.15
C THR B 342 -30.96 20.72 32.70
N ARG B 343 -30.64 21.77 31.93
CA ARG B 343 -30.89 21.82 30.50
C ARG B 343 -29.63 21.35 29.79
N PHE B 344 -29.71 20.23 29.07
CA PHE B 344 -28.51 19.62 28.51
C PHE B 344 -28.05 20.33 27.24
N ALA B 345 -28.86 20.25 26.18
CA ALA B 345 -28.52 20.84 24.90
C ALA B 345 -29.64 20.71 23.89
N SER B 346 -29.43 21.24 22.69
CA SER B 346 -30.33 21.05 21.56
C SER B 346 -29.57 20.38 20.41
N VAL B 347 -30.33 19.92 19.41
CA VAL B 347 -29.72 19.23 18.28
C VAL B 347 -28.98 20.22 17.39
N TYR B 348 -29.70 21.18 16.83
CA TYR B 348 -29.09 22.19 15.97
C TYR B 348 -28.41 23.30 16.76
N ALA B 349 -28.61 23.36 18.07
CA ALA B 349 -28.01 24.39 18.91
C ALA B 349 -27.11 23.75 19.97
N TRP B 350 -26.28 22.80 19.55
CA TRP B 350 -25.40 22.10 20.47
C TRP B 350 -24.48 23.09 21.20
N ASN B 351 -24.39 22.94 22.51
CA ASN B 351 -23.59 23.83 23.33
C ASN B 351 -22.11 23.45 23.25
N ARG B 352 -21.27 24.34 23.77
CA ARG B 352 -19.83 24.13 23.78
C ARG B 352 -19.25 24.91 24.96
N LYS B 353 -18.95 24.21 26.06
CA LYS B 353 -18.38 24.81 27.25
C LYS B 353 -16.95 24.29 27.40
N ARG B 354 -16.00 25.03 26.84
CA ARG B 354 -14.60 24.63 26.88
C ARG B 354 -14.01 24.90 28.27
N ILE B 355 -13.29 23.93 28.80
CA ILE B 355 -12.64 24.04 30.10
C ILE B 355 -11.14 24.13 29.90
N SER B 356 -10.48 24.90 30.77
CA SER B 356 -9.04 25.09 30.68
C SER B 356 -8.50 25.40 32.06
N ASN B 357 -7.21 25.10 32.25
CA ASN B 357 -6.50 25.34 33.51
C ASN B 357 -7.19 24.61 34.67
N CYS B 358 -7.30 23.29 34.52
CA CYS B 358 -7.92 22.46 35.54
C CYS B 358 -7.44 21.02 35.35
N VAL B 359 -7.59 20.24 36.41
CA VAL B 359 -7.21 18.83 36.41
C VAL B 359 -8.45 17.99 36.08
N ALA B 360 -8.31 17.08 35.12
CA ALA B 360 -9.42 16.25 34.66
C ALA B 360 -9.16 14.82 35.06
N ASP B 361 -9.95 14.32 36.02
CA ASP B 361 -9.88 12.93 36.47
C ASP B 361 -11.04 12.19 35.81
N TYR B 362 -10.75 11.52 34.69
CA TYR B 362 -11.78 10.81 33.95
C TYR B 362 -12.31 9.58 34.68
N SER B 363 -11.68 9.19 35.79
CA SER B 363 -12.18 8.06 36.55
C SER B 363 -13.53 8.34 37.21
N VAL B 364 -13.89 9.61 37.38
CA VAL B 364 -15.18 9.96 37.96
C VAL B 364 -16.31 9.55 37.03
N LEU B 365 -16.08 9.58 35.72
CA LEU B 365 -17.13 9.25 34.75
C LEU B 365 -17.51 7.77 34.79
N TYR B 366 -16.65 6.92 35.36
CA TYR B 366 -16.97 5.48 35.39
C TYR B 366 -18.02 5.18 36.45
N ASN B 367 -17.94 5.82 37.61
CA ASN B 367 -18.87 5.58 38.71
C ASN B 367 -20.20 6.32 38.53
N LEU B 368 -20.40 6.98 37.39
CA LEU B 368 -21.65 7.66 37.12
C LEU B 368 -22.69 6.68 36.57
N ALA B 369 -23.75 7.21 35.96
CA ALA B 369 -24.76 6.38 35.30
C ALA B 369 -24.10 5.51 34.24
N PRO B 370 -24.67 4.32 33.94
CA PRO B 370 -24.05 3.44 32.95
C PRO B 370 -23.89 4.08 31.59
N PHE B 371 -22.64 4.26 31.16
CA PHE B 371 -22.32 4.85 29.86
C PHE B 371 -21.90 3.77 28.87
N PHE B 372 -22.87 3.03 28.33
CA PHE B 372 -22.57 1.98 27.36
C PHE B 372 -22.44 2.54 25.96
N THR B 373 -21.73 3.67 25.82
CA THR B 373 -21.42 4.23 24.52
C THR B 373 -19.99 4.75 24.47
N PHE B 374 -19.14 4.35 25.42
CA PHE B 374 -17.79 4.89 25.56
C PHE B 374 -16.89 4.32 24.46
N LYS B 375 -17.17 4.73 23.24
CA LYS B 375 -16.38 4.34 22.06
C LYS B 375 -15.40 5.47 21.78
N CYS B 376 -14.23 5.39 22.39
CA CYS B 376 -13.21 6.44 22.27
C CYS B 376 -12.57 6.35 20.89
N TYR B 377 -13.18 7.03 19.91
CA TYR B 377 -12.57 7.20 18.60
C TYR B 377 -11.47 8.25 18.75
N GLY B 378 -10.34 7.82 19.28
CA GLY B 378 -9.29 8.74 19.64
C GLY B 378 -8.09 8.07 20.30
N VAL B 379 -7.63 8.61 21.42
CA VAL B 379 -6.39 8.16 22.01
C VAL B 379 -6.55 6.78 22.65
N SER B 380 -7.40 6.68 23.68
CA SER B 380 -7.59 5.43 24.40
C SER B 380 -8.73 5.54 25.40
N PRO B 381 -9.58 4.51 25.51
CA PRO B 381 -10.63 4.54 26.54
C PRO B 381 -10.07 4.42 27.95
N THR B 382 -9.20 3.43 28.17
CA THR B 382 -8.67 3.18 29.50
C THR B 382 -7.52 4.11 29.84
N LYS B 383 -6.44 4.05 29.06
CA LYS B 383 -5.25 4.85 29.31
C LYS B 383 -5.52 6.31 28.91
N LEU B 384 -6.33 6.96 29.74
CA LEU B 384 -6.72 8.35 29.49
C LEU B 384 -6.33 9.31 30.61
N ASN B 385 -6.25 8.86 31.87
CA ASN B 385 -5.87 9.74 32.96
C ASN B 385 -4.42 10.18 32.84
N ASP B 386 -3.55 9.31 32.31
CA ASP B 386 -2.12 9.61 32.19
C ASP B 386 -1.84 10.19 30.80
N LEU B 387 -2.44 11.36 30.56
CA LEU B 387 -2.29 12.02 29.27
C LEU B 387 -2.63 13.50 29.44
N CYS B 388 -1.69 14.38 29.11
CA CYS B 388 -1.93 15.81 29.13
C CYS B 388 -2.68 16.24 27.87
N PHE B 389 -3.57 17.21 28.04
CA PHE B 389 -4.35 17.75 26.94
C PHE B 389 -4.21 19.27 26.91
N THR B 390 -4.23 19.82 25.69
CA THR B 390 -4.07 21.25 25.47
C THR B 390 -5.41 21.98 25.43
N ASN B 391 -6.31 21.57 24.54
CA ASN B 391 -7.63 22.19 24.38
C ASN B 391 -8.67 21.09 24.34
N VAL B 392 -9.52 21.04 25.36
CA VAL B 392 -10.62 20.08 25.43
C VAL B 392 -11.92 20.84 25.23
N TYR B 393 -12.65 20.50 24.17
CA TYR B 393 -13.91 21.16 23.82
C TYR B 393 -15.04 20.17 24.04
N ALA B 394 -15.87 20.44 25.04
CA ALA B 394 -16.98 19.55 25.40
C ALA B 394 -18.25 20.03 24.72
N ASP B 395 -18.73 19.26 23.75
CA ASP B 395 -19.99 19.50 23.08
C ASP B 395 -21.07 18.62 23.69
N SER B 396 -22.32 18.96 23.40
CA SER B 396 -23.45 18.23 23.96
C SER B 396 -24.65 18.34 23.03
N PHE B 397 -25.44 17.28 22.97
CA PHE B 397 -26.68 17.25 22.19
C PHE B 397 -27.43 15.97 22.54
N VAL B 398 -28.72 15.97 22.26
CA VAL B 398 -29.61 14.85 22.56
C VAL B 398 -30.18 14.33 21.25
N ILE B 399 -29.98 13.04 20.98
CA ILE B 399 -30.48 12.38 19.79
C ILE B 399 -31.21 11.11 20.20
N ARG B 400 -31.69 10.37 19.21
CA ARG B 400 -32.41 9.12 19.45
C ARG B 400 -31.40 8.00 19.69
N GLY B 401 -31.89 6.76 19.72
CA GLY B 401 -31.05 5.61 19.97
C GLY B 401 -30.38 5.06 18.73
N ASP B 402 -31.13 4.94 17.64
CA ASP B 402 -30.58 4.41 16.40
C ASP B 402 -29.72 5.42 15.64
N GLU B 403 -29.51 6.62 16.20
CA GLU B 403 -28.72 7.65 15.55
C GLU B 403 -27.39 7.91 16.25
N VAL B 404 -27.06 7.15 17.30
CA VAL B 404 -25.81 7.37 18.00
C VAL B 404 -24.63 6.85 17.19
N ARG B 405 -24.87 5.89 16.28
CA ARG B 405 -23.80 5.34 15.46
C ARG B 405 -23.29 6.30 14.40
N GLN B 406 -23.90 7.48 14.26
CA GLN B 406 -23.47 8.48 13.29
C GLN B 406 -22.56 9.54 13.88
N ILE B 407 -22.21 9.43 15.16
CA ILE B 407 -21.38 10.42 15.83
C ILE B 407 -19.91 10.07 15.60
N ALA B 408 -19.67 8.87 15.08
CA ALA B 408 -18.31 8.47 14.76
C ALA B 408 -17.73 9.34 13.64
N PRO B 409 -16.41 9.52 13.61
CA PRO B 409 -15.81 10.38 12.58
C PRO B 409 -15.95 9.79 11.18
N GLY B 410 -16.91 10.29 10.43
CA GLY B 410 -17.17 9.79 9.08
C GLY B 410 -18.36 8.86 9.04
N GLN B 411 -19.51 9.36 8.61
CA GLN B 411 -20.75 8.59 8.56
C GLN B 411 -21.79 9.37 7.76
N THR B 412 -22.76 8.64 7.22
CA THR B 412 -23.87 9.25 6.52
C THR B 412 -25.05 9.40 7.49
N GLY B 413 -26.22 9.79 6.97
CA GLY B 413 -27.39 9.95 7.81
C GLY B 413 -28.05 11.31 7.66
N ASN B 414 -28.68 11.78 8.73
CA ASN B 414 -29.38 13.07 8.69
C ASN B 414 -28.77 14.05 9.68
N ILE B 415 -28.39 13.56 10.88
CA ILE B 415 -27.76 14.40 11.89
C ILE B 415 -26.26 14.51 11.70
N ALA B 416 -25.64 13.56 11.01
CA ALA B 416 -24.21 13.60 10.73
C ALA B 416 -23.89 14.28 9.41
N ASP B 417 -24.88 14.90 8.77
CA ASP B 417 -24.67 15.60 7.50
C ASP B 417 -25.22 17.01 7.49
N TYR B 418 -26.23 17.33 8.31
CA TYR B 418 -26.80 18.67 8.32
C TYR B 418 -27.04 19.22 9.72
N ASN B 419 -26.78 18.45 10.77
CA ASN B 419 -26.98 18.90 12.14
C ASN B 419 -25.68 19.00 12.92
N TYR B 420 -24.88 17.94 12.95
CA TYR B 420 -23.61 17.95 13.67
C TYR B 420 -22.70 16.89 13.04
N LYS B 421 -21.69 17.33 12.31
CA LYS B 421 -20.77 16.44 11.61
C LYS B 421 -19.38 16.58 12.19
N LEU B 422 -18.70 15.44 12.36
CA LEU B 422 -17.34 15.41 12.88
C LEU B 422 -16.33 15.16 11.76
N PRO B 423 -15.18 15.81 11.79
CA PRO B 423 -14.17 15.58 10.77
C PRO B 423 -13.54 14.20 10.93
N ASP B 424 -12.82 13.78 9.89
CA ASP B 424 -12.07 12.53 9.97
C ASP B 424 -10.67 12.76 10.53
N ASP B 425 -10.62 13.52 11.63
CA ASP B 425 -9.40 13.71 12.39
C ASP B 425 -9.66 13.72 13.89
N PHE B 426 -10.90 13.49 14.32
CA PHE B 426 -11.29 13.63 15.72
C PHE B 426 -10.60 12.59 16.60
N THR B 427 -9.62 13.03 17.38
CA THR B 427 -8.93 12.17 18.32
C THR B 427 -9.46 12.41 19.73
N GLY B 428 -10.65 11.86 19.99
CA GLY B 428 -11.30 12.06 21.27
C GLY B 428 -12.16 10.90 21.71
N CYS B 429 -13.25 11.20 22.42
CA CYS B 429 -14.17 10.19 22.92
C CYS B 429 -15.59 10.72 22.85
N VAL B 430 -16.53 9.82 22.57
CA VAL B 430 -17.96 10.15 22.55
C VAL B 430 -18.63 9.39 23.68
N ILE B 431 -19.40 10.11 24.50
CA ILE B 431 -20.06 9.53 25.67
C ILE B 431 -21.56 9.78 25.52
N ALA B 432 -22.34 8.70 25.53
CA ALA B 432 -23.78 8.79 25.44
C ALA B 432 -24.42 7.79 26.40
N TRP B 433 -25.63 8.11 26.85
CA TRP B 433 -26.37 7.24 27.75
C TRP B 433 -27.86 7.48 27.57
N ASN B 434 -28.65 6.46 27.87
CA ASN B 434 -30.10 6.57 27.76
C ASN B 434 -30.64 7.59 28.76
N SER B 435 -31.31 8.61 28.25
CA SER B 435 -31.87 9.68 29.06
C SER B 435 -33.40 9.65 29.00
N ASN B 436 -33.96 8.48 28.73
CA ASN B 436 -35.41 8.32 28.67
C ASN B 436 -36.07 8.40 30.04
N LYS B 437 -35.28 8.45 31.12
CA LYS B 437 -35.86 8.54 32.46
C LYS B 437 -36.31 9.95 32.79
N LEU B 438 -35.67 10.97 32.21
CA LEU B 438 -36.00 12.35 32.52
C LEU B 438 -36.22 13.21 31.29
N ASP B 439 -36.03 12.67 30.08
CA ASP B 439 -36.21 13.42 28.85
C ASP B 439 -37.28 12.76 27.97
N SER B 440 -38.26 12.12 28.59
CA SER B 440 -39.35 11.48 27.86
C SER B 440 -40.63 11.65 28.66
N LYS B 441 -41.58 12.39 28.12
CA LYS B 441 -42.82 12.71 28.81
C LYS B 441 -44.01 12.22 27.98
N VAL B 442 -45.20 12.33 28.58
CA VAL B 442 -46.43 11.91 27.93
C VAL B 442 -46.72 12.82 26.75
N SER B 443 -47.26 12.25 25.67
CA SER B 443 -47.65 12.94 24.45
C SER B 443 -46.46 13.56 23.72
N GLY B 444 -45.23 13.21 24.09
CA GLY B 444 -44.06 13.67 23.37
C GLY B 444 -43.40 14.90 23.99
N ASN B 445 -42.08 14.86 24.09
CA ASN B 445 -41.29 16.00 24.56
C ASN B 445 -40.83 16.78 23.34
N TYR B 446 -41.48 17.90 23.06
CA TYR B 446 -41.19 18.72 21.89
C TYR B 446 -40.17 19.81 22.18
N ASN B 447 -39.30 19.61 23.18
CA ASN B 447 -38.26 20.57 23.52
C ASN B 447 -36.94 20.29 22.81
N TYR B 448 -36.96 19.44 21.78
CA TYR B 448 -35.77 19.14 21.01
C TYR B 448 -36.12 19.19 19.53
N LEU B 449 -35.50 20.12 18.81
CA LEU B 449 -35.74 20.30 17.39
C LEU B 449 -34.49 19.92 16.61
N TYR B 450 -34.68 19.19 15.51
CA TYR B 450 -33.58 18.76 14.65
C TYR B 450 -33.84 19.21 13.23
N ARG B 451 -32.78 19.66 12.56
CA ARG B 451 -32.89 20.14 11.19
C ARG B 451 -33.06 18.98 10.23
N LEU B 452 -33.96 19.14 9.27
CA LEU B 452 -34.27 18.11 8.28
C LEU B 452 -33.95 18.52 6.86
N PHE B 453 -34.22 19.77 6.49
CA PHE B 453 -34.02 20.25 5.13
C PHE B 453 -32.85 21.25 5.13
N ARG B 454 -31.77 20.89 4.43
CA ARG B 454 -30.60 21.75 4.32
C ARG B 454 -30.04 21.61 2.91
N LYS B 455 -29.66 22.73 2.31
CA LYS B 455 -29.18 22.72 0.93
C LYS B 455 -27.91 21.89 0.78
N SER B 456 -26.84 22.31 1.44
CA SER B 456 -25.55 21.65 1.34
C SER B 456 -25.24 20.88 2.61
N ASN B 457 -24.26 19.98 2.52
CA ASN B 457 -23.83 19.21 3.69
C ASN B 457 -23.14 20.12 4.69
N LEU B 458 -23.37 19.84 5.97
CA LEU B 458 -22.76 20.63 7.03
C LEU B 458 -21.24 20.42 7.06
N LYS B 459 -20.50 21.52 7.12
CA LYS B 459 -19.05 21.43 7.16
C LYS B 459 -18.58 21.05 8.56
N PRO B 460 -17.36 20.51 8.67
CA PRO B 460 -16.83 20.16 9.99
C PRO B 460 -16.96 21.30 11.00
N PHE B 461 -17.58 21.00 12.13
CA PHE B 461 -17.71 21.92 13.25
C PHE B 461 -18.42 23.22 12.83
N GLU B 462 -19.67 23.07 12.43
CA GLU B 462 -20.52 24.20 12.08
C GLU B 462 -21.84 24.11 12.83
N ARG B 463 -22.27 25.22 13.41
CA ARG B 463 -23.52 25.30 14.16
C ARG B 463 -24.46 26.26 13.44
N ASP B 464 -25.57 25.72 12.93
CA ASP B 464 -26.53 26.51 12.17
C ASP B 464 -27.68 26.88 13.11
N ILE B 465 -27.50 28.03 13.80
CA ILE B 465 -28.52 28.51 14.71
C ILE B 465 -29.63 29.27 14.00
N SER B 466 -29.44 29.63 12.74
CA SER B 466 -30.47 30.35 12.00
C SER B 466 -31.57 29.41 11.55
N THR B 467 -32.76 29.98 11.35
CA THR B 467 -33.95 29.22 10.93
C THR B 467 -34.72 30.05 9.92
N GLU B 468 -34.44 29.82 8.64
CA GLU B 468 -35.13 30.49 7.54
C GLU B 468 -36.01 29.50 6.80
N ILE B 469 -37.02 30.03 6.11
CA ILE B 469 -37.93 29.18 5.35
C ILE B 469 -37.16 28.50 4.23
N TYR B 470 -37.13 27.17 4.26
CA TYR B 470 -36.37 26.39 3.28
C TYR B 470 -37.13 26.35 1.96
N GLN B 471 -36.75 27.25 1.05
CA GLN B 471 -37.32 27.28 -0.28
C GLN B 471 -36.50 26.40 -1.20
N ALA B 472 -37.07 25.27 -1.64
CA ALA B 472 -36.34 24.30 -2.43
C ALA B 472 -36.41 24.62 -3.92
N GLY B 473 -36.10 25.86 -4.29
CA GLY B 473 -36.02 26.26 -5.68
C GLY B 473 -37.32 26.14 -6.46
N ASN B 474 -37.28 26.54 -7.74
CA ASN B 474 -38.34 26.39 -8.73
C ASN B 474 -39.56 27.25 -8.44
N LYS B 475 -39.59 27.97 -7.31
CA LYS B 475 -40.72 28.83 -6.98
C LYS B 475 -40.33 29.77 -5.85
N PRO B 476 -40.56 31.08 -5.99
CA PRO B 476 -40.24 32.03 -4.91
C PRO B 476 -41.26 31.91 -3.78
N CYS B 477 -40.81 31.42 -2.63
CA CYS B 477 -41.67 31.24 -1.46
C CYS B 477 -41.42 32.36 -0.46
N ASN B 478 -42.21 32.34 0.61
CA ASN B 478 -42.14 33.34 1.66
C ASN B 478 -42.31 32.64 3.01
N GLY B 479 -42.55 33.43 4.05
CA GLY B 479 -42.74 32.88 5.38
C GLY B 479 -44.07 32.18 5.57
N VAL B 480 -44.36 31.20 4.73
CA VAL B 480 -45.59 30.42 4.78
C VAL B 480 -45.25 28.94 4.69
N ALA B 481 -46.29 28.11 4.69
CA ALA B 481 -46.13 26.66 4.59
C ALA B 481 -47.10 26.14 3.54
N GLY B 482 -46.58 25.38 2.58
CA GLY B 482 -47.37 24.85 1.50
C GLY B 482 -46.93 23.45 1.13
N PHE B 483 -47.15 23.08 -0.12
CA PHE B 483 -46.80 21.74 -0.58
C PHE B 483 -45.31 21.64 -0.91
N ASN B 484 -44.83 22.50 -1.79
CA ASN B 484 -43.42 22.52 -2.18
C ASN B 484 -42.57 23.41 -1.29
N CYS B 485 -43.18 24.18 -0.39
CA CYS B 485 -42.45 25.05 0.52
C CYS B 485 -42.76 24.63 1.94
N TYR B 486 -41.71 24.26 2.69
CA TYR B 486 -41.85 23.71 4.04
C TYR B 486 -40.80 24.34 4.94
N PHE B 487 -40.78 23.88 6.19
CA PHE B 487 -39.90 24.33 7.27
C PHE B 487 -38.71 23.40 7.42
N PRO B 488 -37.51 23.94 7.61
CA PRO B 488 -36.33 23.06 7.69
C PRO B 488 -36.26 22.28 8.98
N LEU B 489 -36.56 22.90 10.12
CA LEU B 489 -36.47 22.24 11.41
C LEU B 489 -37.68 21.35 11.65
N ARG B 490 -37.46 20.26 12.38
CA ARG B 490 -38.50 19.32 12.76
C ARG B 490 -38.61 19.27 14.28
N SER B 491 -39.43 18.35 14.78
CA SER B 491 -39.66 18.23 16.22
C SER B 491 -39.59 16.76 16.61
N TYR B 492 -38.78 16.47 17.63
CA TYR B 492 -38.69 15.10 18.14
C TYR B 492 -39.86 14.80 19.06
N SER B 493 -40.36 13.58 18.97
CA SER B 493 -41.47 13.10 19.80
C SER B 493 -40.91 12.00 20.71
N PHE B 494 -40.40 12.40 21.88
CA PHE B 494 -39.81 11.48 22.84
C PHE B 494 -40.90 11.01 23.80
N ARG B 495 -41.48 9.84 23.50
CA ARG B 495 -42.49 9.24 24.36
C ARG B 495 -41.95 7.97 25.01
N PRO B 496 -42.38 7.69 26.24
CA PRO B 496 -41.97 6.43 26.89
C PRO B 496 -42.55 5.18 26.26
N THR B 497 -43.34 5.31 25.20
CA THR B 497 -43.94 4.18 24.51
C THR B 497 -43.02 3.59 23.45
N TYR B 498 -41.77 4.04 23.40
CA TYR B 498 -40.83 3.59 22.39
C TYR B 498 -39.74 2.75 23.04
N GLY B 499 -39.31 1.70 22.35
CA GLY B 499 -38.25 0.85 22.82
C GLY B 499 -36.88 1.46 22.58
N VAL B 500 -35.86 0.62 22.74
CA VAL B 500 -34.47 1.03 22.54
C VAL B 500 -34.26 1.41 21.08
N GLY B 501 -33.96 2.68 20.83
CA GLY B 501 -33.74 3.15 19.48
C GLY B 501 -34.40 4.48 19.20
N HIS B 502 -35.56 4.71 19.82
CA HIS B 502 -36.28 5.97 19.68
C HIS B 502 -36.30 6.79 20.96
N GLN B 503 -35.57 6.34 21.99
CA GLN B 503 -35.46 7.02 23.27
C GLN B 503 -34.36 8.09 23.22
N PRO B 504 -34.48 9.14 24.03
CA PRO B 504 -33.45 10.18 24.01
C PRO B 504 -32.13 9.69 24.60
N TYR B 505 -31.04 10.13 23.99
CA TYR B 505 -29.69 9.78 24.44
C TYR B 505 -28.86 11.04 24.49
N ARG B 506 -28.49 11.47 25.69
CA ARG B 506 -27.64 12.64 25.87
C ARG B 506 -26.22 12.30 25.45
N VAL B 507 -25.79 12.84 24.30
CA VAL B 507 -24.46 12.58 23.76
C VAL B 507 -23.57 13.76 24.06
N VAL B 508 -22.38 13.49 24.61
CA VAL B 508 -21.40 14.51 24.94
C VAL B 508 -20.04 14.02 24.46
N VAL B 509 -19.40 14.79 23.60
CA VAL B 509 -18.09 14.45 23.07
C VAL B 509 -17.05 15.39 23.66
N LEU B 510 -15.79 14.96 23.60
CA LEU B 510 -14.67 15.75 24.10
C LEU B 510 -13.65 15.90 22.96
N SER B 511 -13.49 17.12 22.47
CA SER B 511 -12.60 17.40 21.34
C SER B 511 -11.20 17.63 21.89
N PHE B 512 -10.34 16.61 21.78
CA PHE B 512 -8.95 16.72 22.23
C PHE B 512 -8.09 17.17 21.05
N GLU B 513 -7.60 18.40 21.12
CA GLU B 513 -6.78 18.92 20.03
C GLU B 513 -5.39 18.29 20.03
N LEU B 514 -4.74 18.28 21.19
CA LEU B 514 -3.41 17.70 21.36
C LEU B 514 -2.38 18.32 20.40
N LEU B 515 -2.56 19.60 20.09
CA LEU B 515 -1.62 20.30 19.23
C LEU B 515 -0.40 20.75 20.03
N HIS B 516 0.68 21.06 19.33
CA HIS B 516 1.92 21.47 19.97
C HIS B 516 1.74 22.88 20.54
N ALA B 517 1.46 22.95 21.84
CA ALA B 517 1.16 24.21 22.52
C ALA B 517 1.20 24.00 24.02
N PRO B 518 1.30 25.07 24.83
CA PRO B 518 1.25 24.89 26.29
C PRO B 518 -0.06 24.29 26.76
N ALA B 519 0.02 23.07 27.31
CA ALA B 519 -1.18 22.39 27.76
C ALA B 519 -1.66 22.95 29.10
N THR B 520 -2.97 22.86 29.30
CA THR B 520 -3.60 23.36 30.52
C THR B 520 -4.34 22.27 31.29
N VAL B 521 -4.77 21.20 30.62
CA VAL B 521 -5.52 20.13 31.24
C VAL B 521 -4.67 18.87 31.17
N CYS B 522 -3.90 18.62 32.22
CA CYS B 522 -3.08 17.42 32.34
C CYS B 522 -3.81 16.38 33.20
N GLY B 523 -3.11 15.31 33.57
CA GLY B 523 -3.70 14.25 34.34
C GLY B 523 -3.36 14.32 35.82
N PRO B 524 -4.20 13.70 36.65
CA PRO B 524 -3.96 13.73 38.10
C PRO B 524 -3.01 12.63 38.57
N LYS B 525 -2.23 12.07 37.65
CA LYS B 525 -1.41 10.89 37.95
C LYS B 525 -0.47 11.10 39.12
N LYS B 526 0.49 12.02 38.98
CA LYS B 526 1.50 12.24 40.02
C LYS B 526 2.38 13.43 39.70
N SER B 527 2.94 14.06 40.73
CA SER B 527 3.93 15.11 40.56
C SER B 527 5.19 14.73 41.31
N THR B 528 6.09 14.02 40.64
CA THR B 528 7.28 13.48 41.29
C THR B 528 8.38 14.55 41.37
N ASN B 529 9.54 14.14 41.87
CA ASN B 529 10.67 15.04 42.02
C ASN B 529 11.41 15.21 40.70
N LEU B 530 12.60 15.82 40.75
CA LEU B 530 13.36 16.11 39.54
C LEU B 530 14.85 16.00 39.83
N VAL B 531 15.53 15.13 39.09
CA VAL B 531 16.97 15.05 39.10
C VAL B 531 17.50 15.73 37.84
N LYS B 532 18.75 16.18 37.91
CA LYS B 532 19.31 16.99 36.83
C LYS B 532 20.43 16.22 36.17
N ASN B 533 21.45 15.78 36.91
CA ASN B 533 22.61 15.10 36.32
C ASN B 533 22.43 13.60 36.47
N LYS B 534 21.50 13.05 35.69
CA LYS B 534 21.22 11.62 35.73
C LYS B 534 20.37 11.25 34.51
N CYS B 535 20.82 10.22 33.78
CA CYS B 535 20.04 9.71 32.67
C CYS B 535 18.85 8.92 33.19
N VAL B 536 17.65 9.50 33.07
CA VAL B 536 16.42 8.92 33.61
C VAL B 536 15.31 9.14 32.59
N ASN B 537 14.11 8.67 32.94
CA ASN B 537 12.93 8.88 32.12
C ASN B 537 12.21 10.16 32.54
N PHE B 538 11.70 10.89 31.56
CA PHE B 538 10.97 12.12 31.82
C PHE B 538 9.67 12.12 31.05
N ASN B 539 8.63 12.68 31.65
CA ASN B 539 7.31 12.78 31.04
C ASN B 539 6.76 14.19 31.25
N PHE B 540 7.59 15.19 30.94
CA PHE B 540 7.21 16.58 31.14
C PHE B 540 6.04 16.99 30.25
N ASN B 541 4.86 17.17 30.86
CA ASN B 541 3.67 17.64 30.16
C ASN B 541 3.32 16.73 28.99
N GLY B 542 3.47 15.42 29.20
CA GLY B 542 3.16 14.43 28.19
C GLY B 542 4.31 14.06 27.28
N LEU B 543 5.36 14.88 27.23
CA LEU B 543 6.52 14.63 26.38
C LEU B 543 7.34 13.53 27.04
N LYS B 544 7.05 12.28 26.68
CA LYS B 544 7.73 11.12 27.24
C LYS B 544 9.02 10.87 26.48
N GLY B 545 10.11 10.68 27.20
CA GLY B 545 11.40 10.42 26.59
C GLY B 545 12.44 9.94 27.58
N THR B 546 13.67 9.73 27.09
CA THR B 546 14.78 9.29 27.92
C THR B 546 15.99 10.18 27.64
N GLY B 547 16.79 10.39 28.67
CA GLY B 547 18.01 11.16 28.53
C GLY B 547 18.25 12.03 29.75
N VAL B 548 19.47 12.60 29.79
CA VAL B 548 19.84 13.47 30.90
C VAL B 548 19.15 14.82 30.73
N LEU B 549 18.68 15.37 31.85
CA LEU B 549 18.00 16.67 31.85
C LEU B 549 18.90 17.67 32.57
N THR B 550 19.83 18.28 31.82
CA THR B 550 20.78 19.22 32.41
C THR B 550 20.15 20.60 32.54
N GLU B 551 20.96 21.58 32.95
CA GLU B 551 20.51 22.97 33.12
C GLU B 551 21.01 23.78 31.93
N SER B 552 20.14 23.97 30.94
CA SER B 552 20.52 24.70 29.73
C SER B 552 20.71 26.18 30.06
N ASN B 553 21.35 26.89 29.12
CA ASN B 553 21.60 28.31 29.24
C ASN B 553 21.06 29.04 28.02
N LYS B 554 19.83 28.69 27.62
CA LYS B 554 19.21 29.28 26.44
C LYS B 554 18.54 30.61 26.76
N LYS B 555 17.77 31.14 25.81
CA LYS B 555 17.09 32.42 26.00
C LYS B 555 15.63 32.30 25.58
N PHE B 556 14.96 31.26 26.08
CA PHE B 556 13.56 31.00 25.76
C PHE B 556 12.68 32.21 26.03
N LEU B 557 11.94 32.63 25.01
CA LEU B 557 10.99 33.71 25.19
C LEU B 557 9.83 33.25 26.07
N PRO B 558 9.12 34.17 26.73
CA PRO B 558 8.04 33.76 27.65
C PRO B 558 6.99 32.85 27.02
N PHE B 559 6.63 33.11 25.76
CA PHE B 559 5.62 32.28 25.11
C PHE B 559 6.22 31.00 24.55
N GLN B 560 7.54 30.97 24.36
CA GLN B 560 8.20 29.78 23.86
C GLN B 560 8.57 28.86 25.02
N GLN B 561 7.99 27.66 25.04
CA GLN B 561 8.25 26.72 26.12
C GLN B 561 9.06 25.51 25.63
N PHE B 562 8.65 24.93 24.52
CA PHE B 562 9.34 23.76 23.99
C PHE B 562 10.46 24.20 23.03
N GLY B 563 11.43 23.31 22.86
CA GLY B 563 12.54 23.59 21.98
C GLY B 563 12.96 22.39 21.14
N ARG B 564 12.96 22.57 19.81
CA ARG B 564 13.38 21.53 18.90
C ARG B 564 14.80 21.80 18.42
N ASP B 565 15.27 21.01 17.45
CA ASP B 565 16.64 21.13 16.96
C ASP B 565 16.66 21.01 15.44
N ILE B 566 17.85 20.80 14.88
CA ILE B 566 18.00 20.74 13.43
C ILE B 566 17.20 19.60 12.81
N ALA B 567 17.08 18.46 13.50
CA ALA B 567 16.39 17.29 12.98
C ALA B 567 14.96 17.20 13.51
N ASP B 568 14.40 18.33 13.92
CA ASP B 568 13.04 18.41 14.43
C ASP B 568 12.82 17.45 15.60
N THR B 569 13.75 17.48 16.55
CA THR B 569 13.70 16.65 17.75
C THR B 569 13.77 17.54 18.98
N THR B 570 12.97 17.20 19.99
CA THR B 570 12.92 17.99 21.20
C THR B 570 14.28 18.01 21.90
N ASP B 571 14.88 19.19 21.98
CA ASP B 571 16.18 19.38 22.60
C ASP B 571 16.11 20.04 23.97
N ALA B 572 15.20 20.98 24.16
CA ALA B 572 15.02 21.66 25.44
C ALA B 572 13.54 21.72 25.78
N VAL B 573 13.26 21.94 27.06
CA VAL B 573 11.88 21.98 27.55
C VAL B 573 11.87 22.78 28.84
N ARG B 574 10.74 23.43 29.12
CA ARG B 574 10.54 24.16 30.36
C ARG B 574 9.78 23.29 31.36
N ASP B 575 10.06 23.52 32.64
CA ASP B 575 9.40 22.73 33.67
C ASP B 575 8.04 23.32 34.01
N PRO B 576 7.01 22.50 34.16
CA PRO B 576 5.68 23.06 34.50
C PRO B 576 5.63 23.75 35.86
N GLN B 577 6.29 23.19 36.87
CA GLN B 577 6.27 23.79 38.19
C GLN B 577 7.08 25.08 38.24
N THR B 578 8.39 25.00 37.97
CA THR B 578 9.28 26.15 37.99
C THR B 578 9.56 26.56 36.55
N LEU B 579 9.36 27.83 36.24
CA LEU B 579 9.59 28.33 34.89
C LEU B 579 11.08 28.46 34.61
N GLU B 580 11.73 27.33 34.32
CA GLU B 580 13.15 27.29 34.01
C GLU B 580 13.35 26.67 32.64
N ILE B 581 14.61 26.51 32.24
CA ILE B 581 14.96 25.94 30.95
C ILE B 581 15.95 24.80 31.19
N LEU B 582 15.58 23.61 30.73
CA LEU B 582 16.41 22.42 30.87
C LEU B 582 16.67 21.80 29.50
N ASP B 583 17.88 21.31 29.32
CA ASP B 583 18.30 20.67 28.09
C ASP B 583 18.04 19.17 28.15
N ILE B 584 17.70 18.59 27.00
CA ILE B 584 17.40 17.17 26.88
C ILE B 584 18.46 16.56 25.98
N THR B 585 19.46 15.92 26.58
CA THR B 585 20.48 15.21 25.82
C THR B 585 20.25 13.71 25.97
N PRO B 586 20.37 12.94 24.90
CA PRO B 586 20.10 11.49 24.99
C PRO B 586 21.10 10.80 25.91
N CYS B 587 20.66 9.66 26.45
CA CYS B 587 21.51 8.87 27.32
C CYS B 587 22.75 8.40 26.55
N SER B 588 23.84 8.17 27.29
CA SER B 588 25.10 7.77 26.69
C SER B 588 24.97 6.48 25.91
N PHE B 589 25.15 6.57 24.59
CA PHE B 589 25.03 5.42 23.69
C PHE B 589 26.36 5.20 22.98
N GLY B 590 26.37 4.29 22.03
CA GLY B 590 27.56 4.00 21.26
C GLY B 590 27.48 2.61 20.66
N GLY B 591 28.61 2.21 20.06
CA GLY B 591 28.71 0.91 19.45
C GLY B 591 29.96 0.16 19.87
N VAL B 592 29.82 -1.13 20.16
CA VAL B 592 30.95 -1.94 20.61
C VAL B 592 31.57 -2.66 19.43
N SER B 593 32.83 -3.06 19.59
CA SER B 593 33.55 -3.79 18.56
C SER B 593 34.51 -4.75 19.24
N VAL B 594 34.43 -6.03 18.87
CA VAL B 594 35.22 -7.09 19.51
C VAL B 594 36.45 -7.35 18.66
N ILE B 595 37.62 -7.27 19.28
CA ILE B 595 38.89 -7.55 18.62
C ILE B 595 39.34 -8.94 19.06
N THR B 596 39.19 -9.93 18.18
CA THR B 596 39.53 -11.30 18.49
C THR B 596 40.61 -11.80 17.54
N PRO B 597 41.72 -12.33 18.05
CA PRO B 597 42.75 -12.91 17.17
C PRO B 597 42.33 -14.18 16.46
N GLY B 598 41.16 -14.72 16.76
CA GLY B 598 40.69 -15.95 16.13
C GLY B 598 40.63 -17.07 17.15
N THR B 599 39.56 -17.87 17.04
CA THR B 599 39.38 -19.00 17.96
C THR B 599 40.18 -20.20 17.49
N ASN B 600 41.48 -20.02 17.28
CA ASN B 600 42.36 -21.10 16.88
C ASN B 600 43.66 -21.04 17.67
N THR B 601 43.91 -19.89 18.30
CA THR B 601 45.11 -19.70 19.09
C THR B 601 44.85 -19.14 20.49
N SER B 602 43.73 -18.43 20.69
CA SER B 602 43.42 -17.87 22.00
C SER B 602 41.95 -17.50 22.09
N ASN B 603 41.49 -17.12 23.29
CA ASN B 603 40.11 -16.73 23.50
C ASN B 603 40.02 -15.31 24.04
N GLN B 604 41.17 -14.71 24.32
CA GLN B 604 41.20 -13.35 24.84
C GLN B 604 40.74 -12.36 23.78
N VAL B 605 39.85 -11.44 24.18
CA VAL B 605 39.28 -10.47 23.25
C VAL B 605 39.56 -9.06 23.74
N ALA B 606 39.10 -8.07 22.99
CA ALA B 606 39.27 -6.66 23.37
C ALA B 606 38.08 -5.88 22.84
N VAL B 607 37.35 -5.23 23.72
CA VAL B 607 36.14 -4.50 23.37
C VAL B 607 36.51 -3.06 23.02
N LEU B 608 35.96 -2.57 21.91
CA LEU B 608 36.19 -1.21 21.46
C LEU B 608 34.88 -0.44 21.55
N TYR B 609 34.73 0.36 22.60
CA TYR B 609 33.53 1.17 22.79
C TYR B 609 33.67 2.45 21.96
N GLN B 610 33.12 2.42 20.76
CA GLN B 610 33.24 3.56 19.85
C GLN B 610 32.46 4.75 20.39
N GLY B 611 33.11 5.92 20.40
CA GLY B 611 32.48 7.13 20.88
C GLY B 611 32.31 7.18 22.38
N VAL B 612 33.34 6.78 23.12
CA VAL B 612 33.32 6.78 24.57
C VAL B 612 34.62 7.39 25.08
N ASN B 613 34.49 8.32 26.03
CA ASN B 613 35.63 9.01 26.61
C ASN B 613 36.24 8.26 27.80
N CYS B 614 36.03 6.94 27.88
CA CYS B 614 36.50 6.10 28.97
C CYS B 614 35.96 6.55 30.32
N THR B 615 34.85 7.29 30.34
CA THR B 615 34.24 7.74 31.57
C THR B 615 32.77 7.36 31.65
N GLU B 616 32.32 6.51 30.74
CA GLU B 616 30.94 6.06 30.71
C GLU B 616 30.80 4.55 30.87
N VAL B 617 31.67 3.78 30.23
CA VAL B 617 31.66 2.31 30.32
C VAL B 617 30.30 1.75 29.91
N ASN B 638 42.93 -3.47 30.54
CA ASN B 638 43.39 -2.11 30.74
C ASN B 638 42.45 -1.11 30.06
N VAL B 639 42.75 0.18 30.22
CA VAL B 639 41.96 1.25 29.64
C VAL B 639 42.88 2.21 28.91
N PHE B 640 42.55 2.47 27.64
CA PHE B 640 43.36 3.39 26.82
C PHE B 640 42.41 4.14 25.91
N GLN B 641 42.34 5.46 26.10
CA GLN B 641 41.47 6.31 25.29
C GLN B 641 42.07 6.52 23.92
N THR B 642 41.31 6.21 22.87
CA THR B 642 41.73 6.43 21.49
C THR B 642 40.87 7.50 20.84
N ARG B 643 41.24 7.86 19.61
CA ARG B 643 40.44 8.81 18.84
C ARG B 643 39.17 8.19 18.26
N ALA B 644 39.05 6.87 18.32
CA ALA B 644 37.84 6.19 17.86
C ALA B 644 36.93 5.76 19.01
N GLY B 645 37.48 5.57 20.21
CA GLY B 645 36.68 5.18 21.35
C GLY B 645 37.59 4.74 22.49
N CYS B 646 36.99 4.00 23.42
CA CYS B 646 37.70 3.48 24.59
C CYS B 646 37.97 2.01 24.39
N LEU B 647 39.24 1.66 24.17
CA LEU B 647 39.65 0.27 23.96
C LEU B 647 39.94 -0.37 25.31
N ILE B 648 39.05 -1.24 25.76
CA ILE B 648 39.21 -1.93 27.04
C ILE B 648 39.59 -3.39 26.79
N GLY B 649 40.82 -3.75 27.13
CA GLY B 649 41.27 -5.12 26.96
C GLY B 649 42.62 -5.23 26.28
N ALA B 650 43.30 -4.10 26.11
CA ALA B 650 44.62 -4.09 25.48
C ALA B 650 45.48 -3.04 26.17
N GLU B 651 46.79 -3.12 25.92
CA GLU B 651 47.77 -2.20 26.48
C GLU B 651 48.49 -1.51 25.34
N TYR B 652 48.72 -0.20 25.50
CA TYR B 652 49.37 0.58 24.46
C TYR B 652 50.89 0.56 24.60
N VAL B 653 51.56 -0.23 23.76
CA VAL B 653 53.01 -0.26 23.77
C VAL B 653 53.56 0.89 22.93
N ASN B 654 54.75 1.37 23.32
CA ASN B 654 55.39 2.49 22.64
C ASN B 654 56.15 2.07 21.38
N ASN B 655 56.21 0.77 21.08
CA ASN B 655 56.89 0.30 19.89
C ASN B 655 55.98 0.41 18.67
N SER B 656 56.60 0.31 17.49
CA SER B 656 55.89 0.42 16.22
C SER B 656 56.07 -0.86 15.43
N TYR B 657 54.95 -1.45 14.99
CA TYR B 657 54.96 -2.65 14.17
C TYR B 657 53.97 -2.47 13.02
N GLU B 658 53.92 -3.49 12.16
CA GLU B 658 52.97 -3.49 11.07
C GLU B 658 51.55 -3.70 11.59
N CYS B 659 50.58 -3.14 10.88
CA CYS B 659 49.20 -3.22 11.30
C CYS B 659 48.62 -4.60 11.00
N ASP B 660 48.09 -5.23 12.04
CA ASP B 660 47.47 -6.56 11.91
C ASP B 660 45.95 -6.47 12.02
N ILE B 661 45.43 -5.82 13.06
CA ILE B 661 43.98 -5.61 13.20
C ILE B 661 43.72 -4.11 13.26
N PRO B 662 43.16 -3.51 12.21
CA PRO B 662 42.93 -2.07 12.21
C PRO B 662 41.85 -1.68 13.22
N ILE B 663 42.21 -0.83 14.17
CA ILE B 663 41.26 -0.36 15.17
C ILE B 663 40.66 0.98 14.78
N GLY B 664 41.50 1.97 14.50
CA GLY B 664 41.02 3.28 14.10
C GLY B 664 42.00 4.38 14.44
N ALA B 665 42.09 5.38 13.56
CA ALA B 665 42.96 6.54 13.75
C ALA B 665 44.43 6.15 13.93
N GLY B 666 44.85 5.07 13.26
CA GLY B 666 46.22 4.61 13.28
C GLY B 666 46.48 3.51 14.29
N ILE B 667 45.62 3.37 15.30
CA ILE B 667 45.80 2.34 16.30
C ILE B 667 45.56 0.97 15.68
N CYS B 668 46.48 0.05 15.92
CA CYS B 668 46.40 -1.31 15.42
C CYS B 668 46.67 -2.30 16.55
N ALA B 669 46.12 -3.51 16.40
CA ALA B 669 46.24 -4.53 17.42
C ALA B 669 46.84 -5.79 16.83
N SER B 670 47.50 -6.56 17.69
CA SER B 670 48.10 -7.83 17.29
C SER B 670 48.29 -8.69 18.53
N TYR B 671 48.32 -9.99 18.32
CA TYR B 671 48.47 -10.96 19.40
C TYR B 671 49.93 -11.39 19.45
N GLN B 672 50.75 -10.64 20.18
CA GLN B 672 52.17 -10.90 20.29
C GLN B 672 52.54 -11.33 21.71
N THR B 673 53.76 -11.79 21.86
CA THR B 673 54.27 -12.25 23.16
C THR B 673 54.52 -11.07 24.09
N SER B 686 53.83 -15.83 28.00
CA SER B 686 52.95 -14.66 28.09
C SER B 686 52.41 -14.27 26.72
N GLN B 687 51.08 -14.27 26.59
CA GLN B 687 50.42 -13.91 25.34
C GLN B 687 49.20 -13.07 25.65
N SER B 688 49.16 -11.84 25.11
CA SER B 688 48.06 -10.93 25.36
C SER B 688 47.91 -10.00 24.16
N ILE B 689 46.73 -9.41 24.04
CA ILE B 689 46.46 -8.47 22.95
C ILE B 689 47.09 -7.13 23.28
N ILE B 690 47.83 -6.57 22.33
CA ILE B 690 48.51 -5.29 22.53
C ILE B 690 47.94 -4.26 21.57
N ALA B 691 48.32 -3.00 21.75
CA ALA B 691 47.90 -1.92 20.87
C ALA B 691 49.09 -1.01 20.63
N TYR B 692 49.21 -0.49 19.42
CA TYR B 692 50.36 0.32 19.04
C TYR B 692 50.01 1.17 17.84
N THR B 693 50.74 2.29 17.70
CA THR B 693 50.62 3.12 16.51
C THR B 693 51.25 2.40 15.32
N MET B 694 50.50 2.30 14.22
CA MET B 694 50.97 1.56 13.06
C MET B 694 52.20 2.22 12.46
N SER B 695 53.16 1.40 12.04
CA SER B 695 54.37 1.91 11.40
C SER B 695 54.18 1.90 9.89
N LEU B 696 54.51 3.02 9.25
CA LEU B 696 54.38 3.17 7.81
C LEU B 696 55.53 2.52 7.04
N GLY B 697 56.34 1.71 7.71
CA GLY B 697 57.48 1.05 7.08
C GLY B 697 58.77 1.47 7.73
N ALA B 698 59.87 1.03 7.11
CA ALA B 698 61.20 1.37 7.58
C ALA B 698 61.48 2.85 7.30
N GLU B 699 62.51 3.37 7.97
CA GLU B 699 62.91 4.78 7.83
C GLU B 699 64.27 4.82 7.14
N ASN B 700 64.26 4.87 5.81
CA ASN B 700 65.48 4.96 5.02
C ASN B 700 65.77 6.43 4.68
N SER B 701 67.04 6.72 4.46
CA SER B 701 67.47 8.08 4.15
C SER B 701 68.46 8.00 2.99
N VAL B 702 67.98 8.29 1.78
CA VAL B 702 68.85 8.30 0.62
C VAL B 702 69.78 9.51 0.68
N ALA B 703 71.08 9.24 0.54
CA ALA B 703 72.11 10.29 0.64
C ALA B 703 72.17 11.00 -0.70
N TYR B 704 71.37 12.07 -0.84
CA TYR B 704 71.36 12.86 -2.07
C TYR B 704 72.57 13.80 -2.10
N SER B 705 73.48 13.55 -3.04
CA SER B 705 74.65 14.40 -3.24
C SER B 705 74.68 14.95 -4.65
N ASN B 706 75.48 16.01 -4.83
CA ASN B 706 75.58 16.66 -6.13
C ASN B 706 76.33 15.83 -7.16
N ASN B 707 77.21 14.93 -6.73
CA ASN B 707 78.01 14.13 -7.64
C ASN B 707 78.05 12.67 -7.17
N SER B 708 76.89 12.13 -6.81
CA SER B 708 76.78 10.74 -6.38
C SER B 708 75.71 10.04 -7.20
N ILE B 709 76.05 8.86 -7.73
CA ILE B 709 75.13 8.07 -8.53
C ILE B 709 75.16 6.64 -8.02
N ALA B 710 74.00 5.98 -8.14
CA ALA B 710 73.84 4.58 -7.72
C ALA B 710 73.39 3.77 -8.92
N ILE B 711 74.22 2.84 -9.36
CA ILE B 711 73.94 1.97 -10.49
C ILE B 711 73.97 0.53 -10.00
N PRO B 712 72.93 -0.27 -10.23
CA PRO B 712 72.94 -1.64 -9.75
C PRO B 712 73.93 -2.50 -10.52
N THR B 713 74.38 -3.58 -9.88
CA THR B 713 75.35 -4.49 -10.48
C THR B 713 74.80 -5.86 -10.79
N ASN B 714 73.68 -6.26 -10.18
CA ASN B 714 73.09 -7.57 -10.43
C ASN B 714 71.58 -7.40 -10.51
N PHE B 715 70.91 -8.41 -11.05
CA PHE B 715 69.47 -8.40 -11.24
C PHE B 715 68.83 -9.53 -10.44
N THR B 716 67.50 -9.52 -10.36
CA THR B 716 66.77 -10.54 -9.63
C THR B 716 65.40 -10.70 -10.32
N ILE B 717 65.28 -11.72 -11.17
CA ILE B 717 64.02 -12.00 -11.84
C ILE B 717 63.01 -12.50 -10.81
N SER B 718 61.90 -11.78 -10.68
CA SER B 718 60.86 -12.11 -9.72
C SER B 718 59.53 -12.33 -10.45
N VAL B 719 58.76 -13.28 -9.94
CA VAL B 719 57.45 -13.61 -10.47
C VAL B 719 56.42 -13.36 -9.38
N THR B 720 55.46 -12.48 -9.65
CA THR B 720 54.41 -12.14 -8.71
C THR B 720 53.07 -12.63 -9.24
N THR B 721 52.06 -12.59 -8.38
CA THR B 721 50.71 -13.00 -8.73
C THR B 721 49.74 -11.86 -8.48
N GLU B 722 48.70 -11.79 -9.31
CA GLU B 722 47.68 -10.75 -9.20
C GLU B 722 46.33 -11.38 -9.51
N ILE B 723 45.50 -11.54 -8.49
CA ILE B 723 44.19 -12.15 -8.64
C ILE B 723 43.21 -11.09 -9.13
N LEU B 724 42.48 -11.40 -10.19
CA LEU B 724 41.51 -10.49 -10.76
C LEU B 724 40.24 -11.25 -11.11
N PRO B 725 39.10 -10.94 -10.47
CA PRO B 725 37.85 -11.61 -10.84
C PRO B 725 37.42 -11.23 -12.25
N VAL B 726 36.78 -12.17 -12.93
CA VAL B 726 36.32 -11.99 -14.31
C VAL B 726 34.80 -12.02 -14.40
N SER B 727 34.17 -13.03 -13.82
CA SER B 727 32.73 -13.19 -13.87
C SER B 727 32.20 -13.72 -12.55
N MET B 728 30.88 -13.80 -12.46
CA MET B 728 30.19 -14.33 -11.29
C MET B 728 29.29 -15.46 -11.72
N THR B 729 28.65 -16.10 -10.74
CA THR B 729 27.70 -17.17 -11.02
C THR B 729 26.40 -16.57 -11.59
N LYS B 730 26.05 -16.99 -12.80
CA LYS B 730 24.85 -16.49 -13.45
C LYS B 730 23.61 -17.05 -12.75
N THR B 731 22.86 -16.17 -12.09
CA THR B 731 21.66 -16.57 -11.37
C THR B 731 20.42 -16.30 -12.21
N SER B 732 19.35 -17.04 -11.90
CA SER B 732 18.07 -16.88 -12.57
C SER B 732 16.97 -17.33 -11.62
N VAL B 733 16.24 -16.37 -11.06
CA VAL B 733 15.22 -16.65 -10.07
C VAL B 733 13.90 -16.92 -10.79
N ASP B 734 13.01 -17.63 -10.11
CA ASP B 734 11.67 -17.92 -10.60
C ASP B 734 10.70 -17.00 -9.86
N CYS B 735 10.19 -15.98 -10.56
CA CYS B 735 9.30 -14.99 -9.97
C CYS B 735 7.93 -15.56 -9.59
N THR B 736 7.67 -16.83 -9.90
CA THR B 736 6.43 -17.49 -9.51
C THR B 736 6.61 -18.53 -8.41
N MET B 737 7.77 -19.16 -8.34
CA MET B 737 8.02 -20.14 -7.29
C MET B 737 8.58 -19.48 -6.03
N TYR B 738 9.51 -18.54 -6.20
CA TYR B 738 10.09 -17.84 -5.07
C TYR B 738 9.02 -17.03 -4.33
N ILE B 739 8.09 -16.43 -5.07
CA ILE B 739 7.05 -15.61 -4.46
C ILE B 739 5.93 -16.48 -3.91
N CYS B 740 5.32 -17.28 -4.77
CA CYS B 740 4.19 -18.13 -4.42
C CYS B 740 4.65 -19.58 -4.43
N GLY B 741 5.00 -20.10 -3.26
CA GLY B 741 5.45 -21.48 -3.17
C GLY B 741 4.31 -22.47 -3.07
N ASP B 742 4.00 -23.12 -4.19
CA ASP B 742 2.97 -24.16 -4.26
C ASP B 742 1.63 -23.63 -3.75
N SER B 743 1.10 -22.62 -4.44
CA SER B 743 -0.17 -22.00 -4.09
C SER B 743 -0.84 -21.51 -5.37
N THR B 744 -2.02 -22.04 -5.66
CA THR B 744 -2.72 -21.66 -6.89
C THR B 744 -3.35 -20.27 -6.76
N GLU B 745 -3.95 -19.98 -5.60
CA GLU B 745 -4.57 -18.66 -5.41
C GLU B 745 -3.53 -17.56 -5.42
N CYS B 746 -2.37 -17.82 -4.81
CA CYS B 746 -1.28 -16.85 -4.83
C CYS B 746 -0.81 -16.58 -6.25
N SER B 747 -0.66 -17.64 -7.05
CA SER B 747 -0.23 -17.47 -8.44
C SER B 747 -1.29 -16.73 -9.24
N ASN B 748 -2.57 -16.93 -8.92
CA ASN B 748 -3.63 -16.22 -9.62
C ASN B 748 -3.61 -14.73 -9.28
N LEU B 749 -3.47 -14.40 -7.99
CA LEU B 749 -3.43 -13.00 -7.59
C LEU B 749 -2.10 -12.33 -7.92
N LEU B 750 -1.09 -13.10 -8.29
CA LEU B 750 0.19 -12.52 -8.68
C LEU B 750 0.05 -11.68 -9.96
N LEU B 751 -0.77 -12.14 -10.90
CA LEU B 751 -0.96 -11.41 -12.14
C LEU B 751 -1.66 -10.08 -11.90
N GLN B 752 -2.57 -10.04 -10.93
CA GLN B 752 -3.32 -8.84 -10.59
C GLN B 752 -2.52 -7.86 -9.74
N TYR B 753 -1.27 -8.18 -9.42
CA TYR B 753 -0.43 -7.31 -8.60
C TYR B 753 0.57 -6.51 -9.41
N GLY B 754 0.55 -6.65 -10.73
CA GLY B 754 1.45 -5.91 -11.61
C GLY B 754 2.30 -6.85 -12.45
N SER B 755 3.06 -6.22 -13.35
CA SER B 755 3.96 -6.92 -14.26
C SER B 755 5.41 -6.87 -13.78
N PHE B 756 5.61 -6.92 -12.46
CA PHE B 756 6.96 -6.85 -11.89
C PHE B 756 7.74 -8.14 -12.09
N CYS B 757 7.10 -9.21 -12.56
CA CYS B 757 7.75 -10.50 -12.75
C CYS B 757 8.39 -10.62 -14.13
N THR B 758 8.56 -9.51 -14.84
CA THR B 758 9.21 -9.52 -16.15
C THR B 758 10.49 -8.70 -16.21
N GLN B 759 10.50 -7.48 -15.68
CA GLN B 759 11.72 -6.67 -15.69
C GLN B 759 12.82 -7.30 -14.86
N LEU B 760 12.48 -8.00 -13.78
CA LEU B 760 13.50 -8.66 -12.97
C LEU B 760 14.16 -9.80 -13.74
N LYS B 761 13.36 -10.62 -14.42
CA LYS B 761 13.94 -11.69 -15.23
C LYS B 761 14.75 -11.12 -16.39
N ARG B 762 14.29 -10.01 -16.97
CA ARG B 762 15.05 -9.38 -18.05
C ARG B 762 16.38 -8.86 -17.55
N ALA B 763 16.40 -8.26 -16.35
CA ALA B 763 17.65 -7.78 -15.78
C ALA B 763 18.58 -8.93 -15.46
N LEU B 764 18.04 -10.05 -14.96
CA LEU B 764 18.89 -11.21 -14.70
C LEU B 764 19.46 -11.80 -15.97
N THR B 765 18.66 -11.86 -17.04
CA THR B 765 19.18 -12.32 -18.33
C THR B 765 20.26 -11.38 -18.86
N GLY B 766 20.06 -10.07 -18.68
CA GLY B 766 21.09 -9.12 -19.06
C GLY B 766 22.37 -9.31 -18.29
N ILE B 767 22.26 -9.58 -16.99
CA ILE B 767 23.44 -9.84 -16.17
C ILE B 767 24.13 -11.12 -16.64
N ALA B 768 23.36 -12.14 -16.98
CA ALA B 768 23.96 -13.39 -17.47
C ALA B 768 24.71 -13.17 -18.77
N VAL B 769 24.09 -12.43 -19.70
CA VAL B 769 24.77 -12.13 -20.97
C VAL B 769 26.01 -11.27 -20.73
N GLU B 770 25.95 -10.35 -19.76
CA GLU B 770 27.11 -9.54 -19.43
C GLU B 770 28.25 -10.40 -18.90
N GLN B 771 27.94 -11.37 -18.03
CA GLN B 771 28.98 -12.26 -17.52
C GLN B 771 29.55 -13.15 -18.61
N ASP B 772 28.71 -13.61 -19.53
CA ASP B 772 29.21 -14.38 -20.67
C ASP B 772 30.13 -13.54 -21.54
N LYS B 773 29.77 -12.29 -21.80
CA LYS B 773 30.64 -11.41 -22.58
C LYS B 773 31.95 -11.13 -21.84
N ASN B 774 31.89 -10.99 -20.52
CA ASN B 774 33.11 -10.80 -19.74
C ASN B 774 34.03 -12.01 -19.84
N THR B 775 33.45 -13.21 -19.74
CA THR B 775 34.24 -14.42 -19.95
C THR B 775 34.78 -14.53 -21.36
N GLN B 776 34.09 -13.95 -22.34
CA GLN B 776 34.56 -14.03 -23.72
C GLN B 776 35.56 -12.93 -24.05
N GLU B 777 35.37 -11.73 -23.51
CA GLU B 777 36.23 -10.61 -23.86
C GLU B 777 37.61 -10.70 -23.22
N VAL B 778 37.78 -11.52 -22.19
CA VAL B 778 39.05 -11.59 -21.47
C VAL B 778 39.92 -12.70 -22.06
N PHE B 779 39.41 -13.93 -22.06
CA PHE B 779 40.19 -15.08 -22.50
C PHE B 779 40.22 -15.23 -24.02
N ALA B 780 39.09 -15.01 -24.70
CA ALA B 780 39.01 -15.22 -26.15
C ALA B 780 39.51 -13.97 -26.88
N GLN B 781 40.83 -13.80 -26.83
CA GLN B 781 41.50 -12.70 -27.54
C GLN B 781 42.35 -13.20 -28.69
N VAL B 782 42.26 -14.49 -29.02
CA VAL B 782 43.01 -15.08 -30.12
C VAL B 782 42.03 -15.94 -30.92
N LYS B 783 42.04 -15.78 -32.25
CA LYS B 783 41.15 -16.57 -33.09
C LYS B 783 41.71 -17.97 -33.32
N GLN B 784 42.99 -18.06 -33.69
CA GLN B 784 43.63 -19.34 -33.97
C GLN B 784 44.19 -19.93 -32.68
N ILE B 785 43.72 -21.12 -32.33
CA ILE B 785 44.21 -21.82 -31.15
C ILE B 785 45.57 -22.43 -31.46
N TYR B 786 46.60 -22.01 -30.72
CA TYR B 786 47.95 -22.49 -30.93
C TYR B 786 48.25 -23.69 -30.03
N LYS B 787 49.08 -24.59 -30.52
CA LYS B 787 49.49 -25.77 -29.78
C LYS B 787 51.00 -25.73 -29.54
N THR B 788 51.41 -26.25 -28.38
CA THR B 788 52.83 -26.25 -28.04
C THR B 788 53.51 -27.45 -28.70
N PRO B 789 54.76 -27.29 -29.14
CA PRO B 789 55.49 -28.40 -29.76
C PRO B 789 55.74 -29.51 -28.76
N PRO B 790 55.97 -30.75 -29.22
CA PRO B 790 56.25 -31.84 -28.29
C PRO B 790 57.54 -31.62 -27.51
N ILE B 791 58.64 -31.34 -28.22
CA ILE B 791 59.90 -31.01 -27.55
C ILE B 791 59.75 -29.64 -26.91
N LYS B 792 59.82 -29.61 -25.58
CA LYS B 792 59.60 -28.39 -24.80
C LYS B 792 60.90 -27.77 -24.31
N TYR B 793 61.97 -27.86 -25.10
CA TYR B 793 63.23 -27.20 -24.76
C TYR B 793 63.15 -25.75 -25.22
N PHE B 794 62.57 -24.90 -24.37
CA PHE B 794 62.34 -23.50 -24.70
C PHE B 794 63.50 -22.62 -24.23
N GLY B 795 64.71 -22.96 -24.66
CA GLY B 795 65.88 -22.15 -24.34
C GLY B 795 66.55 -22.54 -23.04
N GLY B 796 65.77 -23.03 -22.07
CA GLY B 796 66.31 -23.40 -20.79
C GLY B 796 65.38 -23.06 -19.65
N PHE B 797 64.30 -22.33 -19.96
CA PHE B 797 63.29 -21.96 -18.98
C PHE B 797 62.27 -23.09 -18.91
N ASN B 798 62.12 -23.69 -17.74
CA ASN B 798 61.20 -24.80 -17.56
C ASN B 798 59.80 -24.29 -17.30
N PHE B 799 58.89 -24.53 -18.25
CA PHE B 799 57.49 -24.14 -18.13
C PHE B 799 56.60 -25.33 -17.79
N SER B 800 57.14 -26.31 -17.06
CA SER B 800 56.40 -27.52 -16.76
C SER B 800 55.24 -27.27 -15.79
N GLN B 801 55.26 -26.16 -15.06
CA GLN B 801 54.22 -25.88 -14.08
C GLN B 801 53.08 -25.05 -14.64
N ILE B 802 53.30 -24.35 -15.76
CA ILE B 802 52.25 -23.52 -16.35
C ILE B 802 51.69 -24.12 -17.63
N LEU B 803 52.45 -24.93 -18.37
CA LEU B 803 51.93 -25.56 -19.56
C LEU B 803 50.95 -26.68 -19.20
N PRO B 804 49.96 -26.93 -20.04
CA PRO B 804 48.97 -27.98 -19.73
C PRO B 804 49.61 -29.37 -19.75
N ASP B 805 49.26 -30.17 -18.74
CA ASP B 805 49.79 -31.53 -18.62
C ASP B 805 48.83 -32.52 -19.25
N PRO B 806 49.29 -33.35 -20.19
CA PRO B 806 48.40 -34.32 -20.84
C PRO B 806 48.06 -35.53 -20.00
N SER B 807 48.77 -35.77 -18.90
CA SER B 807 48.53 -36.95 -18.06
C SER B 807 47.48 -36.68 -16.97
N LYS B 808 46.31 -36.18 -17.34
CA LYS B 808 45.24 -35.92 -16.41
C LYS B 808 43.95 -35.72 -17.18
N PRO B 809 42.79 -36.00 -16.59
CA PRO B 809 41.53 -35.87 -17.34
C PRO B 809 41.15 -34.44 -17.63
N SER B 810 41.41 -33.51 -16.71
CA SER B 810 41.02 -32.12 -16.91
C SER B 810 41.94 -31.36 -17.86
N LYS B 811 43.15 -31.89 -18.11
CA LYS B 811 44.09 -31.29 -19.06
C LYS B 811 44.43 -29.85 -18.69
N ARG B 812 44.88 -29.66 -17.45
CA ARG B 812 45.31 -28.37 -16.95
C ARG B 812 46.75 -28.45 -16.46
N SER B 813 47.26 -27.32 -15.96
CA SER B 813 48.61 -27.20 -15.43
C SER B 813 48.61 -27.38 -13.92
N PRO B 814 49.75 -27.81 -13.34
CA PRO B 814 49.81 -28.02 -11.88
C PRO B 814 49.39 -26.80 -11.08
N ILE B 815 49.77 -25.60 -11.53
CA ILE B 815 49.34 -24.39 -10.86
C ILE B 815 47.82 -24.23 -10.97
N GLU B 816 47.28 -24.48 -12.16
CA GLU B 816 45.82 -24.44 -12.31
C GLU B 816 45.15 -25.54 -11.50
N ASP B 817 45.83 -26.68 -11.35
CA ASP B 817 45.30 -27.74 -10.50
C ASP B 817 45.21 -27.29 -9.05
N LEU B 818 46.24 -26.60 -8.56
CA LEU B 818 46.21 -26.08 -7.20
C LEU B 818 45.16 -24.99 -7.06
N LEU B 819 44.96 -24.18 -8.10
CA LEU B 819 43.98 -23.10 -8.04
C LEU B 819 42.56 -23.64 -7.99
N PHE B 820 42.23 -24.59 -8.87
CA PHE B 820 40.89 -25.15 -8.93
C PHE B 820 40.55 -26.03 -7.73
N ASN B 821 41.56 -26.44 -6.95
CA ASN B 821 41.32 -27.21 -5.74
C ASN B 821 41.38 -26.37 -4.47
N LYS B 822 41.77 -25.10 -4.57
CA LYS B 822 41.81 -24.21 -3.41
C LYS B 822 40.55 -23.38 -3.30
N VAL B 823 40.05 -22.85 -4.42
CA VAL B 823 38.83 -22.06 -4.41
C VAL B 823 37.62 -23.00 -4.41
N THR B 824 36.75 -22.84 -3.41
CA THR B 824 35.56 -23.67 -3.30
C THR B 824 34.53 -23.27 -4.35
N ARG B 844 20.56 -32.12 2.93
CA ARG B 844 20.64 -31.66 1.54
C ARG B 844 21.61 -30.49 1.42
N ASP B 845 22.36 -30.45 0.32
CA ASP B 845 23.33 -29.39 0.10
C ASP B 845 22.63 -28.05 -0.11
N LEU B 846 23.41 -26.97 -0.02
CA LEU B 846 22.85 -25.64 -0.15
C LEU B 846 22.40 -25.36 -1.59
N ILE B 847 23.13 -25.91 -2.57
CA ILE B 847 22.80 -25.65 -3.97
C ILE B 847 21.44 -26.23 -4.31
N CYS B 848 21.19 -27.48 -3.90
CA CYS B 848 19.90 -28.10 -4.20
C CYS B 848 18.76 -27.42 -3.44
N ALA B 849 19.04 -26.93 -2.22
CA ALA B 849 18.01 -26.21 -1.48
C ALA B 849 17.66 -24.90 -2.17
N GLN B 850 18.66 -24.15 -2.61
CA GLN B 850 18.40 -22.93 -3.36
C GLN B 850 17.69 -23.21 -4.68
N LYS B 851 17.99 -24.34 -5.32
CA LYS B 851 17.29 -24.72 -6.54
C LYS B 851 15.82 -25.01 -6.25
N PHE B 852 15.55 -25.76 -5.18
CA PHE B 852 14.17 -26.01 -4.78
C PHE B 852 13.43 -24.73 -4.40
N LYS B 853 14.14 -23.75 -3.84
CA LYS B 853 13.52 -22.46 -3.53
C LYS B 853 13.15 -21.66 -4.77
N GLY B 854 13.81 -21.91 -5.89
CA GLY B 854 13.57 -21.15 -7.11
C GLY B 854 14.83 -20.52 -7.65
N LEU B 855 15.82 -20.33 -6.76
CA LEU B 855 17.10 -19.74 -7.15
C LEU B 855 17.89 -20.77 -7.96
N THR B 856 17.91 -20.60 -9.27
CA THR B 856 18.61 -21.51 -10.17
C THR B 856 19.92 -20.89 -10.63
N VAL B 857 20.93 -21.73 -10.79
CA VAL B 857 22.25 -21.30 -11.21
C VAL B 857 22.46 -21.76 -12.65
N LEU B 858 22.44 -20.82 -13.59
CA LEU B 858 22.66 -21.15 -14.98
C LEU B 858 24.14 -21.43 -15.23
N PRO B 859 24.45 -22.48 -15.99
CA PRO B 859 25.85 -22.82 -16.26
C PRO B 859 26.46 -21.84 -17.25
N PRO B 860 27.76 -21.58 -17.14
CA PRO B 860 28.40 -20.66 -18.08
C PRO B 860 28.52 -21.26 -19.47
N LEU B 861 28.64 -20.38 -20.46
CA LEU B 861 28.77 -20.82 -21.85
C LEU B 861 30.10 -21.55 -22.05
N LEU B 862 31.21 -20.86 -21.79
CA LEU B 862 32.52 -21.48 -21.92
C LEU B 862 32.82 -22.34 -20.70
N THR B 863 32.94 -23.64 -20.92
CA THR B 863 33.24 -24.56 -19.82
C THR B 863 34.68 -24.37 -19.35
N ASP B 864 35.03 -25.09 -18.27
CA ASP B 864 36.39 -25.01 -17.74
C ASP B 864 37.40 -25.55 -18.73
N GLU B 865 37.01 -26.56 -19.51
CA GLU B 865 37.92 -27.11 -20.51
C GLU B 865 38.22 -26.09 -21.60
N MET B 866 37.22 -25.33 -22.03
CA MET B 866 37.44 -24.34 -23.08
C MET B 866 38.30 -23.19 -22.57
N ILE B 867 38.10 -22.79 -21.31
CA ILE B 867 38.95 -21.75 -20.72
C ILE B 867 40.39 -22.25 -20.60
N ALA B 868 40.56 -23.53 -20.22
CA ALA B 868 41.89 -24.09 -20.15
C ALA B 868 42.56 -24.12 -21.52
N GLN B 869 41.80 -24.47 -22.56
CA GLN B 869 42.34 -24.46 -23.92
C GLN B 869 42.70 -23.05 -24.36
N TYR B 870 41.88 -22.05 -24.02
CA TYR B 870 42.21 -20.66 -24.34
C TYR B 870 43.50 -20.23 -23.65
N THR B 871 43.64 -20.57 -22.37
CA THR B 871 44.87 -20.22 -21.66
C THR B 871 46.08 -20.95 -22.23
N SER B 872 45.92 -22.21 -22.63
CA SER B 872 47.03 -22.94 -23.23
C SER B 872 47.42 -22.33 -24.58
N ALA B 873 46.44 -21.90 -25.37
CA ALA B 873 46.75 -21.25 -26.64
C ALA B 873 47.46 -19.92 -26.42
N LEU B 874 47.02 -19.15 -25.42
CA LEU B 874 47.69 -17.90 -25.10
C LEU B 874 49.13 -18.15 -24.66
N LEU B 875 49.34 -19.19 -23.84
CA LEU B 875 50.69 -19.52 -23.39
C LEU B 875 51.56 -19.96 -24.57
N ALA B 876 51.02 -20.77 -25.48
CA ALA B 876 51.79 -21.20 -26.64
C ALA B 876 52.15 -20.02 -27.53
N GLY B 877 51.20 -19.10 -27.74
CA GLY B 877 51.51 -17.92 -28.53
C GLY B 877 52.51 -16.99 -27.88
N THR B 878 52.50 -16.93 -26.54
CA THR B 878 53.45 -16.07 -25.85
C THR B 878 54.85 -16.68 -25.85
N ILE B 879 54.94 -18.01 -25.72
CA ILE B 879 56.24 -18.65 -25.64
C ILE B 879 56.87 -18.78 -27.02
N THR B 880 56.10 -19.28 -28.00
CA THR B 880 56.64 -19.57 -29.32
C THR B 880 56.67 -18.38 -30.26
N SER B 881 55.68 -17.49 -30.16
CA SER B 881 55.58 -16.35 -31.07
C SER B 881 55.95 -15.03 -30.43
N GLY B 882 55.82 -14.89 -29.12
CA GLY B 882 56.14 -13.65 -28.45
C GLY B 882 54.95 -12.72 -28.34
N TRP B 883 55.06 -11.52 -28.91
CA TRP B 883 53.97 -10.56 -28.91
C TRP B 883 53.38 -10.34 -30.30
N THR B 884 53.80 -11.15 -31.28
CA THR B 884 53.31 -10.98 -32.65
C THR B 884 51.99 -11.71 -32.89
N PHE B 885 51.55 -12.56 -31.97
CA PHE B 885 50.29 -13.29 -32.13
C PHE B 885 49.09 -12.52 -31.63
N GLY B 886 49.29 -11.27 -31.19
CA GLY B 886 48.19 -10.45 -30.74
C GLY B 886 47.99 -9.22 -31.61
N ALA B 887 48.84 -9.07 -32.61
CA ALA B 887 48.75 -7.95 -33.54
C ALA B 887 48.63 -8.39 -35.00
N GLY B 888 48.54 -9.69 -35.28
CA GLY B 888 48.43 -10.18 -36.62
C GLY B 888 48.79 -11.64 -36.72
N PRO B 889 49.61 -11.99 -37.72
CA PRO B 889 50.02 -13.39 -37.89
C PRO B 889 51.08 -13.78 -36.88
N ALA B 890 51.04 -15.05 -36.48
CA ALA B 890 52.01 -15.57 -35.52
C ALA B 890 53.38 -15.70 -36.18
N LEU B 891 54.39 -15.09 -35.57
CA LEU B 891 55.75 -15.12 -36.10
C LEU B 891 56.62 -15.91 -35.14
N GLN B 892 57.18 -17.02 -35.62
CA GLN B 892 58.03 -17.86 -34.80
C GLN B 892 59.32 -17.14 -34.45
N ILE B 893 59.76 -17.33 -33.20
CA ILE B 893 60.98 -16.69 -32.70
C ILE B 893 61.50 -17.50 -31.52
N PRO B 894 62.81 -17.75 -31.44
CA PRO B 894 63.34 -18.47 -30.29
C PRO B 894 63.11 -17.71 -28.99
N PHE B 895 62.84 -18.46 -27.93
CA PHE B 895 62.58 -17.83 -26.63
C PHE B 895 63.79 -17.08 -26.08
N PRO B 896 65.03 -17.56 -26.20
CA PRO B 896 66.17 -16.72 -25.79
C PRO B 896 66.21 -15.38 -26.52
N MET B 897 65.89 -15.37 -27.83
CA MET B 897 65.83 -14.12 -28.55
C MET B 897 64.59 -13.30 -28.18
N GLN B 898 63.52 -13.95 -27.73
CA GLN B 898 62.34 -13.22 -27.29
C GLN B 898 62.63 -12.45 -26.00
N MET B 899 63.31 -13.09 -25.06
CA MET B 899 63.71 -12.43 -23.82
C MET B 899 64.80 -11.39 -24.03
N ALA B 900 65.57 -11.49 -25.12
CA ALA B 900 66.59 -10.50 -25.43
C ALA B 900 66.01 -9.21 -26.00
N TYR B 901 64.79 -9.25 -26.54
CA TYR B 901 64.12 -8.07 -27.03
C TYR B 901 63.19 -7.43 -26.02
N ARG B 902 62.77 -8.17 -24.99
CA ARG B 902 62.00 -7.61 -23.89
C ARG B 902 62.87 -6.85 -22.90
N PHE B 903 64.17 -7.16 -22.83
CA PHE B 903 65.08 -6.38 -22.02
C PHE B 903 65.35 -5.01 -22.63
N ASN B 904 65.32 -4.91 -23.96
CA ASN B 904 65.54 -3.64 -24.63
C ASN B 904 64.43 -2.62 -24.37
N GLY B 905 63.33 -3.03 -23.76
CA GLY B 905 62.25 -2.12 -23.45
C GLY B 905 62.39 -1.49 -22.09
N ILE B 906 63.05 -2.20 -21.15
CA ILE B 906 63.24 -1.67 -19.80
C ILE B 906 64.52 -0.85 -19.67
N GLY B 907 65.35 -0.80 -20.71
CA GLY B 907 66.56 -0.02 -20.66
C GLY B 907 67.82 -0.85 -20.75
N VAL B 908 67.78 -2.07 -20.21
CA VAL B 908 68.96 -2.93 -20.22
C VAL B 908 69.21 -3.41 -21.65
N THR B 909 70.47 -3.37 -22.06
CA THR B 909 70.86 -3.83 -23.38
C THR B 909 70.75 -5.36 -23.43
N GLN B 910 70.80 -5.91 -24.64
CA GLN B 910 70.64 -7.34 -24.85
C GLN B 910 71.93 -8.12 -24.66
N ASN B 911 73.01 -7.45 -24.26
CA ASN B 911 74.28 -8.10 -23.99
C ASN B 911 74.38 -8.63 -22.56
N VAL B 912 73.27 -8.64 -21.83
CA VAL B 912 73.25 -9.17 -20.48
C VAL B 912 72.50 -10.50 -20.39
N LEU B 913 71.52 -10.74 -21.25
CA LEU B 913 70.78 -11.99 -21.23
C LEU B 913 71.55 -13.11 -21.93
N TYR B 914 72.18 -12.81 -23.06
CA TYR B 914 72.97 -13.81 -23.76
C TYR B 914 74.22 -14.21 -22.99
N GLU B 915 74.73 -13.34 -22.13
CA GLU B 915 75.90 -13.64 -21.32
C GLU B 915 75.56 -14.26 -19.97
N ASN B 916 74.32 -14.11 -19.51
CA ASN B 916 73.87 -14.68 -18.24
C ASN B 916 72.59 -15.47 -18.45
N GLN B 917 72.55 -16.29 -19.51
CA GLN B 917 71.34 -17.04 -19.81
C GLN B 917 71.09 -18.13 -18.78
N LYS B 918 72.15 -18.81 -18.34
CA LYS B 918 71.99 -19.87 -17.35
C LYS B 918 71.49 -19.33 -16.01
N LEU B 919 72.02 -18.19 -15.59
CA LEU B 919 71.59 -17.61 -14.32
C LEU B 919 70.13 -17.19 -14.38
N ILE B 920 69.72 -16.55 -15.47
CA ILE B 920 68.32 -16.12 -15.61
C ILE B 920 67.41 -17.33 -15.69
N ALA B 921 67.86 -18.40 -16.37
CA ALA B 921 67.05 -19.61 -16.46
C ALA B 921 66.87 -20.26 -15.10
N ASN B 922 67.95 -20.28 -14.29
CA ASN B 922 67.85 -20.86 -12.95
C ASN B 922 66.99 -20.00 -12.04
N GLN B 923 67.05 -18.67 -12.18
CA GLN B 923 66.23 -17.81 -11.36
C GLN B 923 64.76 -17.88 -11.75
N PHE B 924 64.47 -18.08 -13.04
CA PHE B 924 63.08 -18.18 -13.48
C PHE B 924 62.45 -19.50 -13.05
N ASN B 925 63.20 -20.59 -13.17
CA ASN B 925 62.67 -21.90 -12.75
C ASN B 925 62.43 -21.94 -11.25
N SER B 926 63.29 -21.29 -10.48
CA SER B 926 63.10 -21.25 -9.03
C SER B 926 61.92 -20.35 -8.66
N ALA B 927 61.74 -19.25 -9.40
CA ALA B 927 60.65 -18.33 -9.11
C ALA B 927 59.30 -18.97 -9.39
N ILE B 928 59.19 -19.72 -10.48
CA ILE B 928 57.93 -20.39 -10.81
C ILE B 928 57.60 -21.45 -9.78
N GLY B 929 58.62 -22.19 -9.34
CA GLY B 929 58.39 -23.22 -8.33
C GLY B 929 57.95 -22.64 -6.99
N LYS B 930 58.43 -21.44 -6.67
CA LYS B 930 58.04 -20.81 -5.42
C LYS B 930 56.61 -20.29 -5.46
N ILE B 931 56.06 -20.07 -6.66
CA ILE B 931 54.70 -19.59 -6.78
C ILE B 931 53.70 -20.61 -6.25
N GLN B 932 53.93 -21.89 -6.57
CA GLN B 932 53.03 -22.95 -6.10
C GLN B 932 53.06 -23.06 -4.58
N ASP B 933 54.26 -23.04 -4.00
CA ASP B 933 54.38 -23.13 -2.55
C ASP B 933 53.79 -21.90 -1.87
N SER B 934 53.93 -20.73 -2.50
CA SER B 934 53.38 -19.50 -1.94
C SER B 934 51.85 -19.55 -1.95
N LEU B 935 51.26 -19.98 -3.06
CA LEU B 935 49.81 -20.08 -3.13
C LEU B 935 49.28 -21.20 -2.25
N SER B 936 50.10 -22.21 -1.95
CA SER B 936 49.67 -23.33 -1.13
C SER B 936 49.82 -23.02 0.36
N SER B 937 50.98 -22.48 0.75
CA SER B 937 51.25 -22.22 2.16
C SER B 937 50.37 -21.09 2.70
N THR B 938 50.34 -19.97 2.01
CA THR B 938 49.59 -18.81 2.45
C THR B 938 48.08 -19.12 2.43
N PRO B 939 47.39 -19.04 3.57
CA PRO B 939 45.94 -19.32 3.56
C PRO B 939 45.15 -18.31 2.76
N SER B 940 45.38 -17.02 2.98
CA SER B 940 44.66 -15.94 2.30
C SER B 940 45.44 -15.57 1.05
N ALA B 941 45.41 -16.45 0.04
CA ALA B 941 46.06 -16.18 -1.23
C ALA B 941 45.02 -15.98 -2.32
N LEU B 942 44.12 -16.95 -2.47
CA LEU B 942 43.01 -16.85 -3.41
C LEU B 942 41.77 -16.26 -2.74
N GLY B 943 41.93 -15.10 -2.13
CA GLY B 943 40.85 -14.48 -1.38
C GLY B 943 39.98 -13.56 -2.22
N LYS B 944 40.55 -12.98 -3.28
CA LYS B 944 39.77 -12.07 -4.12
C LYS B 944 38.67 -12.80 -4.87
N LEU B 945 38.87 -14.08 -5.19
CA LEU B 945 37.82 -14.89 -5.79
C LEU B 945 36.86 -15.45 -4.75
N GLN B 946 37.37 -15.95 -3.62
CA GLN B 946 36.51 -16.36 -2.53
C GLN B 946 35.66 -15.22 -2.01
N ASP B 947 36.14 -13.97 -2.13
CA ASP B 947 35.34 -12.83 -1.72
C ASP B 947 34.06 -12.74 -2.53
N VAL B 948 34.15 -12.76 -3.86
CA VAL B 948 32.95 -12.67 -4.68
C VAL B 948 32.13 -13.94 -4.58
N VAL B 949 32.78 -15.09 -4.34
CA VAL B 949 32.04 -16.33 -4.15
C VAL B 949 31.14 -16.23 -2.92
N ASN B 950 31.70 -15.74 -1.81
CA ASN B 950 30.91 -15.58 -0.60
C ASN B 950 29.88 -14.47 -0.75
N HIS B 951 30.19 -13.42 -1.51
CA HIS B 951 29.21 -12.36 -1.75
C HIS B 951 28.00 -12.91 -2.52
N ASN B 952 28.25 -13.75 -3.52
CA ASN B 952 27.14 -14.37 -4.24
C ASN B 952 26.42 -15.38 -3.36
N ALA B 953 27.15 -16.05 -2.47
CA ALA B 953 26.52 -17.02 -1.58
C ALA B 953 25.71 -16.33 -0.49
N GLN B 954 26.26 -15.25 0.07
CA GLN B 954 25.55 -14.51 1.12
C GLN B 954 24.30 -13.83 0.57
N ALA B 955 24.36 -13.36 -0.68
CA ALA B 955 23.19 -12.72 -1.29
C ALA B 955 22.06 -13.71 -1.47
N LEU B 956 22.39 -14.95 -1.86
CA LEU B 956 21.35 -15.97 -2.05
C LEU B 956 20.82 -16.46 -0.71
N ASN B 957 21.69 -16.64 0.29
CA ASN B 957 21.23 -17.10 1.60
C ASN B 957 20.41 -16.05 2.32
N THR B 958 20.55 -14.78 1.93
CA THR B 958 19.74 -13.73 2.55
C THR B 958 18.28 -13.87 2.15
N LEU B 959 18.01 -14.07 0.86
CA LEU B 959 16.64 -14.22 0.40
C LEU B 959 16.00 -15.51 0.93
N VAL B 960 16.80 -16.57 1.05
CA VAL B 960 16.27 -17.83 1.56
C VAL B 960 15.80 -17.66 3.00
N LYS B 961 16.54 -16.91 3.81
CA LYS B 961 16.12 -16.70 5.18
C LYS B 961 15.01 -15.67 5.27
N GLN B 962 14.98 -14.69 4.35
CA GLN B 962 13.91 -13.70 4.32
C GLN B 962 12.59 -14.27 3.81
N LEU B 963 12.61 -15.44 3.15
CA LEU B 963 11.35 -16.07 2.76
C LEU B 963 10.51 -16.44 3.96
N SER B 964 11.12 -16.97 5.02
CA SER B 964 10.40 -17.32 6.25
C SER B 964 10.48 -16.16 7.24
N SER B 965 10.00 -15.00 6.80
CA SER B 965 9.99 -13.77 7.60
C SER B 965 8.70 -13.01 7.28
N LYS B 966 7.73 -13.09 8.19
CA LYS B 966 6.47 -12.41 8.00
C LYS B 966 6.65 -10.90 8.06
N PHE B 967 6.10 -10.21 7.07
CA PHE B 967 6.18 -8.74 6.99
C PHE B 967 4.90 -8.07 7.44
N GLY B 968 4.20 -8.65 8.41
CA GLY B 968 2.96 -8.07 8.89
C GLY B 968 1.85 -9.10 9.04
N ALA B 969 1.97 -10.21 8.32
CA ALA B 969 0.98 -11.27 8.40
C ALA B 969 1.11 -12.05 9.70
N ILE B 970 0.18 -12.97 9.91
CA ILE B 970 0.18 -13.77 11.15
C ILE B 970 1.33 -14.76 11.13
N SER B 971 1.69 -15.25 9.95
CA SER B 971 2.77 -16.22 9.82
C SER B 971 3.42 -16.03 8.45
N SER B 972 4.25 -16.98 8.04
CA SER B 972 4.92 -16.93 6.74
C SER B 972 4.49 -18.02 5.79
N VAL B 973 3.91 -19.12 6.28
CA VAL B 973 3.46 -20.19 5.40
C VAL B 973 2.27 -19.72 4.61
N LEU B 974 2.27 -19.97 3.30
CA LEU B 974 1.18 -19.51 2.43
C LEU B 974 -0.05 -20.38 2.61
N ASN B 975 0.13 -21.70 2.67
CA ASN B 975 -1.00 -22.61 2.79
C ASN B 975 -1.73 -22.42 4.13
N ASP B 976 -0.96 -22.23 5.20
CA ASP B 976 -1.57 -22.04 6.52
C ASP B 976 -2.42 -20.77 6.56
N ILE B 977 -1.91 -19.69 5.97
CA ILE B 977 -2.66 -18.43 5.96
C ILE B 977 -3.88 -18.56 5.06
N PHE B 978 -3.73 -19.24 3.93
CA PHE B 978 -4.86 -19.42 3.02
C PHE B 978 -5.96 -20.29 3.62
N SER B 979 -5.59 -21.23 4.49
CA SER B 979 -6.57 -22.16 5.03
C SER B 979 -7.18 -21.64 6.33
N ARG B 980 -6.40 -20.92 7.13
CA ARG B 980 -6.83 -20.53 8.47
C ARG B 980 -7.56 -19.20 8.47
N LEU B 981 -7.90 -18.67 7.30
CA LEU B 981 -8.53 -17.36 7.22
C LEU B 981 -9.61 -17.36 6.14
N ASP B 982 -10.43 -16.28 6.15
CA ASP B 982 -11.49 -15.88 5.25
C ASP B 982 -10.89 -15.21 4.01
N PRO B 983 -11.64 -15.16 2.91
CA PRO B 983 -11.10 -14.58 1.66
C PRO B 983 -10.53 -13.18 1.84
N PRO B 984 -11.27 -12.23 2.44
CA PRO B 984 -10.74 -10.85 2.46
C PRO B 984 -9.47 -10.69 3.30
N GLU B 985 -9.47 -11.21 4.53
CA GLU B 985 -8.31 -11.04 5.40
C GLU B 985 -7.11 -11.81 4.86
N ALA B 986 -7.35 -13.01 4.33
CA ALA B 986 -6.26 -13.78 3.73
C ALA B 986 -5.69 -13.07 2.51
N GLU B 987 -6.56 -12.43 1.72
CA GLU B 987 -6.08 -11.66 0.58
C GLU B 987 -5.25 -10.47 1.02
N VAL B 988 -5.68 -9.78 2.07
CA VAL B 988 -4.90 -8.63 2.57
C VAL B 988 -3.54 -9.10 3.06
N GLN B 989 -3.51 -10.21 3.82
CA GLN B 989 -2.25 -10.71 4.34
C GLN B 989 -1.32 -11.20 3.24
N ILE B 990 -1.86 -11.89 2.23
CA ILE B 990 -1.01 -12.35 1.14
C ILE B 990 -0.56 -11.18 0.27
N ASP B 991 -1.34 -10.10 0.20
CA ASP B 991 -0.86 -8.90 -0.47
C ASP B 991 0.31 -8.27 0.29
N ARG B 992 0.21 -8.19 1.61
CA ARG B 992 1.35 -7.73 2.41
C ARG B 992 2.57 -8.61 2.19
N LEU B 993 2.36 -9.93 2.17
CA LEU B 993 3.47 -10.86 1.99
C LEU B 993 4.11 -10.71 0.63
N ILE B 994 3.30 -10.60 -0.43
CA ILE B 994 3.86 -10.48 -1.77
C ILE B 994 4.54 -9.13 -1.94
N THR B 995 4.05 -8.09 -1.26
CA THR B 995 4.74 -6.81 -1.28
C THR B 995 6.11 -6.92 -0.63
N GLY B 996 6.18 -7.56 0.54
CA GLY B 996 7.47 -7.74 1.19
C GLY B 996 8.43 -8.56 0.35
N ARG B 997 7.93 -9.63 -0.26
CA ARG B 997 8.77 -10.48 -1.09
C ARG B 997 9.24 -9.77 -2.36
N LEU B 998 8.38 -8.98 -3.00
CA LEU B 998 8.81 -8.20 -4.15
C LEU B 998 9.81 -7.13 -3.77
N GLN B 999 9.66 -6.50 -2.60
CA GLN B 999 10.67 -5.55 -2.14
C GLN B 999 12.01 -6.24 -1.91
N SER B 1000 11.99 -7.43 -1.30
CA SER B 1000 13.23 -8.17 -1.09
C SER B 1000 13.87 -8.56 -2.41
N LEU B 1001 13.06 -9.01 -3.38
CA LEU B 1001 13.61 -9.38 -4.68
C LEU B 1001 14.15 -8.17 -5.44
N GLN B 1002 13.50 -7.02 -5.31
CA GLN B 1002 14.02 -5.79 -5.92
C GLN B 1002 15.35 -5.39 -5.30
N THR B 1003 15.46 -5.48 -3.98
CA THR B 1003 16.73 -5.21 -3.32
C THR B 1003 17.81 -6.16 -3.79
N TYR B 1004 17.46 -7.44 -3.95
CA TYR B 1004 18.42 -8.43 -4.45
C TYR B 1004 18.86 -8.09 -5.88
N VAL B 1005 17.92 -7.67 -6.72
CA VAL B 1005 18.26 -7.33 -8.10
C VAL B 1005 19.16 -6.10 -8.14
N THR B 1006 18.91 -5.13 -7.27
CA THR B 1006 19.76 -3.94 -7.22
C THR B 1006 21.17 -4.30 -6.75
N GLN B 1007 21.26 -5.12 -5.71
CA GLN B 1007 22.56 -5.57 -5.23
C GLN B 1007 23.32 -6.34 -6.31
N GLN B 1008 22.61 -7.21 -7.03
CA GLN B 1008 23.23 -7.96 -8.13
C GLN B 1008 23.67 -7.03 -9.27
N LEU B 1009 22.90 -5.98 -9.57
CA LEU B 1009 23.32 -5.04 -10.59
C LEU B 1009 24.59 -4.30 -10.17
N ILE B 1010 24.66 -3.88 -8.91
CA ILE B 1010 25.87 -3.19 -8.44
C ILE B 1010 27.07 -4.12 -8.47
N ARG B 1011 26.90 -5.37 -8.00
CA ARG B 1011 28.00 -6.32 -8.01
C ARG B 1011 28.39 -6.69 -9.43
N ALA B 1012 27.44 -6.71 -10.36
CA ALA B 1012 27.75 -7.01 -11.75
C ALA B 1012 28.51 -5.85 -12.39
N ALA B 1013 28.18 -4.61 -12.03
CA ALA B 1013 28.95 -3.47 -12.50
C ALA B 1013 30.38 -3.54 -11.98
N GLU B 1014 30.55 -3.89 -10.70
CA GLU B 1014 31.90 -4.03 -10.15
C GLU B 1014 32.67 -5.15 -10.85
N ILE B 1015 32.01 -6.28 -11.11
CA ILE B 1015 32.66 -7.39 -11.79
C ILE B 1015 32.99 -7.03 -13.23
N ARG B 1016 32.15 -6.22 -13.88
CA ARG B 1016 32.45 -5.77 -15.23
C ARG B 1016 33.65 -4.85 -15.25
N ALA B 1017 33.76 -3.94 -14.27
CA ALA B 1017 34.95 -3.11 -14.16
C ALA B 1017 36.20 -3.97 -13.95
N SER B 1018 36.11 -4.96 -13.06
CA SER B 1018 37.25 -5.85 -12.81
C SER B 1018 37.62 -6.65 -14.06
N ALA B 1019 36.61 -7.10 -14.83
CA ALA B 1019 36.88 -7.87 -16.03
C ALA B 1019 37.48 -7.01 -17.12
N ASN B 1020 37.04 -5.75 -17.25
CA ASN B 1020 37.67 -4.85 -18.19
C ASN B 1020 39.12 -4.56 -17.80
N LEU B 1021 39.38 -4.37 -16.51
CA LEU B 1021 40.76 -4.21 -16.05
C LEU B 1021 41.61 -5.44 -16.37
N ALA B 1022 41.05 -6.63 -16.14
CA ALA B 1022 41.79 -7.86 -16.42
C ALA B 1022 42.04 -8.04 -17.91
N ALA B 1023 41.08 -7.67 -18.76
CA ALA B 1023 41.27 -7.78 -20.20
C ALA B 1023 42.32 -6.78 -20.69
N THR B 1024 42.28 -5.55 -20.16
CA THR B 1024 43.30 -4.57 -20.52
C THR B 1024 44.67 -5.02 -20.04
N LYS B 1025 44.75 -5.72 -18.90
CA LYS B 1025 46.03 -6.20 -18.41
C LYS B 1025 46.54 -7.36 -19.25
N MET B 1026 45.66 -8.30 -19.62
CA MET B 1026 46.04 -9.43 -20.46
C MET B 1026 46.37 -9.00 -21.89
N SER B 1027 45.82 -7.89 -22.37
CA SER B 1027 46.10 -7.41 -23.71
C SER B 1027 47.33 -6.52 -23.78
N GLU B 1028 47.85 -6.05 -22.64
CA GLU B 1028 49.03 -5.21 -22.62
C GLU B 1028 50.25 -5.87 -21.97
N CYS B 1029 50.03 -6.75 -21.00
CA CYS B 1029 51.13 -7.45 -20.34
C CYS B 1029 51.45 -8.79 -20.99
N VAL B 1030 50.45 -9.48 -21.53
CA VAL B 1030 50.68 -10.78 -22.15
C VAL B 1030 50.93 -10.62 -23.65
N LEU B 1031 50.13 -9.79 -24.30
CA LEU B 1031 50.25 -9.54 -25.74
C LEU B 1031 51.33 -8.53 -26.07
N GLY B 1032 52.23 -8.25 -25.14
CA GLY B 1032 53.28 -7.29 -25.38
C GLY B 1032 53.94 -6.88 -24.08
N GLN B 1033 54.94 -6.01 -24.21
CA GLN B 1033 55.70 -5.50 -23.08
C GLN B 1033 55.17 -4.11 -22.75
N SER B 1034 54.31 -4.03 -21.74
CA SER B 1034 53.75 -2.75 -21.31
C SER B 1034 54.73 -2.01 -20.42
N LYS B 1035 55.00 -0.75 -20.76
CA LYS B 1035 55.93 0.08 -20.01
C LYS B 1035 55.24 0.87 -18.91
N ARG B 1036 53.96 0.62 -18.65
CA ARG B 1036 53.25 1.29 -17.56
C ARG B 1036 53.78 0.77 -16.22
N VAL B 1037 54.23 1.68 -15.37
CA VAL B 1037 54.83 1.28 -14.10
C VAL B 1037 53.76 0.74 -13.16
N ASP B 1038 54.08 -0.36 -12.49
CA ASP B 1038 53.23 -0.97 -11.47
C ASP B 1038 51.93 -1.52 -12.08
N PHE B 1039 51.84 -1.53 -13.40
CA PHE B 1039 50.66 -2.10 -14.05
C PHE B 1039 50.78 -3.61 -14.16
N CYS B 1040 51.86 -4.09 -14.78
CA CYS B 1040 52.12 -5.53 -14.90
C CYS B 1040 53.00 -5.99 -13.74
N GLY B 1041 52.49 -5.75 -12.53
CA GLY B 1041 53.21 -6.10 -11.33
C GLY B 1041 54.25 -5.05 -10.94
N LYS B 1042 54.83 -5.25 -9.76
CA LYS B 1042 55.83 -4.32 -9.24
C LYS B 1042 57.19 -4.62 -9.86
N GLY B 1043 57.74 -3.62 -10.54
CA GLY B 1043 59.03 -3.75 -11.20
C GLY B 1043 58.92 -3.58 -12.69
N TYR B 1044 60.08 -3.67 -13.35
CA TYR B 1044 60.14 -3.56 -14.80
C TYR B 1044 59.50 -4.78 -15.43
N HIS B 1045 58.37 -4.57 -16.12
CA HIS B 1045 57.62 -5.67 -16.69
C HIS B 1045 58.39 -6.33 -17.82
N LEU B 1046 58.47 -7.67 -17.77
CA LEU B 1046 59.12 -8.43 -18.83
C LEU B 1046 58.11 -9.34 -19.53
N MET B 1047 57.42 -10.18 -18.77
CA MET B 1047 56.45 -11.13 -19.31
C MET B 1047 55.26 -11.25 -18.37
N SER B 1048 54.24 -11.95 -18.85
CA SER B 1048 53.04 -12.22 -18.07
C SER B 1048 52.36 -13.45 -18.66
N PHE B 1049 52.26 -14.52 -17.86
CA PHE B 1049 51.64 -15.76 -18.31
C PHE B 1049 50.28 -15.91 -17.68
N PRO B 1050 49.19 -15.92 -18.46
CA PRO B 1050 47.86 -16.05 -17.86
C PRO B 1050 47.52 -17.50 -17.56
N GLN B 1051 46.71 -17.69 -16.52
CA GLN B 1051 46.26 -19.01 -16.11
C GLN B 1051 44.81 -18.93 -15.66
N SER B 1052 44.05 -19.98 -15.97
CA SER B 1052 42.63 -20.01 -15.65
C SER B 1052 42.43 -20.12 -14.14
N ALA B 1053 41.24 -19.75 -13.69
CA ALA B 1053 40.88 -19.78 -12.28
C ALA B 1053 39.36 -19.81 -12.18
N PRO B 1054 38.82 -20.35 -11.09
CA PRO B 1054 37.36 -20.36 -10.93
C PRO B 1054 36.82 -18.94 -10.81
N HIS B 1055 36.07 -18.54 -11.84
CA HIS B 1055 35.47 -17.20 -11.88
C HIS B 1055 36.53 -16.11 -11.75
N GLY B 1056 37.61 -16.26 -12.52
CA GLY B 1056 38.68 -15.28 -12.48
C GLY B 1056 39.88 -15.76 -13.27
N VAL B 1057 40.94 -14.94 -13.22
CA VAL B 1057 42.18 -15.23 -13.90
C VAL B 1057 43.33 -14.82 -13.00
N VAL B 1058 44.40 -15.62 -13.02
CA VAL B 1058 45.57 -15.41 -12.16
C VAL B 1058 46.76 -15.16 -13.08
N PHE B 1059 47.28 -13.94 -13.06
CA PHE B 1059 48.44 -13.61 -13.88
C PHE B 1059 49.73 -13.91 -13.13
N LEU B 1060 50.78 -14.21 -13.88
CA LEU B 1060 52.12 -14.44 -13.35
C LEU B 1060 53.05 -13.45 -14.02
N HIS B 1061 53.20 -12.28 -13.41
CA HIS B 1061 54.01 -11.21 -13.98
C HIS B 1061 55.48 -11.44 -13.67
N VAL B 1062 56.30 -11.60 -14.72
CA VAL B 1062 57.75 -11.70 -14.59
C VAL B 1062 58.32 -10.30 -14.64
N THR B 1063 58.90 -9.86 -13.53
CA THR B 1063 59.38 -8.49 -13.40
C THR B 1063 60.89 -8.47 -13.26
N TYR B 1064 61.48 -7.33 -13.59
CA TYR B 1064 62.93 -7.12 -13.48
C TYR B 1064 63.18 -6.19 -12.30
N VAL B 1065 63.77 -6.73 -11.24
CA VAL B 1065 64.04 -5.98 -10.01
C VAL B 1065 65.56 -5.90 -9.84
N PRO B 1066 66.15 -4.71 -9.90
CA PRO B 1066 67.60 -4.60 -9.68
C PRO B 1066 67.96 -4.92 -8.23
N ALA B 1067 69.25 -5.19 -8.03
CA ALA B 1067 69.76 -5.52 -6.71
C ALA B 1067 71.26 -5.24 -6.67
N GLN B 1068 71.80 -5.24 -5.45
CA GLN B 1068 73.23 -5.02 -5.21
C GLN B 1068 73.71 -3.73 -5.84
N GLU B 1069 73.14 -2.60 -5.41
CA GLU B 1069 73.55 -1.31 -5.94
C GLU B 1069 74.89 -0.89 -5.33
N LYS B 1070 75.64 -0.08 -6.08
CA LYS B 1070 76.93 0.42 -5.66
C LYS B 1070 77.02 1.91 -5.96
N ASN B 1071 77.66 2.65 -5.07
CA ASN B 1071 77.76 4.10 -5.18
C ASN B 1071 78.94 4.48 -6.08
N PHE B 1072 78.73 5.48 -6.92
CA PHE B 1072 79.76 6.00 -7.81
C PHE B 1072 79.65 7.52 -7.89
N THR B 1073 80.65 8.12 -8.53
CA THR B 1073 80.67 9.57 -8.73
C THR B 1073 80.23 9.89 -10.15
N THR B 1074 79.28 10.81 -10.28
CA THR B 1074 78.68 11.16 -11.56
C THR B 1074 79.08 12.59 -11.93
N ALA B 1075 78.75 12.95 -13.17
CA ALA B 1075 78.99 14.28 -13.71
C ALA B 1075 78.04 14.48 -14.88
N PRO B 1076 77.46 15.68 -15.02
CA PRO B 1076 76.53 15.91 -16.14
C PRO B 1076 77.18 15.73 -17.51
N ALA B 1077 78.39 16.23 -17.68
CA ALA B 1077 79.09 16.09 -18.95
C ALA B 1077 80.59 16.15 -18.70
N ILE B 1078 81.35 15.94 -19.76
CA ILE B 1078 82.81 15.99 -19.70
C ILE B 1078 83.31 16.99 -20.75
N CYS B 1079 84.56 17.41 -20.59
CA CYS B 1079 85.18 18.37 -21.47
C CYS B 1079 86.54 17.82 -21.91
N HIS B 1080 86.61 17.38 -23.17
CA HIS B 1080 87.86 16.80 -23.68
C HIS B 1080 88.83 17.88 -24.13
N ASP B 1081 88.44 18.67 -25.15
CA ASP B 1081 89.29 19.72 -25.69
C ASP B 1081 88.68 21.10 -25.61
N GLY B 1082 87.45 21.23 -25.12
CA GLY B 1082 86.81 22.52 -25.04
C GLY B 1082 85.32 22.45 -25.37
N LYS B 1083 84.89 21.32 -25.90
CA LYS B 1083 83.50 21.09 -26.25
C LYS B 1083 82.90 20.03 -25.32
N ALA B 1084 81.66 20.22 -24.92
CA ALA B 1084 81.01 19.31 -23.99
C ALA B 1084 80.62 18.01 -24.69
N HIS B 1085 80.80 16.89 -23.99
CA HIS B 1085 80.43 15.57 -24.49
C HIS B 1085 79.39 14.99 -23.54
N PHE B 1086 78.16 14.84 -24.02
CA PHE B 1086 77.09 14.32 -23.19
C PHE B 1086 76.88 12.83 -23.46
N PRO B 1087 76.50 12.07 -22.44
CA PRO B 1087 76.21 10.64 -22.64
C PRO B 1087 75.06 10.41 -23.61
N ARG B 1088 75.27 9.56 -24.61
CA ARG B 1088 74.22 9.32 -25.60
C ARG B 1088 73.08 8.51 -25.01
N GLU B 1089 73.38 7.30 -24.53
CA GLU B 1089 72.36 6.42 -23.98
C GLU B 1089 72.91 5.77 -22.70
N GLY B 1090 73.54 6.58 -21.85
CA GLY B 1090 74.11 6.07 -20.62
C GLY B 1090 74.31 7.13 -19.55
N VAL B 1091 75.16 6.82 -18.57
CA VAL B 1091 75.45 7.73 -17.46
C VAL B 1091 76.95 7.71 -17.21
N PHE B 1092 77.51 8.90 -16.96
CA PHE B 1092 78.94 9.03 -16.68
C PHE B 1092 79.20 8.69 -15.22
N VAL B 1093 79.80 7.52 -14.99
CA VAL B 1093 80.15 7.09 -13.64
C VAL B 1093 81.67 7.20 -13.46
N SER B 1094 82.13 7.04 -12.23
CA SER B 1094 83.56 7.12 -11.94
C SER B 1094 83.88 6.25 -10.74
N ASN B 1095 85.03 5.57 -10.81
CA ASN B 1095 85.52 4.75 -9.71
C ASN B 1095 86.56 5.47 -8.87
N GLY B 1096 86.45 6.79 -8.74
CA GLY B 1096 87.41 7.57 -7.99
C GLY B 1096 88.52 8.14 -8.83
N THR B 1097 89.27 7.27 -9.51
CA THR B 1097 90.38 7.71 -10.35
C THR B 1097 89.96 7.94 -11.79
N HIS B 1098 89.42 6.91 -12.43
CA HIS B 1098 89.06 7.00 -13.83
C HIS B 1098 87.58 7.31 -13.99
N TRP B 1099 87.17 7.55 -15.25
CA TRP B 1099 85.80 7.85 -15.59
C TRP B 1099 85.33 6.87 -16.67
N PHE B 1100 84.11 6.37 -16.53
CA PHE B 1100 83.54 5.43 -17.48
C PHE B 1100 82.07 5.80 -17.72
N VAL B 1101 81.47 5.13 -18.71
CA VAL B 1101 80.07 5.33 -19.05
C VAL B 1101 79.38 3.97 -19.03
N THR B 1102 78.34 3.84 -18.21
CA THR B 1102 77.61 2.60 -18.04
C THR B 1102 76.15 2.81 -18.42
N GLN B 1103 75.35 1.76 -18.22
CA GLN B 1103 73.93 1.82 -18.51
C GLN B 1103 73.17 2.41 -17.31
N ARG B 1104 71.86 2.58 -17.50
CA ARG B 1104 71.00 3.16 -16.49
C ARG B 1104 70.39 2.13 -15.55
N ASN B 1105 70.53 0.83 -15.87
CA ASN B 1105 69.96 -0.21 -15.03
C ASN B 1105 70.91 -1.40 -14.83
N PHE B 1106 72.14 -1.33 -15.33
CA PHE B 1106 73.10 -2.42 -15.16
C PHE B 1106 74.49 -1.86 -15.33
N TYR B 1107 75.34 -2.05 -14.32
CA TYR B 1107 76.70 -1.51 -14.35
C TYR B 1107 77.55 -2.28 -15.36
N GLU B 1108 77.91 -1.61 -16.46
CA GLU B 1108 78.78 -2.20 -17.48
C GLU B 1108 79.83 -1.17 -17.84
N PRO B 1109 81.01 -1.24 -17.23
CA PRO B 1109 82.05 -0.21 -17.46
C PRO B 1109 82.57 -0.26 -18.89
N GLN B 1110 82.45 0.86 -19.59
CA GLN B 1110 82.95 0.99 -20.96
C GLN B 1110 83.73 2.30 -21.08
N ILE B 1111 84.74 2.28 -21.94
CA ILE B 1111 85.56 3.45 -22.17
C ILE B 1111 84.74 4.52 -22.89
N ILE B 1112 85.14 5.77 -22.77
CA ILE B 1112 84.42 6.90 -23.35
C ILE B 1112 85.07 7.23 -24.69
N THR B 1113 84.42 6.82 -25.79
CA THR B 1113 84.88 7.08 -27.14
C THR B 1113 83.95 8.10 -27.79
N THR B 1114 84.19 8.40 -29.07
CA THR B 1114 83.36 9.34 -29.81
C THR B 1114 82.10 8.70 -30.38
N ASP B 1115 81.86 7.42 -30.08
CA ASP B 1115 80.68 6.73 -30.58
C ASP B 1115 79.53 6.72 -29.57
N ASN B 1116 79.82 6.84 -28.28
CA ASN B 1116 78.79 6.85 -27.25
C ASN B 1116 78.57 8.23 -26.66
N THR B 1117 79.14 9.26 -27.26
CA THR B 1117 78.97 10.64 -26.79
C THR B 1117 78.75 11.55 -27.99
N PHE B 1118 77.85 12.52 -27.82
CA PHE B 1118 77.56 13.50 -28.85
C PHE B 1118 77.97 14.88 -28.39
N VAL B 1119 78.52 15.68 -29.30
CA VAL B 1119 79.05 17.00 -28.98
C VAL B 1119 77.96 18.04 -29.16
N SER B 1120 77.87 18.94 -28.18
CA SER B 1120 76.89 20.03 -28.24
C SER B 1120 77.35 21.21 -27.38
N GLY B 1121 77.75 22.29 -28.04
CA GLY B 1121 78.21 23.47 -27.33
C GLY B 1121 79.58 23.27 -26.70
N ASN B 1122 80.06 24.33 -26.06
CA ASN B 1122 81.35 24.31 -25.39
C ASN B 1122 81.14 24.23 -23.87
N CYS B 1123 82.25 24.25 -23.14
CA CYS B 1123 82.25 24.00 -21.69
C CYS B 1123 82.24 25.32 -20.96
N ASP B 1124 81.15 26.07 -21.10
CA ASP B 1124 81.00 27.33 -20.36
C ASP B 1124 79.58 27.53 -19.86
N VAL B 1125 78.71 26.55 -20.10
CA VAL B 1125 77.30 26.69 -19.76
C VAL B 1125 76.80 25.58 -18.85
N VAL B 1126 77.42 24.40 -18.83
CA VAL B 1126 76.98 23.29 -18.00
C VAL B 1126 77.68 23.40 -16.64
N ILE B 1127 76.88 23.41 -15.58
CA ILE B 1127 77.39 23.51 -14.22
C ILE B 1127 77.60 22.11 -13.67
N GLY B 1128 78.85 21.77 -13.36
CA GLY B 1128 79.16 20.47 -12.81
C GLY B 1128 79.98 19.62 -13.76
N ILE B 1129 80.34 20.18 -14.92
CA ILE B 1129 81.11 19.44 -15.90
C ILE B 1129 82.52 19.20 -15.39
N VAL B 1130 83.05 18.01 -15.63
CA VAL B 1130 84.39 17.65 -15.20
C VAL B 1130 85.31 17.59 -16.41
N ASN B 1131 86.61 17.49 -16.17
CA ASN B 1131 87.61 17.43 -17.23
C ASN B 1131 88.12 16.00 -17.36
N ASN B 1132 87.98 15.45 -18.56
CA ASN B 1132 88.44 14.09 -18.85
C ASN B 1132 88.91 14.06 -20.30
N THR B 1133 89.22 12.87 -20.81
CA THR B 1133 89.69 12.71 -22.18
C THR B 1133 88.90 11.59 -22.85
N VAL B 1134 88.34 11.89 -24.02
CA VAL B 1134 87.62 10.91 -24.82
C VAL B 1134 88.60 10.30 -25.83
N TYR B 1135 88.29 9.09 -26.29
CA TYR B 1135 89.14 8.38 -27.23
C TYR B 1135 88.56 8.44 -28.63
N ASP B 1136 89.44 8.53 -29.61
CA ASP B 1136 89.05 8.58 -31.02
C ASP B 1136 89.43 7.26 -31.69
N PRO B 1137 88.46 6.50 -32.20
CA PRO B 1137 88.80 5.20 -32.81
C PRO B 1137 89.66 5.33 -34.06
N LEU B 1138 89.67 6.50 -34.71
CA LEU B 1138 90.48 6.66 -35.91
C LEU B 1138 91.95 6.85 -35.57
N GLN B 1139 92.25 7.32 -34.36
CA GLN B 1139 93.63 7.57 -33.96
C GLN B 1139 94.50 6.32 -33.96
N PRO B 1140 94.11 5.20 -33.34
CA PRO B 1140 95.00 4.01 -33.41
C PRO B 1140 95.02 3.38 -34.79
N GLU B 1141 93.93 3.47 -35.54
CA GLU B 1141 93.91 2.90 -36.88
C GLU B 1141 94.80 3.68 -37.83
N LEU B 1142 94.94 4.99 -37.62
CA LEU B 1142 95.80 5.82 -38.44
C LEU B 1142 97.26 5.62 -38.04
N ASP B 1143 97.88 4.55 -38.52
CA ASP B 1143 99.27 4.23 -38.21
C ASP B 1143 100.18 4.39 -39.41
N SER B 1144 99.92 5.40 -40.24
CA SER B 1144 100.74 5.65 -41.42
C SER B 1144 101.99 6.44 -41.07
N LEU C 24 -26.62 -38.87 -35.80
CA LEU C 24 -25.57 -38.55 -36.75
C LEU C 24 -24.20 -38.65 -36.11
N PRO C 25 -23.21 -39.12 -36.87
CA PRO C 25 -21.83 -39.16 -36.40
C PRO C 25 -21.11 -37.85 -36.67
N PRO C 26 -21.18 -36.88 -35.76
CA PRO C 26 -20.63 -35.54 -36.06
C PRO C 26 -19.13 -35.60 -36.27
N ALA C 27 -18.70 -35.09 -37.42
CA ALA C 27 -17.28 -35.07 -37.77
C ALA C 27 -16.61 -33.86 -37.09
N TYR C 28 -15.36 -33.59 -37.47
CA TYR C 28 -14.62 -32.47 -36.91
C TYR C 28 -13.70 -31.91 -37.97
N THR C 29 -13.54 -30.59 -37.97
CA THR C 29 -12.68 -29.89 -38.92
C THR C 29 -11.60 -29.14 -38.18
N ASN C 30 -10.60 -28.65 -38.93
CA ASN C 30 -9.49 -27.91 -38.37
C ASN C 30 -9.85 -26.42 -38.37
N SER C 31 -10.18 -25.90 -37.19
CA SER C 31 -10.57 -24.50 -37.05
C SER C 31 -9.33 -23.63 -37.18
N PHE C 32 -9.21 -22.93 -38.30
CA PHE C 32 -8.08 -22.05 -38.52
C PHE C 32 -8.25 -20.75 -37.74
N THR C 33 -7.40 -19.78 -38.02
CA THR C 33 -7.41 -18.51 -37.28
C THR C 33 -8.67 -17.74 -37.65
N ARG C 34 -9.70 -17.86 -36.81
CA ARG C 34 -10.98 -17.21 -37.03
C ARG C 34 -11.78 -17.14 -35.73
N GLY C 35 -12.27 -15.95 -35.39
CA GLY C 35 -13.05 -15.78 -34.18
C GLY C 35 -12.42 -14.81 -33.20
N VAL C 36 -11.48 -14.01 -33.68
CA VAL C 36 -10.79 -13.02 -32.85
C VAL C 36 -11.61 -11.72 -32.92
N TYR C 37 -12.42 -11.49 -31.90
CA TYR C 37 -13.27 -10.31 -31.84
C TYR C 37 -12.60 -9.21 -31.02
N TYR C 38 -13.20 -8.02 -31.07
CA TYR C 38 -12.71 -6.90 -30.27
C TYR C 38 -13.13 -7.09 -28.82
N PRO C 39 -12.20 -7.10 -27.86
CA PRO C 39 -12.61 -7.29 -26.46
C PRO C 39 -13.42 -6.12 -25.92
N ASP C 40 -12.98 -4.90 -26.15
CA ASP C 40 -13.68 -3.70 -25.72
C ASP C 40 -13.83 -2.74 -26.90
N LYS C 41 -14.34 -1.55 -26.61
CA LYS C 41 -14.54 -0.51 -27.62
C LYS C 41 -13.54 0.61 -27.34
N VAL C 42 -12.33 0.45 -27.87
CA VAL C 42 -11.25 1.43 -27.71
C VAL C 42 -10.51 1.53 -29.02
N PHE C 43 -10.38 2.75 -29.54
CA PHE C 43 -9.65 2.96 -30.78
C PHE C 43 -8.16 2.82 -30.55
N ARG C 44 -7.50 2.03 -31.40
CA ARG C 44 -6.06 1.82 -31.32
C ARG C 44 -5.48 1.83 -32.72
N SER C 45 -4.38 2.55 -32.91
CA SER C 45 -3.76 2.70 -34.21
C SER C 45 -2.29 2.30 -34.12
N SER C 46 -1.94 1.21 -34.81
CA SER C 46 -0.55 0.74 -34.91
C SER C 46 0.05 0.47 -33.53
N VAL C 47 -0.64 -0.37 -32.75
CA VAL C 47 -0.19 -0.78 -31.44
C VAL C 47 -0.22 -2.30 -31.36
N LEU C 48 0.25 -2.83 -30.23
CA LEU C 48 0.27 -4.27 -29.97
C LEU C 48 -0.30 -4.49 -28.57
N HIS C 49 -1.59 -4.81 -28.49
CA HIS C 49 -2.27 -4.99 -27.22
C HIS C 49 -2.41 -6.48 -26.92
N SER C 50 -1.97 -6.88 -25.72
CA SER C 50 -2.07 -8.27 -25.27
C SER C 50 -3.30 -8.38 -24.37
N THR C 51 -4.38 -8.92 -24.93
CA THR C 51 -5.65 -9.04 -24.23
C THR C 51 -5.80 -10.43 -23.62
N GLN C 52 -6.56 -10.49 -22.52
CA GLN C 52 -6.85 -11.75 -21.83
C GLN C 52 -8.36 -11.84 -21.67
N ASP C 53 -8.99 -12.68 -22.49
CA ASP C 53 -10.44 -12.85 -22.46
C ASP C 53 -10.76 -14.20 -23.10
N LEU C 54 -12.04 -14.48 -23.27
CA LEU C 54 -12.49 -15.75 -23.84
C LEU C 54 -12.42 -15.66 -25.37
N PHE C 55 -11.56 -16.48 -25.96
CA PHE C 55 -11.40 -16.54 -27.41
C PHE C 55 -11.38 -18.00 -27.85
N LEU C 56 -11.39 -18.19 -29.17
CA LEU C 56 -11.35 -19.53 -29.75
C LEU C 56 -9.90 -19.94 -29.98
N PRO C 57 -9.45 -21.08 -29.45
CA PRO C 57 -8.06 -21.49 -29.67
C PRO C 57 -7.80 -21.81 -31.15
N PHE C 58 -6.65 -21.37 -31.62
CA PHE C 58 -6.28 -21.62 -33.02
C PHE C 58 -5.95 -23.09 -33.22
N PHE C 59 -6.28 -23.61 -34.40
CA PHE C 59 -6.03 -25.00 -34.78
C PHE C 59 -6.66 -25.95 -33.77
N SER C 60 -7.96 -25.80 -33.56
CA SER C 60 -8.74 -26.62 -32.66
C SER C 60 -9.73 -27.46 -33.46
N ASN C 61 -10.54 -28.22 -32.74
CA ASN C 61 -11.53 -29.10 -33.35
C ASN C 61 -12.93 -28.51 -33.18
N VAL C 62 -13.67 -28.40 -34.27
CA VAL C 62 -15.02 -27.89 -34.27
C VAL C 62 -15.92 -28.91 -34.96
N THR C 63 -17.06 -29.20 -34.34
CA THR C 63 -17.98 -30.20 -34.89
C THR C 63 -18.51 -29.74 -36.24
N TRP C 64 -18.72 -30.71 -37.12
CA TRP C 64 -19.13 -30.47 -38.51
C TRP C 64 -20.60 -30.83 -38.73
N PHE C 65 -21.46 -30.49 -37.77
CA PHE C 65 -22.89 -30.74 -37.89
C PHE C 65 -23.43 -30.19 -39.21
N HIS C 66 -23.93 -31.10 -40.05
CA HIS C 66 -24.40 -30.76 -41.39
C HIS C 66 -25.91 -30.66 -41.38
N VAL C 67 -26.44 -29.62 -42.01
CA VAL C 67 -27.88 -29.35 -42.03
C VAL C 67 -28.51 -29.79 -43.34
N ILE C 68 -27.88 -30.75 -44.04
CA ILE C 68 -28.41 -31.20 -45.33
C ILE C 68 -29.77 -31.86 -45.16
N PHE C 77 -31.19 -33.42 -41.72
CA PHE C 77 -31.82 -33.06 -40.45
C PHE C 77 -30.82 -33.16 -39.30
N ASP C 78 -30.75 -32.11 -38.47
CA ASP C 78 -29.92 -32.15 -37.28
C ASP C 78 -30.33 -31.04 -36.30
N ASN C 79 -30.48 -31.39 -35.03
CA ASN C 79 -30.82 -30.42 -34.00
C ASN C 79 -30.44 -30.94 -32.62
N PRO C 80 -29.15 -31.05 -32.30
CA PRO C 80 -28.73 -31.57 -31.00
C PRO C 80 -28.75 -30.47 -29.94
N VAL C 81 -28.54 -30.88 -28.70
CA VAL C 81 -28.48 -29.97 -27.56
C VAL C 81 -27.01 -29.73 -27.24
N LEU C 82 -26.51 -28.55 -27.59
CA LEU C 82 -25.10 -28.25 -27.41
C LEU C 82 -24.87 -27.58 -26.05
N PRO C 83 -23.80 -27.95 -25.34
CA PRO C 83 -23.52 -27.31 -24.06
C PRO C 83 -22.84 -25.96 -24.24
N PHE C 84 -23.34 -24.96 -23.51
CA PHE C 84 -22.79 -23.61 -23.54
C PHE C 84 -21.94 -23.42 -22.29
N ASN C 85 -20.70 -23.91 -22.36
CA ASN C 85 -19.80 -23.83 -21.22
C ASN C 85 -19.50 -22.37 -20.85
N ASP C 86 -18.87 -21.64 -21.76
CA ASP C 86 -18.58 -20.23 -21.51
C ASP C 86 -18.69 -19.36 -22.75
N GLY C 87 -19.03 -19.93 -23.90
CA GLY C 87 -19.11 -19.18 -25.15
C GLY C 87 -18.85 -20.10 -26.33
N VAL C 88 -19.64 -19.91 -27.39
CA VAL C 88 -19.54 -20.72 -28.59
C VAL C 88 -19.23 -19.83 -29.78
N TYR C 89 -18.66 -20.45 -30.81
CA TYR C 89 -18.33 -19.79 -32.08
C TYR C 89 -19.27 -20.36 -33.14
N PHE C 90 -20.42 -19.73 -33.32
CA PHE C 90 -21.38 -20.19 -34.30
C PHE C 90 -21.02 -19.69 -35.69
N ALA C 91 -21.24 -20.55 -36.69
CA ALA C 91 -20.96 -20.20 -38.07
C ALA C 91 -22.10 -20.72 -38.94
N SER C 92 -22.12 -20.28 -40.19
CA SER C 92 -23.17 -20.68 -41.12
C SER C 92 -22.72 -20.35 -42.55
N ILE C 93 -22.85 -21.33 -43.43
CA ILE C 93 -22.50 -21.14 -44.85
C ILE C 93 -23.76 -21.34 -45.68
N GLU C 94 -24.90 -20.95 -45.11
CA GLU C 94 -26.18 -21.09 -45.79
C GLU C 94 -26.22 -20.24 -47.05
N LYS C 95 -27.23 -20.47 -47.88
CA LYS C 95 -27.36 -19.76 -49.15
C LYS C 95 -28.19 -18.48 -49.00
N SER C 96 -29.48 -18.60 -48.65
CA SER C 96 -30.31 -17.42 -48.45
C SER C 96 -30.83 -17.30 -47.03
N ASN C 97 -31.58 -18.31 -46.55
CA ASN C 97 -32.21 -18.23 -45.24
C ASN C 97 -32.22 -19.55 -44.49
N ILE C 98 -31.29 -20.46 -44.75
CA ILE C 98 -31.36 -21.80 -44.17
C ILE C 98 -31.23 -21.73 -42.65
N ILE C 99 -30.15 -21.13 -42.18
CA ILE C 99 -29.85 -21.08 -40.74
C ILE C 99 -30.24 -19.71 -40.22
N ARG C 100 -31.31 -19.65 -39.43
CA ARG C 100 -31.78 -18.40 -38.85
C ARG C 100 -32.31 -18.68 -37.45
N GLY C 101 -31.75 -18.01 -36.45
CA GLY C 101 -32.25 -18.06 -35.10
C GLY C 101 -31.28 -18.75 -34.15
N TRP C 102 -31.51 -18.51 -32.86
CA TRP C 102 -30.74 -19.11 -31.79
C TRP C 102 -31.65 -19.34 -30.59
N ILE C 103 -31.46 -20.48 -29.93
CA ILE C 103 -32.36 -20.90 -28.85
C ILE C 103 -31.57 -21.06 -27.55
N PHE C 104 -30.57 -20.20 -27.34
CA PHE C 104 -29.78 -20.23 -26.11
C PHE C 104 -30.68 -20.27 -24.88
N GLY C 105 -30.29 -21.09 -23.91
CA GLY C 105 -31.06 -21.23 -22.70
C GLY C 105 -30.34 -22.15 -21.73
N THR C 106 -30.93 -22.27 -20.54
CA THR C 106 -30.37 -23.11 -19.48
C THR C 106 -30.98 -24.51 -19.49
N THR C 107 -32.31 -24.59 -19.36
CA THR C 107 -33.00 -25.87 -19.32
C THR C 107 -34.03 -26.03 -20.44
N LEU C 108 -34.36 -24.96 -21.17
CA LEU C 108 -35.33 -25.00 -22.26
C LEU C 108 -36.68 -25.52 -21.77
N ASP C 109 -37.08 -25.07 -20.58
CA ASP C 109 -38.33 -25.46 -19.97
C ASP C 109 -39.10 -24.21 -19.56
N SER C 110 -40.31 -24.42 -19.03
CA SER C 110 -41.13 -23.29 -18.61
C SER C 110 -40.74 -22.79 -17.22
N LYS C 111 -39.99 -23.58 -16.46
CA LYS C 111 -39.57 -23.16 -15.13
C LYS C 111 -38.59 -22.00 -15.19
N THR C 112 -37.48 -22.19 -15.91
CA THR C 112 -36.46 -21.16 -16.06
C THR C 112 -36.66 -20.42 -17.38
N GLN C 113 -35.99 -19.26 -17.48
CA GLN C 113 -36.09 -18.44 -18.68
C GLN C 113 -35.16 -18.99 -19.76
N SER C 114 -35.23 -18.40 -20.95
CA SER C 114 -34.43 -18.81 -22.08
C SER C 114 -34.29 -17.62 -23.02
N LEU C 115 -33.76 -17.88 -24.22
CA LEU C 115 -33.56 -16.84 -25.23
C LEU C 115 -33.86 -17.44 -26.59
N LEU C 116 -34.70 -16.76 -27.37
CA LEU C 116 -35.18 -17.25 -28.65
C LEU C 116 -34.99 -16.21 -29.74
N ILE C 117 -33.79 -15.64 -29.82
CA ILE C 117 -33.47 -14.64 -30.83
C ILE C 117 -33.54 -15.29 -32.21
N VAL C 118 -34.55 -14.91 -32.99
CA VAL C 118 -34.74 -15.44 -34.33
C VAL C 118 -34.61 -14.30 -35.34
N ASN C 119 -34.54 -14.68 -36.61
CA ASN C 119 -34.41 -13.73 -37.72
C ASN C 119 -35.61 -13.93 -38.64
N ASN C 120 -36.70 -13.22 -38.35
CA ASN C 120 -37.91 -13.30 -39.16
C ASN C 120 -37.75 -12.37 -40.36
N ALA C 121 -38.85 -12.13 -41.08
CA ALA C 121 -38.82 -11.32 -42.29
C ALA C 121 -38.39 -9.89 -42.00
N THR C 122 -37.19 -9.53 -42.48
CA THR C 122 -36.57 -8.21 -42.31
C THR C 122 -36.84 -7.60 -40.93
N ASN C 123 -36.65 -8.42 -39.90
CA ASN C 123 -36.73 -7.97 -38.51
C ASN C 123 -36.15 -9.05 -37.62
N VAL C 124 -35.85 -8.68 -36.38
CA VAL C 124 -35.31 -9.59 -35.38
C VAL C 124 -36.05 -9.34 -34.07
N VAL C 125 -36.60 -10.41 -33.50
CA VAL C 125 -37.35 -10.34 -32.25
C VAL C 125 -36.49 -10.99 -31.16
N ILE C 126 -36.17 -10.22 -30.13
CA ILE C 126 -35.35 -10.69 -29.01
C ILE C 126 -36.21 -10.64 -27.75
N LYS C 127 -36.56 -11.82 -27.24
CA LYS C 127 -37.36 -11.93 -26.02
C LYS C 127 -36.69 -12.93 -25.09
N VAL C 128 -36.64 -12.60 -23.80
CA VAL C 128 -36.05 -13.48 -22.79
C VAL C 128 -37.19 -14.16 -22.05
N CYS C 129 -38.36 -14.25 -22.69
CA CYS C 129 -39.51 -14.86 -22.06
C CYS C 129 -39.30 -16.35 -21.85
N GLU C 130 -39.89 -16.88 -20.78
CA GLU C 130 -39.81 -18.30 -20.47
C GLU C 130 -40.97 -19.02 -21.14
N PHE C 131 -40.66 -19.87 -22.12
CA PHE C 131 -41.66 -20.61 -22.88
C PHE C 131 -41.36 -22.09 -22.82
N GLN C 132 -42.33 -22.92 -23.22
CA GLN C 132 -42.17 -24.36 -23.12
C GLN C 132 -41.14 -24.88 -24.11
N PHE C 133 -41.06 -24.26 -25.28
CA PHE C 133 -40.11 -24.66 -26.32
C PHE C 133 -40.32 -26.12 -26.73
N CYS C 134 -41.41 -26.40 -27.42
CA CYS C 134 -41.69 -27.74 -27.95
C CYS C 134 -40.46 -28.34 -28.59
N ASN C 135 -40.31 -29.66 -28.47
CA ASN C 135 -39.08 -30.37 -28.81
C ASN C 135 -38.51 -30.00 -30.18
N ASP C 136 -39.29 -30.24 -31.23
CA ASP C 136 -38.79 -30.02 -32.59
C ASP C 136 -38.76 -28.52 -32.90
N PRO C 137 -37.56 -27.93 -33.07
CA PRO C 137 -37.50 -26.50 -33.37
C PRO C 137 -37.63 -26.20 -34.85
N PHE C 138 -38.86 -26.18 -35.36
CA PHE C 138 -39.12 -25.93 -36.77
C PHE C 138 -39.91 -24.63 -36.91
N LEU C 139 -39.71 -23.96 -38.05
CA LEU C 139 -40.42 -22.72 -38.34
C LEU C 139 -40.48 -22.47 -39.84
N GLU C 151 -43.63 -18.35 -39.63
CA GLU C 151 -44.50 -18.87 -38.57
C GLU C 151 -43.70 -19.17 -37.31
N PHE C 152 -44.30 -18.85 -36.16
CA PHE C 152 -43.65 -19.09 -34.86
C PHE C 152 -44.08 -20.44 -34.28
N ARG C 153 -43.76 -21.50 -35.04
CA ARG C 153 -44.05 -22.86 -34.62
C ARG C 153 -42.97 -23.46 -33.73
N VAL C 154 -41.99 -22.65 -33.30
CA VAL C 154 -40.93 -23.17 -32.45
C VAL C 154 -41.45 -23.45 -31.04
N TYR C 155 -42.38 -22.63 -30.57
CA TYR C 155 -42.93 -22.77 -29.23
C TYR C 155 -44.42 -22.50 -29.27
N SER C 156 -45.12 -22.98 -28.25
CA SER C 156 -46.56 -22.72 -28.11
C SER C 156 -46.87 -22.66 -26.61
N SER C 157 -46.85 -21.45 -26.07
CA SER C 157 -47.09 -21.21 -24.64
C SER C 157 -47.19 -19.70 -24.44
N ALA C 158 -47.43 -19.30 -23.19
CA ALA C 158 -47.53 -17.88 -22.85
C ALA C 158 -47.27 -17.73 -21.36
N ASN C 159 -46.22 -17.00 -21.00
CA ASN C 159 -45.87 -16.79 -19.61
C ASN C 159 -45.40 -15.34 -19.46
N ASN C 160 -44.83 -15.02 -18.31
CA ASN C 160 -44.33 -13.68 -18.04
C ASN C 160 -42.95 -13.50 -18.67
N CYS C 161 -42.73 -12.33 -19.27
CA CYS C 161 -41.47 -12.02 -19.94
C CYS C 161 -40.68 -11.01 -19.14
N THR C 162 -39.45 -10.76 -19.59
CA THR C 162 -38.55 -9.81 -18.94
C THR C 162 -37.95 -8.79 -19.89
N PHE C 163 -37.97 -9.01 -21.21
CA PHE C 163 -37.39 -8.09 -22.16
C PHE C 163 -37.97 -8.36 -23.53
N GLU C 164 -38.31 -7.29 -24.25
CA GLU C 164 -38.90 -7.37 -25.58
C GLU C 164 -38.18 -6.43 -26.54
N TYR C 165 -36.85 -6.44 -26.49
CA TYR C 165 -36.03 -5.57 -27.34
C TYR C 165 -36.06 -6.12 -28.76
N VAL C 166 -37.12 -5.77 -29.48
CA VAL C 166 -37.29 -6.20 -30.88
C VAL C 166 -36.45 -5.27 -31.75
N SER C 167 -35.25 -5.72 -32.10
CA SER C 167 -34.34 -4.92 -32.92
C SER C 167 -34.82 -4.97 -34.37
N GLN C 168 -35.19 -3.80 -34.91
CA GLN C 168 -35.68 -3.74 -36.29
C GLN C 168 -34.62 -4.13 -37.31
N PRO C 169 -33.39 -3.63 -37.27
CA PRO C 169 -32.40 -4.05 -38.27
C PRO C 169 -32.02 -5.52 -38.09
N PHE C 170 -32.13 -6.28 -39.17
CA PHE C 170 -31.81 -7.70 -39.12
C PHE C 170 -30.31 -7.93 -38.98
N LEU C 171 -29.95 -9.01 -38.30
CA LEU C 171 -28.55 -9.35 -38.08
C LEU C 171 -27.92 -10.05 -39.27
N MET C 172 -28.70 -10.47 -40.25
CA MET C 172 -28.16 -11.15 -41.43
C MET C 172 -28.44 -10.36 -42.70
N GLN C 178 -24.01 -13.60 -58.77
CA GLN C 178 -23.15 -14.31 -57.84
C GLN C 178 -23.58 -15.76 -57.69
N GLY C 179 -23.26 -16.59 -58.69
CA GLY C 179 -23.61 -17.99 -58.67
C GLY C 179 -22.82 -18.77 -57.64
N ASN C 180 -21.51 -18.90 -57.84
CA ASN C 180 -20.65 -19.62 -56.92
C ASN C 180 -20.05 -18.70 -55.87
N PHE C 181 -20.92 -17.97 -55.18
CA PHE C 181 -20.53 -17.02 -54.14
C PHE C 181 -21.44 -17.22 -52.94
N LYS C 182 -20.99 -18.01 -51.97
CA LYS C 182 -21.75 -18.24 -50.75
C LYS C 182 -21.52 -17.08 -49.78
N ASN C 183 -22.03 -17.21 -48.56
CA ASN C 183 -21.92 -16.16 -47.56
C ASN C 183 -21.68 -16.83 -46.20
N LEU C 184 -20.52 -16.56 -45.61
CA LEU C 184 -20.18 -17.08 -44.30
C LEU C 184 -20.60 -16.08 -43.23
N ARG C 185 -21.37 -16.54 -42.25
CA ARG C 185 -21.88 -15.69 -41.17
C ARG C 185 -21.44 -16.29 -39.85
N GLU C 186 -20.44 -15.67 -39.22
CA GLU C 186 -19.94 -16.12 -37.94
C GLU C 186 -20.52 -15.26 -36.82
N PHE C 187 -20.82 -15.90 -35.68
CA PHE C 187 -21.41 -15.22 -34.53
C PHE C 187 -20.70 -15.71 -33.27
N VAL C 188 -19.96 -14.83 -32.62
CA VAL C 188 -19.28 -15.16 -31.38
C VAL C 188 -20.18 -14.76 -30.21
N PHE C 189 -20.62 -15.75 -29.45
CA PHE C 189 -21.46 -15.53 -28.29
C PHE C 189 -20.62 -15.61 -27.01
N LYS C 190 -20.98 -14.77 -26.04
CA LYS C 190 -20.27 -14.72 -24.77
C LYS C 190 -21.21 -14.20 -23.70
N ASN C 191 -21.14 -14.79 -22.52
CA ASN C 191 -22.01 -14.44 -21.40
C ASN C 191 -21.15 -14.00 -20.21
N ILE C 192 -21.45 -12.82 -19.68
CA ILE C 192 -20.78 -12.31 -18.48
C ILE C 192 -21.83 -12.04 -17.42
N ASP C 193 -21.39 -11.52 -16.26
CA ASP C 193 -22.26 -11.41 -15.09
C ASP C 193 -23.59 -10.74 -15.38
N GLY C 194 -23.59 -9.70 -16.22
CA GLY C 194 -24.82 -8.98 -16.48
C GLY C 194 -25.05 -8.57 -17.92
N TYR C 195 -24.38 -9.25 -18.86
CA TYR C 195 -24.51 -8.89 -20.27
C TYR C 195 -24.40 -10.14 -21.13
N PHE C 196 -25.30 -10.27 -22.10
CA PHE C 196 -25.23 -11.34 -23.10
C PHE C 196 -24.72 -10.75 -24.40
N LYS C 197 -23.41 -10.52 -24.45
CA LYS C 197 -22.79 -9.91 -25.61
C LYS C 197 -22.80 -10.88 -26.79
N ILE C 198 -23.10 -10.37 -27.98
CA ILE C 198 -23.14 -11.16 -29.20
C ILE C 198 -22.39 -10.40 -30.29
N TYR C 199 -21.39 -11.04 -30.87
CA TYR C 199 -20.63 -10.48 -31.98
C TYR C 199 -21.06 -11.13 -33.29
N SER C 200 -20.72 -10.48 -34.40
CA SER C 200 -21.13 -10.96 -35.70
C SER C 200 -20.24 -10.35 -36.77
N LYS C 201 -20.18 -11.04 -37.91
CA LYS C 201 -19.44 -10.56 -39.08
C LYS C 201 -19.92 -11.33 -40.30
N HIS C 202 -20.16 -10.62 -41.39
CA HIS C 202 -20.65 -11.21 -42.64
C HIS C 202 -19.56 -11.09 -43.68
N THR C 203 -19.00 -12.23 -44.10
CA THR C 203 -17.95 -12.27 -45.10
C THR C 203 -18.40 -13.02 -46.33
N PRO C 204 -18.39 -12.41 -47.51
CA PRO C 204 -18.80 -13.11 -48.73
C PRO C 204 -17.70 -13.99 -49.31
N ILE C 205 -17.58 -15.22 -48.81
CA ILE C 205 -16.54 -16.12 -49.31
C ILE C 205 -16.77 -16.42 -50.80
N ILE C 206 -15.69 -16.78 -51.47
CA ILE C 206 -15.70 -16.97 -52.92
C ILE C 206 -15.37 -18.40 -53.32
N VAL C 207 -14.40 -19.03 -52.65
CA VAL C 207 -13.96 -20.36 -53.04
C VAL C 207 -15.10 -21.36 -52.91
N ARG C 208 -15.24 -22.23 -53.90
CA ARG C 208 -16.28 -23.25 -53.94
C ARG C 208 -15.72 -24.64 -53.66
N GLU C 209 -14.69 -24.73 -52.81
CA GLU C 209 -14.11 -26.00 -52.42
C GLU C 209 -15.09 -26.78 -51.56
N PRO C 210 -14.79 -28.04 -51.24
CA PRO C 210 -15.59 -28.76 -50.24
C PRO C 210 -15.76 -27.95 -48.97
N GLU C 211 -16.91 -28.14 -48.33
CA GLU C 211 -17.30 -27.29 -47.20
C GLU C 211 -16.28 -27.37 -46.08
N ASP C 212 -15.63 -26.24 -45.79
CA ASP C 212 -14.61 -26.16 -44.76
C ASP C 212 -14.37 -24.69 -44.45
N LEU C 213 -13.85 -24.43 -43.25
CA LEU C 213 -13.57 -23.08 -42.85
C LEU C 213 -12.50 -22.46 -43.75
N PRO C 214 -12.70 -21.25 -44.25
CA PRO C 214 -11.73 -20.66 -45.20
C PRO C 214 -10.45 -20.21 -44.51
N GLN C 215 -9.53 -19.67 -45.31
CA GLN C 215 -8.25 -19.17 -44.81
C GLN C 215 -8.26 -17.65 -44.87
N GLY C 216 -8.13 -17.01 -43.71
CA GLY C 216 -8.10 -15.57 -43.65
C GLY C 216 -8.60 -15.01 -42.34
N PHE C 217 -7.94 -13.96 -41.85
CA PHE C 217 -8.34 -13.33 -40.61
C PHE C 217 -9.54 -12.42 -40.84
N SER C 218 -10.49 -12.45 -39.90
CA SER C 218 -11.69 -11.63 -39.99
C SER C 218 -12.25 -11.43 -38.59
N ALA C 219 -12.14 -10.21 -38.08
CA ALA C 219 -12.68 -9.90 -36.77
C ALA C 219 -14.20 -9.79 -36.83
N LEU C 220 -14.81 -9.58 -35.67
CA LEU C 220 -16.26 -9.45 -35.56
C LEU C 220 -16.61 -8.15 -34.85
N GLU C 221 -17.71 -7.53 -35.27
CA GLU C 221 -18.14 -6.26 -34.73
C GLU C 221 -19.35 -6.45 -33.83
N PRO C 222 -19.37 -5.84 -32.65
CA PRO C 222 -20.54 -5.97 -31.77
C PRO C 222 -21.75 -5.25 -32.35
N LEU C 223 -22.93 -5.85 -32.17
CA LEU C 223 -24.16 -5.26 -32.66
C LEU C 223 -25.19 -5.11 -31.54
N VAL C 224 -25.24 -6.07 -30.62
CA VAL C 224 -26.21 -6.07 -29.54
C VAL C 224 -25.48 -6.31 -28.22
N ASP C 225 -25.96 -5.64 -27.18
CA ASP C 225 -25.38 -5.69 -25.84
C ASP C 225 -26.46 -5.85 -24.79
N LEU C 226 -27.35 -6.82 -25.00
CA LEU C 226 -28.48 -7.08 -24.13
C LEU C 226 -28.02 -7.21 -22.68
N PRO C 227 -28.44 -6.32 -21.78
CA PRO C 227 -28.03 -6.41 -20.37
C PRO C 227 -28.84 -7.38 -19.53
N ILE C 228 -29.63 -8.26 -20.14
CA ILE C 228 -30.45 -9.18 -19.38
C ILE C 228 -29.57 -10.22 -18.69
N GLY C 229 -29.87 -10.50 -17.43
CA GLY C 229 -29.10 -11.45 -16.66
C GLY C 229 -29.81 -12.78 -16.49
N ILE C 230 -29.27 -13.83 -17.11
CA ILE C 230 -29.85 -15.16 -17.02
C ILE C 230 -28.75 -16.18 -17.30
N ASN C 231 -28.72 -17.24 -16.50
CA ASN C 231 -27.73 -18.29 -16.68
C ASN C 231 -28.02 -19.08 -17.95
N ILE C 232 -26.99 -19.26 -18.78
CA ILE C 232 -27.10 -19.98 -20.04
C ILE C 232 -26.09 -21.11 -20.03
N THR C 233 -26.58 -22.34 -20.25
CA THR C 233 -25.73 -23.52 -20.28
C THR C 233 -25.97 -24.43 -21.46
N ARG C 234 -27.06 -24.26 -22.21
CA ARG C 234 -27.39 -25.13 -23.33
C ARG C 234 -27.58 -24.30 -24.60
N PHE C 235 -27.15 -24.87 -25.72
CA PHE C 235 -27.27 -24.22 -27.02
C PHE C 235 -28.09 -25.11 -27.94
N GLN C 236 -29.20 -24.58 -28.45
CA GLN C 236 -30.06 -25.29 -29.39
C GLN C 236 -30.15 -24.48 -30.67
N THR C 237 -30.03 -25.18 -31.80
CA THR C 237 -30.09 -24.56 -33.12
C THR C 237 -31.38 -24.95 -33.82
N LEU C 238 -31.65 -24.30 -34.95
CA LEU C 238 -32.86 -24.56 -35.72
C LEU C 238 -32.65 -24.04 -37.14
N LEU C 239 -33.29 -24.69 -38.10
CA LEU C 239 -33.20 -24.30 -39.49
C LEU C 239 -34.58 -23.95 -40.04
N ALA C 240 -34.60 -23.19 -41.13
CA ALA C 240 -35.83 -22.84 -41.82
C ALA C 240 -36.31 -24.06 -42.60
N LEU C 241 -37.25 -24.80 -42.02
CA LEU C 241 -37.73 -26.04 -42.61
C LEU C 241 -38.39 -25.79 -43.96
N HIS C 242 -39.53 -25.09 -43.96
CA HIS C 242 -40.25 -24.71 -45.17
C HIS C 242 -40.47 -25.91 -46.09
N ARG C 243 -41.14 -26.94 -45.56
CA ARG C 243 -41.44 -28.12 -46.37
C ARG C 243 -42.54 -27.83 -47.38
N SER C 244 -43.66 -27.28 -46.91
CA SER C 244 -44.79 -26.94 -47.76
C SER C 244 -45.30 -28.15 -48.55
N GLY C 258 -25.56 -31.01 -49.94
CA GLY C 258 -24.86 -30.07 -49.08
C GLY C 258 -25.48 -28.68 -49.09
N ALA C 259 -26.63 -28.54 -48.43
CA ALA C 259 -27.31 -27.25 -48.39
C ALA C 259 -26.55 -26.28 -47.49
N ALA C 260 -26.39 -26.63 -46.21
CA ALA C 260 -25.69 -25.76 -45.27
C ALA C 260 -25.20 -26.62 -44.11
N ALA C 261 -24.23 -26.07 -43.37
CA ALA C 261 -23.68 -26.74 -42.20
C ALA C 261 -23.15 -25.68 -41.25
N TYR C 262 -23.59 -25.72 -40.00
CA TYR C 262 -23.19 -24.75 -39.00
C TYR C 262 -22.04 -25.32 -38.17
N TYR C 263 -21.03 -24.49 -37.90
CA TYR C 263 -19.92 -24.87 -37.06
C TYR C 263 -20.07 -24.24 -35.68
N VAL C 264 -19.82 -25.03 -34.64
CA VAL C 264 -19.98 -24.58 -33.26
C VAL C 264 -18.73 -25.01 -32.50
N GLY C 265 -17.93 -24.04 -32.08
CA GLY C 265 -16.75 -24.30 -31.28
C GLY C 265 -16.99 -24.04 -29.81
N TYR C 266 -15.89 -23.94 -29.06
CA TYR C 266 -15.94 -23.68 -27.63
C TYR C 266 -14.80 -22.74 -27.26
N LEU C 267 -15.14 -21.65 -26.59
CA LEU C 267 -14.15 -20.67 -26.18
C LEU C 267 -13.41 -21.13 -24.93
N GLN C 268 -12.18 -20.67 -24.79
CA GLN C 268 -11.33 -20.99 -23.65
C GLN C 268 -10.55 -19.74 -23.25
N PRO C 269 -10.26 -19.58 -21.96
CA PRO C 269 -9.50 -18.40 -21.51
C PRO C 269 -8.04 -18.49 -21.94
N ARG C 270 -7.67 -17.68 -22.92
CA ARG C 270 -6.30 -17.66 -23.43
C ARG C 270 -5.89 -16.23 -23.73
N THR C 271 -4.57 -16.01 -23.79
CA THR C 271 -4.02 -14.70 -24.09
C THR C 271 -3.71 -14.59 -25.58
N PHE C 272 -4.09 -13.47 -26.18
CA PHE C 272 -3.87 -13.24 -27.60
C PHE C 272 -3.24 -11.86 -27.79
N LEU C 273 -2.31 -11.76 -28.74
CA LEU C 273 -1.66 -10.51 -29.09
C LEU C 273 -2.34 -9.95 -30.34
N LEU C 274 -2.95 -8.78 -30.20
CA LEU C 274 -3.72 -8.16 -31.27
C LEU C 274 -2.88 -7.11 -31.98
N LYS C 275 -3.08 -7.01 -33.30
CA LYS C 275 -2.38 -6.05 -34.14
C LYS C 275 -3.41 -5.12 -34.77
N TYR C 276 -3.36 -3.85 -34.39
CA TYR C 276 -4.30 -2.85 -34.91
C TYR C 276 -3.68 -2.11 -36.08
N ASN C 277 -4.48 -1.91 -37.12
CA ASN C 277 -4.03 -1.19 -38.31
C ASN C 277 -4.11 0.31 -38.06
N GLU C 278 -3.58 1.09 -39.01
CA GLU C 278 -3.63 2.54 -38.89
C GLU C 278 -5.06 3.06 -38.97
N ASN C 279 -5.95 2.34 -39.64
CA ASN C 279 -7.35 2.75 -39.68
C ASN C 279 -8.04 2.51 -38.35
N GLY C 280 -7.70 1.41 -37.67
CA GLY C 280 -8.29 1.10 -36.39
C GLY C 280 -8.88 -0.30 -36.32
N THR C 281 -8.56 -1.13 -37.30
CA THR C 281 -9.05 -2.49 -37.37
C THR C 281 -7.92 -3.48 -37.13
N ILE C 282 -8.28 -4.69 -36.72
CA ILE C 282 -7.31 -5.74 -36.46
C ILE C 282 -7.05 -6.50 -37.76
N THR C 283 -5.77 -6.61 -38.12
CA THR C 283 -5.40 -7.31 -39.34
C THR C 283 -5.07 -8.78 -39.09
N ASP C 284 -4.40 -9.08 -37.99
CA ASP C 284 -4.04 -10.45 -37.66
C ASP C 284 -3.77 -10.54 -36.16
N ALA C 285 -3.76 -11.77 -35.65
CA ALA C 285 -3.51 -12.02 -34.24
C ALA C 285 -2.84 -13.38 -34.08
N VAL C 286 -1.99 -13.48 -33.07
CA VAL C 286 -1.24 -14.69 -32.78
C VAL C 286 -1.52 -15.10 -31.34
N ASP C 287 -1.88 -16.36 -31.14
CA ASP C 287 -2.13 -16.90 -29.82
C ASP C 287 -0.83 -16.95 -29.02
N CYS C 288 -0.96 -17.32 -27.73
CA CYS C 288 0.21 -17.47 -26.87
C CYS C 288 0.54 -18.92 -26.54
N ALA C 289 -0.47 -19.78 -26.37
CA ALA C 289 -0.24 -21.20 -26.14
C ALA C 289 -0.76 -21.96 -27.37
N LEU C 290 0.07 -22.04 -28.39
CA LEU C 290 -0.19 -22.88 -29.55
C LEU C 290 1.07 -23.65 -29.89
N ASP C 291 2.21 -23.02 -29.72
CA ASP C 291 3.54 -23.54 -30.01
C ASP C 291 4.56 -22.64 -29.34
N PRO C 292 5.80 -23.13 -29.15
CA PRO C 292 6.82 -22.27 -28.52
C PRO C 292 7.04 -20.96 -29.25
N LEU C 293 6.86 -20.93 -30.58
CA LEU C 293 7.00 -19.68 -31.32
C LEU C 293 5.94 -18.67 -30.90
N SER C 294 4.72 -19.14 -30.63
CA SER C 294 3.66 -18.25 -30.17
C SER C 294 3.98 -17.69 -28.79
N GLU C 295 4.47 -18.53 -27.87
CA GLU C 295 4.85 -18.02 -26.55
C GLU C 295 6.01 -17.04 -26.65
N THR C 296 6.93 -17.26 -27.60
CA THR C 296 8.01 -16.29 -27.81
C THR C 296 7.48 -14.96 -28.36
N LYS C 297 6.53 -15.02 -29.29
CA LYS C 297 5.91 -13.81 -29.80
C LYS C 297 5.08 -13.10 -28.74
N CYS C 298 4.60 -13.82 -27.73
CA CYS C 298 3.84 -13.18 -26.67
C CYS C 298 4.72 -12.59 -25.58
N THR C 299 5.84 -13.24 -25.25
CA THR C 299 6.72 -12.71 -24.21
C THR C 299 7.50 -11.50 -24.74
N LEU C 300 7.83 -11.51 -26.03
CA LEU C 300 8.45 -10.36 -26.68
C LEU C 300 7.39 -9.71 -27.56
N LYS C 301 6.93 -8.52 -27.16
CA LYS C 301 5.77 -7.93 -27.80
C LYS C 301 6.10 -7.45 -29.21
N SER C 302 5.88 -8.32 -30.19
CA SER C 302 6.13 -8.03 -31.60
C SER C 302 5.64 -9.22 -32.41
N PHE C 303 5.46 -9.00 -33.72
CA PHE C 303 5.06 -10.05 -34.64
C PHE C 303 6.24 -10.58 -35.44
N THR C 304 7.47 -10.27 -35.03
CA THR C 304 8.67 -10.77 -35.68
C THR C 304 9.74 -10.97 -34.62
N VAL C 305 10.23 -12.21 -34.50
CA VAL C 305 11.24 -12.57 -33.51
C VAL C 305 12.56 -12.73 -34.22
N GLU C 306 13.61 -12.13 -33.65
CA GLU C 306 14.94 -12.21 -34.23
C GLU C 306 15.61 -13.54 -33.85
N LYS C 307 16.90 -13.66 -34.15
CA LYS C 307 17.65 -14.88 -33.87
C LYS C 307 18.29 -14.80 -32.50
N GLY C 308 18.20 -15.89 -31.75
CA GLY C 308 18.79 -15.99 -30.44
C GLY C 308 17.90 -16.80 -29.51
N ILE C 309 18.29 -16.82 -28.24
CA ILE C 309 17.56 -17.55 -27.19
C ILE C 309 16.77 -16.55 -26.36
N TYR C 310 15.50 -16.85 -26.12
CA TYR C 310 14.61 -15.95 -25.38
C TYR C 310 13.81 -16.79 -24.38
N GLN C 311 14.00 -16.52 -23.10
CA GLN C 311 13.24 -17.20 -22.05
C GLN C 311 11.78 -16.76 -22.09
N THR C 312 10.87 -17.72 -22.19
CA THR C 312 9.45 -17.42 -22.33
C THR C 312 8.80 -17.56 -20.96
N SER C 313 8.85 -18.73 -20.34
CA SER C 313 8.19 -18.95 -19.05
C SER C 313 8.69 -20.25 -18.45
N ASN C 314 8.63 -20.34 -17.12
CA ASN C 314 9.05 -21.56 -16.45
C ASN C 314 7.96 -22.62 -16.52
N PHE C 315 8.38 -23.87 -16.47
CA PHE C 315 7.45 -25.00 -16.48
C PHE C 315 7.48 -25.70 -15.12
N ARG C 316 6.42 -26.48 -14.85
CA ARG C 316 6.30 -27.15 -13.57
C ARG C 316 5.38 -28.35 -13.75
N VAL C 317 5.89 -29.54 -13.40
CA VAL C 317 5.08 -30.75 -13.54
C VAL C 317 3.99 -30.77 -12.50
N GLN C 318 2.74 -30.99 -12.94
CA GLN C 318 1.62 -31.03 -12.01
C GLN C 318 1.52 -32.41 -11.37
N PRO C 319 1.11 -32.47 -10.10
CA PRO C 319 0.97 -33.77 -9.43
C PRO C 319 -0.12 -34.61 -10.08
N THR C 320 0.21 -35.88 -10.32
CA THR C 320 -0.75 -36.80 -10.95
C THR C 320 -1.80 -37.27 -9.95
N GLU C 321 -1.36 -37.92 -8.87
CA GLU C 321 -2.29 -38.46 -7.88
C GLU C 321 -2.37 -37.56 -6.66
N SER C 322 -3.17 -37.96 -5.67
CA SER C 322 -3.32 -37.21 -4.43
C SER C 322 -3.74 -38.13 -3.30
N ILE C 323 -2.96 -38.16 -2.22
CA ILE C 323 -3.20 -39.05 -1.10
C ILE C 323 -3.21 -38.24 0.19
N VAL C 324 -4.02 -38.71 1.15
CA VAL C 324 -4.11 -38.09 2.46
C VAL C 324 -4.01 -39.16 3.53
N ARG C 325 -2.94 -39.11 4.33
CA ARG C 325 -2.68 -40.10 5.37
C ARG C 325 -2.83 -39.43 6.73
N PHE C 326 -3.77 -39.86 7.53
CA PHE C 326 -3.84 -39.35 8.89
C PHE C 326 -3.49 -40.58 9.77
N PRO C 327 -3.01 -40.35 11.01
CA PRO C 327 -2.53 -41.49 11.82
C PRO C 327 -3.46 -42.67 12.12
N ASN C 328 -2.85 -43.73 12.63
CA ASN C 328 -3.42 -45.07 12.69
C ASN C 328 -4.43 -45.15 13.76
N ILE C 329 -4.27 -44.30 14.76
CA ILE C 329 -5.16 -44.33 15.90
C ILE C 329 -6.64 -44.34 15.58
N THR C 330 -7.10 -43.43 14.72
CA THR C 330 -8.52 -43.30 14.40
C THR C 330 -9.35 -43.06 15.65
N ASN C 331 -8.71 -42.84 16.79
CA ASN C 331 -9.38 -42.56 18.06
C ASN C 331 -10.42 -41.46 17.83
N LEU C 332 -11.69 -41.79 18.06
CA LEU C 332 -12.75 -40.80 17.93
C LEU C 332 -12.79 -39.90 19.15
N CYS C 333 -12.85 -38.59 18.91
CA CYS C 333 -12.92 -37.64 20.01
C CYS C 333 -14.24 -37.79 20.76
N PRO C 334 -14.22 -37.68 22.10
CA PRO C 334 -15.45 -37.86 22.89
C PRO C 334 -16.37 -36.64 22.82
N PHE C 335 -17.06 -36.50 21.69
CA PHE C 335 -18.03 -35.43 21.52
C PHE C 335 -19.31 -35.67 22.32
N ASP C 336 -19.53 -36.89 22.82
CA ASP C 336 -20.71 -37.19 23.61
C ASP C 336 -20.62 -36.67 25.03
N GLU C 337 -19.47 -36.16 25.45
CA GLU C 337 -19.29 -35.60 26.78
C GLU C 337 -19.61 -34.11 26.85
N VAL C 338 -19.61 -33.41 25.73
CA VAL C 338 -19.96 -32.00 25.69
C VAL C 338 -21.26 -31.74 24.92
N PHE C 339 -21.75 -32.70 24.14
CA PHE C 339 -23.01 -32.55 23.43
C PHE C 339 -24.13 -33.40 23.99
N ASN C 340 -23.82 -34.45 24.74
CA ASN C 340 -24.84 -35.35 25.28
C ASN C 340 -24.55 -35.63 26.76
N ALA C 341 -24.26 -34.58 27.51
CA ALA C 341 -23.97 -34.68 28.93
C ALA C 341 -25.22 -34.39 29.75
N THR C 342 -25.34 -35.05 30.89
CA THR C 342 -26.48 -34.82 31.78
C THR C 342 -26.48 -33.39 32.29
N ARG C 343 -25.44 -33.01 33.02
CA ARG C 343 -25.25 -31.63 33.47
C ARG C 343 -24.36 -30.93 32.45
N PHE C 344 -24.90 -29.90 31.79
CA PHE C 344 -24.20 -29.29 30.67
C PHE C 344 -23.12 -28.32 31.15
N ALA C 345 -23.53 -27.23 31.80
CA ALA C 345 -22.60 -26.21 32.27
C ALA C 345 -23.31 -25.13 33.07
N SER C 346 -22.55 -24.16 33.56
CA SER C 346 -23.07 -22.95 34.20
C SER C 346 -22.62 -21.72 33.44
N VAL C 347 -23.24 -20.58 33.77
CA VAL C 347 -22.91 -19.34 33.07
C VAL C 347 -21.55 -18.83 33.50
N TYR C 348 -21.39 -18.53 34.79
CA TYR C 348 -20.12 -18.05 35.31
C TYR C 348 -19.13 -19.17 35.59
N ALA C 349 -19.57 -20.43 35.51
CA ALA C 349 -18.70 -21.57 35.74
C ALA C 349 -18.66 -22.46 34.50
N TRP C 350 -18.49 -21.84 33.33
CA TRP C 350 -18.44 -22.58 32.08
C TRP C 350 -17.28 -23.57 32.09
N ASN C 351 -17.57 -24.81 31.72
CA ASN C 351 -16.58 -25.87 31.76
C ASN C 351 -15.65 -25.77 30.55
N ARG C 352 -14.56 -26.53 30.62
CA ARG C 352 -13.57 -26.56 29.54
C ARG C 352 -12.93 -27.95 29.54
N LYS C 353 -13.33 -28.79 28.58
CA LYS C 353 -12.81 -30.14 28.45
C LYS C 353 -12.03 -30.21 27.14
N ARG C 354 -10.72 -29.99 27.23
CA ARG C 354 -9.87 -30.00 26.05
C ARG C 354 -9.58 -31.43 25.62
N ILE C 355 -9.70 -31.70 24.32
CA ILE C 355 -9.44 -33.01 23.75
C ILE C 355 -8.19 -32.93 22.88
N SER C 356 -7.43 -34.02 22.84
CA SER C 356 -6.20 -34.06 22.06
C SER C 356 -5.93 -35.50 21.66
N ASN C 357 -5.19 -35.66 20.56
CA ASN C 357 -4.80 -36.96 20.03
C ASN C 357 -6.03 -37.83 19.75
N CYS C 358 -6.91 -37.32 18.89
CA CYS C 358 -8.12 -38.02 18.52
C CYS C 358 -8.62 -37.48 17.19
N VAL C 359 -9.46 -38.27 16.52
CA VAL C 359 -10.05 -37.91 15.24
C VAL C 359 -11.42 -37.30 15.51
N ALA C 360 -11.64 -36.09 14.97
CA ALA C 360 -12.88 -35.34 15.19
C ALA C 360 -13.67 -35.30 13.89
N ASP C 361 -14.75 -36.08 13.83
CA ASP C 361 -15.64 -36.11 12.67
C ASP C 361 -16.84 -35.23 12.99
N TYR C 362 -16.86 -34.02 12.40
CA TYR C 362 -17.94 -33.08 12.65
C TYR C 362 -19.22 -33.43 11.92
N SER C 363 -19.21 -34.48 11.08
CA SER C 363 -20.42 -34.89 10.38
C SER C 363 -21.45 -35.50 11.33
N VAL C 364 -21.04 -35.95 12.51
CA VAL C 364 -21.98 -36.50 13.47
C VAL C 364 -22.90 -35.42 14.01
N LEU C 365 -22.40 -34.18 14.10
CA LEU C 365 -23.20 -33.09 14.67
C LEU C 365 -24.39 -32.72 13.77
N TYR C 366 -24.36 -33.10 12.50
CA TYR C 366 -25.46 -32.75 11.60
C TYR C 366 -26.69 -33.61 11.86
N ASN C 367 -26.49 -34.91 12.13
CA ASN C 367 -27.58 -35.83 12.37
C ASN C 367 -28.11 -35.79 13.80
N LEU C 368 -27.58 -34.89 14.63
CA LEU C 368 -28.06 -34.75 16.00
C LEU C 368 -29.30 -33.86 16.05
N ALA C 369 -29.63 -33.35 17.23
CA ALA C 369 -30.73 -32.41 17.41
C ALA C 369 -30.55 -31.20 16.51
N PRO C 370 -31.63 -30.56 16.06
CA PRO C 370 -31.48 -29.40 15.15
C PRO C 370 -30.63 -28.29 15.72
N PHE C 371 -29.49 -28.03 15.09
CA PHE C 371 -28.58 -26.96 15.49
C PHE C 371 -28.69 -25.75 14.57
N PHE C 372 -29.75 -24.96 14.75
CA PHE C 372 -29.95 -23.77 13.92
C PHE C 372 -29.18 -22.58 14.48
N THR C 373 -27.91 -22.81 14.84
CA THR C 373 -27.03 -21.73 15.28
C THR C 373 -25.62 -21.92 14.75
N PHE C 374 -25.45 -22.77 13.72
CA PHE C 374 -24.13 -23.15 13.22
C PHE C 374 -23.55 -22.00 12.39
N LYS C 375 -23.13 -20.95 13.09
CA LYS C 375 -22.49 -19.79 12.49
C LYS C 375 -21.00 -19.90 12.77
N CYS C 376 -20.28 -20.56 11.87
CA CYS C 376 -18.84 -20.79 12.05
C CYS C 376 -18.09 -19.50 11.77
N TYR C 377 -17.86 -18.71 12.82
CA TYR C 377 -16.99 -17.54 12.72
C TYR C 377 -15.56 -18.03 12.71
N GLY C 378 -15.09 -18.43 11.52
CA GLY C 378 -13.79 -19.04 11.41
C GLY C 378 -13.43 -19.49 10.00
N VAL C 379 -12.95 -20.72 9.88
CA VAL C 379 -12.40 -21.19 8.61
C VAL C 379 -13.52 -21.47 7.61
N SER C 380 -14.37 -22.45 7.92
CA SER C 380 -15.46 -22.84 7.02
C SER C 380 -16.44 -23.76 7.75
N PRO C 381 -17.75 -23.52 7.60
CA PRO C 381 -18.73 -24.41 8.24
C PRO C 381 -18.76 -25.81 7.65
N THR C 382 -18.83 -25.89 6.32
CA THR C 382 -18.93 -27.19 5.67
C THR C 382 -17.57 -27.86 5.54
N LYS C 383 -16.62 -27.18 4.90
CA LYS C 383 -15.28 -27.73 4.66
C LYS C 383 -14.48 -27.68 5.96
N LEU C 384 -14.79 -28.64 6.85
CA LEU C 384 -14.14 -28.73 8.15
C LEU C 384 -13.55 -30.09 8.45
N ASN C 385 -14.05 -31.16 7.85
CA ASN C 385 -13.50 -32.50 8.12
C ASN C 385 -12.09 -32.64 7.53
N ASP C 386 -11.83 -31.99 6.40
CA ASP C 386 -10.52 -32.08 5.75
C ASP C 386 -9.63 -30.94 6.24
N LEU C 387 -9.49 -30.87 7.56
CA LEU C 387 -8.67 -29.84 8.20
C LEU C 387 -8.31 -30.32 9.60
N CYS C 388 -7.03 -30.51 9.85
CA CYS C 388 -6.56 -30.96 11.16
C CYS C 388 -6.41 -29.78 12.11
N PHE C 389 -6.49 -30.08 13.41
CA PHE C 389 -6.36 -29.08 14.46
C PHE C 389 -5.24 -29.48 15.41
N THR C 390 -4.65 -28.47 16.05
CA THR C 390 -3.56 -28.68 17.00
C THR C 390 -4.05 -28.67 18.44
N ASN C 391 -4.72 -27.59 18.86
CA ASN C 391 -5.24 -27.46 20.21
C ASN C 391 -6.68 -26.97 20.12
N VAL C 392 -7.63 -27.86 20.38
CA VAL C 392 -9.05 -27.55 20.34
C VAL C 392 -9.56 -27.50 21.78
N TYR C 393 -10.17 -26.38 22.15
CA TYR C 393 -10.72 -26.19 23.49
C TYR C 393 -12.23 -26.09 23.37
N ALA C 394 -12.95 -27.07 23.91
CA ALA C 394 -14.40 -27.13 23.84
C ALA C 394 -14.99 -26.55 25.11
N ASP C 395 -15.67 -25.42 24.99
CA ASP C 395 -16.35 -24.77 26.10
C ASP C 395 -17.85 -25.04 26.00
N SER C 396 -18.55 -24.76 27.10
CA SER C 396 -19.98 -25.00 27.17
C SER C 396 -20.60 -24.07 28.20
N PHE C 397 -21.83 -23.63 27.93
CA PHE C 397 -22.59 -22.78 28.84
C PHE C 397 -24.03 -22.71 28.33
N VAL C 398 -24.93 -22.30 29.22
CA VAL C 398 -26.36 -22.21 28.94
C VAL C 398 -26.80 -20.77 29.11
N ILE C 399 -27.38 -20.20 28.07
CA ILE C 399 -27.88 -18.83 28.08
C ILE C 399 -29.31 -18.83 27.53
N ARG C 400 -29.88 -17.64 27.45
CA ARG C 400 -31.24 -17.47 26.93
C ARG C 400 -31.20 -17.47 25.40
N GLY C 401 -32.32 -17.11 24.79
CA GLY C 401 -32.42 -17.11 23.33
C GLY C 401 -31.97 -15.82 22.68
N ASP C 402 -32.38 -14.68 23.23
CA ASP C 402 -32.00 -13.38 22.67
C ASP C 402 -30.57 -13.00 23.01
N GLU C 403 -29.81 -13.86 23.69
CA GLU C 403 -28.43 -13.57 24.06
C GLU C 403 -27.44 -14.43 23.30
N VAL C 404 -27.89 -15.26 22.36
CA VAL C 404 -26.97 -16.10 21.59
C VAL C 404 -26.19 -15.27 20.59
N ARG C 405 -26.75 -14.14 20.14
CA ARG C 405 -26.07 -13.26 19.20
C ARG C 405 -24.87 -12.55 19.79
N GLN C 406 -24.63 -12.67 21.09
CA GLN C 406 -23.48 -12.05 21.75
C GLN C 406 -22.29 -13.00 21.89
N ILE C 407 -22.39 -14.22 21.37
CA ILE C 407 -21.31 -15.19 21.47
C ILE C 407 -20.36 -14.99 20.30
N ALA C 408 -20.78 -14.19 19.32
CA ALA C 408 -19.92 -13.87 18.19
C ALA C 408 -18.71 -13.06 18.67
N PRO C 409 -17.58 -13.15 17.95
CA PRO C 409 -16.38 -12.42 18.40
C PRO C 409 -16.56 -10.92 18.28
N GLY C 410 -16.79 -10.27 19.42
CA GLY C 410 -17.01 -8.83 19.45
C GLY C 410 -18.48 -8.47 19.51
N GLN C 411 -18.96 -8.10 20.70
CA GLN C 411 -20.37 -7.76 20.91
C GLN C 411 -20.51 -7.13 22.29
N THR C 412 -21.56 -6.33 22.45
CA THR C 412 -21.89 -5.74 23.73
C THR C 412 -22.93 -6.61 24.44
N GLY C 413 -23.46 -6.12 25.56
CA GLY C 413 -24.48 -6.85 26.29
C GLY C 413 -24.16 -7.01 27.77
N ASN C 414 -24.52 -8.16 28.33
CA ASN C 414 -24.28 -8.42 29.74
C ASN C 414 -23.44 -9.68 29.94
N ILE C 415 -23.70 -10.70 29.12
CA ILE C 415 -22.93 -11.94 29.20
C ILE C 415 -21.68 -11.92 28.34
N ALA C 416 -21.60 -11.03 27.36
CA ALA C 416 -20.42 -10.91 26.50
C ALA C 416 -19.44 -9.87 27.02
N ASP C 417 -19.68 -9.32 28.21
CA ASP C 417 -18.78 -8.34 28.80
C ASP C 417 -18.40 -8.65 30.24
N TYR C 418 -19.17 -9.45 30.97
CA TYR C 418 -18.84 -9.78 32.35
C TYR C 418 -18.99 -11.25 32.68
N ASN C 419 -19.50 -12.08 31.76
CA ASN C 419 -19.67 -13.51 32.01
C ASN C 419 -18.80 -14.36 31.11
N TYR C 420 -18.85 -14.15 29.79
CA TYR C 420 -18.03 -14.93 28.86
C TYR C 420 -17.83 -14.08 27.61
N LYS C 421 -16.61 -13.58 27.42
CA LYS C 421 -16.27 -12.73 26.29
C LYS C 421 -15.25 -13.43 25.40
N LEU C 422 -15.45 -13.32 24.09
CA LEU C 422 -14.54 -13.92 23.12
C LEU C 422 -13.68 -12.85 22.46
N PRO C 423 -12.41 -13.14 22.21
CA PRO C 423 -11.55 -12.16 21.54
C PRO C 423 -11.94 -12.00 20.08
N ASP C 424 -11.43 -10.93 19.47
CA ASP C 424 -11.64 -10.72 18.03
C ASP C 424 -10.57 -11.42 17.21
N ASP C 425 -10.30 -12.67 17.56
CA ASP C 425 -9.43 -13.53 16.77
C ASP C 425 -9.95 -14.97 16.69
N PHE C 426 -11.14 -15.23 17.23
CA PHE C 426 -11.68 -16.59 17.34
C PHE C 426 -11.96 -17.19 15.97
N THR C 427 -11.12 -18.13 15.55
CA THR C 427 -11.32 -18.84 14.28
C THR C 427 -11.89 -20.23 14.56
N GLY C 428 -13.19 -20.25 14.83
CA GLY C 428 -13.86 -21.49 15.16
C GLY C 428 -15.33 -21.53 14.79
N CYS C 429 -16.13 -22.23 15.60
CA CYS C 429 -17.56 -22.37 15.36
C CYS C 429 -18.31 -22.28 16.68
N VAL C 430 -19.55 -21.83 16.62
CA VAL C 430 -20.45 -21.79 17.77
C VAL C 430 -21.67 -22.65 17.46
N ILE C 431 -22.03 -23.53 18.38
CA ILE C 431 -23.13 -24.46 18.20
C ILE C 431 -24.09 -24.28 19.36
N ALA C 432 -25.34 -23.94 19.06
CA ALA C 432 -26.38 -23.77 20.06
C ALA C 432 -27.68 -24.36 19.56
N TRP C 433 -28.51 -24.80 20.50
CA TRP C 433 -29.81 -25.38 20.16
C TRP C 433 -30.77 -25.13 21.31
N ASN C 434 -32.07 -25.17 21.00
CA ASN C 434 -33.09 -24.97 22.02
C ASN C 434 -33.09 -26.13 23.01
N SER C 435 -32.81 -25.83 24.27
CA SER C 435 -32.76 -26.82 25.33
C SER C 435 -33.90 -26.62 26.31
N ASN C 436 -35.03 -26.11 25.82
CA ASN C 436 -36.20 -25.89 26.65
C ASN C 436 -36.92 -27.19 27.01
N LYS C 437 -36.45 -28.32 26.48
CA LYS C 437 -37.11 -29.60 26.77
C LYS C 437 -36.60 -30.23 28.06
N LEU C 438 -35.34 -29.96 28.43
CA LEU C 438 -34.74 -30.56 29.61
C LEU C 438 -34.07 -29.57 30.54
N ASP C 439 -34.07 -28.27 30.20
CA ASP C 439 -33.48 -27.23 31.03
C ASP C 439 -34.50 -26.17 31.39
N SER C 440 -35.78 -26.55 31.42
CA SER C 440 -36.85 -25.65 31.79
C SER C 440 -37.97 -26.46 32.43
N LYS C 441 -38.18 -26.26 33.72
CA LYS C 441 -39.15 -27.03 34.49
C LYS C 441 -40.21 -26.11 35.08
N VAL C 442 -41.07 -26.70 35.91
CA VAL C 442 -42.17 -25.95 36.53
C VAL C 442 -41.60 -24.94 37.50
N SER C 443 -42.21 -23.75 37.53
CA SER C 443 -41.86 -22.64 38.42
C SER C 443 -40.45 -22.12 38.18
N GLY C 444 -39.84 -22.43 37.05
CA GLY C 444 -38.52 -21.93 36.74
C GLY C 444 -37.40 -22.79 37.29
N ASN C 445 -36.39 -23.04 36.47
CA ASN C 445 -35.23 -23.82 36.87
C ASN C 445 -34.15 -22.85 37.34
N TYR C 446 -33.92 -22.79 38.65
CA TYR C 446 -32.96 -21.87 39.24
C TYR C 446 -31.56 -22.48 39.38
N ASN C 447 -31.23 -23.45 38.55
CA ASN C 447 -29.92 -24.10 38.58
C ASN C 447 -28.91 -23.42 37.65
N TYR C 448 -29.21 -22.22 37.18
CA TYR C 448 -28.32 -21.47 36.31
C TYR C 448 -28.21 -20.04 36.83
N LEU C 449 -27.01 -19.66 37.25
CA LEU C 449 -26.76 -18.33 37.79
C LEU C 449 -25.82 -17.57 36.87
N TYR C 450 -26.16 -16.32 36.60
CA TYR C 450 -25.36 -15.46 35.73
C TYR C 450 -24.95 -14.21 36.49
N ARG C 451 -23.72 -13.76 36.25
CA ARG C 451 -23.21 -12.58 36.92
C ARG C 451 -23.82 -11.31 36.31
N LEU C 452 -24.20 -10.38 37.17
CA LEU C 452 -24.85 -9.14 36.75
C LEU C 452 -24.04 -7.90 37.08
N PHE C 453 -23.40 -7.86 38.25
CA PHE C 453 -22.65 -6.69 38.70
C PHE C 453 -21.16 -7.05 38.70
N ARG C 454 -20.39 -6.35 37.87
CA ARG C 454 -18.95 -6.55 37.78
C ARG C 454 -18.29 -5.21 37.52
N LYS C 455 -17.19 -4.93 38.23
CA LYS C 455 -16.55 -3.63 38.13
C LYS C 455 -16.03 -3.36 36.72
N SER C 456 -15.08 -4.18 36.26
CA SER C 456 -14.46 -3.99 34.96
C SER C 456 -14.97 -5.03 33.97
N ASN C 457 -14.73 -4.76 32.68
CA ASN C 457 -15.13 -5.69 31.64
C ASN C 457 -14.28 -6.96 31.71
N LEU C 458 -14.91 -8.10 31.42
CA LEU C 458 -14.21 -9.37 31.44
C LEU C 458 -13.17 -9.43 30.33
N LYS C 459 -11.97 -9.87 30.66
CA LYS C 459 -10.91 -9.98 29.68
C LYS C 459 -11.08 -11.26 28.86
N PRO C 460 -10.47 -11.30 27.67
CA PRO C 460 -10.55 -12.51 26.84
C PRO C 460 -10.18 -13.78 27.62
N PHE C 461 -11.09 -14.75 27.60
CA PHE C 461 -10.89 -16.07 28.20
C PHE C 461 -10.58 -15.96 29.69
N GLU C 462 -11.55 -15.46 30.44
CA GLU C 462 -11.46 -15.37 31.89
C GLU C 462 -12.72 -15.95 32.52
N ARG C 463 -12.54 -16.79 33.54
CA ARG C 463 -13.64 -17.42 34.25
C ARG C 463 -13.64 -16.92 35.69
N ASP C 464 -14.73 -16.26 36.07
CA ASP C 464 -14.85 -15.68 37.41
C ASP C 464 -15.68 -16.63 38.28
N ILE C 465 -14.99 -17.57 38.92
CA ILE C 465 -15.65 -18.52 39.80
C ILE C 465 -15.88 -17.98 41.20
N SER C 466 -15.26 -16.87 41.55
CA SER C 466 -15.43 -16.29 42.87
C SER C 466 -16.75 -15.53 42.96
N THR C 467 -17.25 -15.39 44.19
CA THR C 467 -18.52 -14.71 44.45
C THR C 467 -18.37 -13.91 45.75
N GLU C 468 -18.02 -12.64 45.60
CA GLU C 468 -17.88 -11.73 46.72
C GLU C 468 -18.98 -10.67 46.69
N ILE C 469 -19.23 -10.05 47.84
CA ILE C 469 -20.26 -9.02 47.92
C ILE C 469 -19.82 -7.83 47.08
N TYR C 470 -20.62 -7.49 46.07
CA TYR C 470 -20.30 -6.41 45.14
C TYR C 470 -20.60 -5.08 45.82
N GLN C 471 -19.57 -4.47 46.39
CA GLN C 471 -19.69 -3.16 47.01
C GLN C 471 -19.36 -2.09 45.97
N ALA C 472 -20.37 -1.32 45.57
CA ALA C 472 -20.20 -0.34 44.50
C ALA C 472 -19.74 1.01 45.04
N GLY C 473 -18.69 1.02 45.85
CA GLY C 473 -18.10 2.25 46.34
C GLY C 473 -19.00 3.13 47.18
N ASN C 474 -18.44 4.22 47.69
CA ASN C 474 -19.11 5.29 48.42
C ASN C 474 -19.62 4.86 49.79
N LYS C 475 -19.48 3.58 50.15
CA LYS C 475 -19.96 3.10 51.45
C LYS C 475 -19.35 1.73 51.73
N PRO C 476 -18.75 1.52 52.90
CA PRO C 476 -18.19 0.20 53.24
C PRO C 476 -19.31 -0.77 53.60
N CYS C 477 -19.49 -1.78 52.76
CA CYS C 477 -20.53 -2.78 52.94
C CYS C 477 -19.93 -4.07 53.48
N ASN C 478 -20.81 -5.01 53.82
CA ASN C 478 -20.41 -6.30 54.38
C ASN C 478 -21.26 -7.39 53.74
N GLY C 479 -21.23 -8.58 54.33
CA GLY C 479 -21.99 -9.70 53.81
C GLY C 479 -23.48 -9.60 54.09
N VAL C 480 -24.10 -8.51 53.64
CA VAL C 480 -25.53 -8.26 53.81
C VAL C 480 -26.11 -7.80 52.48
N ALA C 481 -27.41 -7.50 52.49
CA ALA C 481 -28.10 -7.01 51.30
C ALA C 481 -28.89 -5.76 51.67
N GLY C 482 -28.71 -4.70 50.89
CA GLY C 482 -29.40 -3.44 51.13
C GLY C 482 -29.79 -2.79 49.83
N PHE C 483 -29.87 -1.46 49.84
CA PHE C 483 -30.27 -0.72 48.65
C PHE C 483 -29.08 -0.46 47.74
N ASN C 484 -28.02 0.13 48.28
CA ASN C 484 -26.82 0.42 47.50
C ASN C 484 -25.82 -0.73 47.49
N CYS C 485 -26.07 -1.78 48.29
CA CYS C 485 -25.21 -2.95 48.35
C CYS C 485 -26.03 -4.18 48.03
N TYR C 486 -25.65 -4.88 46.95
CA TYR C 486 -26.40 -6.03 46.47
C TYR C 486 -25.43 -7.14 46.10
N PHE C 487 -25.97 -8.24 45.57
CA PHE C 487 -25.24 -9.44 45.19
C PHE C 487 -24.92 -9.41 43.69
N PRO C 488 -23.70 -9.80 43.31
CA PRO C 488 -23.35 -9.73 41.88
C PRO C 488 -24.04 -10.78 41.03
N LEU C 489 -24.16 -12.02 41.53
CA LEU C 489 -24.76 -13.09 40.76
C LEU C 489 -26.29 -13.00 40.83
N ARG C 490 -26.93 -13.41 39.74
CA ARG C 490 -28.38 -13.43 39.62
C ARG C 490 -28.83 -14.87 39.41
N SER C 491 -30.13 -15.04 39.14
CA SER C 491 -30.71 -16.37 38.96
C SER C 491 -31.61 -16.35 37.73
N TYR C 492 -31.36 -17.27 36.80
CA TYR C 492 -32.20 -17.38 35.61
C TYR C 492 -33.51 -18.07 35.95
N SER C 493 -34.58 -17.66 35.29
CA SER C 493 -35.91 -18.23 35.45
C SER C 493 -36.33 -18.84 34.11
N PHE C 494 -36.02 -20.12 33.93
CA PHE C 494 -36.31 -20.82 32.68
C PHE C 494 -37.65 -21.55 32.84
N ARG C 495 -38.72 -20.89 32.38
CA ARG C 495 -40.05 -21.49 32.38
C ARG C 495 -40.48 -21.85 30.97
N PRO C 496 -41.17 -22.98 30.79
CA PRO C 496 -41.59 -23.39 29.44
C PRO C 496 -42.62 -22.46 28.81
N THR C 497 -43.15 -21.48 29.54
CA THR C 497 -44.14 -20.55 29.02
C THR C 497 -43.52 -19.32 28.39
N TYR C 498 -42.26 -19.41 27.96
CA TYR C 498 -41.56 -18.30 27.34
C TYR C 498 -41.36 -18.57 25.86
N GLY C 499 -41.50 -17.53 25.05
CA GLY C 499 -41.33 -17.65 23.61
C GLY C 499 -39.87 -17.74 23.22
N VAL C 500 -39.63 -17.60 21.93
CA VAL C 500 -38.28 -17.67 21.37
C VAL C 500 -37.49 -16.46 21.83
N GLY C 501 -36.52 -16.67 22.71
CA GLY C 501 -35.69 -15.59 23.23
C GLY C 501 -35.43 -15.69 24.71
N HIS C 502 -36.39 -16.24 25.46
CA HIS C 502 -36.25 -16.40 26.90
C HIS C 502 -36.11 -17.86 27.32
N GLN C 503 -35.99 -18.78 26.35
CA GLN C 503 -35.81 -20.20 26.60
C GLN C 503 -34.33 -20.53 26.74
N PRO C 504 -33.99 -21.59 27.48
CA PRO C 504 -32.57 -21.96 27.62
C PRO C 504 -32.01 -22.50 26.32
N TYR C 505 -30.76 -22.14 26.06
CA TYR C 505 -30.04 -22.58 24.85
C TYR C 505 -28.65 -23.03 25.27
N ARG C 506 -28.40 -24.34 25.19
CA ARG C 506 -27.08 -24.88 25.49
C ARG C 506 -26.11 -24.52 24.37
N VAL C 507 -25.16 -23.64 24.67
CA VAL C 507 -24.19 -23.17 23.69
C VAL C 507 -22.86 -23.88 23.96
N VAL C 508 -22.26 -24.42 22.90
CA VAL C 508 -20.97 -25.11 22.99
C VAL C 508 -20.10 -24.61 21.84
N VAL C 509 -18.94 -24.05 22.17
CA VAL C 509 -18.02 -23.54 21.17
C VAL C 509 -16.76 -24.37 21.18
N LEU C 510 -15.97 -24.26 20.11
CA LEU C 510 -14.72 -24.99 19.97
C LEU C 510 -13.62 -23.98 19.65
N SER C 511 -12.71 -23.78 20.59
CA SER C 511 -11.63 -22.82 20.44
C SER C 511 -10.50 -23.46 19.64
N PHE C 512 -10.53 -23.26 18.32
CA PHE C 512 -9.50 -23.80 17.44
C PHE C 512 -8.29 -22.88 17.46
N GLU C 513 -7.21 -23.32 18.13
CA GLU C 513 -5.99 -22.52 18.16
C GLU C 513 -5.30 -22.53 16.80
N LEU C 514 -5.04 -23.72 16.27
CA LEU C 514 -4.45 -23.90 14.94
C LEU C 514 -3.10 -23.18 14.81
N LEU C 515 -2.30 -23.21 15.87
CA LEU C 515 -0.98 -22.61 15.83
C LEU C 515 -0.01 -23.51 15.07
N HIS C 516 1.11 -22.93 14.64
CA HIS C 516 2.10 -23.67 13.87
C HIS C 516 2.82 -24.65 14.78
N ALA C 517 2.39 -25.91 14.76
CA ALA C 517 2.93 -26.96 15.62
C ALA C 517 2.45 -28.32 15.12
N PRO C 518 3.12 -29.42 15.50
CA PRO C 518 2.62 -30.75 15.12
C PRO C 518 1.20 -30.99 15.61
N ALA C 519 0.28 -31.17 14.67
CA ALA C 519 -1.13 -31.33 15.03
C ALA C 519 -1.39 -32.66 15.72
N THR C 520 -2.42 -32.69 16.55
CA THR C 520 -2.78 -33.89 17.28
C THR C 520 -4.20 -34.32 16.94
N VAL C 521 -5.09 -33.35 16.74
CA VAL C 521 -6.48 -33.62 16.41
C VAL C 521 -6.70 -33.46 14.91
N CYS C 522 -6.58 -34.56 14.17
CA CYS C 522 -6.81 -34.53 12.73
C CYS C 522 -8.25 -34.91 12.41
N GLY C 523 -8.69 -34.50 11.22
CA GLY C 523 -10.03 -34.79 10.78
C GLY C 523 -10.14 -36.14 10.08
N PRO C 524 -11.36 -36.54 9.73
CA PRO C 524 -11.53 -37.84 9.07
C PRO C 524 -11.25 -37.78 7.58
N LYS C 525 -10.39 -38.69 7.10
CA LYS C 525 -10.05 -38.77 5.69
C LYS C 525 -9.71 -40.22 5.35
N LYS C 526 -9.95 -40.59 4.10
CA LYS C 526 -9.64 -41.93 3.63
C LYS C 526 -8.14 -42.18 3.64
N SER C 527 -7.69 -43.11 4.47
CA SER C 527 -6.26 -43.43 4.58
C SER C 527 -5.84 -44.17 3.32
N THR C 528 -5.19 -43.46 2.40
CA THR C 528 -4.75 -44.05 1.15
C THR C 528 -3.41 -44.73 1.33
N ASN C 529 -2.85 -45.29 0.25
CA ASN C 529 -1.57 -45.99 0.31
C ASN C 529 -0.41 -45.01 0.17
N LEU C 530 0.80 -45.54 0.04
CA LEU C 530 2.00 -44.74 -0.12
C LEU C 530 2.22 -44.39 -1.59
N VAL C 531 3.24 -43.59 -1.86
CA VAL C 531 3.52 -43.11 -3.21
C VAL C 531 4.97 -43.46 -3.57
N LYS C 532 5.16 -43.86 -4.82
CA LYS C 532 6.48 -44.11 -5.36
C LYS C 532 7.12 -42.79 -5.81
N ASN C 533 8.19 -42.86 -6.58
CA ASN C 533 8.91 -41.66 -7.00
C ASN C 533 8.10 -40.87 -8.03
N LYS C 534 7.01 -40.29 -7.56
CA LYS C 534 6.13 -39.45 -8.35
C LYS C 534 5.66 -38.27 -7.53
N CYS C 535 5.04 -37.30 -8.19
CA CYS C 535 4.59 -36.07 -7.55
C CYS C 535 3.11 -36.18 -7.16
N VAL C 536 2.84 -35.89 -5.89
CA VAL C 536 1.48 -35.95 -5.36
C VAL C 536 1.20 -34.71 -4.51
N ASN C 537 0.02 -34.67 -3.89
CA ASN C 537 -0.42 -33.56 -3.07
C ASN C 537 -0.66 -34.05 -1.64
N PHE C 538 0.32 -34.78 -1.11
CA PHE C 538 0.21 -35.41 0.20
C PHE C 538 -0.16 -34.40 1.28
N ASN C 539 -0.78 -34.88 2.35
CA ASN C 539 -1.19 -34.07 3.49
C ASN C 539 -0.81 -34.72 4.82
N PHE C 540 0.44 -35.18 4.95
CA PHE C 540 0.86 -35.91 6.13
C PHE C 540 0.76 -35.09 7.41
N ASN C 541 -0.19 -35.45 8.27
CA ASN C 541 -0.34 -34.86 9.61
C ASN C 541 -0.48 -33.34 9.53
N GLY C 542 -1.46 -32.89 8.75
CA GLY C 542 -1.73 -31.47 8.64
C GLY C 542 -0.87 -30.77 7.62
N LEU C 543 0.43 -31.07 7.60
CA LEU C 543 1.36 -30.47 6.65
C LEU C 543 0.94 -30.82 5.22
N LYS C 544 0.52 -29.80 4.46
CA LYS C 544 0.01 -30.00 3.11
C LYS C 544 1.03 -29.46 2.11
N GLY C 545 1.88 -30.36 1.64
CA GLY C 545 2.87 -30.05 0.63
C GLY C 545 2.67 -30.85 -0.64
N THR C 546 3.63 -30.69 -1.56
CA THR C 546 3.61 -31.40 -2.83
C THR C 546 5.03 -31.67 -3.25
N GLY C 547 5.28 -32.88 -3.76
CA GLY C 547 6.61 -33.24 -4.21
C GLY C 547 6.75 -34.75 -4.32
N VAL C 548 7.96 -35.16 -4.64
CA VAL C 548 8.27 -36.58 -4.78
C VAL C 548 8.53 -37.16 -3.40
N LEU C 549 7.80 -38.21 -3.04
CA LEU C 549 7.96 -38.86 -1.74
C LEU C 549 8.79 -40.13 -1.93
N THR C 550 10.11 -39.96 -1.86
CA THR C 550 11.05 -41.05 -2.02
C THR C 550 11.68 -41.38 -0.68
N GLU C 551 12.09 -42.64 -0.52
CA GLU C 551 12.71 -43.08 0.72
C GLU C 551 14.08 -42.43 0.90
N SER C 552 14.48 -42.24 2.16
CA SER C 552 15.75 -41.62 2.48
C SER C 552 16.57 -42.50 3.42
N ASN C 553 17.69 -41.99 3.89
CA ASN C 553 18.59 -42.71 4.78
C ASN C 553 18.98 -41.81 5.95
N LYS C 554 17.99 -41.12 6.51
CA LYS C 554 18.19 -40.23 7.65
C LYS C 554 17.83 -40.97 8.95
N LYS C 555 18.51 -40.57 10.02
CA LYS C 555 18.34 -41.18 11.34
C LYS C 555 17.54 -40.24 12.22
N PHE C 556 16.21 -40.36 12.13
CA PHE C 556 15.34 -39.55 12.97
C PHE C 556 15.36 -40.05 14.41
N LEU C 557 15.13 -39.15 15.34
CA LEU C 557 15.04 -39.48 16.75
C LEU C 557 13.61 -39.88 17.11
N PRO C 558 13.43 -40.63 18.20
CA PRO C 558 12.08 -41.06 18.57
C PRO C 558 11.09 -39.93 18.78
N PHE C 559 11.55 -38.75 19.23
CA PHE C 559 10.65 -37.64 19.44
C PHE C 559 10.42 -36.82 18.17
N GLN C 560 11.33 -36.91 17.19
CA GLN C 560 11.19 -36.13 15.97
C GLN C 560 10.03 -36.65 15.13
N GLN C 561 9.25 -35.70 14.59
CA GLN C 561 8.17 -36.06 13.69
C GLN C 561 8.44 -35.52 12.29
N PHE C 562 8.72 -34.22 12.18
CA PHE C 562 8.99 -33.59 10.90
C PHE C 562 10.47 -33.58 10.60
N GLY C 563 10.88 -32.79 9.60
CA GLY C 563 12.27 -32.65 9.25
C GLY C 563 12.48 -31.51 8.27
N ARG C 564 13.48 -30.66 8.54
CA ARG C 564 13.72 -29.47 7.74
C ARG C 564 15.17 -29.45 7.28
N ASP C 565 15.56 -28.32 6.69
CA ASP C 565 16.90 -28.13 6.13
C ASP C 565 17.38 -26.74 6.49
N ILE C 566 18.38 -26.23 5.76
CA ILE C 566 18.89 -24.87 6.00
C ILE C 566 17.80 -23.81 5.91
N ALA C 567 16.62 -24.14 5.40
CA ALA C 567 15.52 -23.20 5.35
C ALA C 567 14.29 -23.77 6.03
N ASP C 568 13.14 -23.10 5.88
CA ASP C 568 11.90 -23.53 6.51
C ASP C 568 11.15 -24.59 5.68
N THR C 569 11.83 -25.19 4.70
CA THR C 569 11.19 -26.21 3.88
C THR C 569 11.22 -27.56 4.60
N THR C 570 10.09 -28.26 4.57
CA THR C 570 9.98 -29.60 5.18
C THR C 570 10.72 -30.60 4.30
N ASP C 571 12.00 -30.79 4.61
CA ASP C 571 12.86 -31.65 3.80
C ASP C 571 12.42 -33.11 3.86
N ALA C 572 12.19 -33.63 5.07
CA ALA C 572 11.82 -35.03 5.24
C ALA C 572 10.74 -35.13 6.30
N VAL C 573 10.11 -36.31 6.35
CA VAL C 573 9.06 -36.59 7.33
C VAL C 573 9.01 -38.10 7.54
N ARG C 574 8.39 -38.51 8.64
CA ARG C 574 8.18 -39.92 8.94
C ARG C 574 6.72 -40.29 8.72
N ASP C 575 6.50 -41.54 8.34
CA ASP C 575 5.14 -41.98 8.05
C ASP C 575 4.36 -42.14 9.35
N PRO C 576 3.10 -41.69 9.40
CA PRO C 576 2.32 -41.79 10.64
C PRO C 576 2.04 -43.22 11.07
N GLN C 577 1.95 -44.16 10.13
CA GLN C 577 1.59 -45.54 10.43
C GLN C 577 2.64 -46.52 9.93
N THR C 578 3.82 -46.02 9.55
CA THR C 578 4.92 -46.90 9.15
C THR C 578 6.25 -46.55 9.79
N LEU C 579 6.45 -45.31 10.25
CA LEU C 579 7.69 -44.88 10.89
C LEU C 579 8.90 -45.11 9.96
N GLU C 580 8.79 -44.60 8.74
CA GLU C 580 9.84 -44.74 7.74
C GLU C 580 10.36 -43.37 7.35
N ILE C 581 11.68 -43.28 7.19
CA ILE C 581 12.33 -42.02 6.83
C ILE C 581 12.30 -41.88 5.32
N LEU C 582 11.40 -41.03 4.82
CA LEU C 582 11.28 -40.76 3.39
C LEU C 582 11.40 -39.25 3.18
N ASP C 583 12.38 -38.84 2.38
CA ASP C 583 12.59 -37.42 2.13
C ASP C 583 11.51 -36.86 1.22
N ILE C 584 11.22 -35.58 1.37
CA ILE C 584 10.22 -34.90 0.56
C ILE C 584 10.92 -33.93 -0.38
N THR C 585 11.19 -34.38 -1.61
CA THR C 585 11.80 -33.50 -2.59
C THR C 585 10.71 -32.92 -3.50
N PRO C 586 10.75 -31.63 -3.80
CA PRO C 586 9.71 -31.03 -4.64
C PRO C 586 9.72 -31.62 -6.05
N CYS C 587 8.61 -31.40 -6.75
CA CYS C 587 8.47 -31.91 -8.10
C CYS C 587 9.45 -31.24 -9.05
N SER C 588 9.76 -31.92 -10.14
CA SER C 588 10.73 -31.42 -11.10
C SER C 588 10.20 -30.18 -11.81
N PHE C 589 11.00 -29.11 -11.81
CA PHE C 589 10.64 -27.87 -12.48
C PHE C 589 11.87 -27.30 -13.17
N GLY C 590 11.64 -26.26 -13.96
CA GLY C 590 12.74 -25.62 -14.66
C GLY C 590 12.24 -24.48 -15.52
N GLY C 591 13.07 -24.10 -16.49
CA GLY C 591 12.73 -23.03 -17.40
C GLY C 591 12.61 -23.54 -18.83
N VAL C 592 11.99 -22.71 -19.67
CA VAL C 592 11.78 -23.03 -21.07
C VAL C 592 12.42 -21.94 -21.91
N SER C 593 13.35 -22.34 -22.77
CA SER C 593 14.04 -21.43 -23.68
C SER C 593 13.80 -21.86 -25.11
N VAL C 594 13.31 -20.94 -25.94
CA VAL C 594 12.96 -21.21 -27.32
C VAL C 594 14.10 -20.73 -28.20
N ILE C 595 14.66 -21.64 -28.99
CA ILE C 595 15.76 -21.33 -29.91
C ILE C 595 15.14 -21.02 -31.27
N THR C 596 15.10 -19.74 -31.62
CA THR C 596 14.52 -19.31 -32.89
C THR C 596 15.61 -18.82 -33.84
N PRO C 597 15.65 -19.35 -35.07
CA PRO C 597 16.64 -18.87 -36.04
C PRO C 597 16.19 -17.62 -36.78
N GLY C 598 15.09 -17.03 -36.32
CA GLY C 598 14.54 -15.84 -36.95
C GLY C 598 13.29 -16.13 -37.74
N THR C 599 12.24 -15.33 -37.53
CA THR C 599 10.98 -15.55 -38.25
C THR C 599 11.12 -15.22 -39.73
N ASN C 600 12.09 -14.37 -40.09
CA ASN C 600 12.28 -14.03 -41.50
C ASN C 600 12.91 -15.19 -42.27
N THR C 601 13.61 -16.09 -41.58
CA THR C 601 14.26 -17.24 -42.21
C THR C 601 13.40 -18.48 -42.22
N SER C 602 12.86 -18.88 -41.08
CA SER C 602 12.03 -20.09 -41.00
C SER C 602 11.12 -19.96 -39.78
N ASN C 603 10.41 -21.05 -39.48
CA ASN C 603 9.49 -21.04 -38.34
C ASN C 603 9.73 -22.18 -37.37
N GLN C 604 10.70 -23.06 -37.60
CA GLN C 604 10.99 -24.14 -36.67
C GLN C 604 11.68 -23.59 -35.43
N VAL C 605 11.33 -24.18 -34.27
CA VAL C 605 11.85 -23.75 -33.00
C VAL C 605 12.44 -24.95 -32.26
N ALA C 606 13.19 -24.66 -31.21
CA ALA C 606 13.79 -25.68 -30.35
C ALA C 606 13.59 -25.28 -28.91
N VAL C 607 13.17 -26.24 -28.09
CA VAL C 607 12.85 -26.00 -26.69
C VAL C 607 13.99 -26.54 -25.83
N LEU C 608 14.42 -25.72 -24.86
CA LEU C 608 15.49 -26.09 -23.94
C LEU C 608 14.91 -26.18 -22.53
N TYR C 609 14.56 -27.39 -22.11
CA TYR C 609 14.07 -27.63 -20.76
C TYR C 609 15.24 -27.67 -19.80
N GLN C 610 15.67 -26.50 -19.34
CA GLN C 610 16.84 -26.38 -18.46
C GLN C 610 16.45 -26.87 -17.07
N GLY C 611 17.11 -27.93 -16.61
CA GLY C 611 16.85 -28.48 -15.30
C GLY C 611 16.21 -29.85 -15.33
N VAL C 612 16.15 -30.46 -16.51
CA VAL C 612 15.54 -31.76 -16.69
C VAL C 612 16.59 -32.72 -17.26
N ASN C 613 16.46 -33.98 -16.88
CA ASN C 613 17.35 -35.04 -17.33
C ASN C 613 16.73 -35.84 -18.48
N CYS C 614 15.95 -35.17 -19.32
CA CYS C 614 15.26 -35.79 -20.45
C CYS C 614 14.35 -36.93 -19.99
N THR C 615 13.83 -36.82 -18.79
CA THR C 615 12.95 -37.84 -18.24
C THR C 615 11.61 -37.30 -17.78
N GLU C 616 11.57 -36.08 -17.25
CA GLU C 616 10.33 -35.45 -16.80
C GLU C 616 9.80 -34.45 -17.82
N VAL C 617 10.16 -34.62 -19.10
CA VAL C 617 9.70 -33.73 -20.15
C VAL C 617 8.29 -34.10 -20.59
N ASN C 638 14.26 -34.69 -31.89
CA ASN C 638 15.27 -35.54 -31.25
C ASN C 638 15.44 -35.17 -29.78
N VAL C 639 16.23 -35.96 -29.07
CA VAL C 639 16.49 -35.76 -27.65
C VAL C 639 17.98 -35.83 -27.40
N PHE C 640 18.52 -34.80 -26.77
CA PHE C 640 19.95 -34.73 -26.44
C PHE C 640 20.11 -34.03 -25.10
N GLN C 641 20.61 -34.76 -24.10
CA GLN C 641 20.78 -34.21 -22.76
C GLN C 641 22.10 -33.46 -22.69
N THR C 642 22.03 -32.19 -22.34
CA THR C 642 23.21 -31.36 -22.13
C THR C 642 23.43 -31.13 -20.64
N ARG C 643 24.50 -30.39 -20.33
CA ARG C 643 24.78 -30.04 -18.95
C ARG C 643 23.88 -28.93 -18.44
N ALA C 644 23.09 -28.29 -19.30
CA ALA C 644 22.16 -27.25 -18.89
C ALA C 644 20.72 -27.72 -18.85
N GLY C 645 20.33 -28.63 -19.72
CA GLY C 645 18.97 -29.14 -19.74
C GLY C 645 18.78 -30.12 -20.88
N CYS C 646 17.51 -30.37 -21.19
CA CYS C 646 17.14 -31.29 -22.26
C CYS C 646 16.73 -30.47 -23.48
N LEU C 647 17.50 -30.59 -24.56
CA LEU C 647 17.22 -29.86 -25.80
C LEU C 647 16.39 -30.76 -26.71
N ILE C 648 15.09 -30.49 -26.75
CA ILE C 648 14.16 -31.28 -27.56
C ILE C 648 13.79 -30.39 -28.76
N GLY C 649 14.28 -30.77 -29.94
CA GLY C 649 13.96 -30.03 -31.15
C GLY C 649 15.14 -29.88 -32.09
N ALA C 650 16.31 -30.37 -31.68
CA ALA C 650 17.51 -30.28 -32.50
C ALA C 650 18.30 -31.58 -32.38
N GLU C 651 19.20 -31.78 -33.34
CA GLU C 651 20.07 -32.95 -33.38
C GLU C 651 21.51 -32.53 -33.13
N TYR C 652 22.25 -33.37 -32.41
CA TYR C 652 23.63 -33.05 -32.04
C TYR C 652 24.56 -33.60 -33.11
N VAL C 653 25.08 -32.71 -33.95
CA VAL C 653 26.05 -33.12 -34.96
C VAL C 653 27.44 -33.20 -34.33
N ASN C 654 28.26 -34.12 -34.85
CA ASN C 654 29.60 -34.35 -34.33
C ASN C 654 30.64 -33.42 -34.94
N ASN C 655 30.20 -32.37 -35.63
CA ASN C 655 31.12 -31.41 -36.24
C ASN C 655 31.39 -30.28 -35.25
N SER C 656 32.06 -29.22 -35.70
CA SER C 656 32.37 -28.08 -34.85
C SER C 656 32.37 -26.82 -35.70
N TYR C 657 31.50 -25.87 -35.34
CA TYR C 657 31.38 -24.61 -36.05
C TYR C 657 31.50 -23.47 -35.05
N GLU C 658 31.26 -22.25 -35.54
CA GLU C 658 31.25 -21.07 -34.69
C GLU C 658 29.91 -20.94 -33.97
N CYS C 659 29.94 -20.35 -32.78
CA CYS C 659 28.73 -20.23 -31.99
C CYS C 659 27.80 -19.18 -32.58
N ASP C 660 26.61 -19.62 -32.98
CA ASP C 660 25.60 -18.72 -33.52
C ASP C 660 24.51 -18.42 -32.50
N ILE C 661 23.95 -19.44 -31.87
CA ILE C 661 22.96 -19.28 -30.81
C ILE C 661 23.48 -19.99 -29.56
N PRO C 662 23.93 -19.23 -28.56
CA PRO C 662 24.49 -19.87 -27.36
C PRO C 662 23.41 -20.57 -26.54
N ILE C 663 23.61 -21.86 -26.32
CA ILE C 663 22.68 -22.67 -25.53
C ILE C 663 23.18 -22.74 -24.10
N GLY C 664 24.38 -23.25 -23.90
CA GLY C 664 24.96 -23.35 -22.58
C GLY C 664 25.93 -24.52 -22.44
N ALA C 665 26.92 -24.35 -21.56
CA ALA C 665 27.90 -25.40 -21.28
C ALA C 665 28.63 -25.85 -22.55
N GLY C 666 29.05 -24.87 -23.34
CA GLY C 666 29.80 -25.16 -24.56
C GLY C 666 28.97 -25.68 -25.71
N ILE C 667 27.65 -25.62 -25.63
CA ILE C 667 26.76 -26.09 -26.69
C ILE C 667 26.18 -24.86 -27.38
N CYS C 668 26.23 -24.85 -28.71
CA CYS C 668 25.68 -23.76 -29.51
C CYS C 668 24.79 -24.35 -30.60
N ALA C 669 23.92 -23.50 -31.15
CA ALA C 669 22.96 -23.94 -32.15
C ALA C 669 23.03 -23.02 -33.35
N SER C 670 22.48 -23.50 -34.46
CA SER C 670 22.44 -22.75 -35.71
C SER C 670 21.34 -23.36 -36.59
N TYR C 671 21.19 -22.79 -37.78
CA TYR C 671 20.18 -23.23 -38.75
C TYR C 671 20.90 -23.51 -40.07
N GLN C 672 21.40 -24.73 -40.23
CA GLN C 672 22.13 -25.13 -41.43
C GLN C 672 21.39 -26.25 -42.13
N THR C 673 21.89 -26.60 -43.31
CA THR C 673 21.31 -27.67 -44.11
C THR C 673 21.67 -29.04 -43.55
N SER C 686 17.66 -31.16 -46.04
CA SER C 686 16.79 -30.02 -45.82
C SER C 686 17.35 -29.11 -44.73
N GLN C 687 16.59 -28.08 -44.38
CA GLN C 687 16.99 -27.11 -43.37
C GLN C 687 16.36 -27.48 -42.03
N SER C 688 17.19 -27.63 -41.01
CA SER C 688 16.72 -27.99 -39.68
C SER C 688 17.65 -27.40 -38.63
N ILE C 689 17.12 -27.20 -37.43
CA ILE C 689 17.91 -26.65 -36.33
C ILE C 689 18.87 -27.73 -35.84
N ILE C 690 20.16 -27.40 -35.80
CA ILE C 690 21.18 -28.35 -35.38
C ILE C 690 21.79 -27.89 -34.06
N ALA C 691 22.57 -28.77 -33.44
CA ALA C 691 23.26 -28.46 -32.19
C ALA C 691 24.66 -29.04 -32.27
N TYR C 692 25.64 -28.28 -31.77
CA TYR C 692 27.03 -28.69 -31.84
C TYR C 692 27.82 -28.05 -30.72
N THR C 693 29.01 -28.60 -30.47
CA THR C 693 29.94 -28.04 -29.49
C THR C 693 30.78 -26.97 -30.18
N MET C 694 30.76 -25.76 -29.63
CA MET C 694 31.44 -24.63 -30.27
C MET C 694 32.94 -24.86 -30.30
N SER C 695 33.55 -24.48 -31.41
CA SER C 695 35.00 -24.58 -31.58
C SER C 695 35.63 -23.21 -31.37
N LEU C 696 36.77 -23.18 -30.68
CA LEU C 696 37.46 -21.95 -30.36
C LEU C 696 38.36 -21.47 -31.51
N GLY C 697 38.17 -21.98 -32.71
CA GLY C 697 38.98 -21.64 -33.86
C GLY C 697 39.72 -22.84 -34.40
N ALA C 698 40.53 -22.57 -35.41
CA ALA C 698 41.33 -23.59 -36.07
C ALA C 698 42.72 -23.66 -35.44
N GLU C 699 43.34 -24.83 -35.58
CA GLU C 699 44.67 -25.06 -35.03
C GLU C 699 45.74 -24.45 -35.95
N ASN C 700 46.60 -23.64 -35.34
CA ASN C 700 47.66 -22.96 -36.07
C ASN C 700 48.96 -23.12 -35.27
N SER C 701 49.27 -24.36 -34.91
CA SER C 701 50.47 -24.67 -34.13
C SER C 701 51.73 -24.20 -34.84
N VAL C 702 52.45 -23.28 -34.22
CA VAL C 702 53.67 -22.73 -34.79
C VAL C 702 54.83 -23.67 -34.48
N ALA C 703 55.67 -23.90 -35.49
CA ALA C 703 56.80 -24.83 -35.35
C ALA C 703 57.96 -24.08 -34.69
N TYR C 704 58.01 -24.16 -33.37
CA TYR C 704 59.05 -23.49 -32.59
C TYR C 704 60.36 -24.26 -32.74
N SER C 705 61.35 -23.63 -33.38
CA SER C 705 62.67 -24.19 -33.54
C SER C 705 63.70 -23.29 -32.87
N ASN C 706 64.86 -23.87 -32.53
CA ASN C 706 65.91 -23.13 -31.86
C ASN C 706 66.55 -22.08 -32.74
N ASN C 707 66.51 -22.24 -34.06
CA ASN C 707 67.16 -21.31 -34.97
C ASN C 707 66.23 -20.98 -36.14
N SER C 708 64.98 -20.64 -35.82
CA SER C 708 64.00 -20.28 -36.84
C SER C 708 63.34 -18.96 -36.45
N ILE C 709 63.35 -18.02 -37.39
CA ILE C 709 62.77 -16.69 -37.19
C ILE C 709 61.82 -16.40 -38.34
N ALA C 710 60.72 -15.72 -38.02
CA ALA C 710 59.72 -15.34 -39.02
C ALA C 710 59.65 -13.82 -39.07
N ILE C 711 60.10 -13.25 -40.19
CA ILE C 711 60.09 -11.81 -40.41
C ILE C 711 59.12 -11.52 -41.54
N PRO C 712 58.13 -10.63 -41.36
CA PRO C 712 57.18 -10.35 -42.43
C PRO C 712 57.84 -9.56 -43.56
N THR C 713 57.27 -9.69 -44.76
CA THR C 713 57.79 -9.04 -45.94
C THR C 713 56.85 -7.99 -46.53
N ASN C 714 55.57 -8.02 -46.17
CA ASN C 714 54.61 -7.08 -46.71
C ASN C 714 53.71 -6.58 -45.59
N PHE C 715 53.11 -5.41 -45.80
CA PHE C 715 52.25 -4.78 -44.83
C PHE C 715 50.82 -4.74 -45.34
N THR C 716 49.86 -4.73 -44.40
CA THR C 716 48.45 -4.63 -44.74
C THR C 716 47.76 -3.63 -43.81
N ILE C 717 47.65 -2.38 -44.24
CA ILE C 717 47.01 -1.34 -43.44
C ILE C 717 45.52 -1.61 -43.38
N SER C 718 44.99 -1.74 -42.17
CA SER C 718 43.57 -2.02 -41.96
C SER C 718 42.98 -0.95 -41.05
N VAL C 719 41.76 -0.52 -41.38
CA VAL C 719 41.06 0.51 -40.63
C VAL C 719 39.88 -0.17 -39.94
N THR C 720 39.99 -0.35 -38.62
CA THR C 720 38.93 -0.96 -37.84
C THR C 720 38.04 0.13 -37.22
N THR C 721 36.87 -0.29 -36.76
CA THR C 721 35.91 0.61 -36.15
C THR C 721 35.62 0.17 -34.72
N GLU C 722 35.61 1.14 -33.80
CA GLU C 722 35.31 0.88 -32.40
C GLU C 722 34.28 1.91 -31.95
N ILE C 723 33.15 1.43 -31.44
CA ILE C 723 32.01 2.27 -31.07
C ILE C 723 31.91 2.26 -29.55
N LEU C 724 31.83 3.44 -28.95
CA LEU C 724 31.70 3.58 -27.51
C LEU C 724 30.62 4.59 -27.17
N PRO C 725 29.66 4.24 -26.32
CA PRO C 725 28.66 5.23 -25.89
C PRO C 725 29.30 6.31 -25.04
N VAL C 726 28.87 7.55 -25.25
CA VAL C 726 29.46 8.70 -24.55
C VAL C 726 28.38 9.39 -23.73
N SER C 727 27.13 9.29 -24.17
CA SER C 727 26.05 9.99 -23.48
C SER C 727 24.73 9.25 -23.59
N MET C 728 23.68 9.80 -23.00
CA MET C 728 22.37 9.18 -23.00
C MET C 728 21.31 10.27 -22.97
N THR C 729 20.04 9.84 -23.07
CA THR C 729 18.94 10.80 -23.03
C THR C 729 18.76 11.34 -21.62
N LYS C 730 18.96 12.65 -21.47
CA LYS C 730 18.79 13.32 -20.18
C LYS C 730 17.31 13.38 -19.85
N THR C 731 16.88 12.51 -18.95
CA THR C 731 15.47 12.42 -18.58
C THR C 731 15.17 13.30 -17.36
N SER C 732 13.91 13.74 -17.28
CA SER C 732 13.44 14.53 -16.16
C SER C 732 11.95 14.25 -15.96
N VAL C 733 11.56 14.08 -14.71
CA VAL C 733 10.19 13.71 -14.37
C VAL C 733 9.61 14.77 -13.42
N ASP C 734 8.28 14.77 -13.35
CA ASP C 734 7.53 15.64 -12.44
C ASP C 734 6.82 14.75 -11.43
N CYS C 735 7.14 14.95 -10.15
CA CYS C 735 6.61 14.10 -9.09
C CYS C 735 5.09 14.21 -8.99
N THR C 736 4.57 15.44 -9.04
CA THR C 736 3.14 15.65 -8.84
C THR C 736 2.30 15.04 -9.96
N MET C 737 2.68 15.28 -11.21
CA MET C 737 1.86 14.82 -12.33
C MET C 737 1.95 13.31 -12.52
N TYR C 738 3.14 12.75 -12.30
CA TYR C 738 3.32 11.31 -12.48
C TYR C 738 2.60 10.52 -11.39
N ILE C 739 2.82 10.89 -10.13
CA ILE C 739 2.21 10.15 -9.03
C ILE C 739 0.72 10.42 -8.96
N CYS C 740 0.34 11.69 -9.02
CA CYS C 740 -1.07 12.10 -8.91
C CYS C 740 -1.47 12.82 -10.20
N GLY C 741 -1.91 12.06 -11.18
CA GLY C 741 -2.33 12.65 -12.44
C GLY C 741 -3.66 13.37 -12.35
N ASP C 742 -3.60 14.71 -12.38
CA ASP C 742 -4.80 15.55 -12.35
C ASP C 742 -5.70 15.22 -11.17
N SER C 743 -5.08 15.02 -10.00
CA SER C 743 -5.79 14.67 -8.77
C SER C 743 -5.34 15.62 -7.66
N THR C 744 -6.23 16.51 -7.24
CA THR C 744 -5.88 17.47 -6.19
C THR C 744 -5.85 16.82 -4.82
N GLU C 745 -6.75 15.87 -4.58
CA GLU C 745 -6.78 15.18 -3.30
C GLU C 745 -5.54 14.30 -3.13
N CYS C 746 -5.10 13.67 -4.21
CA CYS C 746 -3.88 12.86 -4.16
C CYS C 746 -2.66 13.71 -3.89
N SER C 747 -2.63 14.92 -4.44
CA SER C 747 -1.48 15.80 -4.28
C SER C 747 -1.31 16.23 -2.81
N ASN C 748 -2.44 16.37 -2.10
CA ASN C 748 -2.38 16.75 -0.70
C ASN C 748 -1.72 15.66 0.14
N LEU C 749 -2.00 14.40 -0.18
CA LEU C 749 -1.38 13.30 0.54
C LEU C 749 0.10 13.16 0.19
N LEU C 750 0.48 13.53 -1.04
CA LEU C 750 1.87 13.41 -1.45
C LEU C 750 2.78 14.35 -0.66
N LEU C 751 2.28 15.54 -0.34
CA LEU C 751 3.08 16.48 0.45
C LEU C 751 3.30 15.97 1.86
N GLN C 752 2.26 15.39 2.48
CA GLN C 752 2.38 14.85 3.83
C GLN C 752 3.07 13.50 3.86
N TYR C 753 3.21 12.84 2.71
CA TYR C 753 3.86 11.53 2.69
C TYR C 753 5.36 11.62 2.88
N GLY C 754 5.96 12.77 2.62
CA GLY C 754 7.38 12.95 2.81
C GLY C 754 7.96 13.82 1.71
N SER C 755 9.26 14.10 1.85
CA SER C 755 10.00 14.90 0.89
C SER C 755 10.75 14.04 -0.12
N PHE C 756 10.22 12.87 -0.46
CA PHE C 756 10.90 11.97 -1.38
C PHE C 756 10.88 12.51 -2.80
N CYS C 757 9.99 13.46 -3.10
CA CYS C 757 9.95 14.08 -4.42
C CYS C 757 11.17 14.92 -4.73
N THR C 758 11.83 15.49 -3.72
CA THR C 758 13.01 16.32 -3.92
C THR C 758 14.29 15.51 -4.10
N GLN C 759 14.40 14.37 -3.44
CA GLN C 759 15.59 13.53 -3.60
C GLN C 759 15.65 12.93 -5.00
N LEU C 760 14.51 12.51 -5.55
CA LEU C 760 14.49 11.94 -6.88
C LEU C 760 14.78 13.00 -7.94
N LYS C 761 14.20 14.20 -7.79
CA LYS C 761 14.41 15.25 -8.77
C LYS C 761 15.84 15.77 -8.72
N ARG C 762 16.45 15.78 -7.53
CA ARG C 762 17.84 16.19 -7.42
C ARG C 762 18.79 15.14 -7.98
N ALA C 763 18.44 13.86 -7.82
CA ALA C 763 19.27 12.79 -8.34
C ALA C 763 19.29 12.78 -9.86
N LEU C 764 18.12 12.95 -10.48
CA LEU C 764 18.06 13.01 -11.94
C LEU C 764 18.70 14.27 -12.48
N THR C 765 18.76 15.34 -11.67
CA THR C 765 19.42 16.56 -12.10
C THR C 765 20.93 16.34 -12.23
N GLY C 766 21.52 15.57 -11.32
CA GLY C 766 22.93 15.28 -11.42
C GLY C 766 23.27 14.43 -12.63
N ILE C 767 22.32 13.61 -13.07
CA ILE C 767 22.53 12.80 -14.27
C ILE C 767 22.59 13.69 -15.50
N ALA C 768 21.72 14.69 -15.56
CA ALA C 768 21.70 15.60 -16.71
C ALA C 768 23.01 16.38 -16.80
N VAL C 769 23.52 16.85 -15.66
CA VAL C 769 24.79 17.57 -15.65
C VAL C 769 25.93 16.61 -15.99
N GLU C 770 25.78 15.34 -15.62
CA GLU C 770 26.81 14.36 -15.93
C GLU C 770 26.94 14.14 -17.44
N GLN C 771 25.82 14.01 -18.14
CA GLN C 771 25.86 13.77 -19.58
C GLN C 771 26.44 14.96 -20.33
N ASP C 772 26.19 16.19 -19.84
CA ASP C 772 26.80 17.36 -20.45
C ASP C 772 28.30 17.38 -20.21
N LYS C 773 28.75 16.87 -19.06
CA LYS C 773 30.17 16.81 -18.78
C LYS C 773 30.85 15.72 -19.61
N ASN C 774 30.15 14.62 -19.86
CA ASN C 774 30.72 13.53 -20.66
C ASN C 774 30.99 13.98 -22.08
N THR C 775 30.05 14.70 -22.69
CA THR C 775 30.26 15.22 -24.03
C THR C 775 31.25 16.37 -24.04
N GLN C 776 31.52 16.98 -22.89
CA GLN C 776 32.49 18.07 -22.79
C GLN C 776 33.91 17.58 -22.56
N GLU C 777 34.08 16.40 -21.96
CA GLU C 777 35.42 15.88 -21.67
C GLU C 777 35.96 15.01 -22.80
N VAL C 778 35.13 14.61 -23.75
CA VAL C 778 35.57 13.73 -24.83
C VAL C 778 35.74 14.53 -26.11
N PHE C 779 34.66 15.13 -26.59
CA PHE C 779 34.72 15.85 -27.87
C PHE C 779 35.46 17.18 -27.71
N ALA C 780 35.31 17.87 -26.58
CA ALA C 780 35.92 19.17 -26.37
C ALA C 780 37.23 18.99 -25.62
N GLN C 781 38.29 18.73 -26.38
CA GLN C 781 39.63 18.58 -25.83
C GLN C 781 40.62 19.56 -26.42
N VAL C 782 40.21 20.39 -27.38
CA VAL C 782 41.06 21.40 -27.98
C VAL C 782 40.38 22.75 -27.85
N LYS C 783 41.15 23.79 -27.54
CA LYS C 783 40.60 25.12 -27.36
C LYS C 783 40.30 25.77 -28.71
N GLN C 784 41.34 25.94 -29.53
CA GLN C 784 41.15 26.57 -30.84
C GLN C 784 40.53 25.59 -31.83
N ILE C 785 39.40 25.98 -32.40
CA ILE C 785 38.71 25.15 -33.39
C ILE C 785 39.47 25.27 -34.71
N TYR C 786 40.22 24.23 -35.07
CA TYR C 786 40.99 24.25 -36.29
C TYR C 786 40.11 23.98 -37.51
N LYS C 787 40.46 24.59 -38.63
CA LYS C 787 39.72 24.45 -39.87
C LYS C 787 40.58 23.74 -40.90
N THR C 788 39.91 22.97 -41.77
CA THR C 788 40.61 22.24 -42.81
C THR C 788 41.16 23.22 -43.86
N PRO C 789 42.33 22.92 -44.43
CA PRO C 789 42.87 23.80 -45.46
C PRO C 789 42.04 23.73 -46.73
N PRO C 790 42.11 24.75 -47.59
CA PRO C 790 41.34 24.72 -48.84
C PRO C 790 41.77 23.59 -49.77
N ILE C 791 43.08 23.38 -49.88
CA ILE C 791 43.62 22.29 -50.70
C ILE C 791 43.38 20.98 -49.99
N LYS C 792 43.14 19.91 -50.75
CA LYS C 792 42.87 18.60 -50.17
C LYS C 792 43.92 17.56 -50.57
N TYR C 793 45.03 17.97 -51.16
CA TYR C 793 46.10 17.05 -51.53
C TYR C 793 46.99 16.84 -50.30
N PHE C 794 46.83 15.69 -49.66
CA PHE C 794 47.56 15.38 -48.43
C PHE C 794 48.59 14.27 -48.64
N GLY C 795 49.23 14.27 -49.81
CA GLY C 795 50.27 13.29 -50.09
C GLY C 795 49.80 12.16 -50.97
N GLY C 796 48.50 11.92 -51.00
CA GLY C 796 47.95 10.83 -51.79
C GLY C 796 46.82 10.10 -51.08
N PHE C 797 46.55 10.50 -49.84
CA PHE C 797 45.46 9.91 -49.05
C PHE C 797 44.20 10.72 -49.26
N ASN C 798 43.08 10.03 -49.47
CA ASN C 798 41.80 10.65 -49.76
C ASN C 798 40.92 10.59 -48.51
N PHE C 799 40.78 11.72 -47.83
CA PHE C 799 39.93 11.83 -46.65
C PHE C 799 38.55 12.40 -46.98
N SER C 800 38.07 12.18 -48.21
CA SER C 800 36.80 12.78 -48.62
C SER C 800 35.63 12.18 -47.84
N GLN C 801 35.79 10.96 -47.33
CA GLN C 801 34.70 10.30 -46.62
C GLN C 801 34.66 10.68 -45.14
N ILE C 802 35.75 11.15 -44.57
CA ILE C 802 35.79 11.52 -43.16
C ILE C 802 35.81 13.03 -42.94
N LEU C 803 36.20 13.83 -43.94
CA LEU C 803 36.15 15.27 -43.75
C LEU C 803 34.72 15.78 -43.92
N PRO C 804 34.37 16.87 -43.24
CA PRO C 804 33.00 17.40 -43.35
C PRO C 804 32.70 17.87 -44.77
N ASP C 805 31.51 17.52 -45.25
CA ASP C 805 31.08 17.87 -46.60
C ASP C 805 30.21 19.10 -46.56
N PRO C 806 30.65 20.24 -47.13
CA PRO C 806 29.84 21.46 -47.06
C PRO C 806 28.65 21.46 -48.01
N SER C 807 28.50 20.44 -48.86
CA SER C 807 27.38 20.42 -49.80
C SER C 807 26.05 20.28 -49.07
N LYS C 808 25.92 19.25 -48.25
CA LYS C 808 24.68 19.06 -47.51
C LYS C 808 24.55 20.12 -46.41
N PRO C 809 23.31 20.48 -46.04
CA PRO C 809 23.13 21.53 -45.02
C PRO C 809 23.62 21.14 -43.64
N SER C 810 23.72 19.85 -43.34
CA SER C 810 24.16 19.41 -42.02
C SER C 810 25.67 19.55 -41.82
N LYS C 811 26.43 19.64 -42.90
CA LYS C 811 27.89 19.81 -42.84
C LYS C 811 28.55 18.68 -42.05
N ARG C 812 28.29 17.45 -42.48
CA ARG C 812 28.86 16.27 -41.87
C ARG C 812 29.51 15.40 -42.95
N SER C 813 30.46 14.57 -42.52
CA SER C 813 31.15 13.69 -43.45
C SER C 813 30.21 12.61 -43.97
N PRO C 814 30.48 12.07 -45.16
CA PRO C 814 29.61 11.01 -45.71
C PRO C 814 29.49 9.80 -44.79
N ILE C 815 30.55 9.48 -44.05
CA ILE C 815 30.49 8.37 -43.11
C ILE C 815 29.58 8.71 -41.95
N GLU C 816 29.66 9.94 -41.44
CA GLU C 816 28.77 10.35 -40.36
C GLU C 816 27.32 10.43 -40.85
N ASP C 817 27.12 10.71 -42.13
CA ASP C 817 25.77 10.72 -42.69
C ASP C 817 25.13 9.35 -42.59
N LEU C 818 25.92 8.29 -42.80
CA LEU C 818 25.40 6.94 -42.68
C LEU C 818 25.11 6.61 -41.22
N LEU C 819 25.89 7.17 -40.30
CA LEU C 819 25.70 6.88 -38.88
C LEU C 819 24.40 7.49 -38.37
N PHE C 820 24.16 8.77 -38.64
CA PHE C 820 22.96 9.43 -38.17
C PHE C 820 21.69 8.94 -38.86
N ASN C 821 21.82 8.30 -40.03
CA ASN C 821 20.68 7.75 -40.76
C ASN C 821 20.51 6.26 -40.48
N LYS C 822 21.21 5.74 -39.48
CA LYS C 822 21.12 4.33 -39.13
C LYS C 822 20.59 4.16 -37.72
N VAL C 823 21.14 4.92 -36.77
CA VAL C 823 20.70 4.84 -35.38
C VAL C 823 19.36 5.53 -35.24
N THR C 824 18.35 4.78 -34.79
CA THR C 824 17.01 5.33 -34.61
C THR C 824 16.73 5.64 -33.14
N ARG C 844 -0.88 9.93 -31.82
CA ARG C 844 0.25 10.37 -31.01
C ARG C 844 1.34 9.32 -30.96
N ASP C 845 2.59 9.74 -31.16
CA ASP C 845 3.72 8.84 -31.13
C ASP C 845 4.12 8.52 -29.70
N LEU C 846 5.18 7.72 -29.56
CA LEU C 846 5.64 7.31 -28.24
C LEU C 846 6.29 8.47 -27.50
N ILE C 847 6.97 9.37 -28.23
CA ILE C 847 7.67 10.46 -27.59
C ILE C 847 6.69 11.43 -26.94
N CYS C 848 5.63 11.80 -27.67
CA CYS C 848 4.65 12.73 -27.12
C CYS C 848 3.81 12.07 -26.04
N ALA C 849 3.66 10.74 -26.10
CA ALA C 849 2.90 10.04 -25.08
C ALA C 849 3.59 10.08 -23.73
N GLN C 850 4.92 9.97 -23.73
CA GLN C 850 5.66 10.01 -22.46
C GLN C 850 5.66 11.41 -21.87
N LYS C 851 5.57 12.43 -22.71
CA LYS C 851 5.58 13.81 -22.22
C LYS C 851 4.32 14.11 -21.41
N PHE C 852 3.18 13.56 -21.83
CA PHE C 852 1.92 13.81 -21.13
C PHE C 852 1.84 13.13 -19.78
N LYS C 853 2.79 12.26 -19.45
CA LYS C 853 2.83 11.60 -18.15
C LYS C 853 3.97 12.11 -17.26
N GLY C 854 4.74 13.09 -17.74
CA GLY C 854 5.83 13.65 -16.97
C GLY C 854 7.20 13.21 -17.41
N LEU C 855 7.31 12.20 -18.26
CA LEU C 855 8.60 11.69 -18.73
C LEU C 855 9.11 12.61 -19.81
N THR C 856 9.76 13.70 -19.40
CA THR C 856 10.31 14.67 -20.32
C THR C 856 11.76 14.32 -20.66
N VAL C 857 12.21 14.80 -21.81
CA VAL C 857 13.56 14.55 -22.31
C VAL C 857 14.21 15.91 -22.53
N LEU C 858 15.12 16.28 -21.64
CA LEU C 858 15.82 17.55 -21.78
C LEU C 858 16.80 17.49 -22.96
N PRO C 859 16.91 18.56 -23.73
CA PRO C 859 17.83 18.57 -24.86
C PRO C 859 19.27 18.73 -24.41
N PRO C 860 20.22 18.12 -25.10
CA PRO C 860 21.63 18.25 -24.71
C PRO C 860 22.15 19.65 -24.94
N LEU C 861 23.22 19.98 -24.21
CA LEU C 861 23.84 21.29 -24.36
C LEU C 861 24.54 21.41 -25.71
N LEU C 862 25.45 20.48 -26.00
CA LEU C 862 26.11 20.46 -27.29
C LEU C 862 25.15 19.95 -28.36
N THR C 863 24.87 20.78 -29.35
CA THR C 863 23.98 20.40 -30.44
C THR C 863 24.67 19.41 -31.37
N ASP C 864 23.88 18.85 -32.29
CA ASP C 864 24.45 17.93 -33.27
C ASP C 864 25.41 18.66 -34.21
N GLU C 865 25.23 19.97 -34.38
CA GLU C 865 26.14 20.74 -35.23
C GLU C 865 27.42 21.09 -34.50
N MET C 866 27.35 21.38 -33.19
CA MET C 866 28.55 21.72 -32.44
C MET C 866 29.44 20.49 -32.24
N ILE C 867 28.84 19.33 -32.03
CA ILE C 867 29.62 18.10 -31.91
C ILE C 867 30.29 17.77 -33.24
N ALA C 868 29.58 18.00 -34.35
CA ALA C 868 30.19 17.81 -35.66
C ALA C 868 31.31 18.81 -35.91
N GLN C 869 31.24 19.99 -35.29
CA GLN C 869 32.32 20.96 -35.43
C GLN C 869 33.51 20.62 -34.54
N TYR C 870 33.23 20.04 -33.36
CA TYR C 870 34.32 19.59 -32.49
C TYR C 870 35.11 18.46 -33.14
N THR C 871 34.41 17.52 -33.79
CA THR C 871 35.10 16.43 -34.47
C THR C 871 35.84 16.90 -35.70
N SER C 872 35.31 17.91 -36.40
CA SER C 872 36.00 18.44 -37.57
C SER C 872 37.29 19.15 -37.18
N ALA C 873 37.30 19.80 -36.01
CA ALA C 873 38.51 20.45 -35.55
C ALA C 873 39.60 19.43 -35.19
N LEU C 874 39.19 18.30 -34.60
CA LEU C 874 40.16 17.26 -34.29
C LEU C 874 40.74 16.65 -35.56
N LEU C 875 39.89 16.44 -36.57
CA LEU C 875 40.38 15.92 -37.84
C LEU C 875 41.28 16.92 -38.54
N ALA C 876 41.02 18.22 -38.34
CA ALA C 876 41.88 19.24 -38.93
C ALA C 876 43.27 19.22 -38.30
N GLY C 877 43.33 19.08 -36.98
CA GLY C 877 44.62 19.01 -36.30
C GLY C 877 45.32 17.68 -36.42
N THR C 878 44.58 16.61 -36.71
CA THR C 878 45.21 15.31 -36.87
C THR C 878 45.94 15.20 -38.22
N ILE C 879 45.40 15.84 -39.26
CA ILE C 879 46.01 15.77 -40.58
C ILE C 879 47.07 16.86 -40.76
N THR C 880 46.76 18.09 -40.36
CA THR C 880 47.68 19.20 -40.55
C THR C 880 48.74 19.31 -39.45
N SER C 881 48.31 19.27 -38.19
CA SER C 881 49.24 19.39 -37.06
C SER C 881 49.81 18.04 -36.63
N GLY C 882 49.02 16.98 -36.72
CA GLY C 882 49.50 15.66 -36.35
C GLY C 882 49.16 15.29 -34.92
N TRP C 883 50.19 15.17 -34.08
CA TRP C 883 50.02 14.82 -32.68
C TRP C 883 50.45 15.93 -31.73
N THR C 884 50.82 17.10 -32.26
CA THR C 884 51.27 18.22 -31.44
C THR C 884 50.18 19.27 -31.25
N PHE C 885 48.91 18.93 -31.49
CA PHE C 885 47.82 19.87 -31.32
C PHE C 885 47.03 19.64 -30.03
N GLY C 886 47.35 18.58 -29.28
CA GLY C 886 46.68 18.33 -28.02
C GLY C 886 47.61 18.45 -26.84
N ALA C 887 48.85 18.86 -27.11
CA ALA C 887 49.88 19.05 -26.08
C ALA C 887 50.58 20.38 -26.27
N GLY C 888 49.85 21.41 -26.68
CA GLY C 888 50.40 22.72 -26.91
C GLY C 888 49.93 23.32 -28.22
N PRO C 889 50.72 24.23 -28.77
CA PRO C 889 50.35 24.87 -30.04
C PRO C 889 50.53 23.93 -31.22
N ALA C 890 49.63 24.07 -32.19
CA ALA C 890 49.68 23.23 -33.38
C ALA C 890 50.92 23.55 -34.21
N LEU C 891 51.49 22.51 -34.82
CA LEU C 891 52.69 22.64 -35.63
C LEU C 891 52.42 22.09 -37.02
N GLN C 892 52.62 22.92 -38.04
CA GLN C 892 52.39 22.48 -39.41
C GLN C 892 53.41 21.42 -39.81
N ILE C 893 52.94 20.36 -40.44
CA ILE C 893 53.78 19.24 -40.86
C ILE C 893 53.10 18.50 -41.99
N PRO C 894 53.81 18.14 -43.06
CA PRO C 894 53.19 17.38 -44.14
C PRO C 894 52.73 16.01 -43.66
N PHE C 895 51.61 15.56 -44.23
CA PHE C 895 51.05 14.27 -43.88
C PHE C 895 51.96 13.11 -44.28
N PRO C 896 52.63 13.16 -45.45
CA PRO C 896 53.66 12.13 -45.71
C PRO C 896 54.74 12.07 -44.65
N MET C 897 55.13 13.22 -44.10
CA MET C 897 56.11 13.23 -43.02
C MET C 897 55.47 12.94 -41.67
N GLN C 898 54.14 13.02 -41.57
CA GLN C 898 53.47 12.72 -40.32
C GLN C 898 53.43 11.23 -40.02
N MET C 899 53.00 10.42 -40.99
CA MET C 899 53.01 8.96 -40.80
C MET C 899 54.41 8.37 -40.84
N ALA C 900 55.39 9.11 -41.35
CA ALA C 900 56.78 8.66 -41.33
C ALA C 900 57.35 8.63 -39.92
N TYR C 901 56.82 9.45 -39.01
CA TYR C 901 57.21 9.41 -37.61
C TYR C 901 56.30 8.54 -36.77
N ARG C 902 55.10 8.24 -37.26
CA ARG C 902 54.20 7.30 -36.60
C ARG C 902 54.61 5.85 -36.82
N PHE C 903 55.45 5.59 -37.83
CA PHE C 903 56.04 4.27 -38.04
C PHE C 903 57.21 3.99 -37.12
N ASN C 904 57.94 5.03 -36.71
CA ASN C 904 59.07 4.86 -35.79
C ASN C 904 58.63 4.49 -34.38
N GLY C 905 57.32 4.46 -34.12
CA GLY C 905 56.83 4.05 -32.82
C GLY C 905 56.47 2.58 -32.77
N ILE C 906 56.46 1.93 -33.94
CA ILE C 906 56.15 0.52 -34.03
C ILE C 906 57.35 -0.28 -34.53
N GLY C 907 58.51 0.37 -34.64
CA GLY C 907 59.72 -0.32 -35.04
C GLY C 907 60.10 -0.12 -36.51
N VAL C 908 59.09 -0.01 -37.38
CA VAL C 908 59.36 0.16 -38.80
C VAL C 908 60.01 1.52 -39.04
N THR C 909 61.16 1.51 -39.69
CA THR C 909 61.87 2.74 -40.00
C THR C 909 61.09 3.54 -41.04
N GLN C 910 61.47 4.81 -41.19
CA GLN C 910 60.77 5.71 -42.11
C GLN C 910 61.18 5.51 -43.56
N ASN C 911 62.08 4.58 -43.85
CA ASN C 911 62.48 4.27 -45.23
C ASN C 911 61.51 3.33 -45.92
N VAL C 912 60.32 3.14 -45.38
CA VAL C 912 59.29 2.28 -45.96
C VAL C 912 58.13 3.11 -46.50
N LEU C 913 57.67 4.10 -45.74
CA LEU C 913 56.58 4.94 -46.20
C LEU C 913 57.01 5.83 -47.35
N TYR C 914 58.22 6.40 -47.27
CA TYR C 914 58.70 7.29 -48.32
C TYR C 914 58.91 6.53 -49.63
N GLU C 915 59.33 5.27 -49.54
CA GLU C 915 59.51 4.45 -50.75
C GLU C 915 58.16 3.95 -51.26
N ASN C 916 57.42 3.21 -50.43
CA ASN C 916 56.12 2.68 -50.80
C ASN C 916 54.99 3.64 -50.41
N GLN C 917 55.06 4.87 -50.92
CA GLN C 917 54.05 5.86 -50.57
C GLN C 917 52.75 5.63 -51.33
N LYS C 918 52.84 5.31 -52.62
CA LYS C 918 51.64 5.12 -53.42
C LYS C 918 50.91 3.85 -53.01
N LEU C 919 51.65 2.83 -52.57
CA LEU C 919 51.01 1.58 -52.18
C LEU C 919 50.22 1.73 -50.90
N ILE C 920 50.80 2.42 -49.90
CA ILE C 920 50.09 2.62 -48.64
C ILE C 920 48.92 3.57 -48.82
N ALA C 921 49.06 4.54 -49.73
CA ALA C 921 47.97 5.47 -49.99
C ALA C 921 46.77 4.76 -50.58
N ASN C 922 47.01 3.80 -51.49
CA ASN C 922 45.92 3.08 -52.11
C ASN C 922 45.24 2.15 -51.11
N GLN C 923 46.02 1.57 -50.18
CA GLN C 923 45.43 0.69 -49.18
C GLN C 923 44.58 1.46 -48.19
N PHE C 924 44.98 2.69 -47.86
CA PHE C 924 44.20 3.50 -46.93
C PHE C 924 42.91 3.98 -47.58
N ASN C 925 42.99 4.44 -48.84
CA ASN C 925 41.80 4.92 -49.53
C ASN C 925 40.80 3.78 -49.76
N SER C 926 41.31 2.57 -49.99
CA SER C 926 40.41 1.43 -50.19
C SER C 926 39.81 0.97 -48.86
N ALA C 927 40.56 1.10 -47.77
CA ALA C 927 40.05 0.67 -46.47
C ALA C 927 38.93 1.58 -45.98
N ILE C 928 39.03 2.88 -46.24
CA ILE C 928 37.98 3.80 -45.82
C ILE C 928 36.69 3.53 -46.58
N GLY C 929 36.78 3.16 -47.85
CA GLY C 929 35.58 2.84 -48.62
C GLY C 929 34.87 1.61 -48.10
N LYS C 930 35.63 0.67 -47.54
CA LYS C 930 35.03 -0.54 -46.99
C LYS C 930 34.30 -0.26 -45.69
N ILE C 931 34.60 0.87 -45.04
CA ILE C 931 33.93 1.21 -43.79
C ILE C 931 32.46 1.50 -44.04
N GLN C 932 32.17 2.27 -45.09
CA GLN C 932 30.77 2.57 -45.42
C GLN C 932 30.03 1.31 -45.84
N ASP C 933 30.72 0.38 -46.51
CA ASP C 933 30.08 -0.85 -46.94
C ASP C 933 29.80 -1.78 -45.77
N SER C 934 30.74 -1.85 -44.82
CA SER C 934 30.57 -2.74 -43.67
C SER C 934 29.41 -2.29 -42.80
N LEU C 935 29.26 -0.97 -42.62
CA LEU C 935 28.18 -0.46 -41.78
C LEU C 935 26.83 -0.58 -42.47
N SER C 936 26.80 -0.51 -43.80
CA SER C 936 25.55 -0.57 -44.55
C SER C 936 25.10 -2.01 -44.79
N SER C 937 26.03 -2.89 -45.14
CA SER C 937 25.70 -4.28 -45.40
C SER C 937 25.25 -4.99 -44.13
N THR C 938 26.08 -4.94 -43.10
CA THR C 938 25.75 -5.59 -41.83
C THR C 938 24.67 -4.81 -41.11
N PRO C 939 23.50 -5.40 -40.84
CA PRO C 939 22.45 -4.66 -40.13
C PRO C 939 22.81 -4.37 -38.68
N SER C 940 23.42 -5.33 -37.99
CA SER C 940 23.77 -5.18 -36.59
C SER C 940 25.21 -4.68 -36.48
N ALA C 941 25.41 -3.44 -36.89
CA ALA C 941 26.70 -2.77 -36.81
C ALA C 941 26.74 -1.72 -35.71
N LEU C 942 25.78 -0.81 -35.68
CA LEU C 942 25.67 0.20 -34.61
C LEU C 942 24.78 -0.33 -33.49
N GLY C 943 25.12 -1.52 -33.01
CA GLY C 943 24.35 -2.18 -31.99
C GLY C 943 24.69 -1.74 -30.58
N LYS C 944 25.91 -1.24 -30.39
CA LYS C 944 26.32 -0.77 -29.07
C LYS C 944 25.61 0.53 -28.71
N LEU C 945 25.31 1.37 -29.70
CA LEU C 945 24.56 2.59 -29.44
C LEU C 945 23.06 2.36 -29.39
N GLN C 946 22.55 1.39 -30.13
CA GLN C 946 21.13 1.07 -30.05
C GLN C 946 20.77 0.44 -28.72
N ASP C 947 21.71 -0.27 -28.09
CA ASP C 947 21.44 -0.85 -26.77
C ASP C 947 21.20 0.24 -25.74
N VAL C 948 21.92 1.36 -25.85
CA VAL C 948 21.71 2.48 -24.93
C VAL C 948 20.33 3.10 -25.17
N VAL C 949 19.96 3.26 -26.44
CA VAL C 949 18.67 3.85 -26.76
C VAL C 949 17.54 2.91 -26.35
N ASN C 950 17.71 1.61 -26.61
CA ASN C 950 16.67 0.64 -26.25
C ASN C 950 16.51 0.52 -24.74
N HIS C 951 17.61 0.62 -23.99
CA HIS C 951 17.51 0.54 -22.53
C HIS C 951 16.78 1.76 -21.97
N ASN C 952 17.04 2.94 -22.53
CA ASN C 952 16.33 4.14 -22.09
C ASN C 952 14.87 4.09 -22.52
N ALA C 953 14.60 3.53 -23.70
CA ALA C 953 13.23 3.39 -24.16
C ALA C 953 12.48 2.35 -23.35
N GLN C 954 13.12 1.22 -23.05
CA GLN C 954 12.49 0.19 -22.25
C GLN C 954 12.24 0.68 -20.82
N ALA C 955 13.16 1.48 -20.29
CA ALA C 955 12.98 2.01 -18.95
C ALA C 955 11.79 2.97 -18.90
N LEU C 956 11.62 3.79 -19.93
CA LEU C 956 10.47 4.70 -19.99
C LEU C 956 9.17 3.98 -20.32
N ASN C 957 9.23 2.94 -21.15
CA ASN C 957 8.04 2.14 -21.45
C ASN C 957 7.61 1.26 -20.29
N THR C 958 8.54 0.87 -19.42
CA THR C 958 8.19 0.10 -18.23
C THR C 958 7.72 1.01 -17.09
N LEU C 959 8.30 2.21 -16.97
CA LEU C 959 7.85 3.13 -15.94
C LEU C 959 6.46 3.66 -16.23
N VAL C 960 6.10 3.83 -17.50
CA VAL C 960 4.75 4.25 -17.85
C VAL C 960 3.77 3.08 -17.81
N LYS C 961 4.26 1.85 -17.93
CA LYS C 961 3.41 0.67 -17.83
C LYS C 961 2.97 0.38 -16.40
N GLN C 962 3.83 0.68 -15.43
CA GLN C 962 3.48 0.45 -14.03
C GLN C 962 2.37 1.39 -13.54
N LEU C 963 2.08 2.46 -14.29
CA LEU C 963 0.99 3.34 -13.91
C LEU C 963 -0.35 2.63 -13.99
N SER C 964 -0.49 1.66 -14.91
CA SER C 964 -1.71 0.88 -15.04
C SER C 964 -1.63 -0.44 -14.26
N SER C 965 -0.80 -0.49 -13.23
CA SER C 965 -0.64 -1.68 -12.39
C SER C 965 -1.17 -1.37 -11.00
N LYS C 966 -2.08 -2.22 -10.51
CA LYS C 966 -2.69 -2.02 -9.21
C LYS C 966 -1.77 -2.56 -8.13
N PHE C 967 -1.23 -1.67 -7.30
CA PHE C 967 -0.38 -2.05 -6.18
C PHE C 967 -1.18 -2.36 -4.93
N GLY C 968 -2.18 -3.23 -5.03
CA GLY C 968 -3.04 -3.54 -3.90
C GLY C 968 -4.25 -2.63 -3.85
N ALA C 969 -4.77 -2.24 -5.01
CA ALA C 969 -5.92 -1.36 -5.10
C ALA C 969 -6.95 -1.98 -6.02
N ILE C 970 -8.12 -1.35 -6.09
CA ILE C 970 -9.21 -1.86 -6.92
C ILE C 970 -8.96 -1.51 -8.38
N SER C 971 -8.39 -0.34 -8.63
CA SER C 971 -8.11 0.12 -9.99
C SER C 971 -6.95 1.10 -9.95
N SER C 972 -6.49 1.49 -11.13
CA SER C 972 -5.39 2.44 -11.27
C SER C 972 -5.85 3.86 -11.55
N VAL C 973 -7.13 4.06 -11.88
CA VAL C 973 -7.67 5.38 -12.17
C VAL C 973 -7.89 6.07 -10.82
N LEU C 974 -7.12 7.14 -10.57
CA LEU C 974 -7.24 7.85 -9.29
C LEU C 974 -8.58 8.56 -9.18
N ASN C 975 -9.18 8.92 -10.32
CA ASN C 975 -10.46 9.62 -10.31
C ASN C 975 -11.60 8.69 -9.92
N ASP C 976 -11.54 7.44 -10.37
CA ASP C 976 -12.61 6.49 -10.08
C ASP C 976 -12.59 6.05 -8.61
N ILE C 977 -11.42 6.04 -7.98
CA ILE C 977 -11.33 5.61 -6.59
C ILE C 977 -12.07 6.58 -5.68
N PHE C 978 -11.95 7.88 -5.95
CA PHE C 978 -12.61 8.87 -5.12
C PHE C 978 -14.11 8.93 -5.38
N SER C 979 -14.55 8.52 -6.57
CA SER C 979 -15.98 8.59 -6.89
C SER C 979 -16.71 7.30 -6.49
N ARG C 980 -16.06 6.15 -6.68
CA ARG C 980 -16.67 4.86 -6.38
C ARG C 980 -16.53 4.46 -4.91
N LEU C 981 -15.82 5.24 -4.11
CA LEU C 981 -15.66 4.94 -2.69
C LEU C 981 -15.95 6.21 -1.89
N ASP C 982 -15.72 6.15 -0.59
CA ASP C 982 -15.90 7.27 0.32
C ASP C 982 -14.56 7.65 0.93
N PRO C 983 -14.39 8.89 1.34
CA PRO C 983 -13.09 9.36 1.84
C PRO C 983 -12.55 8.49 2.98
N PRO C 984 -13.36 8.09 3.97
CA PRO C 984 -12.79 7.24 5.03
C PRO C 984 -12.30 5.89 4.53
N GLU C 985 -12.85 5.38 3.43
CA GLU C 985 -12.37 4.12 2.87
C GLU C 985 -11.38 4.34 1.74
N ALA C 986 -11.48 5.47 1.02
CA ALA C 986 -10.57 5.72 -0.09
C ALA C 986 -9.15 5.96 0.39
N GLU C 987 -9.00 6.53 1.60
CA GLU C 987 -7.66 6.80 2.13
C GLU C 987 -6.88 5.51 2.37
N VAL C 988 -7.59 4.41 2.59
CA VAL C 988 -6.93 3.13 2.84
C VAL C 988 -6.30 2.60 1.56
N GLN C 989 -7.02 2.71 0.44
CA GLN C 989 -6.54 2.15 -0.81
C GLN C 989 -5.70 3.14 -1.62
N ILE C 990 -5.90 4.44 -1.42
CA ILE C 990 -5.10 5.42 -2.16
C ILE C 990 -3.67 5.44 -1.66
N ASP C 991 -3.44 4.96 -0.43
CA ASP C 991 -2.08 4.86 0.08
C ASP C 991 -1.31 3.75 -0.61
N ARG C 992 -2.02 2.77 -1.16
CA ARG C 992 -1.36 1.66 -1.85
C ARG C 992 -0.75 2.11 -3.18
N LEU C 993 -1.46 2.95 -3.92
CA LEU C 993 -0.97 3.39 -5.22
C LEU C 993 0.10 4.46 -5.08
N ILE C 994 -0.07 5.39 -4.14
CA ILE C 994 0.92 6.45 -3.95
C ILE C 994 2.24 5.87 -3.44
N THR C 995 2.19 4.71 -2.77
CA THR C 995 3.42 4.07 -2.31
C THR C 995 4.04 3.22 -3.42
N GLY C 996 3.19 2.51 -4.18
CA GLY C 996 3.72 1.69 -5.26
C GLY C 996 4.29 2.51 -6.40
N ARG C 997 3.61 3.61 -6.76
CA ARG C 997 4.11 4.47 -7.83
C ARG C 997 5.36 5.24 -7.39
N LEU C 998 5.45 5.60 -6.11
CA LEU C 998 6.66 6.26 -5.62
C LEU C 998 7.82 5.28 -5.58
N GLN C 999 7.56 4.03 -5.21
CA GLN C 999 8.60 3.01 -5.27
C GLN C 999 8.94 2.67 -6.71
N SER C 1000 7.97 2.70 -7.61
CA SER C 1000 8.23 2.45 -9.01
C SER C 1000 9.14 3.53 -9.60
N LEU C 1001 8.87 4.78 -9.27
CA LEU C 1001 9.74 5.86 -9.72
C LEU C 1001 11.11 5.80 -9.03
N GLN C 1002 11.16 5.27 -7.82
CA GLN C 1002 12.43 5.11 -7.13
C GLN C 1002 13.31 4.09 -7.85
N THR C 1003 12.70 3.02 -8.39
CA THR C 1003 13.47 2.04 -9.14
C THR C 1003 14.03 2.63 -10.43
N TYR C 1004 13.30 3.53 -11.07
CA TYR C 1004 13.81 4.17 -12.29
C TYR C 1004 15.05 4.99 -11.99
N VAL C 1005 15.01 5.79 -10.93
CA VAL C 1005 16.17 6.61 -10.56
C VAL C 1005 17.34 5.73 -10.15
N THR C 1006 17.05 4.63 -9.47
CA THR C 1006 18.12 3.70 -9.06
C THR C 1006 18.76 3.05 -10.27
N GLN C 1007 17.94 2.59 -11.22
CA GLN C 1007 18.50 1.97 -12.43
C GLN C 1007 19.17 3.00 -13.33
N GLN C 1008 18.73 4.27 -13.26
CA GLN C 1008 19.39 5.30 -14.06
C GLN C 1008 20.77 5.65 -13.51
N LEU C 1009 20.94 5.62 -12.18
CA LEU C 1009 22.25 5.89 -11.60
C LEU C 1009 23.22 4.76 -11.90
N ILE C 1010 22.74 3.53 -11.93
CA ILE C 1010 23.61 2.39 -12.25
C ILE C 1010 23.98 2.41 -13.72
N ARG C 1011 23.02 2.70 -14.60
CA ARG C 1011 23.30 2.76 -16.03
C ARG C 1011 24.18 3.94 -16.38
N ALA C 1012 24.06 5.05 -15.62
CA ALA C 1012 24.93 6.20 -15.87
C ALA C 1012 26.38 5.89 -15.50
N ALA C 1013 26.60 5.04 -14.50
CA ALA C 1013 27.96 4.66 -14.14
C ALA C 1013 28.59 3.79 -15.23
N GLU C 1014 27.78 2.97 -15.91
CA GLU C 1014 28.30 2.18 -17.02
C GLU C 1014 28.66 3.08 -18.21
N ILE C 1015 27.86 4.11 -18.46
CA ILE C 1015 28.17 5.03 -19.54
C ILE C 1015 29.32 5.97 -19.15
N ARG C 1016 29.38 6.35 -17.87
CA ARG C 1016 30.51 7.17 -17.41
C ARG C 1016 31.84 6.43 -17.56
N ALA C 1017 31.83 5.12 -17.33
CA ALA C 1017 33.05 4.33 -17.55
C ALA C 1017 33.39 4.28 -19.03
N SER C 1018 32.38 4.21 -19.89
CA SER C 1018 32.63 4.26 -21.33
C SER C 1018 33.00 5.65 -21.79
N ALA C 1019 32.45 6.68 -21.15
CA ALA C 1019 32.81 8.06 -21.50
C ALA C 1019 34.24 8.37 -21.10
N ASN C 1020 34.66 7.91 -19.92
CA ASN C 1020 36.04 8.09 -19.50
C ASN C 1020 37.00 7.26 -20.35
N LEU C 1021 36.56 6.08 -20.79
CA LEU C 1021 37.39 5.29 -21.70
C LEU C 1021 37.47 5.95 -23.07
N ALA C 1022 36.36 6.52 -23.55
CA ALA C 1022 36.39 7.23 -24.82
C ALA C 1022 37.23 8.49 -24.74
N ALA C 1023 37.20 9.17 -23.59
CA ALA C 1023 38.06 10.34 -23.40
C ALA C 1023 39.53 9.95 -23.39
N THR C 1024 39.85 8.83 -22.74
CA THR C 1024 41.22 8.33 -22.76
C THR C 1024 41.61 7.81 -24.14
N LYS C 1025 40.66 7.20 -24.85
CA LYS C 1025 40.94 6.67 -26.19
C LYS C 1025 41.09 7.78 -27.22
N MET C 1026 40.32 8.86 -27.12
CA MET C 1026 40.45 9.98 -28.04
C MET C 1026 41.68 10.84 -27.74
N SER C 1027 42.26 10.71 -26.56
CA SER C 1027 43.46 11.45 -26.20
C SER C 1027 44.75 10.67 -26.42
N GLU C 1028 44.69 9.34 -26.41
CA GLU C 1028 45.86 8.51 -26.61
C GLU C 1028 45.97 7.95 -28.02
N CYS C 1029 44.87 7.84 -28.75
CA CYS C 1029 44.88 7.31 -30.11
C CYS C 1029 44.78 8.39 -31.17
N VAL C 1030 43.98 9.43 -30.95
CA VAL C 1030 43.80 10.47 -31.96
C VAL C 1030 44.92 11.49 -31.89
N LEU C 1031 45.05 12.18 -30.76
CA LEU C 1031 46.07 13.21 -30.59
C LEU C 1031 47.31 12.62 -29.92
N GLY C 1032 47.94 11.71 -30.63
CA GLY C 1032 49.15 11.03 -30.17
C GLY C 1032 49.12 9.57 -30.53
N GLN C 1033 50.30 8.97 -30.61
CA GLN C 1033 50.44 7.55 -30.90
C GLN C 1033 50.58 6.76 -29.61
N SER C 1034 49.74 5.74 -29.46
CA SER C 1034 49.72 4.90 -28.27
C SER C 1034 50.40 3.58 -28.57
N LYS C 1035 51.29 3.17 -27.66
CA LYS C 1035 52.01 1.91 -27.78
C LYS C 1035 51.32 0.78 -27.00
N ARG C 1036 50.11 1.03 -26.49
CA ARG C 1036 49.35 0.00 -25.79
C ARG C 1036 48.73 -0.94 -26.81
N VAL C 1037 48.98 -2.24 -26.63
CA VAL C 1037 48.45 -3.23 -27.58
C VAL C 1037 46.95 -3.36 -27.41
N ASP C 1038 46.25 -3.42 -28.55
CA ASP C 1038 44.81 -3.67 -28.64
C ASP C 1038 43.99 -2.48 -28.18
N PHE C 1039 44.64 -1.45 -27.63
CA PHE C 1039 43.92 -0.28 -27.14
C PHE C 1039 43.32 0.51 -28.30
N CYS C 1040 44.15 0.89 -29.26
CA CYS C 1040 43.70 1.61 -30.46
C CYS C 1040 43.60 0.58 -31.59
N GLY C 1041 42.50 -0.16 -31.60
CA GLY C 1041 42.27 -1.18 -32.61
C GLY C 1041 43.17 -2.38 -32.44
N LYS C 1042 42.91 -3.40 -33.26
CA LYS C 1042 43.67 -4.64 -33.23
C LYS C 1042 44.86 -4.49 -34.16
N GLY C 1043 46.06 -4.37 -33.58
CA GLY C 1043 47.27 -4.20 -34.37
C GLY C 1043 48.09 -3.02 -33.94
N TYR C 1044 49.20 -2.78 -34.63
CA TYR C 1044 50.06 -1.64 -34.32
C TYR C 1044 49.34 -0.33 -34.64
N HIS C 1045 49.11 0.48 -33.62
CA HIS C 1045 48.35 1.71 -33.79
C HIS C 1045 49.13 2.73 -34.60
N LEU C 1046 48.48 3.30 -35.62
CA LEU C 1046 49.06 4.36 -36.43
C LEU C 1046 48.31 5.67 -36.27
N MET C 1047 46.99 5.67 -36.54
CA MET C 1047 46.19 6.88 -36.44
C MET C 1047 44.80 6.50 -35.93
N SER C 1048 44.01 7.52 -35.62
CA SER C 1048 42.63 7.33 -35.19
C SER C 1048 41.85 8.59 -35.51
N PHE C 1049 40.78 8.43 -36.30
CA PHE C 1049 39.96 9.57 -36.73
C PHE C 1049 38.61 9.51 -36.03
N PRO C 1050 38.30 10.45 -35.15
CA PRO C 1050 37.00 10.43 -34.47
C PRO C 1050 35.88 10.91 -35.37
N GLN C 1051 34.70 10.32 -35.19
CA GLN C 1051 33.52 10.69 -35.97
C GLN C 1051 32.32 10.70 -35.05
N SER C 1052 31.50 11.75 -35.16
CA SER C 1052 30.33 11.88 -34.31
C SER C 1052 29.31 10.80 -34.63
N ALA C 1053 28.48 10.49 -33.64
CA ALA C 1053 27.45 9.47 -33.76
C ALA C 1053 26.35 9.79 -32.76
N PRO C 1054 25.11 9.37 -33.02
CA PRO C 1054 24.03 9.63 -32.07
C PRO C 1054 24.31 8.96 -30.73
N HIS C 1055 24.52 9.78 -29.70
CA HIS C 1055 24.81 9.31 -28.34
C HIS C 1055 26.01 8.38 -28.33
N GLY C 1056 27.13 8.89 -28.81
CA GLY C 1056 28.36 8.11 -28.83
C GLY C 1056 29.33 8.68 -29.84
N VAL C 1057 30.42 7.93 -30.04
CA VAL C 1057 31.48 8.30 -30.98
C VAL C 1057 32.00 7.03 -31.63
N VAL C 1058 32.40 7.12 -32.89
CA VAL C 1058 32.90 5.98 -33.66
C VAL C 1058 34.33 6.31 -34.07
N PHE C 1059 35.29 5.56 -33.54
CA PHE C 1059 36.69 5.76 -33.89
C PHE C 1059 37.04 4.92 -35.10
N LEU C 1060 37.91 5.47 -35.96
CA LEU C 1060 38.45 4.74 -37.11
C LEU C 1060 39.93 4.50 -36.85
N HIS C 1061 40.24 3.34 -36.26
CA HIS C 1061 41.61 3.01 -35.89
C HIS C 1061 42.36 2.46 -37.09
N VAL C 1062 43.36 3.21 -37.56
CA VAL C 1062 44.24 2.75 -38.63
C VAL C 1062 45.36 1.95 -38.00
N THR C 1063 45.40 0.64 -38.28
CA THR C 1063 46.34 -0.27 -37.65
C THR C 1063 47.31 -0.82 -38.69
N TYR C 1064 48.48 -1.22 -38.20
CA TYR C 1064 49.52 -1.82 -39.03
C TYR C 1064 49.54 -3.32 -38.79
N VAL C 1065 49.10 -4.09 -39.77
CA VAL C 1065 49.01 -5.54 -39.66
C VAL C 1065 49.97 -6.16 -40.67
N PRO C 1066 51.04 -6.81 -40.23
CA PRO C 1066 51.95 -7.45 -41.18
C PRO C 1066 51.31 -8.64 -41.86
N ALA C 1067 51.91 -9.04 -42.98
CA ALA C 1067 51.43 -10.18 -43.75
C ALA C 1067 52.57 -10.72 -44.60
N GLN C 1068 52.33 -11.88 -45.21
CA GLN C 1068 53.30 -12.55 -46.08
C GLN C 1068 54.62 -12.79 -45.33
N GLU C 1069 54.51 -13.58 -44.27
CA GLU C 1069 55.68 -13.92 -43.46
C GLU C 1069 56.51 -14.99 -44.15
N LYS C 1070 57.82 -14.94 -43.92
CA LYS C 1070 58.75 -15.90 -44.49
C LYS C 1070 59.69 -16.38 -43.40
N ASN C 1071 59.99 -17.68 -43.43
CA ASN C 1071 60.81 -18.33 -42.42
C ASN C 1071 62.29 -18.22 -42.80
N PHE C 1072 63.11 -17.88 -41.81
CA PHE C 1072 64.55 -17.79 -41.98
C PHE C 1072 65.26 -18.49 -40.82
N THR C 1073 66.58 -18.44 -40.83
CA THR C 1073 67.40 -18.97 -39.75
C THR C 1073 68.07 -17.82 -39.01
N THR C 1074 68.13 -17.93 -37.68
CA THR C 1074 68.61 -16.84 -36.85
C THR C 1074 69.70 -17.35 -35.92
N ALA C 1075 70.43 -16.41 -35.32
CA ALA C 1075 71.48 -16.67 -34.36
C ALA C 1075 71.50 -15.50 -33.38
N PRO C 1076 71.77 -15.76 -32.09
CA PRO C 1076 71.80 -14.67 -31.11
C PRO C 1076 72.85 -13.61 -31.43
N ALA C 1077 74.09 -14.04 -31.62
CA ALA C 1077 75.19 -13.14 -31.92
C ALA C 1077 76.10 -13.78 -32.97
N ILE C 1078 77.04 -12.98 -33.47
CA ILE C 1078 78.00 -13.42 -34.47
C ILE C 1078 79.41 -13.12 -33.96
N CYS C 1079 80.36 -13.97 -34.33
CA CYS C 1079 81.75 -13.82 -33.92
C CYS C 1079 82.62 -13.57 -35.14
N HIS C 1080 83.44 -12.52 -35.06
CA HIS C 1080 84.30 -12.15 -36.18
C HIS C 1080 85.78 -12.33 -35.84
N ASP C 1081 86.23 -11.67 -34.77
CA ASP C 1081 87.62 -11.74 -34.34
C ASP C 1081 87.78 -12.08 -32.86
N GLY C 1082 86.83 -12.83 -32.29
CA GLY C 1082 86.84 -13.18 -30.89
C GLY C 1082 85.84 -12.39 -30.06
N LYS C 1083 85.52 -11.18 -30.48
CA LYS C 1083 84.55 -10.36 -29.78
C LYS C 1083 83.15 -10.63 -30.34
N ALA C 1084 82.20 -10.87 -29.44
CA ALA C 1084 80.83 -11.20 -29.84
C ALA C 1084 80.11 -9.93 -30.28
N HIS C 1085 79.62 -9.92 -31.52
CA HIS C 1085 78.88 -8.80 -32.08
C HIS C 1085 77.39 -9.06 -31.92
N PHE C 1086 76.70 -8.16 -31.21
CA PHE C 1086 75.28 -8.27 -30.99
C PHE C 1086 74.52 -7.25 -31.84
N PRO C 1087 73.31 -7.59 -32.28
CA PRO C 1087 72.52 -6.63 -33.08
C PRO C 1087 72.20 -5.38 -32.27
N ARG C 1088 72.33 -4.22 -32.91
CA ARG C 1088 72.05 -2.96 -32.23
C ARG C 1088 70.56 -2.63 -32.28
N GLU C 1089 69.93 -2.74 -33.45
CA GLU C 1089 68.50 -2.44 -33.54
C GLU C 1089 67.74 -3.43 -34.42
N GLY C 1090 68.32 -4.56 -34.79
CA GLY C 1090 67.64 -5.49 -35.66
C GLY C 1090 67.73 -6.94 -35.23
N VAL C 1091 67.60 -7.86 -36.17
CA VAL C 1091 67.62 -9.29 -35.90
C VAL C 1091 68.46 -9.98 -36.98
N PHE C 1092 69.35 -10.88 -36.56
CA PHE C 1092 70.20 -11.61 -37.49
C PHE C 1092 69.38 -12.68 -38.20
N VAL C 1093 69.28 -12.59 -39.52
CA VAL C 1093 68.60 -13.58 -40.32
C VAL C 1093 69.58 -14.14 -41.35
N SER C 1094 69.19 -15.25 -41.96
CA SER C 1094 70.01 -15.90 -42.97
C SER C 1094 69.13 -16.70 -43.91
N ASN C 1095 69.40 -16.58 -45.21
CA ASN C 1095 68.67 -17.31 -46.23
C ASN C 1095 69.26 -18.69 -46.50
N GLY C 1096 70.31 -19.08 -45.78
CA GLY C 1096 70.95 -20.37 -45.96
C GLY C 1096 72.45 -20.29 -46.16
N THR C 1097 72.95 -19.27 -46.85
CA THR C 1097 74.38 -19.13 -47.09
C THR C 1097 74.91 -17.86 -46.44
N HIS C 1098 74.27 -16.72 -46.70
CA HIS C 1098 74.72 -15.45 -46.17
C HIS C 1098 73.86 -15.04 -44.99
N TRP C 1099 74.43 -14.21 -44.12
CA TRP C 1099 73.76 -13.69 -42.94
C TRP C 1099 73.53 -12.19 -43.10
N PHE C 1100 72.33 -11.74 -42.73
CA PHE C 1100 71.96 -10.34 -42.83
C PHE C 1100 71.22 -9.91 -41.58
N VAL C 1101 71.24 -8.60 -41.31
CA VAL C 1101 70.51 -8.01 -40.20
C VAL C 1101 69.33 -7.24 -40.76
N THR C 1102 68.13 -7.58 -40.31
CA THR C 1102 66.90 -6.97 -40.78
C THR C 1102 66.13 -6.39 -39.61
N GLN C 1103 65.08 -5.64 -39.94
CA GLN C 1103 64.23 -5.05 -38.91
C GLN C 1103 63.38 -6.13 -38.24
N ARG C 1104 62.73 -5.75 -37.15
CA ARG C 1104 61.92 -6.66 -36.36
C ARG C 1104 60.46 -6.69 -36.79
N ASN C 1105 60.08 -5.85 -37.77
CA ASN C 1105 58.71 -5.83 -38.25
C ASN C 1105 58.62 -5.72 -39.77
N PHE C 1106 59.75 -5.72 -40.48
CA PHE C 1106 59.73 -5.64 -41.93
C PHE C 1106 61.05 -6.16 -42.49
N TYR C 1107 60.98 -7.12 -43.40
CA TYR C 1107 62.19 -7.73 -43.94
C TYR C 1107 62.91 -6.75 -44.87
N GLU C 1108 64.11 -6.33 -44.46
CA GLU C 1108 64.95 -5.45 -45.27
C GLU C 1108 66.38 -5.93 -45.16
N PRO C 1109 66.86 -6.69 -46.13
CA PRO C 1109 68.21 -7.27 -46.04
C PRO C 1109 69.28 -6.18 -46.09
N GLN C 1110 70.12 -6.16 -45.07
CA GLN C 1110 71.23 -5.21 -44.96
C GLN C 1110 72.51 -5.94 -44.59
N ILE C 1111 73.63 -5.39 -45.03
CA ILE C 1111 74.94 -5.95 -44.73
C ILE C 1111 75.28 -5.65 -43.28
N ILE C 1112 76.05 -6.55 -42.66
CA ILE C 1112 76.39 -6.43 -41.24
C ILE C 1112 77.71 -5.66 -41.16
N THR C 1113 77.62 -4.35 -40.92
CA THR C 1113 78.81 -3.53 -40.72
C THR C 1113 79.09 -3.34 -39.24
N THR C 1114 80.06 -2.48 -38.91
CA THR C 1114 80.41 -2.19 -37.52
C THR C 1114 79.56 -1.07 -36.95
N ASP C 1115 78.68 -0.48 -37.77
CA ASP C 1115 77.81 0.60 -37.34
C ASP C 1115 76.44 0.13 -36.85
N ASN C 1116 76.06 -1.12 -37.12
CA ASN C 1116 74.78 -1.66 -36.70
C ASN C 1116 74.94 -2.82 -35.73
N THR C 1117 76.16 -3.08 -35.26
CA THR C 1117 76.43 -4.17 -34.32
C THR C 1117 77.46 -3.69 -33.30
N PHE C 1118 77.14 -3.85 -32.02
CA PHE C 1118 78.07 -3.52 -30.96
C PHE C 1118 78.72 -4.79 -30.42
N VAL C 1119 79.84 -4.60 -29.70
CA VAL C 1119 80.63 -5.71 -29.18
C VAL C 1119 80.50 -5.73 -27.66
N SER C 1120 80.50 -6.92 -27.08
CA SER C 1120 80.41 -7.08 -25.63
C SER C 1120 80.93 -8.47 -25.27
N GLY C 1121 82.07 -8.51 -24.58
CA GLY C 1121 82.63 -9.77 -24.16
C GLY C 1121 83.27 -10.54 -25.31
N ASN C 1122 83.48 -11.82 -25.06
CA ASN C 1122 84.07 -12.73 -26.04
C ASN C 1122 83.05 -13.81 -26.41
N CYS C 1123 83.45 -14.67 -27.35
CA CYS C 1123 82.56 -15.69 -27.90
C CYS C 1123 82.81 -17.00 -27.16
N ASP C 1124 82.47 -17.02 -25.88
CA ASP C 1124 82.65 -18.22 -25.06
C ASP C 1124 81.42 -18.51 -24.22
N VAL C 1125 80.61 -17.49 -23.96
CA VAL C 1125 79.46 -17.65 -23.07
C VAL C 1125 78.13 -17.60 -23.80
N VAL C 1126 78.08 -17.05 -25.01
CA VAL C 1126 76.85 -16.94 -25.78
C VAL C 1126 76.52 -18.32 -26.36
N ILE C 1127 75.33 -18.81 -26.04
CA ILE C 1127 74.88 -20.12 -26.52
C ILE C 1127 74.15 -19.89 -27.84
N GLY C 1128 74.77 -20.32 -28.93
CA GLY C 1128 74.20 -20.12 -30.25
C GLY C 1128 75.08 -19.27 -31.14
N ILE C 1129 76.33 -19.07 -30.71
CA ILE C 1129 77.24 -18.23 -31.46
C ILE C 1129 77.59 -18.88 -32.80
N VAL C 1130 77.66 -18.05 -33.84
CA VAL C 1130 78.05 -18.52 -35.18
C VAL C 1130 79.31 -17.78 -35.61
N ASN C 1131 79.82 -18.13 -36.78
CA ASN C 1131 81.07 -17.53 -37.27
C ASN C 1131 80.86 -16.86 -38.62
N ASN C 1132 80.48 -15.59 -38.61
CA ASN C 1132 80.33 -14.83 -39.84
C ASN C 1132 81.43 -13.77 -39.93
N THR C 1133 81.43 -12.99 -41.00
CA THR C 1133 82.44 -11.95 -41.20
C THR C 1133 81.75 -10.61 -41.37
N VAL C 1134 82.05 -9.68 -40.47
CA VAL C 1134 81.50 -8.32 -40.57
C VAL C 1134 82.38 -7.48 -41.47
N TYR C 1135 81.81 -6.41 -42.02
CA TYR C 1135 82.53 -5.53 -42.93
C TYR C 1135 82.79 -4.19 -42.23
N ASP C 1136 84.04 -3.92 -41.91
CA ASP C 1136 84.39 -2.66 -41.27
C ASP C 1136 84.31 -1.52 -42.28
N PRO C 1137 83.63 -0.42 -41.93
CA PRO C 1137 83.48 0.70 -42.87
C PRO C 1137 84.73 1.55 -43.07
N LEU C 1138 85.82 1.27 -42.37
CA LEU C 1138 87.05 2.03 -42.52
C LEU C 1138 88.08 1.32 -43.39
N GLN C 1139 87.99 0.00 -43.50
CA GLN C 1139 88.96 -0.75 -44.31
C GLN C 1139 88.92 -0.36 -45.78
N PRO C 1140 87.77 -0.28 -46.46
CA PRO C 1140 87.80 0.15 -47.87
C PRO C 1140 88.21 1.61 -48.03
N GLU C 1141 87.88 2.45 -47.05
CA GLU C 1141 88.28 3.86 -47.13
C GLU C 1141 89.76 4.06 -46.91
N LEU C 1142 90.37 3.27 -46.00
CA LEU C 1142 91.81 3.41 -45.76
C LEU C 1142 92.61 2.75 -46.87
N ASP C 1143 92.05 1.73 -47.52
CA ASP C 1143 92.76 1.06 -48.62
C ASP C 1143 92.87 1.97 -49.83
N SER C 1144 91.79 2.69 -50.16
CA SER C 1144 91.79 3.60 -51.30
C SER C 1144 92.58 4.86 -50.98
N GLN D 1 -41.31 -53.37 28.84
CA GLN D 1 -41.46 -51.92 28.72
C GLN D 1 -41.77 -51.30 30.07
N VAL D 2 -42.23 -50.05 30.05
CA VAL D 2 -42.55 -49.33 31.28
C VAL D 2 -43.80 -49.94 31.92
N THR D 3 -43.69 -50.32 33.18
CA THR D 3 -44.80 -50.90 33.94
C THR D 3 -45.03 -50.04 35.18
N LEU D 4 -46.12 -49.27 35.17
CA LEU D 4 -46.47 -48.37 36.26
C LEU D 4 -47.65 -48.97 37.02
N ARG D 5 -47.37 -49.57 38.16
CA ARG D 5 -48.39 -50.18 39.00
C ARG D 5 -48.51 -49.39 40.30
N GLU D 6 -49.75 -49.27 40.81
CA GLU D 6 -50.02 -48.60 42.07
C GLU D 6 -50.42 -49.61 43.13
N SER D 7 -50.48 -49.14 44.38
CA SER D 7 -50.87 -49.98 45.51
C SER D 7 -51.39 -49.06 46.61
N GLY D 8 -51.56 -49.62 47.81
CA GLY D 8 -52.06 -48.88 48.93
C GLY D 8 -53.50 -49.23 49.26
N PRO D 9 -53.98 -48.79 50.42
CA PRO D 9 -55.35 -49.08 50.82
C PRO D 9 -56.35 -48.27 50.00
N THR D 10 -57.32 -48.96 49.40
CA THR D 10 -58.35 -48.28 48.61
C THR D 10 -59.33 -47.54 49.52
N LEU D 11 -59.88 -48.24 50.50
CA LEU D 11 -60.81 -47.64 51.45
C LEU D 11 -60.04 -47.13 52.66
N VAL D 12 -60.30 -45.88 53.04
CA VAL D 12 -59.63 -45.23 54.17
C VAL D 12 -60.62 -44.36 54.90
N LYS D 13 -60.32 -44.11 56.19
CA LYS D 13 -61.17 -43.25 56.99
C LYS D 13 -61.02 -41.79 56.54
N PRO D 14 -62.09 -41.00 56.67
CA PRO D 14 -62.00 -39.59 56.28
C PRO D 14 -61.08 -38.81 57.21
N LYS D 15 -60.51 -37.73 56.66
CA LYS D 15 -59.59 -36.86 57.37
C LYS D 15 -58.39 -37.64 57.89
N GLN D 16 -57.64 -38.21 56.95
CA GLN D 16 -56.46 -39.01 57.27
C GLN D 16 -55.37 -38.67 56.26
N THR D 17 -54.32 -39.49 56.23
CA THR D 17 -53.18 -39.29 55.35
C THR D 17 -53.04 -40.51 54.45
N LEU D 18 -53.22 -40.32 53.15
CA LEU D 18 -53.09 -41.42 52.20
C LEU D 18 -51.62 -41.83 52.05
N THR D 19 -51.41 -43.08 51.64
CA THR D 19 -50.08 -43.63 51.39
C THR D 19 -50.08 -44.38 50.06
N LEU D 20 -50.66 -43.74 49.04
CA LEU D 20 -50.71 -44.34 47.71
C LEU D 20 -49.32 -44.34 47.09
N THR D 21 -48.85 -45.52 46.72
CA THR D 21 -47.52 -45.69 46.15
C THR D 21 -47.61 -45.92 44.65
N CYS D 22 -46.44 -45.91 44.00
CA CYS D 22 -46.35 -46.10 42.55
C CYS D 22 -45.04 -46.83 42.26
N THR D 23 -45.12 -48.16 42.16
CA THR D 23 -43.94 -48.97 41.89
C THR D 23 -43.66 -48.97 40.40
N PHE D 24 -42.56 -48.33 40.01
CA PHE D 24 -42.16 -48.26 38.61
C PHE D 24 -41.03 -49.25 38.34
N SER D 25 -41.09 -49.90 37.18
CA SER D 25 -40.08 -50.87 36.78
C SER D 25 -39.93 -50.82 35.27
N GLY D 26 -38.68 -50.93 34.81
CA GLY D 26 -38.37 -50.90 33.39
C GLY D 26 -37.58 -49.68 32.95
N PHE D 27 -37.26 -48.76 33.86
CA PHE D 27 -36.50 -47.58 33.51
C PHE D 27 -35.84 -47.03 34.76
N SER D 28 -34.89 -46.12 34.56
CA SER D 28 -34.17 -45.47 35.65
C SER D 28 -34.66 -44.04 35.79
N LEU D 29 -35.01 -43.66 37.02
CA LEU D 29 -35.52 -42.32 37.27
C LEU D 29 -34.43 -41.25 37.19
N SER D 30 -33.16 -41.63 37.23
CA SER D 30 -32.06 -40.67 37.19
C SER D 30 -31.77 -40.14 35.79
N THR D 31 -32.60 -40.47 34.81
CA THR D 31 -32.38 -39.98 33.45
C THR D 31 -32.68 -38.48 33.39
N PRO D 32 -31.88 -37.69 32.66
CA PRO D 32 -32.15 -36.26 32.54
C PRO D 32 -33.47 -36.02 31.80
N GLY D 33 -34.41 -35.35 32.47
CA GLY D 33 -35.70 -35.07 31.90
C GLY D 33 -36.81 -36.00 32.35
N GLY D 34 -36.51 -37.03 33.15
CA GLY D 34 -37.49 -37.97 33.61
C GLY D 34 -38.17 -37.53 34.90
N GLY D 35 -39.22 -38.26 35.24
CA GLY D 35 -39.98 -37.97 36.45
C GLY D 35 -41.33 -38.66 36.49
N VAL D 36 -41.88 -38.82 37.69
CA VAL D 36 -43.17 -39.48 37.88
C VAL D 36 -44.11 -38.50 38.57
N GLY D 37 -45.32 -38.37 38.02
CA GLY D 37 -46.31 -37.47 38.58
C GLY D 37 -47.56 -38.16 39.05
N TRP D 38 -48.62 -37.40 39.32
CA TRP D 38 -49.89 -37.95 39.78
C TRP D 38 -51.03 -37.16 39.15
N ILE D 39 -52.03 -37.86 38.63
CA ILE D 39 -53.18 -37.25 37.98
C ILE D 39 -54.45 -37.86 38.59
N ARG D 40 -55.39 -36.99 38.95
CA ARG D 40 -56.65 -37.40 39.52
C ARG D 40 -57.76 -37.34 38.47
N GLN D 41 -58.67 -38.30 38.54
CA GLN D 41 -59.79 -38.39 37.59
C GLN D 41 -61.05 -38.73 38.37
N PRO D 42 -61.83 -37.73 38.75
CA PRO D 42 -63.07 -38.01 39.47
C PRO D 42 -64.05 -38.73 38.58
N PRO D 43 -64.96 -39.52 39.16
CA PRO D 43 -65.95 -40.23 38.34
C PRO D 43 -66.87 -39.25 37.62
N GLY D 44 -66.89 -39.36 36.30
CA GLY D 44 -67.71 -38.47 35.49
C GLY D 44 -67.18 -37.06 35.39
N LYS D 45 -65.86 -36.88 35.48
CA LYS D 45 -65.24 -35.57 35.38
C LYS D 45 -63.98 -35.70 34.54
N ALA D 46 -63.16 -34.66 34.55
CA ALA D 46 -61.95 -34.61 33.73
C ALA D 46 -60.71 -34.82 34.57
N LEU D 47 -59.56 -34.84 33.90
CA LEU D 47 -58.28 -35.03 34.57
C LEU D 47 -57.85 -33.75 35.28
N GLU D 48 -56.95 -33.92 36.25
CA GLU D 48 -56.40 -32.80 36.98
C GLU D 48 -55.06 -33.21 37.58
N TRP D 49 -54.03 -32.40 37.34
CA TRP D 49 -52.70 -32.71 37.82
C TRP D 49 -52.56 -32.33 39.30
N LEU D 50 -51.86 -33.18 40.05
CA LEU D 50 -51.67 -32.97 41.48
C LEU D 50 -50.22 -32.69 41.84
N ALA D 51 -49.30 -33.56 41.47
CA ALA D 51 -47.90 -33.39 41.81
C ALA D 51 -47.03 -33.99 40.72
N LEU D 52 -45.73 -33.70 40.80
CA LEU D 52 -44.75 -34.20 39.84
C LEU D 52 -43.37 -34.05 40.43
N ILE D 53 -42.56 -35.10 40.31
CA ILE D 53 -41.19 -35.09 40.82
C ILE D 53 -40.24 -35.19 39.63
N TYR D 54 -38.98 -34.84 39.87
CA TYR D 54 -37.96 -34.86 38.82
C TYR D 54 -36.75 -35.68 39.23
N TRP D 55 -35.71 -35.66 38.40
CA TRP D 55 -34.50 -36.43 38.64
C TRP D 55 -33.50 -35.72 39.53
N ASP D 56 -33.81 -34.51 40.01
CA ASP D 56 -32.91 -33.74 40.84
C ASP D 56 -33.58 -33.41 42.17
N ASP D 57 -34.41 -34.32 42.67
CA ASP D 57 -35.10 -34.23 43.95
C ASP D 57 -36.03 -33.02 44.05
N ASP D 58 -36.40 -32.42 42.91
CA ASP D 58 -37.33 -31.31 42.92
C ASP D 58 -38.77 -31.83 42.97
N LYS D 59 -39.58 -31.23 43.85
CA LYS D 59 -40.95 -31.66 44.06
C LYS D 59 -41.88 -30.51 43.67
N ARG D 60 -42.56 -30.66 42.54
CA ARG D 60 -43.51 -29.67 42.05
C ARG D 60 -44.92 -30.13 42.36
N TYR D 61 -45.73 -29.22 42.91
CA TYR D 61 -47.10 -29.52 43.30
C TYR D 61 -48.06 -28.54 42.63
N SER D 62 -49.34 -28.84 42.74
CA SER D 62 -50.36 -27.96 42.18
C SER D 62 -50.43 -26.66 42.98
N PRO D 63 -50.62 -25.52 42.33
CA PRO D 63 -50.68 -24.26 43.07
C PRO D 63 -51.90 -24.17 43.99
N SER D 64 -52.95 -24.92 43.71
CA SER D 64 -54.14 -24.89 44.57
C SER D 64 -53.91 -25.67 45.86
N LEU D 65 -53.29 -26.85 45.76
CA LEU D 65 -53.05 -27.72 46.91
C LEU D 65 -51.55 -27.81 47.13
N LYS D 66 -51.07 -27.17 48.20
CA LYS D 66 -49.67 -27.23 48.58
C LYS D 66 -49.43 -27.56 50.04
N SER D 67 -50.46 -27.53 50.88
CA SER D 67 -50.30 -27.83 52.31
C SER D 67 -50.52 -29.29 52.64
N SER D 68 -50.93 -30.10 51.68
CA SER D 68 -51.16 -31.52 51.92
C SER D 68 -50.39 -32.43 50.98
N LEU D 69 -50.23 -32.02 49.72
CA LEU D 69 -49.53 -32.86 48.74
C LEU D 69 -48.05 -32.91 49.06
N THR D 70 -47.55 -34.09 49.42
CA THR D 70 -46.14 -34.30 49.72
C THR D 70 -45.69 -35.57 49.04
N ILE D 71 -44.91 -35.42 47.97
CA ILE D 71 -44.42 -36.56 47.19
C ILE D 71 -42.97 -36.82 47.58
N THR D 72 -42.54 -38.07 47.40
CA THR D 72 -41.17 -38.46 47.71
C THR D 72 -40.75 -39.59 46.77
N LYS D 73 -39.44 -39.69 46.54
CA LYS D 73 -38.88 -40.70 45.67
C LYS D 73 -38.10 -41.72 46.48
N ASP D 74 -38.18 -42.98 46.06
CA ASP D 74 -37.50 -44.10 46.70
C ASP D 74 -36.82 -44.96 45.65
N THR D 75 -36.04 -44.31 44.78
CA THR D 75 -35.37 -45.01 43.68
C THR D 75 -34.48 -46.16 44.18
N SER D 76 -34.11 -46.15 45.46
CA SER D 76 -33.35 -47.26 46.02
C SER D 76 -34.11 -48.57 45.91
N LYS D 77 -35.44 -48.51 45.99
CA LYS D 77 -36.29 -49.69 45.79
C LYS D 77 -37.28 -49.49 44.65
N ASN D 78 -37.21 -48.38 43.93
CA ASN D 78 -38.07 -48.09 42.79
C ASN D 78 -39.55 -48.15 43.16
N GLN D 79 -39.94 -47.23 44.05
CA GLN D 79 -41.33 -47.15 44.51
C GLN D 79 -41.62 -45.71 44.90
N VAL D 80 -42.29 -44.98 44.01
CA VAL D 80 -42.66 -43.59 44.27
C VAL D 80 -43.88 -43.59 45.19
N VAL D 81 -43.80 -42.83 46.28
CA VAL D 81 -44.85 -42.77 47.28
C VAL D 81 -45.41 -41.35 47.33
N LEU D 82 -46.74 -41.26 47.39
CA LEU D 82 -47.44 -39.98 47.50
C LEU D 82 -48.24 -39.95 48.79
N THR D 83 -48.16 -38.83 49.51
CA THR D 83 -48.88 -38.65 50.76
C THR D 83 -49.67 -37.34 50.71
N MET D 84 -50.93 -37.40 51.10
CA MET D 84 -51.79 -36.23 51.13
C MET D 84 -52.65 -36.25 52.39
N THR D 85 -52.74 -35.11 53.06
CA THR D 85 -53.49 -34.99 54.29
C THR D 85 -54.81 -34.26 54.05
N ASN D 86 -55.63 -34.19 55.10
CA ASN D 86 -56.93 -33.53 55.08
C ASN D 86 -57.82 -34.12 53.97
N MET D 87 -58.11 -35.42 54.12
CA MET D 87 -58.91 -36.13 53.13
C MET D 87 -60.39 -35.83 53.33
N ASP D 88 -61.01 -35.24 52.32
CA ASP D 88 -62.43 -34.93 52.30
C ASP D 88 -63.16 -35.85 51.33
N PRO D 89 -64.48 -36.07 51.52
CA PRO D 89 -65.25 -36.93 50.62
C PRO D 89 -65.55 -36.29 49.27
N VAL D 90 -64.54 -35.68 48.66
CA VAL D 90 -64.65 -35.09 47.33
C VAL D 90 -63.46 -35.57 46.50
N ASP D 91 -62.46 -36.11 47.18
CA ASP D 91 -61.25 -36.59 46.52
C ASP D 91 -61.35 -38.06 46.08
N THR D 92 -62.49 -38.70 46.29
CA THR D 92 -62.67 -40.08 45.87
C THR D 92 -62.60 -40.19 44.35
N ALA D 93 -61.54 -40.83 43.85
CA ALA D 93 -61.30 -40.92 42.41
C ALA D 93 -60.26 -42.00 42.15
N THR D 94 -60.05 -42.28 40.87
CA THR D 94 -59.04 -43.24 40.44
C THR D 94 -57.76 -42.46 40.13
N TYR D 95 -56.73 -42.67 40.94
CA TYR D 95 -55.46 -41.97 40.76
C TYR D 95 -54.57 -42.70 39.76
N TYR D 96 -53.77 -41.93 39.05
CA TYR D 96 -52.84 -42.47 38.05
C TYR D 96 -51.49 -41.79 38.23
N CYS D 97 -50.42 -42.59 38.13
CA CYS D 97 -49.05 -42.08 38.13
C CYS D 97 -48.43 -42.39 36.77
N ALA D 98 -48.03 -41.34 36.06
CA ALA D 98 -47.45 -41.48 34.72
C ALA D 98 -46.04 -40.92 34.70
N ARG D 99 -45.22 -41.48 33.82
CA ARG D 99 -43.84 -41.05 33.68
C ARG D 99 -43.73 -39.92 32.65
N LEU D 100 -43.05 -38.85 33.03
CA LEU D 100 -42.79 -37.72 32.13
C LEU D 100 -41.40 -37.92 31.54
N THR D 101 -41.36 -38.44 30.31
CA THR D 101 -40.08 -38.70 29.65
C THR D 101 -39.36 -37.40 29.31
N ALA D 102 -40.08 -36.44 28.77
CA ALA D 102 -39.50 -35.14 28.40
C ALA D 102 -40.63 -34.12 28.34
N ALA D 103 -40.28 -32.90 27.90
CA ALA D 103 -41.27 -31.83 27.83
C ALA D 103 -42.24 -32.05 26.67
N ASP D 104 -41.74 -32.55 25.54
CA ASP D 104 -42.62 -32.78 24.40
C ASP D 104 -43.55 -33.97 24.62
N THR D 105 -43.07 -35.01 25.31
CA THR D 105 -43.87 -36.19 25.60
C THR D 105 -44.40 -36.08 27.03
N ILE D 106 -45.56 -35.46 27.17
CA ILE D 106 -46.16 -35.22 28.49
C ILE D 106 -46.91 -36.49 28.90
N PHE D 107 -46.29 -37.27 29.79
CA PHE D 107 -46.93 -38.46 30.36
C PHE D 107 -47.37 -39.44 29.28
N ASP D 108 -46.38 -39.97 28.55
CA ASP D 108 -46.66 -40.93 27.49
C ASP D 108 -47.24 -42.23 28.05
N CYS D 109 -46.56 -42.82 29.03
CA CYS D 109 -46.99 -44.07 29.64
C CYS D 109 -47.64 -43.77 30.99
N TRP D 110 -48.83 -44.33 31.19
CA TRP D 110 -49.61 -44.12 32.41
C TRP D 110 -49.68 -45.42 33.22
N GLY D 111 -50.39 -45.35 34.34
CA GLY D 111 -50.56 -46.50 35.20
C GLY D 111 -51.73 -47.38 34.81
N GLN D 112 -52.47 -47.87 35.81
CA GLN D 112 -53.63 -48.71 35.56
C GLN D 112 -54.89 -48.24 36.28
N GLY D 113 -54.77 -47.59 37.41
CA GLY D 113 -55.92 -47.03 38.09
C GLY D 113 -56.22 -47.72 39.41
N THR D 114 -56.35 -46.91 40.46
CA THR D 114 -56.69 -47.40 41.80
C THR D 114 -57.72 -46.46 42.39
N LEU D 115 -58.97 -46.92 42.48
CA LEU D 115 -60.04 -46.12 43.03
C LEU D 115 -59.89 -46.01 44.54
N VAL D 116 -59.68 -44.79 45.04
CA VAL D 116 -59.55 -44.56 46.47
C VAL D 116 -60.78 -43.81 46.97
N THR D 117 -61.77 -44.54 47.46
CA THR D 117 -63.00 -43.93 47.93
C THR D 117 -62.79 -43.29 49.30
N VAL D 118 -63.43 -42.14 49.50
CA VAL D 118 -63.34 -41.42 50.76
C VAL D 118 -64.75 -41.23 51.32
N SER D 119 -65.15 -42.09 52.25
CA SER D 119 -66.47 -42.01 52.86
C SER D 119 -66.42 -42.42 54.33
N ALA E 3 -56.73 -21.94 32.76
CA ALA E 3 -56.72 -23.34 32.37
C ALA E 3 -57.12 -23.50 30.91
N LEU E 4 -57.66 -24.67 30.58
CA LEU E 4 -58.09 -24.98 29.21
C LEU E 4 -59.50 -25.54 29.26
N THR E 5 -60.38 -24.99 28.43
CA THR E 5 -61.78 -25.42 28.36
C THR E 5 -61.98 -26.31 27.14
N GLN E 6 -62.81 -27.35 27.31
CA GLN E 6 -63.11 -28.30 26.27
C GLN E 6 -64.61 -28.49 26.17
N PRO E 7 -65.13 -28.83 24.98
CA PRO E 7 -66.57 -29.08 24.84
C PRO E 7 -67.00 -30.27 25.70
N ALA E 8 -68.14 -30.11 26.37
CA ALA E 8 -68.63 -31.17 27.26
C ALA E 8 -69.13 -32.37 26.47
N SER E 9 -70.14 -32.16 25.62
CA SER E 9 -70.73 -33.23 24.83
C SER E 9 -70.50 -32.97 23.36
N VAL E 10 -69.94 -33.96 22.67
CA VAL E 10 -69.67 -33.90 21.24
C VAL E 10 -70.26 -35.15 20.59
N SER E 11 -71.12 -34.95 19.60
CA SER E 11 -71.77 -36.03 18.88
C SER E 11 -71.16 -36.19 17.49
N GLY E 12 -71.19 -37.43 16.99
CA GLY E 12 -70.63 -37.72 15.68
C GLY E 12 -71.21 -38.96 15.04
N SER E 13 -71.62 -38.83 13.77
CA SER E 13 -72.16 -39.96 13.06
C SER E 13 -71.05 -40.93 12.65
N PRO E 14 -71.33 -42.23 12.65
CA PRO E 14 -70.31 -43.21 12.23
C PRO E 14 -69.91 -43.01 10.78
N GLY E 15 -68.65 -42.65 10.56
CA GLY E 15 -68.10 -42.42 9.24
C GLY E 15 -67.68 -40.98 9.00
N LEU E 16 -68.31 -40.04 9.68
CA LEU E 16 -67.97 -38.62 9.54
C LEU E 16 -66.77 -38.28 10.41
N SER E 17 -66.45 -37.00 10.52
CA SER E 17 -65.33 -36.53 11.32
C SER E 17 -65.78 -35.37 12.20
N ILE E 18 -65.31 -35.36 13.45
CA ILE E 18 -65.63 -34.31 14.40
C ILE E 18 -64.34 -33.71 14.93
N THR E 19 -64.45 -32.48 15.41
CA THR E 19 -63.30 -31.74 15.91
C THR E 19 -63.56 -31.28 17.34
N ILE E 20 -62.48 -31.16 18.11
CA ILE E 20 -62.54 -30.69 19.48
C ILE E 20 -61.88 -29.31 19.53
N SER E 21 -62.19 -28.56 20.59
CA SER E 21 -61.64 -27.22 20.76
C SER E 21 -60.91 -27.14 22.10
N CYS E 22 -59.64 -26.75 22.04
CA CYS E 22 -58.81 -26.53 23.23
C CYS E 22 -58.51 -25.03 23.26
N THR E 23 -59.42 -24.26 23.85
CA THR E 23 -59.37 -22.81 23.78
C THR E 23 -58.27 -22.27 24.69
N ALA E 24 -58.13 -20.94 24.70
CA ALA E 24 -57.10 -20.30 25.51
C ALA E 24 -57.49 -20.24 26.97
N THR E 25 -58.60 -19.55 27.28
CA THR E 25 -59.10 -19.40 28.64
C THR E 25 -58.02 -18.82 29.56
N SER E 26 -57.61 -17.60 29.23
CA SER E 26 -56.51 -16.91 29.90
C SER E 26 -55.23 -17.74 29.82
N SER E 27 -54.79 -17.93 28.57
CA SER E 27 -53.68 -18.83 28.25
C SER E 27 -52.36 -18.20 28.69
N ASP E 28 -51.94 -18.57 29.89
CA ASP E 28 -50.61 -18.22 30.38
C ASP E 28 -49.53 -19.15 29.84
N VAL E 29 -49.87 -20.05 28.91
CA VAL E 29 -48.90 -20.96 28.32
C VAL E 29 -47.90 -20.22 27.44
N GLY E 30 -48.26 -19.03 26.95
CA GLY E 30 -47.36 -18.26 26.12
C GLY E 30 -47.56 -18.58 24.65
N ALA E 31 -46.56 -19.22 24.05
CA ALA E 31 -46.63 -19.56 22.62
C ALA E 31 -47.46 -20.79 22.34
N TYR E 32 -47.80 -21.58 23.36
CA TYR E 32 -48.59 -22.80 23.20
C TYR E 32 -47.93 -23.76 22.21
N ASN E 33 -46.65 -24.06 22.46
CA ASN E 33 -45.88 -24.89 21.54
C ASN E 33 -46.28 -26.35 21.66
N TYR E 34 -46.14 -26.93 22.84
CA TYR E 34 -46.39 -28.36 23.06
C TYR E 34 -47.79 -28.57 23.59
N VAL E 35 -48.52 -29.51 22.99
CA VAL E 35 -49.87 -29.85 23.40
C VAL E 35 -50.09 -31.33 23.08
N SER E 36 -50.53 -32.10 24.08
CA SER E 36 -50.75 -33.52 23.93
C SER E 36 -52.20 -33.86 24.21
N TRP E 37 -52.75 -34.79 23.43
CA TRP E 37 -54.12 -35.26 23.59
C TRP E 37 -54.12 -36.70 24.07
N TYR E 38 -55.01 -37.01 25.00
CA TYR E 38 -55.11 -38.34 25.59
C TYR E 38 -56.51 -38.91 25.31
N GLN E 39 -56.65 -40.20 25.59
CA GLN E 39 -57.92 -40.89 25.45
C GLN E 39 -58.10 -41.85 26.61
N GLN E 40 -59.24 -41.74 27.30
CA GLN E 40 -59.52 -42.54 28.49
C GLN E 40 -60.88 -43.20 28.33
N HIS E 41 -60.89 -44.52 28.13
CA HIS E 41 -62.13 -45.26 28.09
C HIS E 41 -62.64 -45.52 29.51
N PRO E 42 -63.96 -45.67 29.69
CA PRO E 42 -64.49 -45.95 31.03
C PRO E 42 -64.00 -47.28 31.59
N GLY E 43 -63.20 -47.23 32.65
CA GLY E 43 -62.66 -48.41 33.28
C GLY E 43 -61.22 -48.71 32.97
N GLN E 44 -60.53 -47.87 32.20
CA GLN E 44 -59.13 -48.10 31.87
C GLN E 44 -58.29 -46.87 32.19
N ALA E 45 -57.02 -46.89 31.77
CA ALA E 45 -56.10 -45.79 32.01
C ALA E 45 -55.97 -44.92 30.76
N PRO E 46 -55.81 -43.61 30.93
CA PRO E 46 -55.65 -42.73 29.75
C PRO E 46 -54.35 -43.04 29.03
N LYS E 47 -54.46 -43.27 27.72
CA LYS E 47 -53.30 -43.56 26.88
C LYS E 47 -53.08 -42.40 25.92
N LEU E 48 -51.80 -42.11 25.66
CA LEU E 48 -51.45 -41.00 24.78
C LEU E 48 -51.79 -41.35 23.33
N MET E 49 -52.55 -40.48 22.68
CA MET E 49 -52.92 -40.66 21.28
C MET E 49 -52.13 -39.77 20.34
N ILE E 50 -52.00 -38.47 20.64
CA ILE E 50 -51.25 -37.57 19.79
C ILE E 50 -50.61 -36.47 20.64
N TYR E 51 -49.29 -36.38 20.58
CA TYR E 51 -48.53 -35.30 21.20
C TYR E 51 -47.72 -34.60 20.12
N ASP E 52 -47.50 -33.30 20.30
CA ASP E 52 -46.81 -32.48 19.31
C ASP E 52 -47.53 -32.59 17.96
N VAL E 53 -48.76 -32.06 17.95
CA VAL E 53 -49.78 -32.30 16.93
C VAL E 53 -49.22 -32.25 15.51
N SER E 54 -48.12 -31.54 15.31
CA SER E 54 -47.40 -31.59 14.04
C SER E 54 -46.86 -32.99 13.73
N LYS E 55 -46.78 -33.86 14.75
CA LYS E 55 -46.36 -35.24 14.56
C LYS E 55 -47.31 -36.16 15.33
N ARG E 56 -47.10 -37.46 15.19
CA ARG E 56 -47.91 -38.47 15.86
C ARG E 56 -47.01 -39.55 16.41
N PRO E 57 -47.34 -40.10 17.57
CA PRO E 57 -46.52 -41.18 18.14
C PRO E 57 -46.73 -42.51 17.42
N SER E 58 -45.85 -43.45 17.72
CA SER E 58 -45.94 -44.77 17.11
C SER E 58 -47.06 -45.58 17.75
N GLY E 59 -47.74 -46.37 16.93
CA GLY E 59 -48.83 -47.20 17.38
C GLY E 59 -50.21 -46.59 17.22
N VAL E 60 -50.31 -45.38 16.66
CA VAL E 60 -51.58 -44.69 16.45
C VAL E 60 -51.83 -44.59 14.96
N SER E 61 -53.03 -44.95 14.53
CA SER E 61 -53.39 -44.89 13.12
C SER E 61 -53.49 -43.44 12.65
N ASN E 62 -53.63 -43.28 11.33
CA ASN E 62 -53.74 -41.96 10.73
C ASN E 62 -55.09 -41.30 10.98
N ARG E 63 -56.02 -41.98 11.64
CA ARG E 63 -57.32 -41.38 11.92
C ARG E 63 -57.21 -40.19 12.86
N PHE E 64 -56.24 -40.20 13.76
CA PHE E 64 -56.05 -39.12 14.71
C PHE E 64 -55.05 -38.10 14.18
N SER E 65 -55.44 -36.83 14.19
CA SER E 65 -54.58 -35.76 13.74
C SER E 65 -54.97 -34.48 14.47
N GLY E 66 -54.03 -33.54 14.54
CA GLY E 66 -54.26 -32.31 15.26
C GLY E 66 -53.50 -31.15 14.64
N SER E 67 -53.93 -29.94 15.02
CA SER E 67 -53.32 -28.72 14.53
C SER E 67 -53.70 -27.59 15.49
N LYS E 68 -53.10 -26.42 15.26
CA LYS E 68 -53.36 -25.25 16.10
C LYS E 68 -53.14 -24.02 15.22
N SER E 69 -54.24 -23.41 14.77
CA SER E 69 -54.16 -22.27 13.85
C SER E 69 -53.44 -21.09 14.49
N ALA E 70 -54.03 -20.52 15.55
CA ALA E 70 -53.43 -19.39 16.25
C ALA E 70 -53.17 -19.70 17.71
N ASN E 71 -54.21 -20.01 18.50
CA ASN E 71 -54.02 -20.33 19.90
C ASN E 71 -54.90 -21.49 20.37
N THR E 72 -55.66 -22.12 19.49
CA THR E 72 -56.59 -23.18 19.87
C THR E 72 -56.19 -24.47 19.16
N ALA E 73 -55.94 -25.52 19.93
CA ALA E 73 -55.62 -26.83 19.38
C ALA E 73 -56.89 -27.61 19.11
N SER E 74 -56.92 -28.31 17.98
CA SER E 74 -58.09 -29.07 17.57
C SER E 74 -57.68 -30.50 17.26
N LEU E 75 -58.52 -31.45 17.65
CA LEU E 75 -58.30 -32.88 17.41
C LEU E 75 -59.28 -33.34 16.34
N THR E 76 -58.75 -33.67 15.17
CA THR E 76 -59.55 -34.12 14.04
C THR E 76 -59.53 -35.65 14.02
N ILE E 77 -60.66 -36.27 14.30
CA ILE E 77 -60.80 -37.72 14.33
C ILE E 77 -61.74 -38.11 13.20
N SER E 78 -61.17 -38.71 12.15
CA SER E 78 -61.93 -39.14 10.99
C SER E 78 -62.19 -40.65 11.06
N GLY E 79 -63.30 -41.06 10.45
CA GLY E 79 -63.69 -42.46 10.45
C GLY E 79 -64.08 -42.97 11.82
N LEU E 80 -65.17 -42.45 12.37
CA LEU E 80 -65.61 -42.85 13.70
C LEU E 80 -66.11 -44.29 13.69
N GLN E 81 -65.85 -44.99 14.79
CA GLN E 81 -66.28 -46.37 14.98
C GLN E 81 -66.93 -46.52 16.35
N ALA E 82 -67.45 -47.72 16.60
CA ALA E 82 -68.11 -47.98 17.87
C ALA E 82 -67.11 -47.97 19.03
N GLU E 83 -65.88 -48.40 18.79
CA GLU E 83 -64.84 -48.43 19.83
C GLU E 83 -64.07 -47.12 19.87
N ASP E 84 -64.80 -46.00 19.97
CA ASP E 84 -64.17 -44.69 20.03
C ASP E 84 -64.81 -43.77 21.07
N GLU E 85 -65.84 -44.22 21.78
CA GLU E 85 -66.53 -43.39 22.76
C GLU E 85 -65.68 -43.34 24.04
N ALA E 86 -64.84 -42.31 24.13
CA ALA E 86 -63.99 -42.12 25.30
C ALA E 86 -63.75 -40.63 25.49
N ASP E 87 -63.21 -40.28 26.66
CA ASP E 87 -62.97 -38.90 27.00
C ASP E 87 -61.58 -38.47 26.54
N TYR E 88 -61.50 -37.29 25.94
CA TYR E 88 -60.24 -36.74 25.44
C TYR E 88 -59.87 -35.49 26.24
N TYR E 89 -58.56 -35.28 26.41
CA TYR E 89 -58.05 -34.17 27.19
C TYR E 89 -56.84 -33.56 26.49
N CYS E 90 -56.82 -32.24 26.37
CA CYS E 90 -55.64 -31.52 25.89
C CYS E 90 -54.86 -30.98 27.08
N SER E 91 -53.54 -31.14 27.05
CA SER E 91 -52.68 -30.79 28.17
C SER E 91 -51.50 -29.97 27.68
N SER E 92 -51.14 -28.94 28.44
CA SER E 92 -49.98 -28.11 28.14
C SER E 92 -49.21 -27.79 29.41
N TYR E 93 -48.21 -26.92 29.31
CA TYR E 93 -47.39 -26.50 30.45
C TYR E 93 -47.73 -25.06 30.80
N THR E 94 -48.23 -24.85 32.03
CA THR E 94 -48.51 -23.51 32.51
C THR E 94 -47.29 -22.97 33.26
N THR E 95 -47.40 -21.72 33.72
CA THR E 95 -46.27 -21.07 34.36
C THR E 95 -45.95 -21.66 35.72
N THR E 96 -46.90 -22.34 36.37
CA THR E 96 -46.66 -22.90 37.69
C THR E 96 -47.25 -24.29 37.87
N SER E 97 -47.71 -24.94 36.80
CA SER E 97 -48.31 -26.26 36.91
C SER E 97 -48.32 -26.90 35.52
N VAL E 98 -48.97 -28.06 35.40
CA VAL E 98 -49.14 -28.76 34.14
C VAL E 98 -50.65 -28.98 33.98
N VAL E 99 -51.30 -28.10 33.21
CA VAL E 99 -52.74 -28.17 33.06
C VAL E 99 -53.12 -29.35 32.18
N PHE E 100 -54.27 -29.95 32.46
CA PHE E 100 -54.81 -31.05 31.69
C PHE E 100 -56.13 -30.70 30.99
N GLY E 101 -56.59 -29.46 31.11
CA GLY E 101 -57.82 -29.04 30.46
C GLY E 101 -59.05 -29.71 31.04
N GLY E 102 -60.15 -29.53 30.31
CA GLY E 102 -61.44 -30.10 30.67
C GLY E 102 -61.65 -31.48 30.07
N GLY E 103 -62.91 -31.89 30.03
CA GLY E 103 -63.27 -33.19 29.48
C GLY E 103 -64.07 -33.09 28.20
N THR E 104 -64.10 -34.17 27.43
CA THR E 104 -64.84 -34.19 26.17
C THR E 104 -65.36 -35.60 25.95
N LYS E 105 -66.65 -35.81 26.16
CA LYS E 105 -67.27 -37.12 25.99
C LYS E 105 -67.82 -37.23 24.57
N LEU E 106 -67.45 -38.32 23.89
CA LEU E 106 -67.89 -38.57 22.52
C LEU E 106 -69.00 -39.63 22.55
N THR E 107 -70.15 -39.29 21.98
CA THR E 107 -71.29 -40.20 21.91
C THR E 107 -71.58 -40.49 20.44
N VAL E 108 -71.22 -41.68 20.00
CA VAL E 108 -71.43 -42.10 18.61
C VAL E 108 -72.83 -42.71 18.52
N LEU E 109 -73.75 -41.98 17.92
CA LEU E 109 -75.12 -42.45 17.75
C LEU E 109 -75.19 -43.43 16.58
N GLY E 110 -76.39 -43.87 16.24
CA GLY E 110 -76.59 -44.79 15.14
C GLY E 110 -76.23 -46.23 15.49
N GLN F 1 -65.12 23.77 -33.32
CA GLN F 1 -65.34 23.54 -31.89
C GLN F 1 -66.55 22.63 -31.68
N VAL F 2 -67.02 22.57 -30.43
CA VAL F 2 -68.16 21.73 -30.10
C VAL F 2 -69.42 22.31 -30.72
N THR F 3 -70.14 21.48 -31.47
CA THR F 3 -71.38 21.88 -32.13
C THR F 3 -72.48 20.93 -31.69
N LEU F 4 -73.41 21.42 -30.87
CA LEU F 4 -74.51 20.64 -30.32
C LEU F 4 -75.80 21.08 -30.99
N ARG F 5 -76.24 20.30 -31.98
CA ARG F 5 -77.48 20.58 -32.71
C ARG F 5 -78.53 19.55 -32.34
N GLU F 6 -79.78 20.00 -32.24
CA GLU F 6 -80.91 19.13 -31.94
C GLU F 6 -81.76 18.92 -33.18
N SER F 7 -82.69 17.98 -33.07
CA SER F 7 -83.61 17.66 -34.17
C SER F 7 -84.85 17.00 -33.57
N GLY F 8 -85.69 16.43 -34.43
CA GLY F 8 -86.90 15.79 -34.00
C GLY F 8 -88.13 16.63 -34.28
N PRO F 9 -89.31 16.02 -34.21
CA PRO F 9 -90.56 16.76 -34.47
C PRO F 9 -90.88 17.69 -33.31
N THR F 10 -91.09 18.96 -33.63
CA THR F 10 -91.42 19.94 -32.60
C THR F 10 -92.84 19.74 -32.09
N LEU F 11 -93.81 19.62 -33.01
CA LEU F 11 -95.20 19.39 -32.64
C LEU F 11 -95.47 17.90 -32.58
N VAL F 12 -96.10 17.46 -31.48
CA VAL F 12 -96.40 16.04 -31.27
C VAL F 12 -97.74 15.94 -30.57
N LYS F 13 -98.39 14.79 -30.73
CA LYS F 13 -99.66 14.55 -30.07
C LYS F 13 -99.45 14.36 -28.56
N PRO F 14 -100.42 14.74 -27.75
CA PRO F 14 -100.30 14.54 -26.30
C PRO F 14 -100.32 13.06 -25.93
N LYS F 15 -99.68 12.76 -24.81
CA LYS F 15 -99.57 11.40 -24.29
C LYS F 15 -98.92 10.47 -25.32
N GLN F 16 -97.67 10.79 -25.66
CA GLN F 16 -96.90 10.03 -26.63
C GLN F 16 -95.47 9.91 -26.11
N THR F 17 -94.57 9.46 -26.99
CA THR F 17 -93.16 9.26 -26.63
C THR F 17 -92.32 10.14 -27.55
N LEU F 18 -91.59 11.08 -26.97
CA LEU F 18 -90.73 11.95 -27.75
C LEU F 18 -89.49 11.21 -28.24
N THR F 19 -88.90 11.73 -29.31
CA THR F 19 -87.67 11.19 -29.89
C THR F 19 -86.69 12.32 -30.19
N LEU F 20 -86.52 13.21 -29.21
CA LEU F 20 -85.63 14.35 -29.37
C LEU F 20 -84.18 13.87 -29.34
N THR F 21 -83.44 14.16 -30.40
CA THR F 21 -82.06 13.72 -30.54
C THR F 21 -81.11 14.90 -30.31
N CYS F 22 -79.82 14.57 -30.23
CA CYS F 22 -78.79 15.58 -30.02
C CYS F 22 -77.54 15.14 -30.76
N THR F 23 -77.37 15.64 -31.99
CA THR F 23 -76.24 15.28 -32.83
C THR F 23 -75.04 16.13 -32.43
N PHE F 24 -74.03 15.49 -31.84
CA PHE F 24 -72.82 16.18 -31.39
C PHE F 24 -71.69 15.91 -32.36
N SER F 25 -70.90 16.94 -32.64
CA SER F 25 -69.76 16.82 -33.55
C SER F 25 -68.65 17.74 -33.05
N GLY F 26 -67.41 17.25 -33.12
CA GLY F 26 -66.25 17.99 -32.68
C GLY F 26 -65.56 17.44 -31.45
N PHE F 27 -66.03 16.32 -30.90
CA PHE F 27 -65.42 15.71 -29.73
C PHE F 27 -65.83 14.26 -29.65
N SER F 28 -65.08 13.50 -28.86
CA SER F 28 -65.35 12.08 -28.64
C SER F 28 -65.97 11.89 -27.28
N LEU F 29 -67.08 11.13 -27.23
CA LEU F 29 -67.79 10.88 -25.98
C LEU F 29 -67.03 9.92 -25.06
N SER F 30 -66.05 9.18 -25.57
CA SER F 30 -65.31 8.21 -24.77
C SER F 30 -64.25 8.85 -23.89
N THR F 31 -64.19 10.17 -23.82
CA THR F 31 -63.21 10.82 -22.97
C THR F 31 -63.57 10.63 -21.50
N PRO F 32 -62.60 10.41 -20.62
CA PRO F 32 -62.90 10.25 -19.19
C PRO F 32 -63.47 11.54 -18.60
N GLY F 33 -64.68 11.46 -18.07
CA GLY F 33 -65.35 12.60 -17.51
C GLY F 33 -66.35 13.28 -18.41
N GLY F 34 -66.44 12.88 -19.68
CA GLY F 34 -67.35 13.47 -20.63
C GLY F 34 -68.76 12.92 -20.52
N GLY F 35 -69.69 13.63 -21.15
CA GLY F 35 -71.09 13.24 -21.13
C GLY F 35 -72.01 14.32 -21.63
N VAL F 36 -73.18 13.94 -22.14
CA VAL F 36 -74.18 14.86 -22.67
C VAL F 36 -75.46 14.71 -21.87
N GLY F 37 -76.01 15.83 -21.42
CA GLY F 37 -77.25 15.81 -20.66
C GLY F 37 -78.39 16.51 -21.36
N TRP F 38 -79.45 16.82 -20.61
CA TRP F 38 -80.61 17.50 -21.16
C TRP F 38 -81.15 18.47 -20.11
N ILE F 39 -81.42 19.71 -20.53
CA ILE F 39 -81.89 20.77 -19.65
C ILE F 39 -83.17 21.35 -20.24
N ARG F 40 -84.19 21.49 -19.40
CA ARG F 40 -85.47 22.06 -19.81
C ARG F 40 -85.58 23.51 -19.34
N GLN F 41 -86.22 24.33 -20.16
CA GLN F 41 -86.40 25.75 -19.86
C GLN F 41 -87.81 26.15 -20.25
N PRO F 42 -88.74 26.14 -19.31
CA PRO F 42 -90.10 26.56 -19.62
C PRO F 42 -90.14 28.04 -19.93
N PRO F 43 -91.10 28.49 -20.75
CA PRO F 43 -91.21 29.92 -21.06
C PRO F 43 -91.53 30.74 -19.81
N GLY F 44 -90.63 31.66 -19.48
CA GLY F 44 -90.81 32.50 -18.31
C GLY F 44 -90.49 31.81 -17.00
N LYS F 45 -89.59 30.84 -17.02
CA LYS F 45 -89.18 30.13 -15.81
C LYS F 45 -87.67 29.92 -15.86
N ALA F 46 -87.17 29.09 -14.97
CA ALA F 46 -85.74 28.82 -14.85
C ALA F 46 -85.40 27.45 -15.43
N LEU F 47 -84.10 27.14 -15.42
CA LEU F 47 -83.61 25.89 -15.95
C LEU F 47 -83.87 24.75 -14.97
N GLU F 48 -83.85 23.52 -15.50
CA GLU F 48 -84.06 22.34 -14.68
C GLU F 48 -83.45 21.14 -15.38
N TRP F 49 -82.67 20.36 -14.65
CA TRP F 49 -82.00 19.19 -15.22
C TRP F 49 -82.96 18.01 -15.29
N LEU F 50 -82.86 17.26 -16.39
CA LEU F 50 -83.72 16.10 -16.61
C LEU F 50 -82.94 14.79 -16.61
N ALA F 51 -81.92 14.67 -17.46
CA ALA F 51 -81.17 13.44 -17.58
C ALA F 51 -79.72 13.76 -17.92
N LEU F 52 -78.87 12.74 -17.83
CA LEU F 52 -77.45 12.89 -18.11
C LEU F 52 -76.84 11.52 -18.30
N ILE F 53 -76.02 11.37 -19.35
CA ILE F 53 -75.34 10.12 -19.64
C ILE F 53 -73.84 10.35 -19.54
N TYR F 54 -73.10 9.26 -19.38
CA TYR F 54 -71.65 9.34 -19.22
C TYR F 54 -70.92 8.47 -20.23
N TRP F 55 -69.60 8.35 -20.08
CA TRP F 55 -68.76 7.61 -21.01
C TRP F 55 -68.69 6.12 -20.67
N ASP F 56 -69.37 5.67 -19.63
CA ASP F 56 -69.34 4.27 -19.20
C ASP F 56 -70.75 3.70 -19.14
N ASP F 57 -71.60 4.13 -20.08
CA ASP F 57 -72.98 3.66 -20.23
C ASP F 57 -73.84 3.93 -19.01
N ASP F 58 -73.42 4.82 -18.12
CA ASP F 58 -74.22 5.17 -16.95
C ASP F 58 -75.28 6.19 -17.33
N LYS F 59 -76.52 5.91 -16.97
CA LYS F 59 -77.67 6.75 -17.32
C LYS F 59 -78.24 7.33 -16.03
N ARG F 60 -77.92 8.60 -15.75
CA ARG F 60 -78.41 9.30 -14.58
C ARG F 60 -79.63 10.13 -14.97
N TYR F 61 -80.70 10.03 -14.17
CA TYR F 61 -81.93 10.75 -14.42
C TYR F 61 -82.33 11.55 -13.19
N SER F 62 -83.32 12.42 -13.39
CA SER F 62 -83.81 13.23 -12.28
C SER F 62 -84.57 12.34 -11.28
N PRO F 63 -84.42 12.61 -9.98
CA PRO F 63 -85.14 11.77 -9.00
C PRO F 63 -86.65 11.90 -9.07
N SER F 64 -87.15 13.02 -9.58
CA SER F 64 -88.61 13.20 -9.68
C SER F 64 -89.17 12.37 -10.84
N LEU F 65 -88.53 12.43 -12.00
CA LEU F 65 -89.00 11.73 -13.19
C LEU F 65 -88.04 10.58 -13.49
N LYS F 66 -88.47 9.35 -13.20
CA LYS F 66 -87.69 8.16 -13.50
C LYS F 66 -88.44 7.09 -14.27
N SER F 67 -89.76 7.20 -14.40
CA SER F 67 -90.55 6.21 -15.11
C SER F 67 -90.73 6.53 -16.59
N SER F 68 -90.28 7.69 -17.04
CA SER F 68 -90.43 8.08 -18.44
C SER F 68 -89.11 8.46 -19.09
N LEU F 69 -88.19 9.09 -18.35
CA LEU F 69 -86.93 9.52 -18.93
C LEU F 69 -86.04 8.32 -19.21
N THR F 70 -85.78 8.07 -20.50
CA THR F 70 -84.92 6.96 -20.92
C THR F 70 -83.97 7.50 -22.00
N ILE F 71 -82.72 7.68 -21.65
CA ILE F 71 -81.71 8.21 -22.57
C ILE F 71 -80.84 7.06 -23.05
N THR F 72 -80.25 7.24 -24.23
CA THR F 72 -79.36 6.23 -24.80
C THR F 72 -78.30 6.94 -25.63
N LYS F 73 -77.18 6.25 -25.83
CA LYS F 73 -76.06 6.77 -26.60
C LYS F 73 -75.88 5.98 -27.89
N ASP F 74 -75.49 6.69 -28.95
CA ASP F 74 -75.27 6.12 -30.27
C ASP F 74 -73.96 6.64 -30.85
N THR F 75 -72.89 6.53 -30.06
CA THR F 75 -71.58 7.03 -30.47
C THR F 75 -71.12 6.46 -31.80
N SER F 76 -71.69 5.31 -32.21
CA SER F 76 -71.38 4.75 -33.51
C SER F 76 -71.69 5.73 -34.63
N LYS F 77 -72.75 6.53 -34.46
CA LYS F 77 -73.10 7.58 -35.41
C LYS F 77 -73.08 8.97 -34.77
N ASN F 78 -72.71 9.06 -33.50
CA ASN F 78 -72.62 10.33 -32.77
C ASN F 78 -73.96 11.07 -32.77
N GLN F 79 -74.96 10.44 -32.14
CA GLN F 79 -76.29 11.00 -32.07
C GLN F 79 -76.93 10.54 -30.76
N VAL F 80 -76.93 11.42 -29.75
CA VAL F 80 -77.55 11.11 -28.47
C VAL F 80 -79.05 11.31 -28.58
N VAL F 81 -79.82 10.29 -28.21
CA VAL F 81 -81.27 10.31 -28.33
C VAL F 81 -81.88 10.24 -26.95
N LEU F 82 -82.91 11.06 -26.72
CA LEU F 82 -83.66 11.07 -25.47
C LEU F 82 -85.11 10.73 -25.73
N THR F 83 -85.66 9.84 -24.90
CA THR F 83 -87.04 9.39 -25.03
C THR F 83 -87.75 9.59 -23.70
N MET F 84 -88.95 10.17 -23.75
CA MET F 84 -89.76 10.40 -22.57
C MET F 84 -91.22 10.10 -22.89
N THR F 85 -91.89 9.42 -21.97
CA THR F 85 -93.28 9.03 -22.15
C THR F 85 -94.19 9.86 -21.24
N ASN F 86 -95.50 9.65 -21.40
CA ASN F 86 -96.53 10.35 -20.64
C ASN F 86 -96.39 11.87 -20.78
N MET F 87 -96.55 12.32 -22.03
CA MET F 87 -96.42 13.74 -22.33
C MET F 87 -97.69 14.49 -21.90
N ASP F 88 -97.53 15.43 -20.99
CA ASP F 88 -98.61 16.28 -20.51
C ASP F 88 -98.41 17.71 -21.00
N PRO F 89 -99.50 18.51 -21.08
CA PRO F 89 -99.40 19.90 -21.55
C PRO F 89 -98.79 20.84 -20.50
N VAL F 90 -97.69 20.41 -19.89
CA VAL F 90 -96.97 21.24 -18.93
C VAL F 90 -95.48 21.17 -19.28
N ASP F 91 -95.11 20.22 -20.12
CA ASP F 91 -93.73 20.01 -20.51
C ASP F 91 -93.33 20.77 -21.76
N THR F 92 -94.22 21.59 -22.32
CA THR F 92 -93.90 22.39 -23.50
C THR F 92 -92.83 23.41 -23.17
N ALA F 93 -91.64 23.23 -23.73
CA ALA F 93 -90.51 24.11 -23.44
C ALA F 93 -89.43 23.89 -24.49
N THR F 94 -88.41 24.74 -24.45
CA THR F 94 -87.26 24.64 -25.34
C THR F 94 -86.19 23.79 -24.64
N TYR F 95 -85.92 22.61 -25.19
CA TYR F 95 -84.95 21.71 -24.60
C TYR F 95 -83.54 22.02 -25.10
N TYR F 96 -82.56 21.77 -24.23
CA TYR F 96 -81.16 22.00 -24.55
C TYR F 96 -80.34 20.81 -24.09
N CYS F 97 -79.45 20.34 -24.95
CA CYS F 97 -78.49 19.29 -24.61
C CYS F 97 -77.10 19.90 -24.56
N ALA F 98 -76.48 19.86 -23.39
CA ALA F 98 -75.17 20.43 -23.17
C ALA F 98 -74.17 19.34 -22.79
N ARG F 99 -72.92 19.53 -23.20
CA ARG F 99 -71.87 18.57 -22.91
C ARG F 99 -71.27 18.84 -21.53
N LEU F 100 -71.15 17.79 -20.73
CA LEU F 100 -70.51 17.87 -19.41
C LEU F 100 -69.07 17.39 -19.60
N THR F 101 -68.15 18.35 -19.75
CA THR F 101 -66.76 18.00 -19.97
C THR F 101 -66.15 17.34 -18.75
N ALA F 102 -66.41 17.89 -17.56
CA ALA F 102 -65.87 17.34 -16.32
C ALA F 102 -66.78 17.79 -15.17
N ALA F 103 -66.36 17.45 -13.95
CA ALA F 103 -67.17 17.81 -12.78
C ALA F 103 -67.11 19.31 -12.50
N ASP F 104 -65.96 19.94 -12.71
CA ASP F 104 -65.85 21.37 -12.45
C ASP F 104 -66.57 22.19 -13.51
N THR F 105 -66.49 21.79 -14.77
CA THR F 105 -67.15 22.50 -15.87
C THR F 105 -68.52 21.88 -16.07
N ILE F 106 -69.52 22.51 -15.46
CA ILE F 106 -70.90 22.02 -15.50
C ILE F 106 -71.56 22.59 -16.75
N PHE F 107 -71.65 21.78 -17.80
CA PHE F 107 -72.34 22.14 -19.04
C PHE F 107 -71.78 23.43 -19.63
N ASP F 108 -70.51 23.36 -20.04
CA ASP F 108 -69.84 24.52 -20.61
C ASP F 108 -70.45 24.92 -21.94
N CYS F 109 -70.50 23.99 -22.89
CA CYS F 109 -71.05 24.25 -24.23
C CYS F 109 -72.49 23.76 -24.28
N TRP F 110 -73.40 24.63 -24.71
CA TRP F 110 -74.81 24.32 -24.82
C TRP F 110 -75.21 24.21 -26.29
N GLY F 111 -76.46 23.84 -26.51
CA GLY F 111 -77.00 23.72 -27.85
C GLY F 111 -77.60 25.02 -28.37
N GLN F 112 -78.70 24.90 -29.10
CA GLN F 112 -79.39 26.07 -29.65
C GLN F 112 -80.85 26.16 -29.25
N GLY F 113 -81.52 25.05 -29.01
CA GLY F 113 -82.87 25.07 -28.51
C GLY F 113 -83.89 24.66 -29.56
N THR F 114 -84.80 23.77 -29.16
CA THR F 114 -85.88 23.31 -30.03
C THR F 114 -87.17 23.33 -29.20
N LEU F 115 -88.07 24.25 -29.54
CA LEU F 115 -89.33 24.37 -28.82
C LEU F 115 -90.24 23.18 -29.15
N VAL F 116 -90.51 22.36 -28.15
CA VAL F 116 -91.38 21.20 -28.33
C VAL F 116 -92.72 21.48 -27.64
N THR F 117 -93.69 21.97 -28.40
CA THR F 117 -94.99 22.30 -27.83
C THR F 117 -95.82 21.02 -27.62
N VAL F 118 -96.58 21.00 -26.53
CA VAL F 118 -97.43 19.86 -26.21
C VAL F 118 -98.87 20.33 -26.09
N SER F 119 -99.66 20.12 -27.14
CA SER F 119 -101.06 20.52 -27.15
C SER F 119 -101.93 19.50 -27.86
N ALA G 3 -83.08 23.74 -2.96
CA ALA G 3 -82.68 24.32 -4.23
C ALA G 3 -81.77 25.53 -4.00
N LEU G 4 -81.77 26.46 -4.97
CA LEU G 4 -80.97 27.66 -4.91
C LEU G 4 -81.83 28.86 -5.26
N THR G 5 -81.82 29.87 -4.38
CA THR G 5 -82.60 31.09 -4.58
C THR G 5 -81.70 32.20 -5.09
N GLN G 6 -82.22 32.98 -6.03
CA GLN G 6 -81.50 34.09 -6.64
C GLN G 6 -82.36 35.34 -6.63
N PRO G 7 -81.75 36.52 -6.59
CA PRO G 7 -82.54 37.75 -6.62
C PRO G 7 -83.31 37.88 -7.93
N ALA G 8 -84.55 38.35 -7.81
CA ALA G 8 -85.41 38.47 -8.99
C ALA G 8 -84.95 39.62 -9.88
N SER G 9 -84.95 40.84 -9.34
CA SER G 9 -84.56 42.03 -10.09
C SER G 9 -83.33 42.67 -9.45
N VAL G 10 -82.31 42.92 -10.27
CA VAL G 10 -81.08 43.55 -9.84
C VAL G 10 -80.78 44.73 -10.76
N SER G 11 -80.58 45.90 -10.17
CA SER G 11 -80.30 47.12 -10.93
C SER G 11 -78.83 47.50 -10.77
N GLY G 12 -78.30 48.15 -11.79
CA GLY G 12 -76.91 48.57 -11.79
C GLY G 12 -76.61 49.73 -12.71
N SER G 13 -75.94 50.75 -12.20
CA SER G 13 -75.58 51.90 -13.01
C SER G 13 -74.42 51.55 -13.94
N PRO G 14 -74.41 52.10 -15.15
CA PRO G 14 -73.30 51.84 -16.09
C PRO G 14 -71.99 52.36 -15.54
N GLY G 15 -71.06 51.43 -15.29
CA GLY G 15 -69.75 51.73 -14.75
C GLY G 15 -69.50 51.16 -13.37
N LEU G 16 -70.56 50.96 -12.59
CA LEU G 16 -70.43 50.41 -11.24
C LEU G 16 -70.39 48.88 -11.31
N SER G 17 -70.46 48.24 -10.15
CA SER G 17 -70.41 46.79 -10.05
C SER G 17 -71.53 46.30 -9.14
N ILE G 18 -72.17 45.20 -9.53
CA ILE G 18 -73.25 44.61 -8.75
C ILE G 18 -72.89 43.16 -8.45
N THR G 19 -73.54 42.62 -7.41
CA THR G 19 -73.28 41.26 -6.97
C THR G 19 -74.60 40.48 -6.92
N ILE G 20 -74.49 39.17 -7.12
CA ILE G 20 -75.63 38.27 -7.05
C ILE G 20 -75.49 37.41 -5.81
N SER G 21 -76.60 36.81 -5.38
CA SER G 21 -76.62 35.97 -4.19
C SER G 21 -77.19 34.61 -4.53
N CYS G 22 -76.40 33.57 -4.32
CA CYS G 22 -76.81 32.18 -4.52
C CYS G 22 -76.82 31.53 -3.14
N THR G 23 -77.93 31.67 -2.43
CA THR G 23 -78.00 31.28 -1.03
C THR G 23 -78.07 29.75 -0.88
N ALA G 24 -78.20 29.30 0.36
CA ALA G 24 -78.26 27.86 0.62
C ALA G 24 -79.63 27.29 0.32
N THR G 25 -80.66 27.77 1.04
CA THR G 25 -82.04 27.32 0.88
C THR G 25 -82.14 25.81 1.03
N SER G 26 -81.82 25.35 2.25
CA SER G 26 -81.74 23.94 2.58
C SER G 26 -80.74 23.23 1.67
N SER G 27 -79.49 23.67 1.80
CA SER G 27 -78.41 23.27 0.91
C SER G 27 -78.01 21.82 1.20
N ASP G 28 -78.60 20.91 0.42
CA ASP G 28 -78.18 19.52 0.41
C ASP G 28 -76.95 19.28 -0.48
N VAL G 29 -76.34 20.37 -0.97
CA VAL G 29 -75.15 20.24 -1.80
C VAL G 29 -73.95 19.75 -1.01
N GLY G 30 -73.96 19.94 0.31
CA GLY G 30 -72.86 19.48 1.14
C GLY G 30 -71.79 20.54 1.27
N ALA G 31 -70.63 20.29 0.68
CA ALA G 31 -69.50 21.21 0.76
C ALA G 31 -69.64 22.39 -0.20
N TYR G 32 -70.53 22.31 -1.19
CA TYR G 32 -70.72 23.36 -2.18
C TYR G 32 -69.41 23.72 -2.87
N ASN G 33 -68.73 22.68 -3.38
CA ASN G 33 -67.42 22.87 -3.98
C ASN G 33 -67.53 23.55 -5.34
N TYR G 34 -68.26 22.93 -6.27
CA TYR G 34 -68.37 23.42 -7.64
C TYR G 34 -69.65 24.21 -7.81
N VAL G 35 -69.54 25.39 -8.40
CA VAL G 35 -70.69 26.25 -8.70
C VAL G 35 -70.40 27.00 -9.99
N SER G 36 -71.30 26.85 -10.96
CA SER G 36 -71.14 27.47 -12.28
C SER G 36 -72.24 28.49 -12.51
N TRP G 37 -71.88 29.61 -13.13
CA TRP G 37 -72.81 30.67 -13.47
C TRP G 37 -72.95 30.79 -14.98
N TYR G 38 -74.19 30.93 -15.45
CA TYR G 38 -74.49 31.02 -16.87
C TYR G 38 -75.09 32.38 -17.19
N GLN G 39 -75.17 32.68 -18.48
CA GLN G 39 -75.77 33.91 -18.98
C GLN G 39 -76.63 33.58 -20.19
N GLN G 40 -77.88 34.03 -20.17
CA GLN G 40 -78.83 33.75 -21.25
C GLN G 40 -79.49 35.05 -21.68
N HIS G 41 -79.16 35.50 -22.89
CA HIS G 41 -79.81 36.68 -23.44
C HIS G 41 -81.18 36.30 -24.00
N PRO G 42 -82.13 37.24 -24.02
CA PRO G 42 -83.46 36.94 -24.57
C PRO G 42 -83.41 36.59 -26.05
N GLY G 43 -83.74 35.33 -26.37
CA GLY G 43 -83.73 34.85 -27.74
C GLY G 43 -82.54 34.00 -28.12
N GLN G 44 -81.63 33.70 -27.18
CA GLN G 44 -80.46 32.88 -27.48
C GLN G 44 -80.35 31.73 -26.49
N ALA G 45 -79.24 31.00 -26.54
CA ALA G 45 -79.00 29.87 -25.65
C ALA G 45 -78.07 30.28 -24.51
N PRO G 46 -78.27 29.71 -23.32
CA PRO G 46 -77.39 30.05 -22.19
C PRO G 46 -75.96 29.57 -22.43
N LYS G 47 -75.01 30.48 -22.25
CA LYS G 47 -73.60 30.18 -22.39
C LYS G 47 -72.90 30.33 -21.05
N LEU G 48 -71.90 29.48 -20.82
CA LEU G 48 -71.17 29.51 -19.55
C LEU G 48 -70.25 30.73 -19.49
N MET G 49 -70.33 31.47 -18.39
CA MET G 49 -69.49 32.64 -18.16
C MET G 49 -68.40 32.37 -17.15
N ILE G 50 -68.71 31.73 -16.03
CA ILE G 50 -67.71 31.43 -15.01
C ILE G 50 -68.08 30.13 -14.29
N TYR G 51 -67.19 29.15 -14.35
CA TYR G 51 -67.30 27.92 -13.59
C TYR G 51 -66.09 27.79 -12.68
N ASP G 52 -66.29 27.14 -11.53
CA ASP G 52 -65.23 26.98 -10.53
C ASP G 52 -64.64 28.35 -10.17
N VAL G 53 -65.50 29.16 -9.54
CA VAL G 53 -65.34 30.60 -9.38
C VAL G 53 -63.92 31.02 -9.03
N SER G 54 -63.15 30.12 -8.40
CA SER G 54 -61.73 30.34 -8.22
C SER G 54 -60.98 30.46 -9.54
N LYS G 55 -61.58 30.02 -10.64
CA LYS G 55 -61.00 30.14 -11.97
C LYS G 55 -62.07 30.64 -12.93
N ARG G 56 -61.65 30.90 -14.17
CA ARG G 56 -62.56 31.37 -15.21
C ARG G 56 -62.26 30.62 -16.50
N PRO G 57 -63.29 30.37 -17.31
CA PRO G 57 -63.06 29.69 -18.60
C PRO G 57 -62.43 30.61 -19.63
N SER G 58 -61.99 29.99 -20.72
CA SER G 58 -61.38 30.75 -21.81
C SER G 58 -62.45 31.46 -22.63
N GLY G 59 -62.13 32.67 -23.08
CA GLY G 59 -63.05 33.47 -23.86
C GLY G 59 -63.89 34.44 -23.07
N VAL G 60 -63.70 34.51 -21.76
CA VAL G 60 -64.44 35.41 -20.89
C VAL G 60 -63.49 36.46 -20.33
N SER G 61 -63.89 37.72 -20.42
CA SER G 61 -63.06 38.81 -19.94
C SER G 61 -62.97 38.79 -18.42
N ASN G 62 -62.06 39.61 -17.89
CA ASN G 62 -61.85 39.71 -16.45
C ASN G 62 -62.99 40.42 -15.73
N ARG G 63 -64.00 40.91 -16.45
CA ARG G 63 -65.12 41.58 -15.81
C ARG G 63 -65.93 40.62 -14.95
N PHE G 64 -65.97 39.35 -15.32
CA PHE G 64 -66.73 38.35 -14.58
C PHE G 64 -65.83 37.67 -13.55
N SER G 65 -66.28 37.62 -12.30
CA SER G 65 -65.54 36.98 -11.23
C SER G 65 -66.53 36.55 -10.15
N GLY G 66 -66.11 35.56 -9.36
CA GLY G 66 -66.98 35.02 -8.33
C GLY G 66 -66.19 34.46 -7.17
N SER G 67 -66.90 34.22 -6.07
CA SER G 67 -66.32 33.67 -4.86
C SER G 67 -67.46 33.11 -4.01
N LYS G 68 -67.07 32.42 -2.93
CA LYS G 68 -68.04 31.83 -2.01
C LYS G 68 -67.40 31.83 -0.63
N SER G 69 -67.81 32.78 0.21
CA SER G 69 -67.22 32.93 1.54
C SER G 69 -67.44 31.69 2.39
N ALA G 70 -68.70 31.38 2.72
CA ALA G 70 -69.02 30.21 3.53
C ALA G 70 -69.94 29.25 2.81
N ASN G 71 -71.15 29.69 2.44
CA ASN G 71 -72.07 28.81 1.72
C ASN G 71 -72.83 29.53 0.60
N THR G 72 -72.53 30.79 0.32
CA THR G 72 -73.25 31.56 -0.68
C THR G 72 -72.28 32.02 -1.75
N ALA G 73 -72.55 31.67 -3.00
CA ALA G 73 -71.74 32.09 -4.13
C ALA G 73 -72.24 33.42 -4.66
N SER G 74 -71.30 34.32 -4.96
CA SER G 74 -71.62 35.65 -5.45
C SER G 74 -70.92 35.88 -6.79
N LEU G 75 -71.63 36.55 -7.70
CA LEU G 75 -71.09 36.88 -9.02
C LEU G 75 -70.81 38.38 -9.05
N THR G 76 -69.53 38.75 -9.11
CA THR G 76 -69.11 40.14 -9.15
C THR G 76 -68.84 40.52 -10.60
N ILE G 77 -69.69 41.39 -11.15
CA ILE G 77 -69.57 41.85 -12.53
C ILE G 77 -69.25 43.33 -12.48
N SER G 78 -68.02 43.68 -12.85
CA SER G 78 -67.57 45.07 -12.87
C SER G 78 -67.58 45.62 -14.29
N GLY G 79 -67.79 46.92 -14.40
CA GLY G 79 -67.83 47.58 -15.69
C GLY G 79 -69.05 47.20 -16.51
N LEU G 80 -70.23 47.59 -16.04
CA LEU G 80 -71.46 47.25 -16.73
C LEU G 80 -71.59 48.04 -18.03
N GLN G 81 -72.16 47.38 -19.04
CA GLN G 81 -72.38 47.97 -20.34
C GLN G 81 -73.81 47.71 -20.78
N ALA G 82 -74.16 48.21 -21.97
CA ALA G 82 -75.50 48.01 -22.49
C ALA G 82 -75.75 46.56 -22.89
N GLU G 83 -74.72 45.87 -23.37
CA GLU G 83 -74.85 44.48 -23.78
C GLU G 83 -74.57 43.52 -22.61
N ASP G 84 -75.28 43.73 -21.50
CA ASP G 84 -75.12 42.88 -20.33
C ASP G 84 -76.45 42.53 -19.67
N GLU G 85 -77.58 43.00 -20.18
CA GLU G 85 -78.89 42.72 -19.60
C GLU G 85 -79.32 41.32 -20.02
N ALA G 86 -79.02 40.34 -19.17
CA ALA G 86 -79.38 38.96 -19.42
C ALA G 86 -79.60 38.25 -18.10
N ASP G 87 -80.19 37.05 -18.18
CA ASP G 87 -80.51 36.29 -16.99
C ASP G 87 -79.32 35.40 -16.59
N TYR G 88 -79.03 35.36 -15.29
CA TYR G 88 -77.95 34.55 -14.76
C TYR G 88 -78.51 33.45 -13.86
N TYR G 89 -77.82 32.32 -13.85
CA TYR G 89 -78.24 31.15 -13.08
C TYR G 89 -77.02 30.50 -12.43
N CYS G 90 -77.11 30.26 -11.13
CA CYS G 90 -76.08 29.51 -10.41
C CYS G 90 -76.51 28.05 -10.30
N SER G 91 -75.60 27.13 -10.60
CA SER G 91 -75.90 25.71 -10.64
C SER G 91 -74.83 24.94 -9.86
N SER G 92 -75.27 23.93 -9.12
CA SER G 92 -74.36 23.09 -8.36
C SER G 92 -74.76 21.62 -8.51
N TYR G 93 -74.09 20.73 -7.77
CA TYR G 93 -74.36 19.30 -7.80
C TYR G 93 -75.00 18.90 -6.48
N THR G 94 -76.25 18.46 -6.53
CA THR G 94 -76.94 17.98 -5.35
C THR G 94 -76.67 16.48 -5.16
N THR G 95 -77.24 15.92 -4.09
CA THR G 95 -76.98 14.52 -3.78
C THR G 95 -77.64 13.57 -4.78
N THR G 96 -78.65 14.03 -5.52
CA THR G 96 -79.33 13.16 -6.47
C THR G 96 -79.68 13.83 -7.79
N SER G 97 -79.27 15.07 -8.02
CA SER G 97 -79.60 15.77 -9.26
C SER G 97 -78.60 16.92 -9.44
N VAL G 98 -78.85 17.76 -10.44
CA VAL G 98 -78.04 18.93 -10.73
C VAL G 98 -78.98 20.13 -10.74
N VAL G 99 -79.04 20.85 -9.62
CA VAL G 99 -79.95 21.99 -9.53
C VAL G 99 -79.40 23.17 -10.33
N PHE G 100 -80.30 23.96 -10.89
CA PHE G 100 -79.94 25.15 -11.64
C PHE G 100 -80.38 26.45 -10.97
N GLY G 101 -81.09 26.36 -9.85
CA GLY G 101 -81.51 27.55 -9.14
C GLY G 101 -82.54 28.38 -9.91
N GLY G 102 -82.73 29.59 -9.41
CA GLY G 102 -83.66 30.54 -9.99
C GLY G 102 -83.01 31.43 -11.02
N GLY G 103 -83.66 32.55 -11.30
CA GLY G 103 -83.16 33.49 -12.29
C GLY G 103 -82.76 34.83 -11.70
N THR G 104 -82.03 35.63 -12.47
CA THR G 104 -81.58 36.95 -12.02
C THR G 104 -81.56 37.87 -13.23
N LYS G 105 -82.50 38.81 -13.28
CA LYS G 105 -82.59 39.75 -14.38
C LYS G 105 -81.84 41.03 -14.03
N LEU G 106 -80.96 41.45 -14.93
CA LEU G 106 -80.16 42.66 -14.75
C LEU G 106 -80.75 43.77 -15.61
N THR G 107 -81.10 44.89 -14.98
CA THR G 107 -81.68 46.05 -15.66
C THR G 107 -80.71 47.21 -15.52
N VAL G 108 -79.99 47.52 -16.60
CA VAL G 108 -79.02 48.61 -16.62
C VAL G 108 -79.75 49.88 -17.03
N LEU G 109 -79.99 50.76 -16.06
CA LEU G 109 -80.67 52.02 -16.32
C LEU G 109 -79.69 53.02 -16.93
N GLY G 110 -80.14 54.25 -17.14
CA GLY G 110 -79.30 55.29 -17.70
C GLY G 110 -79.13 55.15 -19.20
N GLN H 1 -40.20 14.61 54.66
CA GLN H 1 -40.20 14.11 53.29
C GLN H 1 -41.28 14.78 52.45
N VAL H 2 -41.62 14.16 51.33
CA VAL H 2 -42.63 14.71 50.44
C VAL H 2 -44.00 14.62 51.12
N THR H 3 -44.66 15.77 51.27
CA THR H 3 -45.99 15.84 51.89
C THR H 3 -46.95 16.44 50.87
N LEU H 4 -47.85 15.63 50.35
CA LEU H 4 -48.82 16.04 49.33
C LEU H 4 -50.19 16.12 49.99
N ARG H 5 -50.59 17.34 50.35
CA ARG H 5 -51.87 17.59 51.00
C ARG H 5 -52.80 18.32 50.03
N GLU H 6 -54.07 17.92 50.01
CA GLU H 6 -55.07 18.56 49.19
C GLU H 6 -55.96 19.46 50.05
N SER H 7 -56.74 20.30 49.37
CA SER H 7 -57.66 21.21 50.03
C SER H 7 -58.77 21.57 49.04
N GLY H 8 -59.61 22.53 49.42
CA GLY H 8 -60.71 22.95 48.60
C GLY H 8 -62.04 22.47 49.14
N PRO H 9 -63.14 22.99 48.58
CA PRO H 9 -64.48 22.60 49.05
C PRO H 9 -64.84 21.20 48.58
N THR H 10 -65.19 20.34 49.54
CA THR H 10 -65.57 18.97 49.19
C THR H 10 -66.94 18.94 48.52
N LEU H 11 -67.93 19.61 49.11
CA LEU H 11 -69.26 19.68 48.54
C LEU H 11 -69.37 20.91 47.64
N VAL H 12 -69.87 20.70 46.42
CA VAL H 12 -70.01 21.77 45.43
C VAL H 12 -71.31 21.56 44.66
N LYS H 13 -71.84 22.66 44.15
CA LYS H 13 -73.05 22.59 43.35
C LYS H 13 -72.74 21.95 42.00
N PRO H 14 -73.71 21.26 41.40
CA PRO H 14 -73.48 20.66 40.08
C PRO H 14 -73.34 21.72 39.00
N LYS H 15 -72.63 21.34 37.94
CA LYS H 15 -72.36 22.22 36.80
C LYS H 15 -71.67 23.51 37.25
N GLN H 16 -70.49 23.34 37.85
CA GLN H 16 -69.71 24.45 38.37
C GLN H 16 -68.24 24.20 38.01
N THR H 17 -67.35 24.97 38.64
CA THR H 17 -65.91 24.88 38.40
C THR H 17 -65.23 24.53 39.72
N LEU H 18 -64.48 23.44 39.73
CA LEU H 18 -63.76 23.03 40.93
C LEU H 18 -62.48 23.82 41.09
N THR H 19 -62.01 23.93 42.33
CA THR H 19 -60.76 24.60 42.68
C THR H 19 -59.96 23.74 43.64
N LEU H 20 -59.86 22.45 43.32
CA LEU H 20 -59.10 21.52 44.14
C LEU H 20 -57.61 21.80 44.01
N THR H 21 -56.96 22.11 45.12
CA THR H 21 -55.55 22.45 45.15
C THR H 21 -54.73 21.28 45.69
N CYS H 22 -53.41 21.41 45.56
CA CYS H 22 -52.48 20.37 46.02
C CYS H 22 -51.22 21.07 46.49
N THR H 23 -51.12 21.31 47.80
CA THR H 23 -49.97 21.99 48.38
C THR H 23 -48.87 20.97 48.62
N PHE H 24 -47.77 21.11 47.88
CA PHE H 24 -46.62 20.21 48.01
C PHE H 24 -45.51 20.90 48.78
N SER H 25 -44.84 20.15 49.65
CA SER H 25 -43.75 20.67 50.46
C SER H 25 -42.73 19.57 50.68
N GLY H 26 -41.46 19.95 50.69
CA GLY H 26 -40.36 19.01 50.87
C GLY H 26 -39.50 18.78 49.64
N PHE H 27 -39.79 19.45 48.53
CA PHE H 27 -39.01 19.28 47.31
C PHE H 27 -39.26 20.48 46.41
N SER H 28 -38.42 20.59 45.39
CA SER H 28 -38.53 21.66 44.40
C SER H 28 -39.09 21.10 43.10
N LEU H 29 -40.13 21.75 42.57
CA LEU H 29 -40.75 21.31 41.33
C LEU H 29 -39.88 21.58 40.12
N SER H 30 -38.85 22.41 40.23
CA SER H 30 -37.99 22.76 39.11
C SER H 30 -36.95 21.68 38.80
N THR H 31 -37.01 20.54 39.47
CA THR H 31 -36.06 19.47 39.20
C THR H 31 -36.33 18.86 37.83
N PRO H 32 -35.30 18.55 37.04
CA PRO H 32 -35.53 17.96 35.71
C PRO H 32 -36.17 16.58 35.85
N GLY H 33 -37.35 16.44 35.24
CA GLY H 33 -38.09 15.19 35.28
C GLY H 33 -39.21 15.14 36.30
N GLY H 34 -39.35 16.17 37.14
CA GLY H 34 -40.37 16.20 38.16
C GLY H 34 -41.71 16.70 37.63
N GLY H 35 -42.74 16.52 38.46
CA GLY H 35 -44.08 16.93 38.10
C GLY H 35 -45.14 16.36 39.02
N VAL H 36 -46.29 17.03 39.10
CA VAL H 36 -47.40 16.61 39.94
C VAL H 36 -48.62 16.40 39.04
N GLY H 37 -49.30 15.28 39.23
CA GLY H 37 -50.49 14.97 38.44
C GLY H 37 -51.74 14.84 39.28
N TRP H 38 -52.79 14.26 38.70
CA TRP H 38 -54.06 14.07 39.38
C TRP H 38 -54.66 12.73 38.98
N ILE H 39 -55.10 11.96 39.97
CA ILE H 39 -55.67 10.63 39.75
C ILE H 39 -57.02 10.57 40.43
N ARG H 40 -58.02 10.07 39.72
CA ARG H 40 -59.37 9.91 40.24
C ARG H 40 -59.60 8.46 40.64
N GLN H 41 -60.37 8.28 41.70
CA GLN H 41 -60.69 6.94 42.22
C GLN H 41 -62.16 6.89 42.58
N PRO H 42 -63.02 6.42 41.68
CA PRO H 42 -64.43 6.34 41.99
C PRO H 42 -64.68 5.28 43.05
N PRO H 43 -65.74 5.43 43.84
CA PRO H 43 -66.04 4.42 44.87
C PRO H 43 -66.38 3.08 44.23
N GLY H 44 -65.61 2.06 44.59
CA GLY H 44 -65.83 0.73 44.05
C GLY H 44 -65.36 0.56 42.62
N LYS H 45 -64.34 1.32 42.21
CA LYS H 45 -63.79 1.23 40.87
C LYS H 45 -62.26 1.32 40.98
N ALA H 46 -61.61 1.48 39.84
CA ALA H 46 -60.15 1.54 39.78
C ALA H 46 -59.68 2.98 39.57
N LEU H 47 -58.36 3.14 39.52
CA LEU H 47 -57.76 4.45 39.34
C LEU H 47 -57.86 4.88 37.88
N GLU H 48 -57.74 6.20 37.67
CA GLU H 48 -57.78 6.76 36.32
C GLU H 48 -57.08 8.11 36.34
N TRP H 49 -56.15 8.30 35.40
CA TRP H 49 -55.38 9.54 35.31
C TRP H 49 -56.19 10.62 34.63
N LEU H 50 -56.07 11.85 35.14
CA LEU H 50 -56.79 13.00 34.62
C LEU H 50 -55.86 14.03 34.00
N ALA H 51 -54.88 14.51 34.74
CA ALA H 51 -53.98 15.55 34.25
C ALA H 51 -52.60 15.35 34.86
N LEU H 52 -51.63 16.08 34.32
CA LEU H 52 -50.25 16.00 34.78
C LEU H 52 -49.48 17.20 34.26
N ILE H 53 -48.74 17.85 35.15
CA ILE H 53 -47.93 19.01 34.79
C ILE H 53 -46.46 18.64 34.98
N TYR H 54 -45.59 19.42 34.35
CA TYR H 54 -44.16 19.16 34.41
C TYR H 54 -43.37 20.37 34.87
N TRP H 55 -42.05 20.29 34.82
CA TRP H 55 -41.17 21.36 35.29
C TRP H 55 -40.87 22.40 34.22
N ASP H 56 -41.46 22.27 33.04
CA ASP H 56 -41.23 23.20 31.94
C ASP H 56 -42.54 23.76 31.42
N ASP H 57 -43.49 23.98 32.32
CA ASP H 57 -44.81 24.56 32.04
C ASP H 57 -45.64 23.73 31.08
N ASP H 58 -45.28 22.46 30.86
CA ASP H 58 -46.05 21.59 29.99
C ASP H 58 -47.24 21.02 30.76
N LYS H 59 -48.43 21.15 30.17
CA LYS H 59 -49.67 20.71 30.81
C LYS H 59 -50.26 19.57 29.98
N ARG H 60 -50.11 18.34 30.47
CA ARG H 60 -50.65 17.16 29.81
C ARG H 60 -51.98 16.79 30.46
N TYR H 61 -52.99 16.54 29.63
CA TYR H 61 -54.32 16.20 30.09
C TYR H 61 -54.77 14.88 29.46
N SER H 62 -55.87 14.35 29.97
CA SER H 62 -56.43 13.12 29.44
C SER H 62 -57.02 13.39 28.05
N PRO H 63 -56.83 12.47 27.10
CA PRO H 63 -57.38 12.70 25.75
C PRO H 63 -58.90 12.74 25.71
N SER H 64 -59.57 12.07 26.65
CA SER H 64 -61.03 12.08 26.65
C SER H 64 -61.56 13.41 27.14
N LEU H 65 -60.95 13.98 28.18
CA LEU H 65 -61.40 15.23 28.78
C LEU H 65 -60.32 16.28 28.54
N LYS H 66 -60.57 17.18 27.58
CA LYS H 66 -59.66 18.28 27.30
C LYS H 66 -60.33 19.65 27.31
N SER H 67 -61.65 19.72 27.37
CA SER H 67 -62.35 21.00 27.36
C SER H 67 -62.60 21.56 28.75
N SER H 68 -62.32 20.80 29.80
CA SER H 68 -62.56 21.26 31.17
C SER H 68 -61.32 21.16 32.04
N LEU H 69 -60.48 20.14 31.84
CA LEU H 69 -59.30 19.95 32.67
C LEU H 69 -58.27 21.04 32.37
N THR H 70 -58.03 21.91 33.34
CA THR H 70 -57.05 22.99 33.20
C THR H 70 -56.23 23.04 34.48
N ILE H 71 -54.97 22.61 34.41
CA ILE H 71 -54.08 22.59 35.55
C ILE H 71 -53.14 23.78 35.46
N THR H 72 -52.66 24.24 36.60
CA THR H 72 -51.73 25.36 36.66
C THR H 72 -50.77 25.16 37.81
N LYS H 73 -49.58 25.75 37.70
CA LYS H 73 -48.54 25.64 38.70
C LYS H 73 -48.34 26.98 39.40
N ASP H 74 -48.08 26.91 40.71
CA ASP H 74 -47.86 28.07 41.56
C ASP H 74 -46.64 27.85 42.44
N THR H 75 -45.52 27.44 41.81
CA THR H 75 -44.31 27.13 42.53
C THR H 75 -43.83 28.29 43.40
N SER H 76 -44.27 29.51 43.09
CA SER H 76 -43.92 30.67 43.91
C SER H 76 -44.38 30.47 45.35
N LYS H 77 -45.52 29.80 45.55
CA LYS H 77 -46.02 29.48 46.87
C LYS H 77 -46.14 27.96 47.09
N ASN H 78 -45.76 27.16 46.10
CA ASN H 78 -45.78 25.71 46.19
C ASN H 78 -47.18 25.18 46.50
N GLN H 79 -48.10 25.44 45.55
CA GLN H 79 -49.48 24.97 45.69
C GLN H 79 -50.05 24.80 44.28
N VAL H 80 -50.10 23.56 43.82
CA VAL H 80 -50.65 23.25 42.50
C VAL H 80 -52.17 23.32 42.57
N VAL H 81 -52.77 24.02 41.62
CA VAL H 81 -54.21 24.22 41.57
C VAL H 81 -54.76 23.56 40.31
N LEU H 82 -55.87 22.86 40.45
CA LEU H 82 -56.56 22.21 39.35
C LEU H 82 -57.97 22.76 39.21
N THR H 83 -58.36 23.05 37.97
CA THR H 83 -59.68 23.60 37.68
C THR H 83 -60.35 22.77 36.60
N MET H 84 -61.59 22.37 36.86
CA MET H 84 -62.37 21.58 35.90
C MET H 84 -63.81 22.09 35.88
N THR H 85 -64.37 22.22 34.69
CA THR H 85 -65.72 22.72 34.51
C THR H 85 -66.67 21.59 34.11
N ASN H 86 -67.95 21.94 33.98
CA ASN H 86 -69.01 21.01 33.59
C ASN H 86 -69.07 19.82 34.55
N MET H 87 -69.36 20.13 35.80
CA MET H 87 -69.43 19.09 36.83
C MET H 87 -70.75 18.33 36.71
N ASP H 88 -70.65 17.04 36.47
CA ASP H 88 -71.80 16.14 36.40
C ASP H 88 -71.80 15.19 37.58
N PRO H 89 -72.98 14.66 37.98
CA PRO H 89 -73.07 13.75 39.12
C PRO H 89 -72.55 12.35 38.83
N VAL H 90 -71.39 12.27 38.19
CA VAL H 90 -70.72 11.00 37.92
C VAL H 90 -69.25 11.14 38.32
N ASP H 91 -68.82 12.38 38.53
CA ASP H 91 -67.43 12.67 38.88
C ASP H 91 -67.17 12.65 40.38
N THR H 92 -68.18 12.33 41.19
CA THR H 92 -68.00 12.27 42.63
C THR H 92 -67.05 11.13 42.99
N ALA H 93 -65.86 11.49 43.47
CA ALA H 93 -64.83 10.49 43.78
C ALA H 93 -63.77 11.14 44.65
N THR H 94 -62.83 10.32 45.11
CA THR H 94 -61.70 10.78 45.90
C THR H 94 -60.52 11.06 44.97
N TYR H 95 -60.12 12.33 44.88
CA TYR H 95 -59.03 12.71 44.01
C TYR H 95 -57.70 12.63 44.74
N TYR H 96 -56.65 12.31 43.99
CA TYR H 96 -55.30 12.19 44.52
C TYR H 96 -54.32 12.90 43.60
N CYS H 97 -53.41 13.67 44.20
CA CYS H 97 -52.33 14.31 43.46
C CYS H 97 -51.02 13.69 43.90
N ALA H 98 -50.32 13.05 42.96
CA ALA H 98 -49.07 12.36 43.23
C ALA H 98 -47.93 13.00 42.44
N ARG H 99 -46.74 12.97 43.02
CA ARG H 99 -45.55 13.52 42.40
C ARG H 99 -44.93 12.50 41.47
N LEU H 100 -44.62 12.94 40.24
CA LEU H 100 -43.95 12.10 39.25
C LEU H 100 -42.47 12.48 39.28
N THR H 101 -41.68 11.66 39.97
CA THR H 101 -40.25 11.95 40.09
C THR H 101 -39.53 11.81 38.76
N ALA H 102 -39.82 10.74 38.02
CA ALA H 102 -39.20 10.49 36.73
C ALA H 102 -40.11 9.58 35.92
N ALA H 103 -39.62 9.17 34.75
CA ALA H 103 -40.42 8.31 33.87
C ALA H 103 -40.55 6.90 34.43
N ASP H 104 -39.48 6.39 35.04
CA ASP H 104 -39.52 5.03 35.57
C ASP H 104 -40.36 4.95 36.84
N THR H 105 -40.28 5.97 37.69
CA THR H 105 -41.04 6.02 38.94
C THR H 105 -42.35 6.75 38.66
N ILE H 106 -43.41 5.97 38.40
CA ILE H 106 -44.72 6.51 38.05
C ILE H 106 -45.46 6.78 39.35
N PHE H 107 -45.49 8.04 39.79
CA PHE H 107 -46.26 8.47 40.95
C PHE H 107 -45.87 7.68 42.20
N ASP H 108 -44.61 7.87 42.62
CA ASP H 108 -44.10 7.15 43.78
C ASP H 108 -44.81 7.59 45.05
N CYS H 109 -44.81 8.89 45.33
CA CYS H 109 -45.45 9.44 46.52
C CYS H 109 -46.82 9.99 46.16
N TRP H 110 -47.83 9.54 46.90
CA TRP H 110 -49.21 9.96 46.68
C TRP H 110 -49.66 10.88 47.81
N GLY H 111 -50.87 11.42 47.64
CA GLY H 111 -51.45 12.30 48.65
C GLY H 111 -52.23 11.54 49.70
N GLN H 112 -53.35 12.11 50.13
CA GLN H 112 -54.20 11.49 51.14
C GLN H 112 -55.64 11.28 50.68
N GLY H 113 -56.15 12.13 49.81
CA GLY H 113 -57.46 11.92 49.23
C GLY H 113 -58.49 12.89 49.80
N THR H 114 -59.29 13.46 48.90
CA THR H 114 -60.37 14.37 49.28
C THR H 114 -61.61 13.98 48.47
N LEU H 115 -62.60 13.43 49.16
CA LEU H 115 -63.84 13.03 48.50
C LEU H 115 -64.64 14.27 48.10
N VAL H 116 -64.78 14.47 46.79
CA VAL H 116 -65.52 15.61 46.26
C VAL H 116 -66.85 15.12 45.71
N THR H 117 -67.90 15.20 46.53
CA THR H 117 -69.21 14.74 46.11
C THR H 117 -69.85 15.76 45.16
N VAL H 118 -70.58 15.25 44.17
CA VAL H 118 -71.25 16.10 43.19
C VAL H 118 -72.75 15.83 43.25
N SER H 119 -73.47 16.66 44.00
CA SER H 119 -74.92 16.50 44.13
C SER H 119 -75.62 17.85 44.10
N ALA I 3 -56.20 -0.84 27.13
CA ALA I 3 -55.95 -0.65 28.55
C ALA I 3 -55.18 -1.82 29.14
N LEU I 4 -55.39 -2.09 30.42
CA LEU I 4 -54.73 -3.17 31.13
C LEU I 4 -55.76 -3.92 31.97
N THR I 5 -55.79 -5.24 31.83
CA THR I 5 -56.71 -6.09 32.57
C THR I 5 -55.99 -6.79 33.71
N GLN I 6 -56.66 -6.90 34.84
CA GLN I 6 -56.12 -7.54 36.03
C GLN I 6 -57.13 -8.53 36.58
N PRO I 7 -56.67 -9.57 37.28
CA PRO I 7 -57.60 -10.52 37.88
C PRO I 7 -58.46 -9.85 38.95
N ALA I 8 -59.74 -10.24 38.99
CA ALA I 8 -60.66 -9.64 39.94
C ALA I 8 -60.35 -10.09 41.36
N SER I 9 -60.42 -11.38 41.62
CA SER I 9 -60.16 -11.94 42.94
C SER I 9 -59.05 -12.98 42.86
N VAL I 10 -58.07 -12.86 43.75
CA VAL I 10 -56.94 -13.79 43.82
C VAL I 10 -56.84 -14.30 45.24
N SER I 11 -56.81 -15.62 45.39
CA SER I 11 -56.72 -16.26 46.69
C SER I 11 -55.30 -16.79 46.92
N GLY I 12 -54.88 -16.79 48.19
CA GLY I 12 -53.56 -17.26 48.54
C GLY I 12 -53.43 -17.70 49.98
N SER I 13 -52.85 -18.88 50.18
CA SER I 13 -52.66 -19.39 51.53
C SER I 13 -51.54 -18.63 52.23
N PRO I 14 -51.65 -18.43 53.55
CA PRO I 14 -50.58 -17.73 54.29
C PRO I 14 -49.28 -18.50 54.23
N GLY I 15 -48.26 -17.87 53.63
CA GLY I 15 -46.94 -18.45 53.49
C GLY I 15 -46.57 -18.80 52.05
N LEU I 16 -47.57 -19.08 51.21
CA LEU I 16 -47.32 -19.41 49.83
C LEU I 16 -47.11 -18.14 49.02
N SER I 17 -47.06 -18.26 47.69
CA SER I 17 -46.84 -17.13 46.80
C SER I 17 -47.86 -17.16 45.67
N ILE I 18 -48.38 -15.98 45.33
CA ILE I 18 -49.34 -15.83 44.26
C ILE I 18 -48.80 -14.80 43.26
N THR I 19 -49.35 -14.85 42.04
CA THR I 19 -48.91 -13.97 40.97
C THR I 19 -50.10 -13.22 40.39
N ILE I 20 -49.84 -12.00 39.93
CA ILE I 20 -50.84 -11.18 39.28
C ILE I 20 -50.53 -11.15 37.78
N SER I 21 -51.54 -10.75 37.00
CA SER I 21 -51.39 -10.70 35.54
C SER I 21 -51.79 -9.33 35.05
N CYS I 22 -50.88 -8.66 34.35
CA CYS I 22 -51.11 -7.37 33.72
C CYS I 22 -50.95 -7.58 32.22
N THR I 23 -52.04 -8.00 31.57
CA THR I 23 -51.99 -8.43 30.18
C THR I 23 -51.88 -7.24 29.24
N ALA I 24 -51.90 -7.53 27.94
CA ALA I 24 -51.78 -6.48 26.93
C ALA I 24 -53.12 -5.79 26.70
N THR I 25 -54.12 -6.55 26.25
CA THR I 25 -55.47 -6.04 25.99
C THR I 25 -55.43 -4.85 25.02
N SER I 26 -54.97 -5.16 23.80
CA SER I 26 -54.73 -4.17 22.76
C SER I 26 -53.72 -3.12 23.25
N SER I 27 -52.51 -3.60 23.52
CA SER I 27 -51.47 -2.81 24.16
C SER I 27 -50.92 -1.77 23.18
N ASP I 28 -51.45 -0.56 23.29
CA ASP I 28 -50.88 0.59 22.61
C ASP I 28 -49.69 1.17 23.36
N VAL I 29 -49.23 0.49 24.41
CA VAL I 29 -48.08 0.94 25.17
C VAL I 29 -46.78 0.82 24.37
N GLY I 30 -46.77 -0.03 23.35
CA GLY I 30 -45.58 -0.19 22.52
C GLY I 30 -44.67 -1.26 23.07
N ALA I 31 -43.50 -0.84 23.57
CA ALA I 31 -42.52 -1.77 24.09
C ALA I 31 -42.80 -2.21 25.53
N TYR I 32 -43.71 -1.52 26.22
CA TYR I 32 -44.05 -1.83 27.62
C TYR I 32 -42.79 -1.82 28.49
N ASN I 33 -42.05 -0.72 28.42
CA ASN I 33 -40.77 -0.63 29.12
C ASN I 33 -40.99 -0.48 30.63
N TYR I 34 -41.69 0.57 31.05
CA TYR I 34 -41.87 0.88 32.46
C TYR I 34 -43.25 0.43 32.93
N VAL I 35 -43.30 -0.17 34.11
CA VAL I 35 -44.55 -0.63 34.72
C VAL I 35 -44.38 -0.56 36.23
N SER I 36 -45.34 0.06 36.91
CA SER I 36 -45.32 0.22 38.36
C SER I 36 -46.57 -0.38 38.97
N TRP I 37 -46.40 -1.04 40.12
CA TRP I 37 -47.49 -1.64 40.87
C TRP I 37 -47.69 -0.91 42.18
N TYR I 38 -48.95 -0.68 42.54
CA TYR I 38 -49.31 0.03 43.75
C TYR I 38 -50.11 -0.87 44.67
N GLN I 39 -50.30 -0.42 45.91
CA GLN I 39 -51.08 -1.15 46.90
C GLN I 39 -51.95 -0.16 47.65
N GLN I 40 -53.25 -0.46 47.73
CA GLN I 40 -54.23 0.41 48.37
C GLN I 40 -55.06 -0.40 49.36
N HIS I 41 -54.78 -0.23 50.64
CA HIS I 41 -55.59 -0.87 51.67
C HIS I 41 -56.92 -0.13 51.82
N PRO I 42 -57.98 -0.84 52.25
CA PRO I 42 -59.27 -0.17 52.42
C PRO I 42 -59.23 0.91 53.50
N GLY I 43 -59.39 2.16 53.08
CA GLY I 43 -59.36 3.29 53.99
C GLY I 43 -58.07 4.10 53.99
N GLN I 44 -57.13 3.78 53.10
CA GLN I 44 -55.87 4.52 53.03
C GLN I 44 -55.59 4.98 51.62
N ALA I 45 -54.40 5.54 51.38
CA ALA I 45 -54.01 6.02 50.08
C ALA I 45 -53.10 5.01 49.37
N PRO I 46 -53.22 4.87 48.05
CA PRO I 46 -52.36 3.93 47.34
C PRO I 46 -50.90 4.35 47.39
N LYS I 47 -50.04 3.43 47.83
CA LYS I 47 -48.61 3.66 47.92
C LYS I 47 -47.88 2.76 46.93
N LEU I 48 -46.79 3.27 46.37
CA LEU I 48 -46.02 2.50 45.40
C LEU I 48 -45.27 1.37 46.10
N MET I 49 -45.42 0.16 45.57
CA MET I 49 -44.71 -1.01 46.08
C MET I 49 -43.54 -1.43 45.21
N ILE I 50 -43.74 -1.47 43.89
CA ILE I 50 -42.66 -1.84 42.97
C ILE I 50 -42.83 -1.10 41.65
N TYR I 51 -41.82 -0.32 41.27
CA TYR I 51 -41.75 0.32 39.97
C TYR I 51 -40.50 -0.17 39.27
N ASP I 52 -40.56 -0.23 37.94
CA ASP I 52 -39.45 -0.71 37.12
C ASP I 52 -39.03 -2.11 37.59
N VAL I 53 -39.95 -3.05 37.36
CA VAL I 53 -39.97 -4.38 37.99
C VAL I 53 -38.59 -5.03 38.06
N SER I 54 -37.70 -4.66 37.14
CA SER I 54 -36.30 -5.06 37.25
C SER I 54 -35.62 -4.52 38.51
N LYS I 55 -36.22 -3.51 39.15
CA LYS I 55 -35.72 -2.96 40.41
C LYS I 55 -36.88 -2.79 41.36
N ARG I 56 -36.57 -2.35 42.58
CA ARG I 56 -37.56 -2.10 43.61
C ARG I 56 -37.24 -0.80 44.33
N PRO I 57 -38.25 -0.07 44.77
CA PRO I 57 -38.02 1.19 45.48
C PRO I 57 -37.55 0.95 46.91
N SER I 58 -37.19 2.05 47.57
CA SER I 58 -36.75 1.99 48.94
C SER I 58 -37.93 1.78 49.88
N GLY I 59 -37.66 1.19 51.04
CA GLY I 59 -38.67 0.95 52.03
C GLY I 59 -39.55 -0.26 51.78
N VAL I 60 -39.29 -1.02 50.71
CA VAL I 60 -40.08 -2.19 50.35
C VAL I 60 -39.23 -3.43 50.59
N SER I 61 -39.81 -4.42 51.27
CA SER I 61 -39.10 -5.65 51.57
C SER I 61 -38.88 -6.47 50.30
N ASN I 62 -38.01 -7.48 50.41
CA ASN I 62 -37.67 -8.34 49.29
C ASN I 62 -38.81 -9.29 48.91
N ARG I 63 -39.91 -9.31 49.68
CA ARG I 63 -41.02 -10.19 49.36
C ARG I 63 -41.67 -9.81 48.03
N PHE I 64 -41.62 -8.54 47.66
CA PHE I 64 -42.24 -8.07 46.42
C PHE I 64 -41.23 -8.11 45.28
N SER I 65 -41.64 -8.70 44.16
CA SER I 65 -40.79 -8.76 42.98
C SER I 65 -41.68 -8.91 41.75
N GLY I 66 -41.16 -8.50 40.60
CA GLY I 66 -41.92 -8.55 39.37
C GLY I 66 -41.02 -8.71 38.16
N SER I 67 -41.65 -9.05 37.05
CA SER I 67 -40.96 -9.24 35.78
C SER I 67 -41.98 -9.16 34.65
N LYS I 68 -41.47 -9.14 33.42
CA LYS I 68 -42.33 -9.08 32.24
C LYS I 68 -41.61 -9.82 31.12
N SER I 69 -42.06 -11.05 30.84
CA SER I 69 -41.41 -11.89 29.85
C SER I 69 -41.46 -11.27 28.46
N ALA I 70 -42.66 -11.14 27.90
CA ALA I 70 -42.84 -10.55 26.57
C ALA I 70 -43.72 -9.32 26.59
N ASN I 71 -44.98 -9.45 27.01
CA ASN I 71 -45.88 -8.29 27.06
C ASN I 71 -46.77 -8.26 28.29
N THR I 72 -46.61 -9.19 29.23
CA THR I 72 -47.45 -9.27 30.41
C THR I 72 -46.59 -9.15 31.65
N ALA I 73 -46.89 -8.17 32.50
CA ALA I 73 -46.19 -7.98 33.75
C ALA I 73 -46.85 -8.80 34.85
N SER I 74 -46.03 -9.41 35.70
CA SER I 74 -46.50 -10.25 36.78
C SER I 74 -45.87 -9.80 38.10
N LEU I 75 -46.67 -9.79 39.16
CA LEU I 75 -46.23 -9.38 40.49
C LEU I 75 -46.12 -10.64 41.35
N THR I 76 -44.89 -10.99 41.73
CA THR I 76 -44.63 -12.17 42.55
C THR I 76 -44.51 -11.72 44.01
N ILE I 77 -45.49 -12.11 44.83
CA ILE I 77 -45.52 -11.78 46.24
C ILE I 77 -45.40 -13.08 47.02
N SER I 78 -44.26 -13.29 47.67
CA SER I 78 -44.00 -14.50 48.43
C SER I 78 -44.15 -14.22 49.92
N GLY I 79 -44.53 -15.27 50.66
CA GLY I 79 -44.71 -15.14 52.10
C GLY I 79 -45.90 -14.27 52.46
N LEU I 80 -47.11 -14.74 52.13
CA LEU I 80 -48.31 -13.96 52.39
C LEU I 80 -48.59 -13.89 53.89
N GLN I 81 -49.08 -12.73 54.32
CA GLN I 81 -49.41 -12.49 55.72
C GLN I 81 -50.83 -11.92 55.81
N ALA I 82 -51.27 -11.69 57.04
CA ALA I 82 -52.61 -11.15 57.25
C ALA I 82 -52.70 -9.69 56.81
N GLU I 83 -51.61 -8.94 56.95
CA GLU I 83 -51.59 -7.53 56.57
C GLU I 83 -51.16 -7.36 55.10
N ASP I 84 -51.82 -8.09 54.21
CA ASP I 84 -51.52 -8.00 52.79
C ASP I 84 -52.76 -7.97 51.91
N GLU I 85 -53.96 -8.04 52.48
CA GLU I 85 -55.20 -8.04 51.71
C GLU I 85 -55.51 -6.62 51.29
N ALA I 86 -55.04 -6.25 50.11
CA ALA I 86 -55.27 -4.92 49.55
C ALA I 86 -55.36 -5.02 48.03
N ASP I 87 -55.86 -3.95 47.42
CA ASP I 87 -56.03 -3.93 45.97
C ASP I 87 -54.75 -3.44 45.30
N TYR I 88 -54.30 -4.18 44.29
CA TYR I 88 -53.09 -3.84 43.55
C TYR I 88 -53.46 -3.39 42.13
N TYR I 89 -52.67 -2.47 41.60
CA TYR I 89 -52.93 -1.89 40.29
C TYR I 89 -51.61 -1.76 39.53
N CYS I 90 -51.60 -2.25 38.29
CA CYS I 90 -50.46 -2.06 37.39
C CYS I 90 -50.74 -0.88 36.48
N SER I 91 -49.75 -0.01 36.32
CA SER I 91 -49.91 1.23 35.56
C SER I 91 -48.74 1.40 34.61
N SER I 92 -49.03 1.87 33.40
CA SER I 92 -47.99 2.13 32.40
C SER I 92 -48.26 3.45 31.69
N TYR I 93 -47.47 3.75 30.66
CA TYR I 93 -47.61 4.98 29.89
C TYR I 93 -48.12 4.62 28.49
N THR I 94 -49.32 5.11 28.17
CA THR I 94 -49.89 4.90 26.85
C THR I 94 -49.43 6.04 25.91
N THR I 95 -49.85 5.94 24.64
CA THR I 95 -49.41 6.92 23.65
C THR I 95 -50.01 8.30 23.88
N THR I 96 -51.10 8.39 24.65
CA THR I 96 -51.75 9.68 24.87
C THR I 96 -52.22 9.90 26.31
N SER I 97 -51.94 8.97 27.22
CA SER I 97 -52.39 9.10 28.60
C SER I 97 -51.54 8.17 29.47
N VAL I 98 -51.95 8.03 30.73
CA VAL I 98 -51.28 7.15 31.69
C VAL I 98 -52.35 6.20 32.22
N VAL I 99 -52.39 4.98 31.68
CA VAL I 99 -53.40 4.02 32.10
C VAL I 99 -53.04 3.45 33.47
N PHE I 100 -54.07 3.14 34.26
CA PHE I 100 -53.90 2.52 35.57
C PHE I 100 -54.47 1.11 35.64
N GLY I 101 -55.11 0.63 34.58
CA GLY I 101 -55.65 -0.71 34.57
C GLY I 101 -56.79 -0.91 35.56
N GLY I 102 -57.08 -2.18 35.79
CA GLY I 102 -58.11 -2.59 36.72
C GLY I 102 -57.58 -2.84 38.12
N GLY I 103 -58.35 -3.56 38.91
CA GLY I 103 -57.97 -3.86 40.28
C GLY I 103 -57.74 -5.33 40.53
N THR I 104 -57.09 -5.65 41.66
CA THR I 104 -56.82 -7.04 42.01
C THR I 104 -56.93 -7.16 43.53
N LYS I 105 -57.98 -7.83 43.99
CA LYS I 105 -58.21 -8.03 45.42
C LYS I 105 -57.59 -9.34 45.86
N LEU I 106 -56.82 -9.28 46.94
CA LEU I 106 -56.16 -10.46 47.51
C LEU I 106 -56.92 -10.89 48.76
N THR I 107 -57.37 -12.14 48.77
CA THR I 107 -58.12 -12.71 49.89
C THR I 107 -57.28 -13.82 50.51
N VAL I 108 -56.69 -13.53 51.66
CA VAL I 108 -55.83 -14.48 52.37
C VAL I 108 -56.72 -15.24 53.35
N LEU I 109 -57.06 -16.48 53.00
CA LEU I 109 -57.91 -17.31 53.84
C LEU I 109 -57.07 -17.89 54.98
N GLY I 110 -57.67 -18.75 55.79
CA GLY I 110 -56.98 -19.37 56.91
C GLY I 110 -56.84 -18.45 58.10
#